data_5XF8
#
_entry.id   5XF8
#
loop_
_entity.id
_entity.type
_entity.pdbx_description
1 polymer 'DNA replication licensing factor MCM2'
2 polymer 'DNA replication licensing factor MCM3'
3 polymer 'DNA replication licensing factor MCM4'
4 polymer 'Minichromosome maintenance protein 5'
5 polymer 'DNA replication licensing factor MCM6'
6 polymer 'DNA replication licensing factor MCM7'
7 polymer 'Cell division cycle protein CDT1'
#
loop_
_entity_poly.entity_id
_entity_poly.type
_entity_poly.pdbx_seq_one_letter_code
_entity_poly.pdbx_strand_id
1 'polypeptide(L)'
;MSDNRRRRREEDDSDSENELPPSSPQQHFRGGMNPVSSPIGSPDMINPEGDDNEVDDVPDIDEVEEQMNEVDLMDDNMYE
DYAADHNRDRYDPDQVDDREQQELSLSERRRIDAQLNERDRLLRNVAYIDDEDEEQEGAAQLDEMGLPVQRRRRRRQYED
LENSDDDLLSDMDIDPLREELTLESLSNVKANSYSEWITQPNVSRTIARELKSFLLEYTDETGRSVYGARIRTLGEMNSE
SLEVNYRHLAESKAILALFLAKCPEEMLKIFDLVAMEATELHYPDYARIHSEIHVRISDFPTIYSLRELRESNLSSLVRV
TGVVTRRTGVFPQLKYVKFNCLKCGSILGPFFQDSNEEIRISFCTNCKSKGPFRVNGEKTVYRNYQRVTLQEAPGTVPPG
RLPRHREVILLADLVDVSKPGEEVEVTGIYKNNYDGNLNAKNGFPVFATIIEANSIKRREGNTANEGEEGLDVFSWTEEE
EREFRKISRDRGIIDKIISSMAPSIYGHRDIKTAVACSLFGGVPKNVNGKHSIRGDINVLLLGDPGTAKSQILKYVEKTA
HRAVFATGQGASAVGLTASVRKDPITKEWTLEGGALVLADKGVCLIDEFDKMNDQDRTSIHEAMEQQSISISKAGIVTTL
QARCSIIAAANPNGGRYNSTLPLAQNVSLTEPILSRFDILCVVRDLVDEEADERLATFVVDSHVRSHPENDEDREGEELK
NNGESAIEQGEDEINEQLNARQRRLQRQRKKEEEISPIPQELLMKYIHYARTKIYPKLHQMDMDKVSRVYADLRRESIST
GSFPITVRHLESILRIAESFAKMRLSEFVSSYDLDRAIKVVVDSFVDAQKVSVRRQLRRSFAIYTLGH
;
2
2 'polypeptide(L)'
;MDYKDHDGDYKDHDIDYKDDDDKGGRMEGSTGFDGDATTFFAPDAVFGDRVRRFQEFLDTFTSYRDSVRSIQVYNSNNAA
NYNDDQDDADERDLLGDDDGDDLEKEKKAASSTSLNILPHRIIISLDDLREFDRSFWSGILVEPAYFIPPAEKALTDLAD
SMDDVPHPNASAVSSRHPWKLSFKGSFGAHALSPRTLTAQHLNKLVSVEGIVTKTSLVRPKLIRSVHYAAKTGRFHYRDY
TDATTTLTTRIPTPAIYPTEDTEGNKLTTEYGYSTFIDHQRITVQEMPEMAPAGQLPRSIDVILDDDLVDKTKPGDRVNV
VGVFKSLGAGGMNQSNSNTLIGFKTLILGNTVYPLHARSTGVAARQMLTDFDIRNINKLSKKKDIFDILSQSLAPSIYGH
DHIKKAILLMLMGGVEKNLENGSHLRGDINILMVGDPSTAKSQLLRFVLNTASLAIATTGRGSSGVGLTAAVTTDRETGE
RRLEAGAMVLADRGVVCIDEFDKMTDVDRVAIHEVMEQQTVTIAKAGIHTTLNARCSVIAAANPVFGQYDVNRDPHQNIA
LPDSLLSRFDLLFVVTDDINEIRDRSISEHVLRTHRYLPPGYLEGEPVRERLNLSLAVGEDADINPEEHSNSGAGVENEG
EDDEDHVFEKFNPLLQAGAKLAKNKGNYNGTEIPKLVTIPFLRKYVQYAKERVIPQLTQEAINVIVKNYTDLRNDDNTKK
SPITARTLETLIRLATAHAKVRLSKTVNKVDAKVAANLLRFALLGEDIGNDIDEEESEYEEALSKRSPQKSPKKRQRVRQ
PASNSGSPIKSTPRRSTASSVNATPSSARRILRFQDDEQNAGEDDNDIMSPLPADEEAELQRRLQLGLRVSPRRREHLHA
PEEGSSGPLTEVGTPRLPNVSSAGQDDEQQQSVISFDNVEPGTISTGRLSLISGIIARLMQTEIFEEESYPVASLFERIN
EELPEEEKFSAQEYLAGLKIMSDRNNLMVADDKVWRV
;
3
3 'polypeptide(L)'
;MSQQSSSPTKEDNNSSSPVVPNPDSVPPQLSSPALFYSSSSSQGDIYGRNNSQNLSQGEGNIRAAIGSSPLNFPSSSQRQ
NSDVFQSQGRQGRIRSSASASGRSRYHSDLRSDRALPTSSSSLGRNGQNRVHMRRNDIHTSDLSSPRRIVDFDTRSGVNT
LDTSSSSAPPSEASEPLRIIWGTNVSIQECTTNFRNFLMSFKYKFRKILDEREEFINNTTDEELYYIKQLNEMRELGTSN
LNLDARNLLAYKQTEDLYHQLLNYPQEVISIMDQTIKDCMVSLIVDNNLDYDLDEIETKFYKVRPYNVGSCKGMRELNPN
DIDKLINLKGLVLRSTPVIPDMKVAFFKCNVCDHTMAVEIDRGVIQEPARCERIDCNEPNSMSLIHNRCSFADKQVIKLQ
ETPDFVPDGQTPHSISLCVYDELVDSCRAGDRIEVTGTFRSIPIRANSRQRVLKSLYKTYVDVVHVKKVSDKRLDVDTST
IEQELMQNKVDHNEVEEVRQITDQDLAKIREVAAREDLYSLLARSIAPSIYELEDVKKGILLQLFGGTNKTFTKGGRYRG
DINILLCGDPSTSKSQILQYVHKITPRGVYTSGKGSSAVGLTAYITRDVDTKQLVLESGALVLSDGGVCCIDEFDKMSDS
TRSVLHEVMEQQTISIAKAGIITTLNARSSILASANPIGSRYNPNLPVTENIDLPPPLLSRFDLVYLVLDKVDEKNDREL
AKHLTNLYLEDKPEHISQDDVLPVEFLTMYISYAKEHIHPIITEAAKTELVRAYVGMRKMGDDSRSDEKRITATTRQLES
MIRLAEAHAKMKLKNVVELEDVQEAVRLIRSAIKDYATDPKTGKIDMNLVQTGKSVIQRKLQEDLSREIMNVLKDQASDS
MSFNELIKQINEHSQDRVESSDIQEALSRLQQEDKVIVLGEGVRRSVRLNNRV
;
4
4 'polypeptide(L)'
;MSFDRPEIYSAPVLQGESPNDDDNTEIIKSFKNFILEFRLDSQFIYRDQLRNNILVKNYSLTVNMEHLIGYNEDIYKKLS
DEPSDIIPLFETAITQVAKRISILSRAQSANNNDKDPENTSMDTDSLLLNSLPTFQLILNSNANQIPLRDLDSEHVSKIV
RLSGIIISTSVLSSRATYLSIMCRNCRHTTSITINNFNSITGNTVSLPRSCLSTIESESSMANESNIGDESTKKNCGPDP
YIIIHESSKFIDQQFLKLQEIPELVPVGEMPRNLTMTCDRYLTNKVIPGTRVTIVGIYSIYNSKNGAGSGRSGGGNGGSG
VAIRTPYIKILGIQSDVETSSIWNSVTMFTEEEEEEFLQLSRNPKLYEILTNSIAPSIFGNEDIKKAIVCLLMGGSKKIL
PDGMRLRGDINVLLLGDPGTAKSQLLKFVEKVSPIAVYTSGKGSSAAGLTASVQRDPMTREFYLEGGAMVLADGGVVCID
EFDKMRDEDRVAIHEAMEQQTISIAKAGITTVLNSRTSVLAAANPIYGRYDDLKSPGDNIDFQTTILSRFDMIFIVKDDH
NEERDISIANHVINIHTGNANAMQNQQEENGSEISIEKMKRYITYCRLKCAPRLSPQAAEKLSSNFVTIRKQLLINELES
TERSSIPITIRQLEAIIRITESLAKLELSPIAQERHVDEAIRLFQASTMDAASQDPIGGLNQASGTSLSEIRRFEQELKR
RLPIGWSTSYQTLRREFVDTHRFSQLALDKALYALEKHETIQLRHQGQNIYRSGV
;
5
5 'polypeptide(L)'
;MSSPFPADTPSSNRPSNSSPPPSSIGAGFGSSSGLDSQIGSRLHFPSSSQPHVSNSQTGPFVNDSTQFSSQRLQTDGSAT
NDMEGNEPARSFKSRALNHVKKVDDVTGEKVREAFEQFLEDFSVQSTDTGEVEKVYRAQIEFMKIYDLNTIYIDYQHLSM
RENGALAMAISEQYYRFLPFLQKGLRRVVRKYAPELLNTSDSLKRSEGDEGQADEDEQQDDDMNGSSLPRDSGSSAAPGN
GTSAMATRSITTSTSPEQTERVFQISFFNLPTVHRIRDIRSEKIGSLLSISGTVTRTSEVRPELYKASFTCDMCRAIVDN
VEQSFKYTEPTFCPNPSCENRAFWTLNVTRSRFLDWQKVRIQENANEIPTGSMPRTLDVILRGDSVERAKPGDRCKFTGV
EIVVPDVTQLGLPGVKPSSTLDTRGISKTTEGLNSGVTGLRSLGVRDLTYKISFLACHVISIGSNIGASSPDANSNNRET
ELQMAANLQANNVYQDNERDQEVFLNSLSSDEINELKEMVKDEHIYDKLVRSIAPAVFGHEAVKKGILLQMLGGVHKSTV
EGIKLRGDINICVVGDPSTSKSQFLKYVVGFAPRSVYTSGKASSAAGLTAAVVRDEEGGDYTIEAGALMLADNGICCIDE
FDKMDISDQVAIHEAMEQQTISIAKAGIHATLNARTSILAAANPVGGRYNRKLSLRGNLNMTAPIMSRFDLFFVILDDCN
EKIDTELASHIVDLHMKRDEAIEPPFSAEQLRRYIKYARTFKPILTKEARSYLVEKYKELRKDDAQGFSRSSYRITVRQL
ESMIRLSEAIARANCVDEITPSFIAEAYDLLRQSIIRVDVDDVEMDEEFDNIESQSHAASGNNDDNDDGTGSGVITSEPP
ADIEEGQSEATARPGTSEKKKTTVTYDKYVSMMNMIVRKIAEVDREGAEELTAVDIVDWYLLQKENDLGSLAEYWEERRL
AFKVIKRLVKDRILMEIHGTRHNLRDLENEENENNKTVYVIHPNCEVLDQLEPQDSS
;
6
6 'polypeptide(L)'
;MSAALPSIQLPVDYNNLFNEITDFLVTFKQDTLSSDATRNENEDENLDAENIEQHLLEKGPKYMAMLQKVANRELNSVII
DLDDILQYQNEKFLQGTQADDLVSAIQQNANHFTELFCRAIDNNMPLPTKEIDYKDDVLDVILNQRRLRNERMLSDRTNE
IRSENLMDTTMDPPSSMNDALREVVEDETELFPPNLTRRYFLYFKPLSQNCARRYRKKAISSKPLSVRQIKGDFLGQLIT
VRGIITRVSDVKPAVEVIAYTCDQCGYEVFQEVNSRTFTPLSECTSEECSQNQTKGQLFMSTRASKFSAFQECKIQELSQ
QVPVGHIPRSLNIHVNGTLVRSLSPGDIVDVTGIFLPAPYTGFKALKAGLLTETYLEAQFVRQHKKKFASFSLTSDVEER
VMELITSGDVYNRLAKSIAPEIYGNLDVKKALLLLLVGGVDKRVGDGMKIRGDINVCLMGDPGVAKSQLLKAICKISPRG
VYTTGKGSSGVGLTAAVMKDPVTDEMILEGGALVLADNGICCIDEFDKMDESDRTAIHEVMEQQTISISKAGINTTLNAR
TSILAAANPLYGRYNPRLSPLDNINLPAALLSRFDILFLMLDIPSRDDDEKLAEHVTYVHMHNKQPDLDFTPVEPSKMRE
YIAYAKTKRPVMSEAVNDYVVQAYIRLRQDSKREMDSKFSFGQATPRTLLGIIRLSQALAKLRLADMVDIDDVEEALRLV
RVSKESLYQETNKSKEDESPTTKIFTIIKKMLQETGKNTLSYENIVKTVRLRGFTMLQLSNCIQEYSYLNVWHLINEGNT
LKFVDDGTMDTDQEDSLVSTPKLAPQTTASANVSAQDSDIDLQDA
;
7
7 'polypeptide(L)'
;MSGTANSRRKEVLRVPVIDLNRVSDEEQLLPVVRAILLQHDTFLLKNYANKAVLDALLAGLTTKDLPDTSQGFDANFTGT
LPLEDDVWLEQYIFDTDPQLRFDRKCRNESLCSIYSRLFKLGLFFAQLCVKSVVSSAELQDCISTSHYATKLTRYFNDNG
STHDGADAGATVLPTGDDFQYLFERDYVTFLPTGVLTIFPCAKAIRYKPSTMATTDNSWVSIDEPDCLLFHTGTLLARWS
QGMHTTSPLQIDPRANIVSLTIWPPLTTPISSKGEGTIANHLLEQQIKAFPKVAQQYYPRELSILRLQDAMKFVKELFTV
CETVLSLNALSRSTGVPPELHVLLPQISSMMKRKIVQDDILKLLTIWSDAYVVELNSRGELTMNLPKRDNLTTLTNKSRT
LAFVERAESWYQQVIASKDEIMTDVPAFKINKRRSSSNSKTVLSSKVQTKSSNANALNNSRYLANSKENFMYKEKMPDSQ
ANLMDRLRERERRSAALLSQRQKRYQQFLAMKMTQVFDILFSLTRGQPYTETYLSSLIVDSLQDSNNPIGTKEASEILAG
LQGILPMDISVHQVDGGLKVYRWNSLDKNRFSKLLQIHKSKQQD
;
C
#
# COMPACT_ATOMS: atom_id res chain seq x y z
N PRO A 201 -37.30 30.28 5.19
CA PRO A 201 -37.36 30.51 3.75
C PRO A 201 -36.97 31.91 3.33
N ASN A 202 -37.60 32.42 2.29
CA ASN A 202 -37.38 33.81 1.91
C ASN A 202 -37.84 34.75 2.99
N VAL A 203 -38.48 34.21 4.02
CA VAL A 203 -38.81 34.98 5.20
C VAL A 203 -37.62 35.85 5.59
N SER A 204 -36.44 35.24 5.63
CA SER A 204 -35.24 35.91 6.13
C SER A 204 -34.84 37.12 5.31
N ARG A 205 -35.37 37.24 4.10
CA ARG A 205 -35.08 38.40 3.29
C ARG A 205 -35.26 39.69 4.09
N THR A 206 -36.34 39.79 4.85
CA THR A 206 -36.50 40.94 5.73
C THR A 206 -35.32 41.03 6.69
N ILE A 207 -34.97 39.90 7.27
CA ILE A 207 -34.09 39.89 8.43
C ILE A 207 -32.77 40.54 8.08
N ALA A 208 -32.12 40.01 7.04
CA ALA A 208 -30.78 40.46 6.77
C ALA A 208 -30.69 41.96 6.78
N ARG A 209 -31.68 42.61 6.17
CA ARG A 209 -31.77 44.05 6.21
C ARG A 209 -31.59 44.55 7.62
N GLU A 210 -32.54 44.23 8.47
CA GLU A 210 -32.52 44.70 9.84
C GLU A 210 -31.14 44.55 10.43
N LEU A 211 -30.58 43.35 10.27
CA LEU A 211 -29.25 43.15 10.79
C LEU A 211 -28.30 44.20 10.28
N LYS A 212 -28.20 44.34 8.98
CA LYS A 212 -27.34 45.34 8.43
C LYS A 212 -27.59 46.68 9.07
N SER A 213 -28.83 46.97 9.38
CA SER A 213 -29.09 48.18 10.13
C SER A 213 -28.36 48.16 11.45
N PHE A 214 -28.63 47.15 12.27
CA PHE A 214 -27.98 47.07 13.56
C PHE A 214 -26.50 47.27 13.41
N LEU A 215 -25.89 46.54 12.49
CA LEU A 215 -24.50 46.75 12.16
C LEU A 215 -24.24 48.22 11.98
N LEU A 216 -24.78 48.75 10.91
CA LEU A 216 -24.60 50.14 10.58
C LEU A 216 -24.85 51.01 11.79
N GLU A 217 -26.09 51.07 12.22
CA GLU A 217 -26.50 52.05 13.20
C GLU A 217 -25.80 51.88 14.52
N TYR A 218 -25.27 50.70 14.77
CA TYR A 218 -24.78 50.42 16.10
C TYR A 218 -23.67 51.35 16.50
N THR A 219 -23.84 51.99 17.63
CA THR A 219 -22.75 52.10 18.58
C THR A 219 -23.24 52.38 19.96
N ASP A 220 -22.29 52.81 20.76
CA ASP A 220 -22.41 52.72 22.19
C ASP A 220 -21.10 53.24 22.73
N GLU A 221 -21.08 53.52 24.02
CA GLU A 221 -19.87 53.98 24.68
C GLU A 221 -19.31 55.21 23.96
N THR A 222 -19.98 56.32 24.17
CA THR A 222 -19.67 57.49 23.40
C THR A 222 -19.72 57.14 21.92
N GLY A 223 -20.69 56.32 21.56
CA GLY A 223 -21.00 56.15 20.17
C GLY A 223 -19.90 55.45 19.53
N ARG A 224 -19.31 56.12 18.56
CA ARG A 224 -18.21 55.50 17.87
C ARG A 224 -18.71 54.21 17.27
N SER A 225 -19.43 54.25 16.13
CA SER A 225 -19.93 52.98 15.63
C SER A 225 -18.78 52.03 15.64
N VAL A 226 -18.87 51.09 16.55
CA VAL A 226 -17.77 50.16 16.63
C VAL A 226 -17.89 49.23 15.46
N TYR A 227 -19.11 49.06 14.99
CA TYR A 227 -19.34 48.37 13.75
C TYR A 227 -18.70 49.11 12.60
N GLY A 228 -19.06 50.36 12.40
CA GLY A 228 -18.39 51.12 11.37
C GLY A 228 -16.89 51.10 11.53
N ALA A 229 -16.42 51.40 12.74
CA ALA A 229 -14.99 51.36 13.02
C ALA A 229 -14.40 50.05 12.59
N ARG A 230 -15.06 48.96 12.94
CA ARG A 230 -14.64 47.66 12.47
C ARG A 230 -14.50 47.67 10.95
N ILE A 231 -15.56 48.08 10.26
CA ILE A 231 -15.61 47.93 8.81
C ILE A 231 -14.49 48.70 8.15
N ARG A 232 -14.46 50.00 8.39
CA ARG A 232 -13.38 50.79 7.82
C ARG A 232 -12.04 50.23 8.23
N THR A 233 -11.93 49.77 9.48
CA THR A 233 -10.66 49.25 9.95
C THR A 233 -10.17 48.14 9.06
N LEU A 234 -10.96 47.08 8.93
CA LEU A 234 -10.69 46.18 7.84
C LEU A 234 -11.89 46.20 6.91
N GLY A 235 -11.74 46.83 5.77
CA GLY A 235 -10.68 47.78 5.60
C GLY A 235 -9.44 47.28 4.92
N GLU A 236 -8.47 48.17 4.89
CA GLU A 236 -7.21 47.87 4.21
C GLU A 236 -6.51 46.71 4.86
N MET A 237 -6.71 46.54 6.17
CA MET A 237 -6.27 45.30 6.80
C MET A 237 -6.77 44.12 6.00
N ASN A 238 -7.92 44.28 5.34
CA ASN A 238 -8.39 43.32 4.34
C ASN A 238 -8.48 41.94 4.94
N SER A 239 -8.92 41.87 6.19
CA SER A 239 -8.86 40.67 7.00
C SER A 239 -10.04 39.70 6.78
N GLU A 240 -11.14 40.17 6.20
CA GLU A 240 -12.19 39.30 5.68
C GLU A 240 -12.77 38.37 6.75
N SER A 241 -12.65 38.75 8.00
CA SER A 241 -13.26 37.96 9.07
C SER A 241 -13.87 38.92 10.05
N LEU A 242 -15.15 38.75 10.31
CA LEU A 242 -15.86 39.70 11.14
C LEU A 242 -16.06 39.10 12.51
N GLU A 243 -16.18 39.94 13.52
CA GLU A 243 -16.35 39.47 14.87
C GLU A 243 -17.32 40.40 15.57
N VAL A 244 -18.23 39.83 16.35
CA VAL A 244 -19.39 40.56 16.82
C VAL A 244 -19.71 40.18 18.25
N ASN A 245 -19.73 41.18 19.14
CA ASN A 245 -20.17 40.90 20.48
C ASN A 245 -21.57 40.31 20.42
N TYR A 246 -21.68 39.08 20.87
CA TYR A 246 -23.01 38.56 20.99
C TYR A 246 -23.79 39.39 21.97
N ARG A 247 -23.10 40.01 22.91
CA ARG A 247 -23.73 40.97 23.81
C ARG A 247 -24.46 42.03 23.03
N HIS A 248 -23.77 42.68 22.13
CA HIS A 248 -24.44 43.68 21.33
C HIS A 248 -25.60 43.08 20.58
N LEU A 249 -25.37 41.92 19.97
CA LEU A 249 -26.38 41.39 19.07
C LEU A 249 -27.64 41.04 19.81
N ALA A 250 -27.49 40.16 20.77
CA ALA A 250 -28.55 39.89 21.69
C ALA A 250 -29.15 41.18 22.17
N GLU A 251 -28.28 42.09 22.61
CA GLU A 251 -28.73 43.35 23.14
C GLU A 251 -29.71 43.99 22.18
N SER A 252 -29.29 44.16 20.94
CA SER A 252 -30.15 44.79 19.96
C SER A 252 -31.38 43.95 19.72
N LYS A 253 -31.18 42.74 19.25
CA LYS A 253 -32.31 41.91 18.84
C LYS A 253 -32.09 40.52 19.36
N ALA A 254 -33.03 40.08 20.18
CA ALA A 254 -32.98 38.73 20.67
C ALA A 254 -33.13 37.73 19.54
N ILE A 255 -34.26 37.78 18.84
CA ILE A 255 -34.59 36.75 17.86
C ILE A 255 -33.43 36.53 16.93
N LEU A 256 -32.65 37.57 16.71
CA LEU A 256 -31.37 37.39 16.06
C LEU A 256 -30.57 36.33 16.77
N ALA A 257 -30.05 36.70 17.93
CA ALA A 257 -29.14 35.82 18.65
C ALA A 257 -29.75 34.45 18.83
N LEU A 258 -31.07 34.41 18.98
CA LEU A 258 -31.74 33.13 19.04
C LEU A 258 -31.55 32.36 17.76
N PHE A 259 -31.89 32.98 16.64
CA PHE A 259 -31.68 32.35 15.36
C PHE A 259 -30.26 31.86 15.22
N LEU A 260 -29.34 32.54 15.86
CA LEU A 260 -28.03 31.98 16.02
C LEU A 260 -28.08 30.70 16.81
N ALA A 261 -28.74 30.71 17.97
CA ALA A 261 -28.73 29.53 18.83
C ALA A 261 -29.17 28.31 18.05
N LYS A 262 -30.43 28.27 17.66
CA LYS A 262 -31.00 27.09 17.04
C LYS A 262 -30.22 26.71 15.79
N CYS A 263 -30.41 27.47 14.74
CA CYS A 263 -29.88 27.14 13.43
C CYS A 263 -28.95 28.26 13.08
N PRO A 264 -27.89 28.42 13.84
CA PRO A 264 -26.81 29.29 13.39
C PRO A 264 -26.43 29.02 11.96
N GLU A 265 -26.50 27.76 11.56
CA GLU A 265 -25.87 27.32 10.32
C GLU A 265 -26.20 28.25 9.16
N GLU A 266 -27.44 28.19 8.70
CA GLU A 266 -27.83 29.10 7.65
C GLU A 266 -27.71 30.53 8.13
N MET A 267 -27.98 30.75 9.41
CA MET A 267 -28.04 32.11 9.93
C MET A 267 -26.82 32.90 9.50
N LEU A 268 -25.65 32.31 9.68
CA LEU A 268 -24.44 33.00 9.27
C LEU A 268 -24.44 33.23 7.78
N LYS A 269 -24.77 32.22 6.99
CA LYS A 269 -24.83 32.43 5.56
C LYS A 269 -25.63 33.67 5.25
N ILE A 270 -26.76 33.81 5.92
CA ILE A 270 -27.52 35.05 5.82
C ILE A 270 -26.65 36.21 6.21
N PHE A 271 -25.92 36.07 7.30
CA PHE A 271 -25.23 37.21 7.86
C PHE A 271 -24.16 37.70 6.92
N ASP A 272 -23.26 36.80 6.55
CA ASP A 272 -22.05 37.18 5.86
C ASP A 272 -22.34 37.94 4.60
N LEU A 273 -23.41 37.56 3.89
CA LEU A 273 -23.69 38.21 2.63
C LEU A 273 -23.93 39.70 2.82
N VAL A 274 -24.94 40.05 3.62
CA VAL A 274 -25.26 41.44 3.86
C VAL A 274 -24.07 42.17 4.44
N ALA A 275 -23.30 41.48 5.26
CA ALA A 275 -22.03 42.04 5.68
C ALA A 275 -21.22 42.48 4.48
N MET A 276 -20.99 41.56 3.54
CA MET A 276 -20.16 41.86 2.41
C MET A 276 -20.67 43.07 1.66
N GLU A 277 -21.96 43.04 1.32
CA GLU A 277 -22.55 44.20 0.67
C GLU A 277 -22.21 45.46 1.44
N ALA A 278 -22.40 45.41 2.75
CA ALA A 278 -22.12 46.57 3.58
C ALA A 278 -20.68 47.04 3.37
N THR A 279 -19.73 46.12 3.40
CA THR A 279 -18.34 46.50 3.22
C THR A 279 -18.13 47.15 1.87
N GLU A 280 -18.70 46.56 0.83
CA GLU A 280 -18.62 47.14 -0.49
C GLU A 280 -19.09 48.58 -0.47
N LEU A 281 -20.18 48.84 0.23
CA LEU A 281 -20.58 50.23 0.40
C LEU A 281 -19.48 51.02 1.09
N HIS A 282 -18.94 50.49 2.17
CA HIS A 282 -17.82 51.14 2.80
C HIS A 282 -16.65 51.20 1.84
N TYR A 283 -16.21 50.06 1.36
CA TYR A 283 -15.10 50.02 0.43
C TYR A 283 -15.62 49.57 -0.92
N PRO A 284 -15.74 50.46 -1.90
CA PRO A 284 -16.30 50.04 -3.18
C PRO A 284 -15.50 48.96 -3.86
N ASP A 285 -14.17 49.09 -3.89
CA ASP A 285 -13.33 48.14 -4.60
C ASP A 285 -13.14 46.85 -3.83
N TYR A 286 -13.60 46.80 -2.59
CA TYR A 286 -13.42 45.61 -1.77
C TYR A 286 -14.03 44.39 -2.41
N ALA A 287 -15.08 44.57 -3.21
CA ALA A 287 -15.72 43.46 -3.90
C ALA A 287 -14.70 42.57 -4.61
N ARG A 288 -13.68 43.17 -5.21
CA ARG A 288 -12.70 42.38 -5.92
C ARG A 288 -11.89 41.49 -4.99
N ILE A 289 -11.43 42.03 -3.86
CA ILE A 289 -10.47 41.35 -3.02
C ILE A 289 -11.21 40.51 -2.00
N HIS A 290 -10.89 39.23 -1.97
CA HIS A 290 -11.28 38.31 -0.91
C HIS A 290 -12.77 38.04 -1.00
N SER A 291 -13.50 38.95 -1.62
CA SER A 291 -14.83 38.68 -2.10
C SER A 291 -15.80 38.29 -0.98
N GLU A 292 -15.32 38.00 0.22
CA GLU A 292 -16.17 37.50 1.28
C GLU A 292 -15.56 37.80 2.65
N ILE A 293 -16.41 37.93 3.67
CA ILE A 293 -15.98 38.19 5.04
C ILE A 293 -16.84 37.38 5.99
N HIS A 294 -16.21 36.62 6.86
CA HIS A 294 -16.93 35.71 7.73
C HIS A 294 -16.86 36.21 9.16
N VAL A 295 -18.03 36.27 9.78
CA VAL A 295 -18.14 36.80 11.11
C VAL A 295 -17.80 35.73 12.11
N ARG A 296 -17.02 36.12 13.10
CA ARG A 296 -16.73 35.24 14.21
C ARG A 296 -17.62 35.50 15.40
N ILE A 297 -18.45 36.54 15.32
CA ILE A 297 -19.30 36.98 16.41
C ILE A 297 -18.46 37.19 17.66
N SER A 298 -19.05 36.94 18.83
CA SER A 298 -18.25 36.86 20.04
C SER A 298 -18.65 35.81 21.07
N ASP A 299 -19.68 36.10 21.84
CA ASP A 299 -19.69 35.67 23.24
C ASP A 299 -20.96 34.89 23.54
N PHE A 300 -20.81 33.61 23.84
CA PHE A 300 -21.96 32.75 24.08
C PHE A 300 -21.69 31.70 25.15
N PRO A 301 -21.67 32.11 26.43
CA PRO A 301 -21.86 31.11 27.49
C PRO A 301 -23.32 30.74 27.73
N THR A 302 -23.75 29.48 27.90
CA THR A 302 -23.05 28.23 27.59
C THR A 302 -21.70 28.02 28.20
N ILE A 303 -20.73 27.94 27.28
CA ILE A 303 -19.47 27.28 27.54
C ILE A 303 -19.81 25.87 27.95
N TYR A 304 -20.45 25.13 27.05
CA TYR A 304 -20.57 23.70 27.24
C TYR A 304 -19.16 23.16 27.34
N SER A 305 -18.92 22.35 28.35
CA SER A 305 -17.54 22.21 28.77
C SER A 305 -16.67 21.57 27.72
N LEU A 306 -16.54 20.26 27.82
CA LEU A 306 -16.16 19.40 26.73
C LEU A 306 -16.99 18.17 26.93
N ARG A 307 -16.64 17.45 27.99
CA ARG A 307 -17.25 16.18 28.29
C ARG A 307 -18.75 16.29 28.25
N GLU A 308 -19.28 17.44 28.61
CA GLU A 308 -20.72 17.59 28.64
C GLU A 308 -21.15 18.12 27.29
N LEU A 309 -21.72 17.23 26.48
CA LEU A 309 -22.44 17.58 25.28
C LEU A 309 -23.36 16.44 24.94
N ARG A 310 -24.51 16.74 24.36
CA ARG A 310 -25.38 15.67 23.95
C ARG A 310 -25.74 15.86 22.51
N GLU A 311 -26.48 14.90 21.99
CA GLU A 311 -27.09 15.12 20.70
C GLU A 311 -27.92 16.37 20.70
N SER A 312 -28.65 16.59 21.79
CA SER A 312 -29.32 17.86 21.93
C SER A 312 -28.36 18.99 21.64
N ASN A 313 -27.10 18.81 21.97
CA ASN A 313 -26.12 19.83 21.69
C ASN A 313 -25.75 19.89 20.22
N LEU A 314 -26.06 18.88 19.43
CA LEU A 314 -25.55 18.86 18.08
C LEU A 314 -26.24 19.91 17.20
N SER A 315 -25.51 20.40 16.19
CA SER A 315 -25.98 21.28 15.10
C SER A 315 -26.17 22.72 15.54
N SER A 316 -26.24 22.94 16.84
CA SER A 316 -26.40 24.26 17.36
C SER A 316 -25.04 24.82 17.71
N LEU A 317 -24.90 26.13 17.58
CA LEU A 317 -23.69 26.80 17.98
C LEU A 317 -23.33 26.44 19.43
N VAL A 318 -22.05 26.22 19.69
CA VAL A 318 -21.61 25.89 21.04
C VAL A 318 -20.27 26.54 21.31
N ARG A 319 -20.14 27.15 22.48
CA ARG A 319 -18.87 27.68 22.92
C ARG A 319 -18.18 26.67 23.82
N VAL A 320 -16.87 26.59 23.69
CA VAL A 320 -16.07 25.67 24.49
C VAL A 320 -14.62 26.17 24.51
N THR A 321 -13.84 25.62 25.44
CA THR A 321 -12.41 25.88 25.56
C THR A 321 -11.66 24.59 25.87
N GLY A 322 -10.34 24.60 25.69
CA GLY A 322 -9.58 23.38 25.99
C GLY A 322 -8.19 23.41 25.41
N VAL A 323 -7.43 22.38 25.76
CA VAL A 323 -6.01 22.33 25.44
C VAL A 323 -5.83 21.85 24.02
N VAL A 324 -4.98 22.54 23.28
CA VAL A 324 -4.74 22.15 21.91
C VAL A 324 -3.89 20.88 21.92
N THR A 325 -4.44 19.82 21.39
CA THR A 325 -3.71 18.60 21.18
C THR A 325 -3.14 18.63 19.78
N ARG A 326 -2.74 17.47 19.30
CA ARG A 326 -2.29 17.38 17.93
C ARG A 326 -3.30 18.03 17.00
N ARG A 327 -2.83 18.96 16.18
CA ARG A 327 -3.68 19.73 15.28
C ARG A 327 -3.15 19.69 13.85
N THR A 328 -4.08 19.52 12.92
CA THR A 328 -3.76 19.14 11.56
C THR A 328 -2.95 20.17 10.82
N GLY A 329 -2.23 19.69 9.82
CA GLY A 329 -1.69 20.55 8.80
C GLY A 329 -2.80 21.12 7.95
N VAL A 330 -2.40 21.93 7.01
CA VAL A 330 -3.35 22.66 6.19
C VAL A 330 -3.34 22.08 4.79
N PHE A 331 -4.52 21.96 4.22
CA PHE A 331 -4.78 21.54 2.86
C PHE A 331 -6.03 22.24 2.41
N PRO A 332 -6.08 22.59 1.14
CA PRO A 332 -7.16 23.44 0.65
C PRO A 332 -8.46 22.69 0.58
N GLN A 333 -9.52 23.31 1.09
CA GLN A 333 -10.87 22.77 1.00
C GLN A 333 -11.40 22.95 -0.41
N LEU A 334 -12.47 22.23 -0.66
CA LEU A 334 -13.17 22.12 -1.91
C LEU A 334 -13.11 20.62 -1.92
N LYS A 335 -14.18 20.02 -1.38
CA LYS A 335 -14.24 18.58 -1.25
C LYS A 335 -15.17 18.00 -2.28
N TYR A 336 -14.65 17.06 -3.03
CA TYR A 336 -15.41 16.40 -4.07
C TYR A 336 -14.74 15.07 -4.36
N VAL A 337 -15.52 13.99 -4.43
CA VAL A 337 -15.03 12.66 -4.74
C VAL A 337 -15.70 12.17 -6.00
N LYS A 338 -15.02 11.32 -6.76
CA LYS A 338 -15.52 10.95 -8.09
C LYS A 338 -14.95 9.61 -8.50
N PHE A 339 -15.51 9.03 -9.57
CA PHE A 339 -15.23 7.64 -9.93
C PHE A 339 -14.88 7.51 -11.42
N ASN A 340 -13.65 7.08 -11.72
CA ASN A 340 -13.23 6.81 -13.10
C ASN A 340 -13.61 5.41 -13.57
N CYS A 341 -14.08 4.57 -12.68
CA CYS A 341 -14.51 3.18 -12.85
C CYS A 341 -13.40 2.32 -13.47
N LEU A 342 -13.80 1.29 -14.21
CA LEU A 342 -12.90 0.47 -15.00
C LEU A 342 -13.52 0.20 -16.35
N LYS A 343 -14.58 -0.62 -16.35
CA LYS A 343 -15.23 -0.99 -17.59
C LYS A 343 -16.09 0.14 -18.13
N CYS A 344 -17.17 0.49 -17.42
CA CYS A 344 -17.89 1.71 -17.74
C CYS A 344 -16.87 2.83 -17.70
N GLY A 345 -16.74 3.55 -18.80
CA GLY A 345 -15.50 4.26 -19.02
C GLY A 345 -15.11 5.26 -17.96
N SER A 346 -15.97 6.26 -17.73
CA SER A 346 -15.62 7.45 -16.97
C SER A 346 -16.81 8.42 -17.09
N ILE A 347 -16.81 9.58 -16.42
CA ILE A 347 -15.97 9.91 -15.27
C ILE A 347 -16.81 9.72 -14.03
N LEU A 348 -18.05 9.30 -14.24
CA LEU A 348 -19.03 9.10 -13.18
C LEU A 348 -19.31 10.40 -12.46
N GLY A 349 -18.58 11.45 -12.83
CA GLY A 349 -18.86 12.77 -12.35
C GLY A 349 -18.43 12.95 -10.91
N PRO A 350 -18.29 14.20 -10.51
CA PRO A 350 -17.88 14.49 -9.12
C PRO A 350 -19.02 14.22 -8.16
N PHE A 351 -18.65 13.66 -7.02
CA PHE A 351 -19.52 13.58 -5.86
C PHE A 351 -18.83 14.37 -4.76
N PHE A 352 -19.59 14.79 -3.78
CA PHE A 352 -19.05 15.44 -2.60
C PHE A 352 -19.26 14.49 -1.41
N GLN A 353 -18.17 13.89 -0.92
CA GLN A 353 -18.24 13.00 0.26
C GLN A 353 -16.95 13.08 1.07
N ASP A 354 -16.99 13.12 2.41
CA ASP A 354 -18.13 13.09 3.33
C ASP A 354 -17.43 13.31 4.64
N SER A 355 -18.06 13.80 5.69
CA SER A 355 -17.18 14.02 6.81
C SER A 355 -17.51 13.26 8.03
N ASN A 356 -16.98 12.05 8.19
CA ASN A 356 -16.17 11.43 7.15
C ASN A 356 -16.56 10.01 6.77
N GLU A 357 -17.11 9.81 5.56
CA GLU A 357 -17.60 8.49 5.17
C GLU A 357 -16.87 8.05 3.95
N GLU A 358 -17.07 8.81 2.89
CA GLU A 358 -16.70 8.37 1.57
C GLU A 358 -17.30 6.99 1.31
N ILE A 359 -18.62 7.00 1.25
CA ILE A 359 -19.35 5.77 1.10
C ILE A 359 -20.72 6.05 0.51
N ARG A 360 -21.33 5.04 -0.10
CA ARG A 360 -20.55 3.90 -0.57
C ARG A 360 -20.33 3.88 -2.09
N ILE A 361 -20.92 4.85 -2.82
CA ILE A 361 -20.84 4.98 -4.28
C ILE A 361 -21.35 3.75 -5.04
N SER A 362 -22.60 3.34 -4.78
CA SER A 362 -23.16 2.04 -5.18
C SER A 362 -23.19 1.69 -6.67
N PHE A 363 -24.00 2.37 -7.47
CA PHE A 363 -24.22 1.93 -8.84
C PHE A 363 -24.21 3.11 -9.81
N CYS A 364 -23.32 3.07 -10.80
CA CYS A 364 -23.34 4.12 -11.80
C CYS A 364 -22.73 3.63 -13.10
N THR A 365 -23.19 4.25 -14.18
CA THR A 365 -22.48 4.45 -15.43
C THR A 365 -22.43 3.33 -16.47
N ASN A 366 -22.67 2.06 -16.14
CA ASN A 366 -23.11 1.24 -17.27
C ASN A 366 -24.16 0.13 -17.07
N CYS A 367 -23.96 -1.04 -16.44
CA CYS A 367 -23.04 -1.51 -15.37
C CYS A 367 -23.27 -0.82 -14.06
N LYS A 368 -22.20 -0.24 -13.52
CA LYS A 368 -21.88 -0.11 -12.10
C LYS A 368 -21.01 -1.26 -11.64
N SER A 369 -20.73 -2.24 -12.50
CA SER A 369 -19.94 -3.40 -12.14
C SER A 369 -19.79 -4.22 -13.40
N LYS A 370 -18.84 -5.15 -13.48
CA LYS A 370 -17.84 -5.44 -12.47
C LYS A 370 -16.63 -4.60 -12.72
N GLY A 371 -16.80 -3.69 -13.65
CA GLY A 371 -15.75 -2.81 -14.09
C GLY A 371 -15.65 -1.73 -13.05
N PRO A 372 -15.87 -2.14 -11.82
CA PRO A 372 -16.18 -1.20 -10.76
C PRO A 372 -15.11 -0.15 -10.52
N PHE A 373 -15.41 0.76 -9.59
CA PHE A 373 -14.87 2.12 -9.57
C PHE A 373 -13.50 2.20 -8.89
N ARG A 374 -12.67 3.11 -9.40
CA ARG A 374 -11.40 3.49 -8.76
C ARG A 374 -11.24 5.00 -8.84
N VAL A 375 -11.10 5.66 -7.68
CA VAL A 375 -10.92 7.11 -7.66
C VAL A 375 -9.59 7.44 -8.33
N ASN A 376 -9.52 8.63 -8.92
CA ASN A 376 -8.34 9.05 -9.63
C ASN A 376 -7.73 10.25 -8.91
N GLY A 377 -6.40 10.36 -9.01
CA GLY A 377 -5.74 11.53 -8.48
C GLY A 377 -6.20 12.80 -9.18
N GLU A 378 -6.44 12.70 -10.48
CA GLU A 378 -6.97 13.82 -11.23
C GLU A 378 -8.43 14.05 -10.84
N LYS A 379 -8.77 15.32 -10.63
CA LYS A 379 -10.15 15.79 -10.46
C LYS A 379 -10.87 15.26 -9.21
N THR A 380 -10.25 15.33 -8.02
CA THR A 380 -10.94 15.12 -6.75
C THR A 380 -10.55 16.23 -5.78
N VAL A 381 -11.54 17.05 -5.40
CA VAL A 381 -11.29 18.21 -4.57
C VAL A 381 -10.89 17.74 -3.19
N TYR A 382 -10.05 18.52 -2.54
CA TYR A 382 -9.48 18.17 -1.26
C TYR A 382 -9.80 19.29 -0.29
N ARG A 383 -9.51 19.03 0.98
CA ARG A 383 -9.46 20.01 2.05
C ARG A 383 -8.31 19.62 2.96
N ASN A 384 -7.94 20.57 3.80
CA ASN A 384 -6.91 20.46 4.80
C ASN A 384 -7.52 21.29 5.92
N TYR A 385 -7.59 22.59 5.65
CA TYR A 385 -8.19 23.56 6.56
C TYR A 385 -7.55 23.41 7.93
N GLN A 386 -8.37 23.36 8.98
CA GLN A 386 -7.87 23.18 10.31
C GLN A 386 -8.48 21.93 10.92
N ARG A 387 -7.63 20.99 11.28
CA ARG A 387 -8.05 19.76 11.91
C ARG A 387 -7.35 19.84 13.23
N VAL A 388 -8.07 19.69 14.33
CA VAL A 388 -7.38 19.81 15.60
C VAL A 388 -7.93 18.80 16.57
N THR A 389 -7.06 18.00 17.15
CA THR A 389 -7.44 17.24 18.32
C THR A 389 -7.43 18.19 19.49
N LEU A 390 -8.50 18.19 20.23
CA LEU A 390 -8.55 18.94 21.47
C LEU A 390 -9.11 18.00 22.51
N GLN A 391 -8.46 17.96 23.65
CA GLN A 391 -8.94 17.16 24.75
C GLN A 391 -9.19 18.07 25.95
N GLU A 392 -9.98 17.57 26.87
CA GLU A 392 -10.46 18.37 27.99
C GLU A 392 -9.30 18.87 28.84
N ALA A 393 -9.46 20.05 29.40
CA ALA A 393 -8.37 20.70 30.13
C ALA A 393 -8.03 19.94 31.39
N PRO A 394 -6.76 19.58 31.58
CA PRO A 394 -6.41 18.74 32.74
C PRO A 394 -6.60 19.42 34.06
N GLY A 395 -6.41 20.74 34.13
CA GLY A 395 -6.64 21.43 35.37
C GLY A 395 -7.99 21.09 35.96
N THR A 396 -9.02 21.03 35.12
CA THR A 396 -10.40 20.97 35.58
C THR A 396 -11.01 19.58 35.59
N VAL A 397 -10.30 18.55 35.16
CA VAL A 397 -10.89 17.22 35.02
C VAL A 397 -11.44 16.73 36.36
N PRO A 398 -12.59 16.08 36.37
CA PRO A 398 -13.10 15.50 37.62
C PRO A 398 -12.40 14.20 37.94
N PRO A 399 -12.29 13.86 39.21
CA PRO A 399 -11.44 12.73 39.60
C PRO A 399 -11.96 11.43 39.05
N GLY A 400 -11.05 10.66 38.47
CA GLY A 400 -11.34 9.35 37.97
C GLY A 400 -11.89 9.36 36.58
N ARG A 401 -12.46 10.47 36.17
CA ARG A 401 -12.95 10.60 34.82
C ARG A 401 -11.83 11.07 33.92
N LEU A 402 -11.69 10.44 32.85
CA LEU A 402 -10.60 10.85 31.98
C LEU A 402 -11.06 11.91 30.99
N PRO A 403 -10.23 12.91 30.72
CA PRO A 403 -10.58 13.91 29.72
C PRO A 403 -10.65 13.32 28.33
N ARG A 404 -11.59 13.82 27.54
CA ARG A 404 -11.96 13.21 26.28
C ARG A 404 -11.48 14.08 25.12
N HIS A 405 -10.70 13.50 24.23
CA HIS A 405 -10.37 14.20 23.01
C HIS A 405 -11.63 14.39 22.19
N ARG A 406 -11.77 15.58 21.64
CA ARG A 406 -12.86 15.82 20.71
C ARG A 406 -12.28 16.45 19.46
N GLU A 407 -13.06 16.40 18.40
CA GLU A 407 -12.57 16.65 17.06
C GLU A 407 -12.86 18.08 16.65
N VAL A 408 -11.82 18.81 16.30
CA VAL A 408 -11.94 20.20 15.91
C VAL A 408 -11.46 20.36 14.48
N ILE A 409 -12.20 21.15 13.72
CA ILE A 409 -11.87 21.48 12.34
C ILE A 409 -11.66 22.97 12.23
N LEU A 410 -10.58 23.37 11.57
CA LEU A 410 -10.27 24.77 11.35
C LEU A 410 -10.19 25.05 9.86
N LEU A 411 -10.67 26.21 9.47
CA LEU A 411 -10.59 26.61 8.08
C LEU A 411 -10.26 28.09 8.01
N ALA A 412 -9.94 28.52 6.80
CA ALA A 412 -9.84 29.92 6.46
C ALA A 412 -8.85 30.57 7.42
N ASP A 413 -9.11 31.79 7.89
CA ASP A 413 -8.19 32.49 8.76
C ASP A 413 -7.90 31.70 10.01
N LEU A 414 -8.87 30.94 10.50
CA LEU A 414 -8.64 30.16 11.70
C LEU A 414 -7.43 29.27 11.56
N VAL A 415 -7.18 28.80 10.33
CA VAL A 415 -6.15 27.81 10.12
C VAL A 415 -4.83 28.31 10.71
N ASP A 416 -4.14 27.43 11.41
CA ASP A 416 -2.77 27.55 11.85
C ASP A 416 -2.52 28.62 12.90
N VAL A 417 -3.52 29.45 13.20
CA VAL A 417 -3.31 30.50 14.18
C VAL A 417 -2.77 29.92 15.49
N SER A 418 -3.35 28.83 15.96
CA SER A 418 -3.06 28.30 17.29
C SER A 418 -1.80 27.45 17.33
N LYS A 419 -1.26 27.32 18.55
CA LYS A 419 -0.18 26.40 18.82
C LYS A 419 -0.64 25.36 19.83
N PRO A 420 -0.23 24.10 19.68
CA PRO A 420 -0.63 23.09 20.64
C PRO A 420 0.02 23.33 21.99
N GLY A 421 -0.45 22.60 22.99
CA GLY A 421 -0.01 22.85 24.35
C GLY A 421 -0.64 24.09 24.92
N GLU A 422 -1.82 24.45 24.45
CA GLU A 422 -2.47 25.70 24.78
C GLU A 422 -3.94 25.46 24.99
N GLU A 423 -4.46 25.91 26.11
CA GLU A 423 -5.90 25.94 26.31
C GLU A 423 -6.45 27.17 25.62
N VAL A 424 -7.28 26.94 24.63
CA VAL A 424 -7.84 28.05 23.90
C VAL A 424 -9.34 27.89 24.01
N GLU A 425 -10.05 28.93 23.65
CA GLU A 425 -11.50 28.80 23.56
C GLU A 425 -11.89 28.90 22.11
N VAL A 426 -12.99 28.26 21.76
CA VAL A 426 -13.51 28.30 20.41
C VAL A 426 -15.02 28.34 20.49
N THR A 427 -15.63 29.03 19.57
CA THR A 427 -17.07 29.01 19.46
C THR A 427 -17.38 28.15 18.25
N GLY A 428 -17.91 26.96 18.51
CA GLY A 428 -18.24 26.02 17.46
C GLY A 428 -19.73 25.86 17.26
N ILE A 429 -20.07 25.09 16.23
CA ILE A 429 -21.42 24.58 16.01
C ILE A 429 -21.29 23.08 15.93
N TYR A 430 -21.89 22.39 16.89
CA TYR A 430 -21.63 20.97 17.05
C TYR A 430 -22.21 20.20 15.88
N LYS A 431 -21.36 19.49 15.15
CA LYS A 431 -21.86 18.76 14.00
C LYS A 431 -21.58 17.28 14.16
N ASN A 432 -22.65 16.51 14.04
CA ASN A 432 -22.56 15.07 13.91
C ASN A 432 -21.96 14.69 12.59
N ASN A 433 -21.65 15.68 11.78
CA ASN A 433 -20.93 15.43 10.59
C ASN A 433 -19.69 14.65 10.95
N TYR A 434 -19.49 13.54 10.27
CA TYR A 434 -20.49 12.89 9.44
C TYR A 434 -19.86 11.58 9.17
N ASP A 435 -20.60 10.78 8.44
CA ASP A 435 -19.98 10.01 7.45
C ASP A 435 -18.93 9.12 8.11
N ALA A 448 -20.28 9.80 14.28
CA ALA A 448 -19.10 10.57 14.68
C ALA A 448 -19.39 12.08 14.70
N THR A 449 -18.88 12.76 15.73
CA THR A 449 -19.21 14.16 15.98
C THR A 449 -18.01 15.06 15.75
N ILE A 450 -18.23 16.07 14.91
CA ILE A 450 -17.19 17.00 14.56
C ILE A 450 -17.61 18.37 15.05
N ILE A 451 -16.85 18.94 15.97
CA ILE A 451 -17.06 20.32 16.33
C ILE A 451 -16.59 21.19 15.19
N GLU A 452 -17.48 22.03 14.69
CA GLU A 452 -17.13 23.01 13.68
C GLU A 452 -16.99 24.37 14.37
N ALA A 453 -15.74 24.83 14.52
CA ALA A 453 -15.45 25.98 15.34
C ALA A 453 -15.48 27.26 14.53
N ASN A 454 -16.32 28.19 14.95
CA ASN A 454 -16.26 29.51 14.32
C ASN A 454 -15.12 30.32 14.88
N SER A 455 -14.79 30.11 16.14
CA SER A 455 -13.94 31.05 16.83
C SER A 455 -12.78 30.31 17.46
N ILE A 456 -11.80 31.08 17.86
CA ILE A 456 -10.70 30.58 18.66
C ILE A 456 -10.31 31.67 19.64
N LYS A 457 -10.23 31.33 20.92
CA LYS A 457 -9.87 32.30 21.92
C LYS A 457 -8.63 31.84 22.63
N ARG A 458 -7.56 32.57 22.45
CA ARG A 458 -6.34 32.29 23.18
C ARG A 458 -6.64 32.29 24.67
N ARG A 459 -5.92 31.43 25.37
CA ARG A 459 -5.82 31.56 26.79
C ARG A 459 -5.38 32.98 27.11
N GLU A 460 -6.00 33.67 28.07
CA GLU A 460 -7.17 33.23 28.86
C GLU A 460 -7.03 31.89 29.55
N VAL A 473 -14.09 22.28 38.40
CA VAL A 473 -15.13 21.83 39.31
C VAL A 473 -14.84 22.30 40.73
N PHE A 474 -13.55 22.51 41.03
CA PHE A 474 -13.13 23.04 42.32
C PHE A 474 -12.61 24.46 42.11
N SER A 475 -13.25 25.40 42.78
CA SER A 475 -12.87 26.80 42.67
C SER A 475 -13.12 27.48 44.01
N TRP A 476 -12.36 28.53 44.27
CA TRP A 476 -12.49 29.25 45.52
C TRP A 476 -13.86 29.92 45.63
N THR A 477 -14.38 29.97 46.85
CA THR A 477 -15.68 30.56 47.08
C THR A 477 -15.55 31.59 48.18
N GLU A 478 -16.37 32.64 48.05
CA GLU A 478 -16.33 33.75 48.98
C GLU A 478 -16.33 33.26 50.41
N GLU A 479 -17.43 32.63 50.83
CA GLU A 479 -17.45 32.05 52.16
C GLU A 479 -16.22 31.20 52.37
N GLU A 480 -15.96 30.31 51.43
CA GLU A 480 -14.80 29.45 51.55
C GLU A 480 -13.55 30.26 51.73
N GLU A 481 -13.31 31.23 50.86
CA GLU A 481 -12.06 31.96 50.92
C GLU A 481 -11.97 32.78 52.19
N ARG A 482 -13.00 33.57 52.46
CA ARG A 482 -13.05 34.33 53.69
C ARG A 482 -12.68 33.46 54.87
N GLU A 483 -13.32 32.32 54.97
CA GLU A 483 -12.88 31.31 55.90
C GLU A 483 -11.39 31.09 55.78
N PHE A 484 -10.94 30.88 54.55
CA PHE A 484 -9.61 30.40 54.32
C PHE A 484 -8.58 31.35 54.87
N ARG A 485 -8.74 32.63 54.55
CA ARG A 485 -7.80 33.63 55.00
C ARG A 485 -7.52 33.48 56.47
N LYS A 486 -8.59 33.35 57.24
CA LYS A 486 -8.42 33.13 58.66
C LYS A 486 -7.46 32.00 58.94
N ILE A 487 -7.63 30.89 58.24
CA ILE A 487 -6.69 29.80 58.40
C ILE A 487 -5.29 30.30 58.15
N SER A 488 -5.11 31.08 57.09
CA SER A 488 -3.78 31.46 56.65
C SER A 488 -3.01 32.25 57.70
N ARG A 489 -3.69 32.73 58.73
CA ARG A 489 -3.02 33.56 59.72
C ARG A 489 -1.90 32.82 60.44
N ASP A 490 -2.15 31.59 60.88
CA ASP A 490 -1.20 30.91 61.73
C ASP A 490 0.09 30.63 60.98
N ARG A 491 1.20 30.65 61.72
CA ARG A 491 2.50 30.40 61.11
C ARG A 491 2.71 28.92 60.82
N GLY A 492 2.49 28.07 61.83
CA GLY A 492 2.80 26.66 61.72
C GLY A 492 2.01 25.91 60.68
N ILE A 493 1.00 26.54 60.12
CA ILE A 493 0.25 25.93 59.05
C ILE A 493 1.18 25.43 57.98
N ILE A 494 2.33 26.06 57.84
CA ILE A 494 3.34 25.57 56.92
C ILE A 494 3.59 24.12 57.28
N ASP A 495 4.20 23.89 58.43
CA ASP A 495 4.51 22.54 58.83
C ASP A 495 3.29 21.67 58.74
N LYS A 496 2.19 22.11 59.34
CA LYS A 496 0.96 21.37 59.27
C LYS A 496 0.67 20.94 57.87
N ILE A 497 0.97 21.81 56.93
CA ILE A 497 0.72 21.51 55.55
C ILE A 497 1.74 20.50 55.07
N ILE A 498 3.01 20.80 55.29
CA ILE A 498 4.07 19.87 54.91
C ILE A 498 3.70 18.50 55.39
N SER A 499 3.26 18.43 56.64
CA SER A 499 2.54 17.31 57.18
C SER A 499 1.40 16.87 56.28
N SER A 500 0.63 17.81 55.74
CA SER A 500 -0.54 17.40 54.98
C SER A 500 -0.18 16.77 53.64
N MET A 501 1.07 16.87 53.23
CA MET A 501 1.39 16.72 51.82
C MET A 501 1.24 15.28 51.32
N ALA A 502 1.92 14.33 51.93
CA ALA A 502 1.99 12.97 51.41
C ALA A 502 1.68 12.03 52.55
N PRO A 503 0.43 11.98 52.96
CA PRO A 503 0.11 11.26 54.19
C PRO A 503 0.68 9.87 54.21
N SER A 504 0.55 9.16 53.11
CA SER A 504 0.71 7.72 53.13
C SER A 504 2.13 7.26 53.30
N ILE A 505 3.10 7.95 52.72
CA ILE A 505 4.43 7.37 52.67
C ILE A 505 5.03 7.28 54.06
N TYR A 506 4.69 8.24 54.92
CA TYR A 506 5.36 8.54 56.17
C TYR A 506 6.68 9.24 55.87
N GLY A 507 7.15 9.08 54.64
CA GLY A 507 8.01 10.02 53.94
C GLY A 507 9.22 10.53 54.71
N HIS A 508 9.61 11.75 54.36
CA HIS A 508 10.63 12.50 55.06
C HIS A 508 10.14 13.93 55.05
N ARG A 509 10.26 14.56 56.20
CA ARG A 509 9.85 15.95 56.26
C ARG A 509 10.46 16.75 55.14
N ASP A 510 11.74 16.52 54.87
CA ASP A 510 12.43 17.29 53.86
C ASP A 510 11.87 16.99 52.49
N ILE A 511 11.91 15.71 52.13
CA ILE A 511 11.44 15.33 50.83
C ILE A 511 10.09 15.96 50.59
N LYS A 512 9.20 15.81 51.56
CA LYS A 512 7.94 16.51 51.49
C LYS A 512 8.14 17.98 51.29
N THR A 513 9.07 18.55 52.03
CA THR A 513 9.21 19.98 52.06
C THR A 513 9.42 20.49 50.66
N ALA A 514 10.43 19.97 49.99
CA ALA A 514 10.66 20.33 48.61
C ALA A 514 9.36 20.23 47.83
N VAL A 515 8.67 19.12 48.00
CA VAL A 515 7.49 18.84 47.19
C VAL A 515 6.51 19.98 47.33
N ALA A 516 6.09 20.18 48.56
CA ALA A 516 5.21 21.28 48.87
C ALA A 516 5.70 22.54 48.21
N CYS A 517 6.99 22.82 48.38
CA CYS A 517 7.53 24.08 47.92
C CYS A 517 7.23 24.28 46.45
N SER A 518 7.81 23.43 45.60
CA SER A 518 7.64 23.60 44.18
C SER A 518 6.17 23.61 43.82
N LEU A 519 5.42 22.72 44.45
CA LEU A 519 3.98 22.72 44.28
C LEU A 519 3.41 24.11 44.48
N PHE A 520 3.90 24.81 45.49
CA PHE A 520 3.29 26.06 45.88
C PHE A 520 3.46 27.12 44.82
N GLY A 521 4.69 27.39 44.44
CA GLY A 521 4.93 28.29 43.34
C GLY A 521 6.23 29.05 43.52
N GLY A 522 6.27 30.18 42.83
CA GLY A 522 7.37 31.12 42.89
C GLY A 522 6.93 32.37 42.16
N VAL A 523 7.87 33.25 41.81
CA VAL A 523 7.45 34.45 41.11
C VAL A 523 8.20 34.57 39.78
N PRO A 524 7.53 34.98 38.70
CA PRO A 524 7.97 34.58 37.36
C PRO A 524 9.41 34.93 36.99
N LYS A 525 9.92 36.16 37.14
CA LYS A 525 9.19 37.41 37.30
C LYS A 525 9.87 38.40 36.40
N ASN A 526 9.11 39.03 35.52
CA ASN A 526 9.74 39.74 34.42
C ASN A 526 10.52 40.92 34.95
N VAL A 527 11.82 40.90 34.73
CA VAL A 527 12.65 42.07 34.93
C VAL A 527 12.54 42.84 33.64
N ASN A 528 11.95 44.03 33.71
CA ASN A 528 11.60 44.75 32.52
C ASN A 528 12.85 45.11 31.73
N GLY A 529 12.79 44.89 30.42
CA GLY A 529 11.73 44.08 29.84
C GLY A 529 12.36 42.80 29.38
N LYS A 530 13.59 42.58 29.85
CA LYS A 530 14.48 41.63 29.21
C LYS A 530 14.18 40.20 29.65
N HIS A 531 14.55 39.88 30.89
CA HIS A 531 14.50 38.51 31.34
C HIS A 531 13.57 38.41 32.54
N SER A 532 12.69 37.43 32.47
CA SER A 532 11.71 37.21 33.52
C SER A 532 12.26 36.35 34.64
N ILE A 533 13.52 35.96 34.57
CA ILE A 533 14.06 34.95 35.46
C ILE A 533 13.17 33.72 35.40
N ARG A 534 12.98 33.05 36.54
CA ARG A 534 12.17 31.85 36.59
C ARG A 534 11.39 31.84 37.89
N GLY A 535 10.09 31.68 37.78
CA GLY A 535 9.28 31.60 38.97
C GLY A 535 9.07 30.18 39.42
N ASP A 536 9.83 29.27 38.85
CA ASP A 536 9.56 27.86 38.98
C ASP A 536 10.74 27.15 39.61
N ILE A 537 10.47 25.92 40.03
CA ILE A 537 11.44 25.09 40.72
C ILE A 537 11.51 23.76 40.00
N ASN A 538 12.71 23.40 39.55
CA ASN A 538 12.95 22.09 38.98
C ASN A 538 13.46 21.19 40.09
N VAL A 539 12.62 20.29 40.54
CA VAL A 539 12.93 19.50 41.72
C VAL A 539 13.54 18.21 41.25
N LEU A 540 14.80 18.03 41.55
CA LEU A 540 15.43 16.77 41.30
C LEU A 540 15.17 15.93 42.53
N LEU A 541 14.37 14.92 42.37
CA LEU A 541 14.16 13.98 43.44
C LEU A 541 15.05 12.81 43.12
N LEU A 542 16.12 12.69 43.87
CA LEU A 542 17.06 11.60 43.66
C LEU A 542 16.63 10.49 44.59
N GLY A 543 16.09 9.43 44.01
CA GLY A 543 15.50 8.37 44.78
C GLY A 543 16.49 7.26 45.06
N ASP A 544 15.97 6.07 45.10
CA ASP A 544 16.72 4.87 45.38
C ASP A 544 15.72 3.77 45.18
N PRO A 545 16.16 2.61 44.73
CA PRO A 545 15.22 1.54 44.46
C PRO A 545 14.31 1.29 45.65
N GLY A 546 13.03 1.09 45.38
CA GLY A 546 12.11 0.71 46.40
C GLY A 546 11.83 1.80 47.38
N THR A 547 12.59 2.87 47.34
CA THR A 547 12.01 4.06 47.83
C THR A 547 10.67 4.20 47.12
N ALA A 548 9.72 4.70 47.86
CA ALA A 548 8.46 5.04 47.26
C ALA A 548 8.66 6.00 46.13
N LYS A 549 9.92 6.27 45.79
CA LYS A 549 10.38 7.25 44.84
C LYS A 549 9.41 7.22 43.69
N SER A 550 8.97 6.03 43.37
CA SER A 550 7.77 5.90 42.58
C SER A 550 6.64 6.77 43.13
N GLN A 551 6.07 6.34 44.24
CA GLN A 551 4.75 6.77 44.68
C GLN A 551 4.51 8.27 44.76
N ILE A 552 5.52 8.95 45.28
CA ILE A 552 5.29 10.31 45.77
C ILE A 552 4.69 11.16 44.67
N LEU A 553 5.37 11.22 43.55
CA LEU A 553 4.88 12.01 42.44
C LEU A 553 3.42 11.70 42.17
N LYS A 554 3.07 10.43 42.21
CA LYS A 554 1.68 10.08 42.03
C LYS A 554 0.81 10.91 42.93
N TYR A 555 1.25 11.07 44.18
CA TYR A 555 0.45 11.92 45.06
C TYR A 555 0.15 13.24 44.40
N VAL A 556 1.19 13.95 44.00
CA VAL A 556 0.95 15.23 43.37
C VAL A 556 0.11 15.07 42.15
N GLU A 557 0.36 14.01 41.38
CA GLU A 557 -0.46 13.80 40.21
C GLU A 557 -1.91 13.89 40.58
N LYS A 558 -2.30 13.17 41.60
CA LYS A 558 -3.60 13.41 42.17
C LYS A 558 -3.78 14.89 42.43
N THR A 559 -2.79 15.50 43.06
CA THR A 559 -3.03 16.77 43.68
C THR A 559 -3.21 17.88 42.65
N ALA A 560 -2.26 18.03 41.74
CA ALA A 560 -2.10 19.33 41.08
C ALA A 560 -3.26 19.65 40.14
N HIS A 561 -3.50 20.94 39.97
CA HIS A 561 -4.47 21.43 39.01
C HIS A 561 -4.12 20.93 37.63
N ARG A 562 -3.11 21.50 37.02
CA ARG A 562 -2.64 21.06 35.71
C ARG A 562 -1.33 20.32 35.94
N ALA A 563 -1.37 19.01 35.75
CA ALA A 563 -0.24 18.14 36.10
C ALA A 563 -0.04 17.11 35.01
N VAL A 564 1.21 16.84 34.63
CA VAL A 564 1.49 15.93 33.53
C VAL A 564 2.49 14.88 33.95
N PHE A 565 2.05 13.64 34.04
CA PHE A 565 2.90 12.54 34.42
C PHE A 565 3.45 11.94 33.14
N ALA A 566 4.71 12.18 32.88
CA ALA A 566 5.32 11.71 31.66
C ALA A 566 6.15 10.45 31.83
N THR A 567 6.37 10.01 33.06
CA THR A 567 7.24 8.87 33.35
C THR A 567 8.62 9.04 32.71
N GLY A 568 9.24 7.92 32.33
CA GLY A 568 10.58 7.90 31.74
C GLY A 568 10.74 8.04 30.26
N GLN A 569 10.01 7.20 29.53
CA GLN A 569 10.12 7.03 28.09
C GLN A 569 9.28 5.83 27.72
N GLY A 570 9.17 5.52 26.44
CA GLY A 570 8.70 4.19 26.06
C GLY A 570 7.34 3.78 25.51
N ALA A 571 6.25 4.51 25.73
CA ALA A 571 6.18 5.66 26.59
C ALA A 571 4.86 5.64 27.31
N SER A 572 4.82 6.28 28.46
CA SER A 572 3.55 6.62 29.08
C SER A 572 3.22 8.00 28.56
N ALA A 573 2.25 8.07 27.66
CA ALA A 573 1.96 9.30 26.95
C ALA A 573 1.65 10.41 27.96
N VAL A 574 2.01 11.67 27.68
CA VAL A 574 2.64 12.17 26.42
C VAL A 574 4.10 11.82 26.24
N GLY A 575 4.58 11.97 25.00
CA GLY A 575 5.96 11.69 24.67
C GLY A 575 6.91 12.84 24.89
N LEU A 576 6.45 13.93 25.51
CA LEU A 576 7.33 14.96 26.05
C LEU A 576 8.09 15.66 24.94
N THR A 577 8.10 15.06 23.78
CA THR A 577 8.67 15.63 22.59
C THR A 577 7.49 15.90 21.70
N ALA A 578 7.17 17.17 21.53
CA ALA A 578 6.15 17.54 20.58
C ALA A 578 6.56 17.12 19.19
N SER A 579 5.60 16.64 18.41
CA SER A 579 5.83 16.36 17.01
C SER A 579 4.52 16.45 16.27
N VAL A 580 4.60 16.78 14.99
CA VAL A 580 3.44 16.77 14.11
C VAL A 580 3.65 15.63 13.13
N ARG A 581 2.67 14.77 13.03
CA ARG A 581 2.83 13.56 12.26
C ARG A 581 1.50 13.21 11.60
N LYS A 582 1.55 12.30 10.64
CA LYS A 582 0.32 11.76 10.07
C LYS A 582 -0.50 11.03 11.13
N ASP A 583 -1.82 11.37 11.22
CA ASP A 583 -2.70 10.80 12.25
C ASP A 583 -2.93 9.31 12.01
N PRO A 584 -3.67 8.61 12.88
CA PRO A 584 -3.93 7.20 12.58
C PRO A 584 -4.53 7.12 11.20
N ILE A 585 -3.79 6.46 10.29
CA ILE A 585 -4.21 6.31 8.90
C ILE A 585 -4.55 7.68 8.30
N THR A 586 -5.86 7.93 8.09
CA THR A 586 -6.35 9.05 7.28
C THR A 586 -7.11 10.09 8.12
N LYS A 587 -6.43 11.20 8.41
CA LYS A 587 -7.01 12.45 8.91
C LYS A 587 -5.98 13.55 8.69
N GLU A 588 -6.41 14.81 8.80
CA GLU A 588 -5.49 15.93 8.62
C GLU A 588 -4.50 16.00 9.78
N TRP A 589 -3.25 16.39 9.48
CA TRP A 589 -2.07 15.93 10.23
C TRP A 589 -1.76 16.80 11.45
N THR A 590 -1.90 16.21 12.62
CA THR A 590 -2.19 16.95 13.83
C THR A 590 -0.95 17.23 14.67
N LEU A 591 -0.71 18.51 14.94
CA LEU A 591 0.42 18.97 15.71
C LEU A 591 0.16 18.90 17.20
N GLU A 592 0.92 18.02 17.87
CA GLU A 592 0.73 17.71 19.29
C GLU A 592 1.96 18.09 20.09
N GLY A 593 1.74 18.38 21.39
CA GLY A 593 2.84 18.75 22.26
C GLY A 593 3.37 17.62 23.12
N GLY A 594 4.59 17.81 23.60
CA GLY A 594 5.10 16.99 24.67
C GLY A 594 4.37 17.35 25.94
N ALA A 595 4.66 16.61 27.01
CA ALA A 595 3.99 16.89 28.27
C ALA A 595 4.18 18.33 28.69
N LEU A 596 5.28 18.93 28.25
CA LEU A 596 5.66 20.25 28.75
C LEU A 596 4.64 21.30 28.35
N VAL A 597 4.48 21.49 27.03
CA VAL A 597 3.54 22.48 26.55
C VAL A 597 2.17 22.17 27.12
N LEU A 598 1.82 20.89 27.13
CA LEU A 598 0.65 20.43 27.84
C LEU A 598 0.63 20.96 29.27
N ALA A 599 1.74 20.79 29.99
CA ALA A 599 1.82 21.21 31.37
C ALA A 599 2.25 22.66 31.50
N ASP A 600 2.31 23.40 30.40
CA ASP A 600 2.69 24.80 30.49
C ASP A 600 1.87 25.47 31.57
N LYS A 601 2.57 26.13 32.47
CA LYS A 601 1.96 26.74 33.64
C LYS A 601 1.39 25.67 34.56
N GLY A 602 1.24 24.46 34.08
CA GLY A 602 0.95 23.33 34.91
C GLY A 602 2.26 22.77 35.40
N VAL A 603 2.28 21.48 35.66
CA VAL A 603 3.46 20.85 36.24
C VAL A 603 3.82 19.63 35.42
N CYS A 604 5.11 19.45 35.20
CA CYS A 604 5.60 18.31 34.45
C CYS A 604 6.11 17.25 35.41
N LEU A 605 5.53 16.06 35.32
CA LEU A 605 5.85 14.96 36.21
C LEU A 605 6.48 13.86 35.39
N ILE A 606 7.71 13.53 35.72
CA ILE A 606 8.40 12.51 34.98
C ILE A 606 9.40 11.85 35.91
N ASP A 607 9.75 10.62 35.55
CA ASP A 607 10.74 9.87 36.29
C ASP A 607 11.58 9.11 35.29
N GLU A 608 12.66 8.52 35.76
CA GLU A 608 13.54 7.71 34.92
C GLU A 608 14.03 8.49 33.71
N PHE A 609 14.73 9.57 34.03
CA PHE A 609 15.42 10.32 32.98
C PHE A 609 16.59 9.53 32.48
N ASP A 610 17.28 8.83 33.37
CA ASP A 610 18.26 7.88 32.91
C ASP A 610 17.67 7.02 31.81
N LYS A 611 16.38 6.74 31.90
CA LYS A 611 15.66 5.98 30.89
C LYS A 611 15.27 6.83 29.71
N MET A 612 15.64 8.10 29.69
CA MET A 612 15.23 8.98 28.63
C MET A 612 16.24 8.98 27.50
N ASN A 613 15.75 8.81 26.28
CA ASN A 613 16.60 8.93 25.09
C ASN A 613 17.04 10.36 24.89
N ASP A 614 18.28 10.51 24.45
CA ASP A 614 18.84 11.84 24.22
C ASP A 614 17.94 12.66 23.33
N GLN A 615 17.29 12.01 22.38
CA GLN A 615 16.31 12.70 21.57
C GLN A 615 15.42 13.54 22.43
N ASP A 616 14.88 12.95 23.47
CA ASP A 616 14.18 13.75 24.45
C ASP A 616 15.13 14.69 25.16
N ARG A 617 16.29 14.19 25.57
CA ARG A 617 17.14 14.95 26.48
C ARG A 617 17.38 16.36 25.95
N THR A 618 17.71 16.47 24.67
CA THR A 618 17.83 17.77 24.05
C THR A 618 16.59 18.60 24.27
N SER A 619 15.42 18.03 24.02
CA SER A 619 14.18 18.76 24.23
C SER A 619 14.16 19.32 25.64
N ILE A 620 14.44 18.47 26.61
CA ILE A 620 14.38 18.89 28.00
C ILE A 620 15.30 20.08 28.23
N HIS A 621 16.58 19.90 27.93
CA HIS A 621 17.52 21.00 28.11
C HIS A 621 16.98 22.25 27.46
N GLU A 622 16.45 22.11 26.26
CA GLU A 622 15.99 23.24 25.49
C GLU A 622 14.94 24.02 26.26
N ALA A 623 13.89 23.34 26.66
CA ALA A 623 12.86 24.02 27.42
C ALA A 623 13.46 24.64 28.67
N MET A 624 14.10 23.82 29.51
CA MET A 624 14.65 24.32 30.76
C MET A 624 15.40 25.61 30.51
N GLU A 625 16.12 25.66 29.41
CA GLU A 625 16.85 26.86 29.07
C GLU A 625 15.88 27.94 28.65
N GLN A 626 15.27 27.75 27.50
CA GLN A 626 14.42 28.74 26.89
C GLN A 626 13.06 28.82 27.53
N GLN A 627 12.62 27.78 28.22
CA GLN A 627 11.26 27.71 28.74
C GLN A 627 10.24 27.81 27.62
N SER A 628 10.66 27.54 26.39
CA SER A 628 9.75 27.57 25.27
C SER A 628 10.20 26.55 24.28
N ILE A 629 9.24 25.97 23.60
CA ILE A 629 9.49 24.86 22.70
C ILE A 629 9.26 25.35 21.29
N SER A 630 10.34 25.51 20.56
CA SER A 630 10.27 25.86 19.16
C SER A 630 10.13 24.61 18.32
N ILE A 631 9.35 24.67 17.25
CA ILE A 631 9.17 23.54 16.36
C ILE A 631 9.18 24.04 14.93
N SER A 632 10.07 23.51 14.10
CA SER A 632 10.18 23.90 12.70
C SER A 632 9.60 22.91 11.69
N LYS A 633 9.11 21.75 12.12
CA LYS A 633 8.73 20.71 11.16
C LYS A 633 7.27 20.29 11.26
N ALA A 634 6.63 19.95 10.14
CA ALA A 634 7.27 19.92 8.82
C ALA A 634 7.32 21.31 8.23
N GLY A 635 6.18 21.79 7.77
CA GLY A 635 6.12 23.16 7.32
C GLY A 635 5.96 24.10 8.49
N ILE A 636 5.17 23.68 9.48
CA ILE A 636 4.91 24.53 10.62
C ILE A 636 6.21 24.80 11.36
N VAL A 637 6.44 26.06 11.68
CA VAL A 637 7.61 26.46 12.43
C VAL A 637 7.12 27.36 13.56
N THR A 638 7.28 26.93 14.80
CA THR A 638 6.75 27.69 15.92
C THR A 638 7.66 27.54 17.12
N THR A 639 7.33 28.27 18.19
CA THR A 639 7.82 28.00 19.53
C THR A 639 6.63 28.01 20.46
N LEU A 640 6.28 26.85 20.97
CA LEU A 640 5.30 26.88 22.04
C LEU A 640 6.00 27.31 23.32
N GLN A 641 5.20 27.77 24.27
CA GLN A 641 5.72 28.20 25.56
C GLN A 641 5.20 27.26 26.62
N ALA A 642 6.07 26.44 27.15
CA ALA A 642 5.74 25.58 28.25
C ALA A 642 6.28 26.22 29.51
N ARG A 643 5.41 26.54 30.44
CA ARG A 643 5.82 27.14 31.68
C ARG A 643 5.96 26.13 32.82
N CYS A 644 5.77 24.85 32.54
CA CYS A 644 5.69 23.83 33.59
C CYS A 644 6.92 23.82 34.50
N SER A 645 6.69 23.47 35.77
CA SER A 645 7.79 23.25 36.71
C SER A 645 8.21 21.79 36.64
N ILE A 646 9.50 21.56 36.81
CA ILE A 646 10.06 20.25 36.60
C ILE A 646 10.12 19.51 37.91
N ILE A 647 9.56 18.32 37.92
CA ILE A 647 9.62 17.43 39.07
C ILE A 647 10.09 16.08 38.58
N ALA A 648 11.14 15.57 39.21
CA ALA A 648 11.84 14.44 38.64
C ALA A 648 12.24 13.43 39.70
N ALA A 649 11.87 12.18 39.46
CA ALA A 649 12.39 11.06 40.22
C ALA A 649 13.46 10.38 39.39
N ALA A 650 14.56 10.01 40.03
CA ALA A 650 15.68 9.39 39.32
C ALA A 650 16.31 8.28 40.14
N ASN A 651 17.17 7.50 39.48
CA ASN A 651 17.78 6.30 40.05
C ASN A 651 19.28 6.49 40.20
N PRO A 652 19.79 6.62 41.42
CA PRO A 652 21.24 6.65 41.60
C PRO A 652 21.80 5.48 40.84
N ASN A 653 22.79 5.78 40.05
CA ASN A 653 23.27 4.75 39.17
C ASN A 653 23.51 3.53 40.04
N GLY A 654 22.86 2.44 39.67
CA GLY A 654 22.94 1.23 40.45
C GLY A 654 22.57 1.45 41.89
N GLY A 655 23.54 1.17 42.75
CA GLY A 655 23.34 1.16 44.16
C GLY A 655 22.65 2.41 44.63
N ARG A 656 21.88 2.21 45.68
CA ARG A 656 21.17 3.29 46.31
C ARG A 656 22.09 4.51 46.45
N TYR A 657 23.08 4.40 47.31
CA TYR A 657 24.12 5.41 47.34
C TYR A 657 25.20 4.88 46.44
N ASN A 658 25.33 5.50 45.29
CA ASN A 658 26.39 5.04 44.43
C ASN A 658 27.73 5.22 45.13
N SER A 659 28.04 6.43 45.57
CA SER A 659 29.34 6.62 46.16
C SER A 659 29.31 7.75 47.15
N THR A 660 30.22 7.67 48.11
CA THR A 660 30.63 8.88 48.81
C THR A 660 30.99 9.95 47.82
N LEU A 661 31.47 9.55 46.65
CA LEU A 661 31.81 10.45 45.57
C LEU A 661 30.63 11.36 45.36
N PRO A 662 30.87 12.58 44.91
CA PRO A 662 29.77 13.52 44.76
C PRO A 662 28.66 12.89 43.95
N LEU A 663 27.46 13.40 44.20
CA LEU A 663 26.28 12.82 43.57
C LEU A 663 26.41 12.79 42.06
N ALA A 664 26.89 13.87 41.48
CA ALA A 664 27.10 13.89 40.04
C ALA A 664 27.90 12.68 39.63
N GLN A 665 28.92 12.34 40.40
CA GLN A 665 29.50 11.03 40.30
C GLN A 665 28.50 9.96 40.68
N ASN A 666 27.80 10.14 41.80
CA ASN A 666 26.93 9.07 42.28
C ASN A 666 25.75 8.83 41.35
N VAL A 667 25.55 9.68 40.35
CA VAL A 667 24.43 9.46 39.45
C VAL A 667 24.82 9.74 38.02
N SER A 668 23.97 9.27 37.11
CA SER A 668 24.33 9.21 35.70
C SER A 668 24.25 10.57 35.03
N LEU A 669 23.16 11.29 35.24
CA LEU A 669 22.78 12.36 34.31
C LEU A 669 23.80 13.47 34.27
N THR A 670 23.77 14.23 33.16
CA THR A 670 24.76 15.26 32.91
C THR A 670 24.59 16.44 33.83
N GLU A 671 25.71 16.91 34.34
CA GLU A 671 25.69 18.06 35.24
C GLU A 671 25.08 19.29 34.59
N PRO A 672 25.35 19.59 33.32
CA PRO A 672 24.74 20.81 32.78
C PRO A 672 23.24 20.80 32.93
N ILE A 673 22.63 19.69 32.53
CA ILE A 673 21.22 19.52 32.82
C ILE A 673 20.99 19.65 34.31
N LEU A 674 21.88 19.08 35.11
CA LEU A 674 21.63 19.02 36.55
C LEU A 674 21.56 20.41 37.15
N SER A 675 22.54 21.23 36.84
CA SER A 675 22.58 22.59 37.33
C SER A 675 21.26 23.27 37.09
N ARG A 676 20.60 22.93 35.99
CA ARG A 676 19.25 23.43 35.80
C ARG A 676 18.36 23.02 36.96
N PHE A 677 18.50 21.81 37.46
CA PHE A 677 17.64 21.39 38.57
C PHE A 677 18.12 22.06 39.83
N ASP A 678 17.24 22.83 40.44
CA ASP A 678 17.61 23.48 41.68
C ASP A 678 17.50 22.51 42.85
N ILE A 679 16.37 21.83 42.98
CA ILE A 679 16.05 21.09 44.19
C ILE A 679 16.47 19.67 43.96
N LEU A 680 17.47 19.24 44.69
CA LEU A 680 17.98 17.89 44.59
C LEU A 680 17.61 17.15 45.85
N CYS A 681 16.74 16.17 45.72
CA CYS A 681 16.31 15.40 46.87
C CYS A 681 17.00 14.04 46.82
N VAL A 682 17.99 13.86 47.67
CA VAL A 682 18.72 12.59 47.76
C VAL A 682 18.02 11.70 48.79
N VAL A 683 18.04 10.40 48.56
CA VAL A 683 17.40 9.46 49.47
C VAL A 683 18.43 8.52 50.06
N ARG A 684 18.11 7.99 51.25
CA ARG A 684 18.99 7.16 52.07
C ARG A 684 18.07 6.19 52.84
N ASP A 685 18.52 5.28 53.72
CA ASP A 685 19.87 5.12 54.26
C ASP A 685 20.23 3.67 54.52
N LEU A 686 21.38 3.52 55.17
CA LEU A 686 21.74 2.25 55.75
C LEU A 686 20.64 1.82 56.70
N VAL A 687 20.50 0.50 56.85
CA VAL A 687 19.48 -0.02 57.74
C VAL A 687 19.61 0.64 59.10
N ASP A 688 18.47 1.05 59.65
CA ASP A 688 18.42 1.66 60.96
C ASP A 688 17.31 1.02 61.77
N GLU A 689 17.63 0.60 62.99
CA GLU A 689 16.73 -0.19 63.80
C GLU A 689 15.39 0.50 64.00
N GLU A 690 15.39 1.55 64.81
CA GLU A 690 14.15 2.25 65.11
C GLU A 690 13.50 2.74 63.84
N ALA A 691 14.31 3.13 62.87
CA ALA A 691 13.73 3.53 61.60
C ALA A 691 12.89 2.41 61.05
N ASP A 692 13.51 1.24 60.87
CA ASP A 692 12.78 0.07 60.46
C ASP A 692 11.53 -0.10 61.30
N GLU A 693 11.65 0.17 62.59
CA GLU A 693 10.50 0.07 63.46
C GLU A 693 9.39 0.98 62.98
N ARG A 694 9.61 2.28 63.13
CA ARG A 694 8.57 3.26 62.86
C ARG A 694 7.95 3.02 61.51
N LEU A 695 8.78 2.90 60.49
CA LEU A 695 8.26 2.66 59.16
C LEU A 695 7.41 1.42 59.15
N ALA A 696 8.06 0.28 59.36
CA ALA A 696 7.37 -1.00 59.25
C ALA A 696 6.05 -0.94 59.96
N THR A 697 6.06 -0.32 61.12
CA THR A 697 4.80 0.01 61.78
C THR A 697 3.89 0.72 60.81
N PHE A 698 4.36 1.82 60.24
CA PHE A 698 3.48 2.62 59.43
C PHE A 698 2.87 1.78 58.35
N VAL A 699 3.72 1.19 57.54
CA VAL A 699 3.27 0.32 56.48
C VAL A 699 2.26 -0.65 57.01
N VAL A 700 2.71 -1.50 57.92
CA VAL A 700 1.88 -2.56 58.46
C VAL A 700 0.51 -2.02 58.79
N ASP A 701 0.51 -0.90 59.50
CA ASP A 701 -0.73 -0.21 59.77
C ASP A 701 -1.53 -0.05 58.52
N SER A 702 -0.89 0.48 57.50
CA SER A 702 -1.60 0.72 56.26
C SER A 702 -2.23 -0.56 55.76
N HIS A 703 -1.40 -1.51 55.36
CA HIS A 703 -1.92 -2.72 54.78
C HIS A 703 -3.03 -3.27 55.65
N VAL A 704 -2.85 -3.16 56.95
CA VAL A 704 -3.86 -3.58 57.89
C VAL A 704 -5.19 -2.92 57.54
N ARG A 705 -5.16 -1.65 57.18
CA ARG A 705 -6.37 -1.04 56.68
C ARG A 705 -6.81 -1.78 55.42
N SER A 706 -8.07 -2.21 55.40
CA SER A 706 -8.60 -2.94 54.25
C SER A 706 -10.11 -3.07 54.31
N SER A 756 -3.99 16.34 62.11
CA SER A 756 -3.23 17.58 62.18
C SER A 756 -3.02 18.20 60.79
N PRO A 757 -2.94 17.36 59.77
CA PRO A 757 -2.73 17.87 58.41
C PRO A 757 -4.01 18.44 57.84
N ILE A 758 -3.84 19.41 56.94
CA ILE A 758 -4.98 20.09 56.32
C ILE A 758 -5.87 19.08 55.64
N PRO A 759 -7.19 19.25 55.70
CA PRO A 759 -8.03 18.46 54.81
C PRO A 759 -7.53 18.65 53.42
N GLN A 760 -7.28 17.54 52.75
CA GLN A 760 -6.63 17.63 51.47
C GLN A 760 -7.36 18.58 50.57
N GLU A 761 -8.65 18.35 50.35
CA GLU A 761 -9.39 19.20 49.44
C GLU A 761 -9.19 20.66 49.80
N LEU A 762 -9.26 20.96 51.09
CA LEU A 762 -8.92 22.28 51.54
C LEU A 762 -7.61 22.72 50.98
N LEU A 763 -6.58 21.93 51.18
CA LEU A 763 -5.31 22.25 50.57
C LEU A 763 -5.47 22.44 49.07
N MET A 764 -6.29 21.62 48.44
CA MET A 764 -6.33 21.51 46.99
C MET A 764 -6.85 22.77 46.36
N LYS A 765 -7.97 23.25 46.84
CA LYS A 765 -8.33 24.58 46.45
C LYS A 765 -7.25 25.57 46.85
N TYR A 766 -6.68 25.38 48.04
CA TYR A 766 -5.86 26.41 48.64
C TYR A 766 -4.73 26.82 47.71
N ILE A 767 -3.98 25.85 47.23
CA ILE A 767 -2.84 26.17 46.37
C ILE A 767 -3.32 26.90 45.15
N HIS A 768 -4.32 26.34 44.47
CA HIS A 768 -4.91 27.01 43.33
C HIS A 768 -5.20 28.45 43.67
N TYR A 769 -5.76 28.67 44.85
CA TYR A 769 -6.16 30.00 45.27
C TYR A 769 -4.96 30.92 45.41
N ALA A 770 -4.06 30.60 46.33
CA ALA A 770 -2.93 31.47 46.59
C ALA A 770 -2.15 31.72 45.31
N ARG A 771 -1.93 30.65 44.56
CA ARG A 771 -1.38 30.77 43.23
C ARG A 771 -2.11 31.85 42.46
N THR A 772 -3.44 31.78 42.44
CA THR A 772 -4.19 32.79 41.73
C THR A 772 -3.92 34.17 42.31
N LYS A 773 -4.16 34.33 43.60
CA LYS A 773 -4.27 35.66 44.16
C LYS A 773 -2.93 36.34 44.38
N ILE A 774 -2.02 35.69 45.09
CA ILE A 774 -0.99 36.40 45.83
C ILE A 774 0.26 36.54 44.98
N TYR A 775 0.97 37.65 45.15
CA TYR A 775 2.25 37.89 44.47
C TYR A 775 3.22 38.54 45.45
N PRO A 776 3.90 37.74 46.27
CA PRO A 776 4.78 38.32 47.28
C PRO A 776 5.86 39.19 46.67
N LYS A 777 6.32 40.15 47.46
CA LYS A 777 7.35 41.04 46.96
C LYS A 777 8.34 41.39 48.05
N LEU A 778 9.61 41.26 47.73
CA LEU A 778 10.61 41.61 48.71
C LEU A 778 10.69 43.11 48.90
N HIS A 779 11.21 43.51 50.05
CA HIS A 779 11.66 44.86 50.28
C HIS A 779 13.18 44.83 50.35
N GLN A 780 13.82 45.46 49.36
CA GLN A 780 15.28 45.41 49.27
C GLN A 780 15.94 45.89 50.54
N MET A 781 15.20 46.64 51.37
CA MET A 781 15.77 47.30 52.53
C MET A 781 16.66 46.36 53.32
N ASP A 782 16.06 45.36 53.96
CA ASP A 782 16.82 44.48 54.81
C ASP A 782 17.37 43.28 54.06
N MET A 783 16.94 43.09 52.83
CA MET A 783 17.24 41.88 52.09
C MET A 783 18.72 41.73 51.79
N ASP A 784 19.47 42.82 51.82
CA ASP A 784 20.86 42.76 51.38
C ASP A 784 21.64 41.68 52.09
N LYS A 785 21.31 41.40 53.34
CA LYS A 785 22.03 40.41 54.11
C LYS A 785 22.19 39.14 53.30
N VAL A 786 21.20 38.86 52.46
CA VAL A 786 21.28 37.71 51.57
C VAL A 786 22.62 37.68 50.88
N SER A 787 23.01 38.78 50.27
CA SER A 787 24.28 38.81 49.58
C SER A 787 25.39 38.36 50.51
N ARG A 788 25.46 38.99 51.68
CA ARG A 788 26.48 38.62 52.65
C ARG A 788 26.51 37.13 52.82
N VAL A 789 25.35 36.55 53.05
CA VAL A 789 25.24 35.11 53.08
C VAL A 789 25.91 34.52 51.85
N TYR A 790 25.55 35.02 50.67
CA TYR A 790 26.01 34.43 49.44
C TYR A 790 27.51 34.29 49.45
N ALA A 791 28.18 35.32 49.92
CA ALA A 791 29.62 35.23 50.04
C ALA A 791 30.02 34.20 51.07
N ASP A 792 29.50 34.36 52.29
CA ASP A 792 29.88 33.50 53.41
C ASP A 792 29.86 32.06 52.98
N LEU A 793 28.82 31.70 52.26
CA LEU A 793 28.82 30.46 51.51
C LEU A 793 29.98 30.39 50.57
N ARG A 794 29.95 31.21 49.53
CA ARG A 794 30.73 31.03 48.34
C ARG A 794 32.15 30.70 48.70
N ARG A 795 32.80 31.65 49.37
CA ARG A 795 34.21 31.51 49.68
C ARG A 795 34.49 30.21 50.40
N GLU A 796 33.97 30.10 51.62
CA GLU A 796 34.19 28.92 52.42
C GLU A 796 33.90 27.65 51.64
N SER A 797 32.94 27.71 50.73
CA SER A 797 32.55 26.60 49.89
C SER A 797 33.60 26.26 48.86
N ILE A 798 34.32 27.25 48.36
CA ILE A 798 35.33 26.96 47.38
C ILE A 798 36.36 26.01 47.96
N SER A 799 36.57 26.08 49.28
CA SER A 799 37.62 25.31 49.91
C SER A 799 37.47 23.81 49.62
N THR A 800 36.27 23.28 49.80
CA THR A 800 36.05 21.86 49.58
C THR A 800 34.90 21.72 48.58
N GLY A 801 35.06 20.85 47.61
CA GLY A 801 33.95 20.54 46.72
C GLY A 801 33.86 21.50 45.54
N SER A 802 33.33 20.97 44.44
CA SER A 802 33.28 21.73 43.20
C SER A 802 32.04 21.45 42.36
N PHE A 803 31.48 22.52 41.81
CA PHE A 803 31.78 23.86 42.29
C PHE A 803 31.14 23.95 43.67
N PRO A 804 29.87 23.52 43.77
CA PRO A 804 28.75 23.55 42.83
C PRO A 804 28.20 24.96 42.82
N ILE A 805 28.58 25.70 43.86
CA ILE A 805 27.92 26.96 44.20
C ILE A 805 27.88 27.89 43.01
N THR A 806 26.72 28.50 42.78
CA THR A 806 26.57 29.41 41.67
C THR A 806 25.51 30.44 42.01
N VAL A 807 25.62 31.59 41.38
CA VAL A 807 24.66 32.64 41.59
C VAL A 807 23.29 32.13 41.19
N ARG A 808 23.24 31.29 40.16
CA ARG A 808 21.98 30.65 39.83
C ARG A 808 21.39 30.06 41.08
N HIS A 809 22.19 29.26 41.77
CA HIS A 809 21.80 28.76 43.06
C HIS A 809 21.34 29.88 43.98
N LEU A 810 21.99 31.03 43.94
CA LEU A 810 21.52 32.12 44.78
C LEU A 810 20.09 32.49 44.40
N GLU A 811 19.88 32.79 43.13
CA GLU A 811 18.57 33.12 42.63
C GLU A 811 17.55 32.13 43.13
N SER A 812 17.89 30.87 43.01
CA SER A 812 17.02 29.85 43.52
C SER A 812 16.57 30.19 44.92
N ILE A 813 17.50 30.52 45.81
CA ILE A 813 17.14 30.82 47.19
C ILE A 813 16.01 31.81 47.21
N LEU A 814 16.20 32.89 46.44
CA LEU A 814 15.18 33.91 46.34
C LEU A 814 13.84 33.29 45.96
N ARG A 815 13.78 32.73 44.77
CA ARG A 815 12.52 32.19 44.27
C ARG A 815 11.85 31.34 45.33
N ILE A 816 12.67 30.57 46.04
CA ILE A 816 12.17 29.62 47.03
C ILE A 816 11.48 30.34 48.17
N ALA A 817 12.23 31.17 48.88
CA ALA A 817 11.63 31.85 50.01
C ALA A 817 10.34 32.51 49.57
N GLU A 818 10.32 33.04 48.34
CA GLU A 818 9.10 33.60 47.80
C GLU A 818 7.98 32.59 47.76
N SER A 819 8.26 31.36 47.32
CA SER A 819 7.26 30.32 47.45
C SER A 819 6.74 30.26 48.87
N PHE A 820 7.65 30.21 49.85
CA PHE A 820 7.22 30.17 51.24
C PHE A 820 6.31 31.33 51.59
N ALA A 821 6.57 32.50 51.01
CA ALA A 821 5.69 33.63 51.24
C ALA A 821 4.31 33.37 50.67
N LYS A 822 4.25 32.80 49.47
CA LYS A 822 2.97 32.38 48.94
C LYS A 822 2.28 31.43 49.91
N MET A 823 3.02 30.47 50.42
CA MET A 823 2.55 29.69 51.54
C MET A 823 2.10 30.59 52.66
N ARG A 824 2.97 31.48 53.10
CA ARG A 824 2.52 32.47 54.06
C ARG A 824 1.40 33.33 53.50
N LEU A 825 1.18 33.31 52.18
CA LEU A 825 0.26 34.22 51.51
C LEU A 825 0.63 35.66 51.84
N SER A 826 1.93 35.94 51.85
CA SER A 826 2.46 37.11 52.52
C SER A 826 2.59 38.37 51.66
N GLU A 827 2.51 38.26 50.34
CA GLU A 827 2.47 39.43 49.45
C GLU A 827 3.77 40.24 49.49
N PHE A 828 4.57 40.00 50.51
CA PHE A 828 5.86 40.65 50.64
C PHE A 828 6.75 39.70 51.41
N VAL A 829 8.04 39.98 51.40
CA VAL A 829 9.01 39.00 51.87
C VAL A 829 9.31 39.19 53.35
N SER A 830 9.56 38.07 54.07
CA SER A 830 9.80 38.05 55.52
C SER A 830 10.96 37.12 55.90
N SER A 831 11.70 37.55 56.93
CA SER A 831 12.90 36.85 57.37
C SER A 831 12.61 35.39 57.67
N TYR A 832 11.41 35.09 58.13
CA TYR A 832 11.09 33.70 58.39
C TYR A 832 11.25 32.87 57.13
N ASP A 833 10.50 33.23 56.08
CA ASP A 833 10.60 32.50 54.83
C ASP A 833 12.03 32.42 54.37
N LEU A 834 12.80 33.46 54.66
CA LEU A 834 14.22 33.43 54.39
C LEU A 834 14.86 32.26 55.10
N ASP A 835 14.72 32.22 56.42
CA ASP A 835 15.27 31.14 57.20
C ASP A 835 14.92 29.81 56.55
N ARG A 836 13.65 29.66 56.20
CA ARG A 836 13.19 28.49 55.49
C ARG A 836 14.09 28.20 54.31
N ALA A 837 14.00 29.05 53.29
CA ALA A 837 14.72 28.81 52.05
C ALA A 837 16.17 28.50 52.33
N ILE A 838 16.82 29.37 53.07
CA ILE A 838 18.23 29.20 53.36
C ILE A 838 18.51 27.81 53.89
N LYS A 839 17.84 27.46 54.97
CA LYS A 839 18.00 26.12 55.48
C LYS A 839 17.87 25.13 54.34
N VAL A 840 16.84 25.31 53.52
CA VAL A 840 16.58 24.37 52.46
C VAL A 840 17.78 24.26 51.53
N VAL A 841 17.99 25.29 50.73
CA VAL A 841 19.04 25.25 49.72
C VAL A 841 20.34 24.81 50.36
N VAL A 842 20.65 25.43 51.49
CA VAL A 842 21.84 25.09 52.24
C VAL A 842 21.96 23.59 52.34
N ASP A 843 21.03 22.98 53.04
CA ASP A 843 21.06 21.56 53.23
C ASP A 843 21.23 20.83 51.92
N SER A 844 20.46 21.21 50.90
CA SER A 844 20.54 20.53 49.63
C SER A 844 21.99 20.46 49.17
N PHE A 845 22.62 21.62 49.07
CA PHE A 845 24.00 21.67 48.66
C PHE A 845 24.84 20.76 49.54
N VAL A 846 24.68 20.87 50.86
CA VAL A 846 25.45 20.06 51.77
C VAL A 846 25.37 18.60 51.36
N ASP A 847 24.14 18.12 51.25
CA ASP A 847 23.88 16.74 50.89
C ASP A 847 24.54 16.33 49.60
N ALA A 848 24.70 17.26 48.66
CA ALA A 848 25.25 16.85 47.37
C ALA A 848 26.66 16.32 47.47
N GLN A 849 27.47 16.90 48.35
CA GLN A 849 28.90 16.76 48.28
C GLN A 849 29.34 15.34 48.58
N LYS A 850 30.60 15.08 48.28
CA LYS A 850 31.18 13.85 48.71
C LYS A 850 31.28 13.86 50.23
N VAL A 851 31.76 12.76 50.79
CA VAL A 851 31.76 12.61 52.24
C VAL A 851 32.51 13.72 52.93
N SER A 852 33.46 14.35 52.25
CA SER A 852 34.15 15.49 52.80
C SER A 852 33.18 16.57 53.23
N VAL A 853 31.95 16.52 52.71
CA VAL A 853 30.90 17.39 53.20
C VAL A 853 30.79 17.34 54.72
N ARG A 854 31.19 16.24 55.33
CA ARG A 854 31.26 16.19 56.78
C ARG A 854 32.01 17.39 57.32
N ARG A 855 33.20 17.63 56.79
CA ARG A 855 33.94 18.81 57.18
C ARG A 855 33.10 20.06 56.98
N GLN A 856 32.39 20.12 55.87
CA GLN A 856 31.57 21.30 55.59
C GLN A 856 30.56 21.51 56.70
N LEU A 857 29.99 20.43 57.21
CA LEU A 857 28.90 20.52 58.14
C LEU A 857 29.20 21.50 59.25
N ARG A 858 30.44 21.50 59.72
CA ARG A 858 30.83 22.34 60.83
C ARG A 858 30.42 23.79 60.64
N ARG A 859 30.42 24.29 59.42
CA ARG A 859 30.11 25.70 59.19
C ARG A 859 28.63 25.96 58.98
N SER A 860 27.84 24.93 58.70
CA SER A 860 26.43 25.16 58.46
C SER A 860 25.70 25.59 59.72
N PHE A 861 26.36 25.50 60.87
CA PHE A 861 25.71 25.90 62.10
C PHE A 861 25.20 27.32 62.01
N ALA A 862 26.10 28.25 61.69
CA ALA A 862 25.64 29.61 61.43
C ALA A 862 24.53 29.60 60.41
N ILE A 863 24.66 28.76 59.41
CA ILE A 863 23.57 28.62 58.45
C ILE A 863 22.35 27.99 59.09
N TYR A 864 22.53 27.22 60.16
CA TYR A 864 21.40 26.53 60.76
C TYR A 864 20.42 27.51 61.39
N THR B 39 -25.78 -16.63 -63.73
CA THR B 39 -25.99 -15.75 -64.88
C THR B 39 -25.66 -14.30 -64.54
N PHE B 40 -25.94 -13.92 -63.29
CA PHE B 40 -25.62 -12.58 -62.77
C PHE B 40 -26.33 -11.52 -63.61
N PHE B 41 -25.66 -10.44 -64.00
CA PHE B 41 -26.26 -9.33 -64.74
C PHE B 41 -26.06 -9.46 -66.25
N ALA B 42 -25.49 -10.57 -66.72
CA ALA B 42 -25.26 -10.96 -68.11
C ALA B 42 -24.07 -10.22 -68.72
N PRO B 43 -23.38 -10.84 -69.70
CA PRO B 43 -22.13 -10.25 -70.20
C PRO B 43 -22.39 -8.98 -70.98
N ASP B 44 -21.57 -7.98 -70.72
CA ASP B 44 -21.65 -6.72 -71.42
C ASP B 44 -20.54 -6.67 -72.45
N ALA B 45 -20.90 -6.32 -73.67
CA ALA B 45 -19.90 -6.06 -74.70
C ALA B 45 -18.93 -4.99 -74.26
N VAL B 46 -19.31 -4.19 -73.27
CA VAL B 46 -18.30 -3.52 -72.48
C VAL B 46 -17.27 -4.54 -72.02
N PHE B 47 -17.68 -5.42 -71.12
CA PHE B 47 -16.77 -6.45 -70.64
C PHE B 47 -16.27 -7.31 -71.79
N GLY B 48 -17.19 -7.77 -72.64
CA GLY B 48 -16.79 -8.64 -73.73
C GLY B 48 -15.68 -8.05 -74.56
N ASP B 49 -15.83 -6.81 -74.96
CA ASP B 49 -14.81 -6.17 -75.78
C ASP B 49 -13.57 -5.90 -74.96
N ARG B 50 -13.73 -5.66 -73.67
CA ARG B 50 -12.56 -5.43 -72.86
C ARG B 50 -11.69 -6.67 -72.82
N VAL B 51 -12.30 -7.82 -72.53
CA VAL B 51 -11.56 -9.06 -72.55
C VAL B 51 -11.04 -9.33 -73.95
N ARG B 52 -11.95 -9.40 -74.92
CA ARG B 52 -11.57 -9.71 -76.28
C ARG B 52 -10.43 -8.83 -76.73
N ARG B 53 -10.61 -7.54 -76.58
CA ARG B 53 -9.54 -6.60 -76.83
C ARG B 53 -8.26 -7.01 -76.12
N PHE B 54 -8.35 -7.53 -74.89
CA PHE B 54 -7.13 -7.99 -74.27
C PHE B 54 -7.09 -9.48 -74.56
N GLN B 55 -6.59 -9.77 -75.74
CA GLN B 55 -6.36 -11.11 -76.22
C GLN B 55 -5.07 -11.05 -77.00
N GLU B 56 -5.11 -10.29 -78.09
CA GLU B 56 -3.94 -10.04 -78.92
C GLU B 56 -2.76 -9.66 -78.04
N PHE B 57 -2.98 -8.76 -77.12
CA PHE B 57 -2.21 -8.78 -75.93
C PHE B 57 -3.13 -9.54 -75.02
N LEU B 58 -2.63 -10.60 -74.38
CA LEU B 58 -1.20 -10.84 -74.24
C LEU B 58 -0.57 -11.72 -75.29
N ASP B 59 -1.37 -12.18 -76.24
CA ASP B 59 -0.83 -13.00 -77.31
C ASP B 59 0.36 -12.31 -77.95
N THR B 60 0.29 -11.00 -78.07
CA THR B 60 1.45 -10.19 -78.35
C THR B 60 1.40 -9.08 -77.34
N PHE B 61 2.37 -9.02 -76.45
CA PHE B 61 3.54 -9.89 -76.51
C PHE B 61 3.36 -11.24 -75.84
N THR B 62 3.58 -12.30 -76.61
CA THR B 62 3.33 -13.67 -76.20
C THR B 62 4.16 -14.11 -75.00
N SER B 63 5.14 -13.32 -74.60
CA SER B 63 6.05 -13.73 -73.53
C SER B 63 5.30 -14.30 -72.35
N TYR B 64 4.22 -13.65 -71.94
CA TYR B 64 3.44 -14.15 -70.83
C TYR B 64 2.83 -15.50 -71.13
N ARG B 65 2.38 -15.68 -72.39
CA ARG B 65 1.63 -16.87 -72.75
C ARG B 65 2.32 -18.12 -72.25
N ASP B 66 3.63 -18.18 -72.40
CA ASP B 66 4.36 -19.32 -71.87
C ASP B 66 4.63 -19.17 -70.38
N SER B 67 4.72 -17.93 -69.88
CA SER B 67 5.08 -17.73 -68.49
C SER B 67 4.08 -18.42 -67.57
N VAL B 68 2.80 -18.16 -67.80
CA VAL B 68 1.78 -18.85 -67.03
C VAL B 68 2.04 -20.34 -67.06
N ARG B 69 2.22 -20.87 -68.26
CA ARG B 69 2.51 -22.27 -68.42
C ARG B 69 3.62 -22.70 -67.49
N SER B 70 4.64 -21.86 -67.38
CA SER B 70 5.69 -22.13 -66.41
C SER B 70 5.08 -22.31 -65.03
N ILE B 71 4.27 -21.35 -64.60
CA ILE B 71 3.66 -21.47 -63.28
C ILE B 71 2.97 -22.82 -63.13
N GLN B 72 2.09 -23.14 -64.06
CA GLN B 72 1.40 -24.41 -64.06
C GLN B 72 2.38 -25.55 -63.91
N VAL B 73 3.40 -25.54 -64.75
CA VAL B 73 4.41 -26.58 -64.72
C VAL B 73 4.93 -26.74 -63.31
N TYR B 74 5.37 -25.65 -62.71
CA TYR B 74 5.90 -25.69 -61.35
C TYR B 74 4.93 -26.37 -60.41
N ASN B 75 3.66 -25.94 -60.45
CA ASN B 75 2.66 -26.56 -59.61
C ASN B 75 2.59 -28.05 -59.87
N SER B 76 2.52 -28.43 -61.13
CA SER B 76 2.40 -29.83 -61.51
C SER B 76 3.53 -30.65 -60.93
N ASN B 77 4.76 -30.22 -61.19
CA ASN B 77 5.93 -30.91 -60.67
C ASN B 77 5.84 -31.09 -59.17
N ASN B 78 5.53 -30.00 -58.44
CA ASN B 78 5.41 -30.12 -57.00
C ASN B 78 4.33 -31.13 -56.62
N ALA B 79 3.23 -31.14 -57.37
CA ALA B 79 2.16 -32.11 -57.13
C ALA B 79 2.67 -33.53 -57.26
N ALA B 80 3.51 -33.79 -58.26
CA ALA B 80 4.11 -35.11 -58.38
C ALA B 80 5.07 -35.42 -57.25
N ASN B 81 5.78 -34.42 -56.75
CA ASN B 81 6.69 -34.62 -55.64
C ASN B 81 5.95 -35.08 -54.39
N TYR B 82 4.81 -34.46 -54.11
CA TYR B 82 4.04 -34.87 -52.92
C TYR B 82 3.54 -36.30 -53.06
N ASN B 83 2.97 -36.64 -54.22
CA ASN B 83 2.34 -37.94 -54.37
C ASN B 83 3.37 -39.06 -54.43
N ASP B 84 4.30 -38.97 -55.37
CA ASP B 84 5.16 -40.11 -55.69
C ASP B 84 6.37 -40.24 -54.76
N ASP B 85 6.91 -39.12 -54.26
CA ASP B 85 8.17 -39.20 -53.53
C ASP B 85 7.97 -39.80 -52.14
N GLN B 86 7.16 -39.16 -51.30
CA GLN B 86 6.72 -39.76 -50.05
C GLN B 86 5.99 -41.07 -50.27
N ASP B 87 5.45 -41.26 -51.47
CA ASP B 87 5.17 -42.58 -51.91
C ASP B 87 6.46 -43.35 -51.88
N ILE B 117 2.55 -24.93 -56.33
CA ILE B 117 2.72 -24.27 -55.05
C ILE B 117 2.76 -22.76 -55.26
N LEU B 118 3.16 -22.36 -56.46
CA LEU B 118 3.41 -20.96 -56.75
C LEU B 118 2.12 -20.16 -56.84
N PRO B 119 2.21 -18.83 -56.75
CA PRO B 119 1.02 -18.00 -56.90
C PRO B 119 0.60 -17.83 -58.36
N HIS B 120 -0.65 -17.42 -58.56
CA HIS B 120 -1.26 -17.35 -59.87
C HIS B 120 -1.11 -16.00 -60.54
N ARG B 121 -0.63 -14.99 -59.84
CA ARG B 121 -0.48 -13.67 -60.45
C ARG B 121 0.74 -13.69 -61.34
N ILE B 122 0.62 -13.02 -62.47
CA ILE B 122 1.73 -12.89 -63.39
C ILE B 122 1.89 -11.42 -63.69
N ILE B 123 3.13 -10.92 -63.61
CA ILE B 123 3.37 -9.50 -63.79
C ILE B 123 3.07 -9.10 -65.20
N ILE B 124 2.83 -7.81 -65.39
CA ILE B 124 2.58 -7.27 -66.70
C ILE B 124 3.30 -5.94 -66.80
N SER B 125 4.17 -5.80 -67.79
CA SER B 125 4.82 -4.52 -68.02
C SER B 125 3.88 -3.57 -68.71
N LEU B 126 3.70 -2.39 -68.13
CA LEU B 126 2.82 -1.40 -68.74
C LEU B 126 3.41 -0.82 -70.01
N ASP B 127 4.72 -0.97 -70.22
CA ASP B 127 5.34 -0.47 -71.44
C ASP B 127 4.62 -0.99 -72.67
N ASP B 128 4.24 -2.26 -72.64
CA ASP B 128 3.58 -2.87 -73.78
C ASP B 128 2.36 -2.05 -74.20
N LEU B 129 1.46 -1.77 -73.26
CA LEU B 129 0.16 -1.19 -73.60
C LEU B 129 0.31 0.03 -74.48
N ARG B 130 1.12 0.99 -74.05
CA ARG B 130 1.27 2.23 -74.80
C ARG B 130 1.45 1.93 -76.28
N GLU B 131 2.39 1.03 -76.59
CA GLU B 131 2.54 0.61 -77.98
C GLU B 131 1.32 -0.15 -78.46
N PHE B 132 1.00 -1.24 -77.77
CA PHE B 132 -0.14 -2.08 -78.11
C PHE B 132 -1.42 -1.26 -78.07
N ASP B 133 -1.86 -0.86 -76.87
CA ASP B 133 -3.08 -0.08 -76.74
C ASP B 133 -2.81 1.13 -75.88
N ARG B 134 -2.82 2.30 -76.51
CA ARG B 134 -2.70 3.53 -75.75
C ARG B 134 -3.96 3.78 -74.96
N SER B 135 -5.10 3.41 -75.51
CA SER B 135 -6.36 3.65 -74.82
C SER B 135 -6.59 2.64 -73.73
N PHE B 136 -6.10 1.42 -73.89
CA PHE B 136 -6.20 0.49 -72.78
C PHE B 136 -5.18 0.84 -71.72
N TRP B 137 -4.00 1.26 -72.17
CA TRP B 137 -3.02 1.85 -71.27
C TRP B 137 -3.71 2.90 -70.44
N SER B 138 -4.04 4.00 -71.11
CA SER B 138 -4.69 5.12 -70.46
C SER B 138 -5.90 4.69 -69.67
N GLY B 139 -6.62 3.68 -70.16
CA GLY B 139 -7.86 3.30 -69.52
C GLY B 139 -7.64 2.65 -68.18
N ILE B 140 -6.82 1.61 -68.16
CA ILE B 140 -6.48 0.98 -66.90
C ILE B 140 -5.92 2.01 -65.94
N LEU B 141 -4.92 2.78 -66.41
CA LEU B 141 -4.32 3.78 -65.55
C LEU B 141 -5.40 4.63 -64.91
N VAL B 142 -6.24 5.20 -65.74
CA VAL B 142 -7.33 6.01 -65.23
C VAL B 142 -8.39 5.13 -64.59
N GLU B 143 -8.91 4.15 -65.32
CA GLU B 143 -10.08 3.39 -64.90
C GLU B 143 -9.60 1.96 -64.73
N PRO B 144 -8.74 1.74 -63.74
CA PRO B 144 -8.43 0.37 -63.37
C PRO B 144 -9.68 -0.40 -63.05
N ALA B 145 -10.66 0.25 -62.45
CA ALA B 145 -11.90 -0.44 -62.13
C ALA B 145 -12.43 -1.17 -63.34
N TYR B 146 -12.65 -0.44 -64.41
CA TYR B 146 -13.20 -1.05 -65.60
C TYR B 146 -12.21 -2.02 -66.22
N PHE B 147 -11.03 -1.53 -66.54
CA PHE B 147 -10.13 -2.31 -67.37
C PHE B 147 -9.68 -3.58 -66.68
N ILE B 148 -9.41 -3.48 -65.40
CA ILE B 148 -8.75 -4.53 -64.64
C ILE B 148 -9.54 -5.83 -64.68
N PRO B 149 -10.75 -5.83 -64.17
CA PRO B 149 -11.43 -7.08 -63.92
C PRO B 149 -11.58 -7.88 -65.19
N PRO B 150 -11.99 -7.22 -66.29
CA PRO B 150 -12.09 -7.97 -67.54
C PRO B 150 -10.76 -8.55 -67.97
N ALA B 151 -9.68 -7.81 -67.75
CA ALA B 151 -8.36 -8.33 -68.08
C ALA B 151 -8.08 -9.60 -67.28
N GLU B 152 -8.18 -9.50 -65.96
CA GLU B 152 -7.94 -10.67 -65.11
C GLU B 152 -8.77 -11.84 -65.57
N LYS B 153 -10.00 -11.56 -66.00
CA LYS B 153 -10.82 -12.59 -66.61
C LYS B 153 -10.10 -13.22 -67.79
N ALA B 154 -9.70 -12.39 -68.76
CA ALA B 154 -8.98 -12.89 -69.92
C ALA B 154 -7.83 -13.79 -69.49
N LEU B 155 -7.07 -13.32 -68.52
CA LEU B 155 -5.97 -14.11 -67.99
C LEU B 155 -6.45 -15.46 -67.50
N THR B 156 -7.38 -15.48 -66.56
CA THR B 156 -7.85 -16.74 -66.02
C THR B 156 -8.31 -17.66 -67.15
N ASP B 157 -8.89 -17.07 -68.19
CA ASP B 157 -9.36 -17.87 -69.30
C ASP B 157 -8.20 -18.52 -70.03
N LEU B 158 -7.25 -17.71 -70.51
CA LEU B 158 -6.12 -18.25 -71.22
C LEU B 158 -5.41 -19.29 -70.38
N ALA B 159 -5.29 -19.00 -69.09
CA ALA B 159 -4.76 -19.97 -68.14
C ALA B 159 -5.50 -21.28 -68.24
N ASP B 160 -6.83 -21.23 -68.17
CA ASP B 160 -7.60 -22.44 -68.36
C ASP B 160 -7.29 -23.09 -69.70
N SER B 161 -6.95 -22.28 -70.70
CA SER B 161 -6.66 -22.84 -72.01
C SER B 161 -5.36 -23.63 -72.00
N MET B 162 -4.34 -23.08 -71.34
CA MET B 162 -3.00 -23.63 -71.41
C MET B 162 -3.03 -25.11 -71.10
N ASP B 163 -3.26 -25.47 -69.85
CA ASP B 163 -3.52 -26.85 -69.48
C ASP B 163 -4.94 -26.91 -68.96
N ASP B 164 -5.84 -27.46 -69.77
CA ASP B 164 -7.24 -27.56 -69.37
C ASP B 164 -7.54 -28.82 -68.55
N VAL B 165 -6.94 -29.96 -68.92
CA VAL B 165 -7.43 -31.28 -68.54
C VAL B 165 -7.47 -31.48 -67.03
N PRO B 166 -6.35 -31.35 -66.33
CA PRO B 166 -6.35 -31.64 -64.90
C PRO B 166 -7.15 -30.62 -64.11
N HIS B 167 -7.60 -31.04 -62.93
CA HIS B 167 -8.37 -30.17 -62.07
C HIS B 167 -8.20 -30.54 -60.60
N HIS B 177 -9.87 -19.83 -59.31
CA HIS B 177 -8.69 -19.12 -58.84
C HIS B 177 -8.47 -17.82 -59.60
N PRO B 178 -8.00 -16.80 -58.90
CA PRO B 178 -7.99 -15.45 -59.49
C PRO B 178 -7.06 -15.27 -60.68
N TRP B 179 -5.85 -15.81 -60.60
CA TRP B 179 -4.83 -15.58 -61.62
C TRP B 179 -4.60 -14.08 -61.81
N LYS B 180 -4.01 -13.46 -60.80
CA LYS B 180 -3.91 -12.01 -60.81
C LYS B 180 -2.75 -11.54 -61.67
N LEU B 181 -2.44 -10.26 -61.55
CA LEU B 181 -1.38 -9.63 -62.31
C LEU B 181 -0.66 -8.60 -61.46
N SER B 182 0.62 -8.40 -61.75
CA SER B 182 1.37 -7.41 -60.97
C SER B 182 1.18 -6.00 -61.50
N PHE B 183 1.12 -5.84 -62.83
CA PHE B 183 1.17 -4.53 -63.47
C PHE B 183 2.51 -3.84 -63.20
N LYS B 184 3.53 -4.34 -63.89
CA LYS B 184 4.87 -3.81 -63.72
C LYS B 184 4.95 -2.30 -63.94
N GLY B 185 4.90 -1.85 -65.18
CA GLY B 185 5.13 -0.44 -65.47
C GLY B 185 6.62 -0.12 -65.41
N SER B 186 7.14 0.93 -66.05
CA SER B 186 6.48 1.96 -66.88
C SER B 186 5.49 2.88 -66.15
N PHE B 187 5.94 3.47 -65.05
CA PHE B 187 5.18 4.51 -64.36
C PHE B 187 5.94 5.83 -64.41
N GLY B 188 5.25 6.97 -64.30
CA GLY B 188 3.81 7.01 -64.13
C GLY B 188 3.37 8.42 -63.82
N ALA B 189 2.07 8.67 -63.91
CA ALA B 189 1.53 10.01 -63.73
C ALA B 189 1.29 10.51 -62.28
N HIS B 190 0.76 9.78 -61.29
CA HIS B 190 0.52 8.32 -61.11
C HIS B 190 1.83 7.61 -60.74
N ALA B 191 2.92 8.39 -60.65
CA ALA B 191 4.13 7.95 -59.98
C ALA B 191 4.25 8.47 -58.55
N LEU B 192 3.24 9.20 -58.06
CA LEU B 192 3.41 10.10 -56.92
C LEU B 192 3.70 9.37 -55.61
N SER B 193 4.29 10.11 -54.67
CA SER B 193 4.65 9.72 -53.32
C SER B 193 3.55 10.04 -52.33
N PRO B 194 3.57 9.36 -51.18
CA PRO B 194 2.48 9.49 -50.21
C PRO B 194 2.24 10.89 -49.71
N ARG B 195 3.24 11.76 -49.79
CA ARG B 195 2.97 13.14 -49.44
C ARG B 195 1.99 13.76 -50.41
N THR B 196 2.23 13.62 -51.71
CA THR B 196 1.38 14.22 -52.73
C THR B 196 0.44 13.16 -53.25
N LEU B 197 -0.83 13.28 -52.91
CA LEU B 197 -1.76 12.19 -53.17
C LEU B 197 -3.18 12.71 -53.21
N THR B 198 -4.06 11.86 -53.76
CA THR B 198 -5.46 12.16 -54.01
C THR B 198 -5.47 13.42 -54.87
N ALA B 199 -6.48 14.29 -54.82
CA ALA B 199 -7.90 13.92 -54.78
C ALA B 199 -8.27 13.50 -56.16
N GLN B 200 -7.48 14.01 -57.10
CA GLN B 200 -7.58 13.61 -58.49
C GLN B 200 -7.03 12.21 -58.68
N HIS B 201 -5.93 11.91 -58.01
CA HIS B 201 -5.39 10.57 -58.03
C HIS B 201 -6.34 9.58 -57.40
N LEU B 202 -7.37 10.07 -56.72
CA LEU B 202 -8.34 9.18 -56.11
C LEU B 202 -8.89 8.24 -57.17
N ASN B 203 -8.83 6.96 -56.86
CA ASN B 203 -9.42 5.93 -57.70
C ASN B 203 -8.74 5.85 -59.06
N LYS B 204 -7.44 6.06 -59.06
CA LYS B 204 -6.65 5.74 -60.22
C LYS B 204 -5.55 4.80 -59.77
N LEU B 205 -4.93 4.12 -60.72
CA LEU B 205 -3.85 3.20 -60.43
C LEU B 205 -2.59 4.00 -60.10
N VAL B 206 -1.98 3.70 -58.96
CA VAL B 206 -0.95 4.56 -58.40
C VAL B 206 0.27 3.75 -57.97
N SER B 207 1.42 4.44 -57.98
CA SER B 207 2.68 3.89 -57.50
C SER B 207 3.29 4.88 -56.52
N VAL B 208 3.41 4.48 -55.26
CA VAL B 208 3.95 5.33 -54.22
C VAL B 208 5.03 4.55 -53.50
N GLU B 209 6.05 5.25 -53.03
CA GLU B 209 7.14 4.59 -52.35
C GLU B 209 7.30 5.19 -50.96
N GLY B 210 7.99 4.43 -50.11
CA GLY B 210 8.26 4.91 -48.77
C GLY B 210 8.58 3.76 -47.83
N ILE B 211 8.73 4.14 -46.56
CA ILE B 211 9.09 3.18 -45.52
C ILE B 211 7.88 2.37 -45.08
N VAL B 212 8.15 1.20 -44.50
CA VAL B 212 7.11 0.31 -44.03
C VAL B 212 6.99 0.47 -42.52
N THR B 213 5.94 1.15 -42.08
CA THR B 213 5.42 1.04 -40.74
C THR B 213 4.04 1.63 -40.92
N LYS B 214 3.01 1.21 -40.18
CA LYS B 214 3.04 0.37 -39.01
C LYS B 214 2.90 -1.08 -39.30
N THR B 215 3.03 -1.47 -40.55
CA THR B 215 2.96 -2.88 -40.93
C THR B 215 1.64 -3.48 -40.43
N SER B 216 1.62 -4.75 -40.02
CA SER B 216 0.41 -5.52 -39.74
C SER B 216 0.79 -6.94 -39.34
N LEU B 217 -0.14 -7.60 -38.66
CA LEU B 217 -0.03 -9.03 -38.34
C LEU B 217 -1.20 -9.74 -38.96
N VAL B 218 -0.90 -10.53 -39.98
CA VAL B 218 -1.89 -10.97 -40.94
C VAL B 218 -3.03 -11.68 -40.22
N ARG B 219 -4.22 -11.51 -40.75
CA ARG B 219 -5.18 -12.49 -40.29
C ARG B 219 -5.68 -13.24 -41.51
N PRO B 220 -5.83 -14.54 -41.40
CA PRO B 220 -6.52 -15.25 -42.46
C PRO B 220 -7.91 -14.68 -42.56
N LYS B 221 -8.37 -14.51 -43.81
CA LYS B 221 -9.71 -14.03 -44.15
C LYS B 221 -10.47 -15.02 -45.06
N LEU B 222 -11.73 -15.30 -44.75
CA LEU B 222 -12.60 -16.24 -45.50
C LEU B 222 -13.19 -15.80 -46.86
N ILE B 223 -13.58 -16.78 -47.69
CA ILE B 223 -14.16 -16.53 -49.02
C ILE B 223 -15.30 -17.49 -49.46
N ARG B 224 -16.12 -17.02 -50.42
CA ARG B 224 -17.24 -17.77 -50.97
C ARG B 224 -17.77 -18.75 -49.93
N SER B 225 -19.09 -18.91 -49.91
CA SER B 225 -19.72 -19.81 -48.97
C SER B 225 -20.34 -21.00 -49.70
N VAL B 226 -20.42 -22.12 -48.97
CA VAL B 226 -20.92 -23.39 -49.50
C VAL B 226 -21.80 -24.04 -48.45
N HIS B 227 -22.92 -24.61 -48.89
CA HIS B 227 -23.88 -25.22 -47.97
C HIS B 227 -24.47 -26.46 -48.59
N TYR B 228 -24.56 -27.52 -47.79
CA TYR B 228 -25.26 -28.74 -48.17
C TYR B 228 -26.69 -28.63 -47.70
N ALA B 229 -27.61 -29.15 -48.49
CA ALA B 229 -29.03 -29.04 -48.19
C ALA B 229 -29.69 -30.41 -48.27
N ALA B 230 -30.09 -30.94 -47.14
CA ALA B 230 -30.85 -32.18 -47.13
C ALA B 230 -32.30 -31.79 -46.90
N LYS B 231 -33.25 -32.58 -47.42
CA LYS B 231 -32.97 -33.82 -48.12
C LYS B 231 -32.73 -33.54 -49.57
N THR B 232 -32.81 -32.26 -49.92
CA THR B 232 -32.66 -31.85 -51.30
C THR B 232 -31.26 -32.11 -51.84
N GLY B 233 -30.32 -32.50 -51.00
CA GLY B 233 -28.97 -32.67 -51.48
C GLY B 233 -28.44 -31.34 -51.94
N ARG B 234 -28.10 -31.26 -53.21
CA ARG B 234 -27.76 -30.01 -53.89
C ARG B 234 -26.59 -29.36 -53.15
N PHE B 235 -26.61 -28.04 -53.04
CA PHE B 235 -25.50 -27.25 -52.54
C PHE B 235 -25.89 -25.79 -52.71
N HIS B 236 -25.19 -24.90 -52.05
CA HIS B 236 -25.44 -23.51 -52.29
C HIS B 236 -24.14 -22.85 -52.64
N TYR B 237 -24.21 -21.57 -52.93
CA TYR B 237 -23.02 -20.79 -53.13
C TYR B 237 -23.22 -19.47 -52.42
N ARG B 238 -22.12 -18.79 -52.14
CA ARG B 238 -22.20 -17.41 -51.72
C ARG B 238 -20.85 -16.79 -51.98
N ASP B 239 -20.84 -15.48 -52.02
CA ASP B 239 -19.61 -14.75 -52.22
C ASP B 239 -19.59 -13.58 -51.27
N TYR B 240 -18.42 -13.00 -51.09
CA TYR B 240 -18.27 -11.85 -50.23
C TYR B 240 -17.32 -10.86 -50.89
N THR B 241 -17.75 -9.61 -51.02
CA THR B 241 -16.95 -8.55 -51.61
C THR B 241 -16.51 -7.61 -50.51
N ASP B 242 -15.21 -7.63 -50.20
CA ASP B 242 -14.68 -6.74 -49.18
C ASP B 242 -14.71 -5.30 -49.68
N ALA B 243 -14.75 -4.37 -48.72
CA ALA B 243 -14.48 -2.99 -49.08
C ALA B 243 -13.19 -2.91 -49.86
N THR B 244 -12.22 -3.74 -49.49
CA THR B 244 -11.00 -3.87 -50.24
C THR B 244 -11.18 -4.68 -51.50
N THR B 245 -12.29 -5.38 -51.65
CA THR B 245 -12.45 -6.11 -52.89
C THR B 245 -12.49 -5.13 -54.04
N THR B 246 -12.07 -5.64 -55.19
CA THR B 246 -11.74 -4.79 -56.32
C THR B 246 -10.79 -3.71 -55.83
N LEU B 247 -10.91 -2.52 -56.38
CA LEU B 247 -10.09 -1.42 -55.90
C LEU B 247 -10.93 -0.17 -55.75
N THR B 248 -11.33 0.35 -56.90
CA THR B 248 -12.42 1.28 -56.96
C THR B 248 -13.64 0.65 -56.30
N THR B 249 -14.34 1.45 -55.51
CA THR B 249 -15.36 0.87 -54.65
C THR B 249 -16.62 0.54 -55.44
N ARG B 250 -17.64 0.15 -54.69
CA ARG B 250 -18.87 -0.34 -55.27
C ARG B 250 -19.97 -0.11 -54.26
N ILE B 251 -21.21 -0.16 -54.74
CA ILE B 251 -22.34 -0.18 -53.84
C ILE B 251 -22.25 -1.47 -53.04
N PRO B 252 -22.05 -1.40 -51.72
CA PRO B 252 -21.81 -2.63 -50.95
C PRO B 252 -23.08 -3.42 -50.69
N THR B 253 -22.98 -4.74 -50.76
CA THR B 253 -24.09 -5.63 -50.42
C THR B 253 -23.71 -6.54 -49.27
N PRO B 254 -24.26 -6.35 -48.07
CA PRO B 254 -24.00 -7.32 -47.00
C PRO B 254 -24.66 -8.65 -47.31
N ALA B 255 -23.87 -9.72 -47.28
CA ALA B 255 -24.39 -11.06 -47.49
C ALA B 255 -24.54 -11.88 -46.20
N ILE B 256 -24.01 -11.41 -45.08
CA ILE B 256 -24.00 -12.14 -43.81
C ILE B 256 -23.56 -13.59 -44.02
N TYR B 257 -24.19 -14.52 -43.31
CA TYR B 257 -23.84 -15.93 -43.39
C TYR B 257 -25.03 -16.76 -43.84
N PRO B 258 -25.01 -17.32 -45.05
CA PRO B 258 -26.18 -18.06 -45.54
C PRO B 258 -26.46 -19.31 -44.71
N THR B 259 -27.73 -19.45 -44.29
CA THR B 259 -28.21 -20.60 -43.55
C THR B 259 -29.72 -20.67 -43.71
N GLU B 260 -30.30 -21.83 -43.40
CA GLU B 260 -31.75 -22.01 -43.41
C GLU B 260 -32.35 -21.63 -44.76
N ASP B 261 -32.06 -22.45 -45.76
CA ASP B 261 -32.46 -22.14 -47.11
C ASP B 261 -33.98 -21.97 -47.19
N THR B 262 -34.43 -21.20 -48.17
CA THR B 262 -35.85 -21.14 -48.50
C THR B 262 -36.02 -21.88 -49.82
N GLU B 263 -36.88 -22.90 -49.84
CA GLU B 263 -37.75 -23.29 -48.74
C GLU B 263 -37.00 -23.83 -47.53
N GLY B 264 -37.67 -23.86 -46.39
CA GLY B 264 -37.05 -23.67 -45.09
C GLY B 264 -36.00 -24.69 -44.74
N ASN B 265 -35.66 -25.58 -45.68
CA ASN B 265 -34.61 -26.54 -45.44
C ASN B 265 -33.37 -25.85 -44.90
N LYS B 266 -32.81 -26.42 -43.84
CA LYS B 266 -31.58 -25.89 -43.30
C LYS B 266 -30.44 -26.13 -44.29
N LEU B 267 -29.38 -25.36 -44.11
CA LEU B 267 -28.22 -25.45 -44.98
C LEU B 267 -27.04 -25.87 -44.14
N THR B 268 -26.53 -27.07 -44.39
CA THR B 268 -25.33 -27.50 -43.71
C THR B 268 -24.15 -26.91 -44.47
N THR B 269 -23.42 -26.02 -43.82
CA THR B 269 -22.29 -25.39 -44.47
C THR B 269 -21.13 -26.38 -44.58
N GLU B 270 -20.29 -26.17 -45.56
CA GLU B 270 -19.15 -27.05 -45.80
C GLU B 270 -17.90 -26.23 -46.01
N TYR B 271 -16.83 -26.64 -45.36
CA TYR B 271 -15.56 -25.97 -45.52
C TYR B 271 -14.73 -26.73 -46.53
N GLY B 272 -13.59 -26.13 -46.86
CA GLY B 272 -12.62 -26.73 -47.73
C GLY B 272 -13.13 -26.63 -49.15
N TYR B 273 -14.45 -26.59 -49.26
CA TYR B 273 -15.09 -26.10 -50.46
C TYR B 273 -15.11 -24.60 -50.45
N SER B 274 -15.53 -24.01 -49.33
CA SER B 274 -15.55 -22.58 -49.22
C SER B 274 -14.12 -22.07 -49.21
N THR B 275 -13.79 -21.20 -50.16
CA THR B 275 -12.45 -20.68 -50.24
C THR B 275 -12.23 -19.56 -49.22
N PHE B 276 -10.97 -19.36 -48.86
CA PHE B 276 -10.57 -18.28 -47.98
C PHE B 276 -9.26 -17.70 -48.49
N ILE B 277 -8.87 -16.55 -47.92
CA ILE B 277 -7.60 -15.92 -48.26
C ILE B 277 -7.05 -15.20 -47.04
N ASP B 278 -5.74 -15.30 -46.85
CA ASP B 278 -5.12 -14.58 -45.75
C ASP B 278 -5.25 -13.08 -45.96
N HIS B 279 -5.18 -12.33 -44.87
CA HIS B 279 -5.40 -10.89 -44.98
C HIS B 279 -4.37 -10.14 -44.17
N GLN B 280 -3.99 -8.96 -44.69
CA GLN B 280 -2.99 -8.08 -44.08
C GLN B 280 -3.13 -6.65 -44.61
N ARG B 281 -2.90 -5.65 -43.76
CA ARG B 281 -2.90 -4.26 -44.21
C ARG B 281 -1.87 -3.43 -43.43
N ILE B 282 -1.04 -2.70 -44.16
CA ILE B 282 0.10 -2.00 -43.57
C ILE B 282 0.05 -0.53 -43.95
N THR B 283 0.76 0.29 -43.18
CA THR B 283 0.83 1.72 -43.39
C THR B 283 2.17 2.10 -44.02
N VAL B 284 2.17 3.14 -44.84
CA VAL B 284 3.35 3.54 -45.58
C VAL B 284 3.55 5.03 -45.41
N GLN B 285 4.64 5.39 -44.78
CA GLN B 285 5.04 6.78 -44.69
C GLN B 285 5.69 7.21 -46.00
N GLU B 286 5.64 8.51 -46.26
CA GLU B 286 6.44 9.08 -47.32
C GLU B 286 7.92 8.88 -47.00
N MET B 287 8.72 8.74 -48.06
CA MET B 287 10.09 8.31 -47.91
C MET B 287 10.81 9.20 -46.92
N PRO B 288 11.28 8.64 -45.81
CA PRO B 288 11.97 9.50 -44.86
C PRO B 288 13.06 10.25 -45.55
N GLU B 289 13.96 9.57 -46.25
CA GLU B 289 15.00 10.27 -46.97
C GLU B 289 14.46 11.43 -47.77
N MET B 290 13.61 11.15 -48.73
CA MET B 290 13.04 12.20 -49.54
C MET B 290 12.21 13.18 -48.74
N ALA B 291 12.01 12.94 -47.43
CA ALA B 291 11.16 13.83 -46.65
C ALA B 291 11.61 15.27 -46.80
N PRO B 292 10.69 16.22 -46.67
CA PRO B 292 11.06 17.63 -46.72
C PRO B 292 12.00 17.98 -45.58
N ALA B 293 12.40 19.26 -45.56
CA ALA B 293 13.31 19.74 -44.54
C ALA B 293 12.84 19.31 -43.15
N GLY B 294 11.73 19.87 -42.69
CA GLY B 294 11.07 19.32 -41.53
C GLY B 294 9.60 19.66 -41.55
N GLN B 295 8.81 18.76 -40.98
CA GLN B 295 7.35 18.82 -41.04
C GLN B 295 6.76 17.54 -40.46
N LEU B 296 5.43 17.47 -40.41
CA LEU B 296 4.73 16.25 -40.05
C LEU B 296 4.69 15.27 -41.23
N PRO B 297 4.96 13.99 -40.98
CA PRO B 297 4.86 13.00 -42.07
C PRO B 297 3.41 12.62 -42.35
N ARG B 298 3.17 12.23 -43.59
CA ARG B 298 1.85 11.82 -44.02
C ARG B 298 1.95 10.44 -44.65
N SER B 299 1.33 9.47 -44.00
CA SER B 299 1.45 8.08 -44.36
C SER B 299 0.09 7.57 -44.78
N ILE B 300 0.08 6.45 -45.49
CA ILE B 300 -1.16 5.85 -45.95
C ILE B 300 -1.06 4.33 -45.82
N ASP B 301 -2.14 3.71 -45.37
CA ASP B 301 -2.24 2.27 -45.25
C ASP B 301 -2.66 1.62 -46.58
N VAL B 302 -2.28 0.37 -46.73
CA VAL B 302 -2.68 -0.44 -47.87
C VAL B 302 -2.96 -1.83 -47.37
N ILE B 303 -3.90 -2.48 -48.00
CA ILE B 303 -4.25 -3.85 -47.64
C ILE B 303 -3.50 -4.78 -48.57
N LEU B 304 -3.05 -5.91 -48.01
CA LEU B 304 -2.37 -6.94 -48.77
C LEU B 304 -2.86 -8.30 -48.29
N ASP B 305 -3.08 -9.21 -49.21
CA ASP B 305 -3.75 -10.44 -48.84
C ASP B 305 -3.05 -11.63 -49.47
N ASP B 306 -3.17 -12.77 -48.78
CA ASP B 306 -2.70 -14.03 -49.32
C ASP B 306 -1.28 -13.89 -49.80
N ASP B 307 -1.10 -14.06 -51.11
CA ASP B 307 0.24 -13.98 -51.69
C ASP B 307 0.93 -12.70 -51.28
N LEU B 308 0.28 -11.56 -51.49
CA LEU B 308 0.90 -10.28 -51.15
C LEU B 308 1.30 -10.22 -49.69
N VAL B 309 0.63 -10.97 -48.83
CA VAL B 309 0.85 -10.83 -47.40
C VAL B 309 2.29 -11.15 -47.04
N ASP B 310 2.83 -10.39 -46.10
CA ASP B 310 4.02 -10.70 -45.30
C ASP B 310 5.35 -10.46 -46.01
N LYS B 311 5.34 -10.05 -47.28
CA LYS B 311 6.58 -10.01 -48.03
C LYS B 311 7.67 -9.17 -47.36
N THR B 312 7.30 -8.07 -46.69
CA THR B 312 8.29 -7.12 -46.18
C THR B 312 8.08 -6.80 -44.70
N LYS B 313 9.16 -6.37 -44.05
CA LYS B 313 9.15 -6.00 -42.64
C LYS B 313 8.86 -4.52 -42.47
N PRO B 314 8.31 -4.13 -41.32
CA PRO B 314 8.25 -2.71 -41.01
C PRO B 314 9.65 -2.15 -41.01
N GLY B 315 9.78 -0.94 -41.50
CA GLY B 315 11.08 -0.35 -41.71
C GLY B 315 11.67 -0.70 -43.04
N ASP B 316 11.06 -1.59 -43.81
CA ASP B 316 11.50 -1.77 -45.18
C ASP B 316 11.15 -0.54 -46.01
N ARG B 317 11.97 -0.27 -47.02
CA ARG B 317 11.76 0.83 -47.95
C ARG B 317 11.30 0.26 -49.27
N VAL B 318 10.15 0.70 -49.74
CA VAL B 318 9.48 -0.01 -50.82
C VAL B 318 8.64 0.96 -51.63
N ASN B 319 8.28 0.52 -52.83
CA ASN B 319 7.37 1.24 -53.71
C ASN B 319 6.22 0.29 -54.04
N VAL B 320 4.99 0.78 -53.89
CA VAL B 320 3.80 -0.06 -53.99
C VAL B 320 2.95 0.40 -55.17
N VAL B 321 2.53 -0.56 -55.97
CA VAL B 321 1.54 -0.34 -57.00
C VAL B 321 0.21 -0.80 -56.44
N GLY B 322 -0.76 0.10 -56.42
CA GLY B 322 -2.07 -0.23 -55.95
C GLY B 322 -3.02 0.90 -56.24
N VAL B 323 -4.29 0.56 -56.33
CA VAL B 323 -5.29 1.58 -56.63
C VAL B 323 -5.69 2.33 -55.36
N PHE B 324 -6.18 3.54 -55.58
CA PHE B 324 -6.62 4.41 -54.49
C PHE B 324 -8.10 4.19 -54.27
N LYS B 325 -8.45 3.61 -53.14
CA LYS B 325 -9.85 3.38 -52.84
C LYS B 325 -10.34 4.45 -51.89
N SER B 326 -11.60 4.82 -52.05
CA SER B 326 -12.28 5.77 -51.18
C SER B 326 -13.07 5.10 -50.07
N LEU B 327 -12.92 3.80 -49.91
CA LEU B 327 -14.00 2.92 -49.46
C LEU B 327 -14.69 3.40 -48.19
N GLY B 328 -15.98 3.18 -48.13
CA GLY B 328 -16.76 3.43 -46.94
C GLY B 328 -17.61 4.68 -47.08
N ALA B 329 -18.73 4.67 -46.36
CA ALA B 329 -19.61 5.81 -46.29
C ALA B 329 -18.96 6.87 -45.41
N GLY B 330 -19.06 8.12 -45.84
CA GLY B 330 -18.38 9.22 -45.16
C GLY B 330 -19.27 9.98 -44.21
N GLY B 331 -20.34 9.36 -43.73
CA GLY B 331 -21.23 9.97 -42.75
C GLY B 331 -22.53 10.47 -43.33
N MET B 332 -22.64 10.60 -44.65
CA MET B 332 -23.92 10.93 -45.23
C MET B 332 -24.94 9.81 -45.02
N ASN B 333 -24.46 8.60 -44.72
CA ASN B 333 -25.34 7.45 -44.58
C ASN B 333 -26.25 7.58 -43.36
N GLN B 334 -25.67 7.74 -42.18
CA GLN B 334 -26.43 7.83 -40.95
C GLN B 334 -26.69 9.30 -40.64
N SER B 335 -27.96 9.70 -40.67
CA SER B 335 -28.32 11.09 -40.49
C SER B 335 -28.58 11.35 -39.02
N ASN B 336 -27.71 12.13 -38.39
CA ASN B 336 -27.86 12.45 -36.98
C ASN B 336 -26.99 13.64 -36.60
N LEU B 340 -18.22 16.31 -41.35
CA LEU B 340 -16.94 16.26 -40.67
C LEU B 340 -15.93 15.49 -41.51
N ILE B 341 -15.33 14.46 -40.91
CA ILE B 341 -14.44 13.55 -41.63
C ILE B 341 -15.24 12.69 -42.60
N GLY B 342 -14.57 12.08 -43.57
CA GLY B 342 -15.27 11.19 -44.48
C GLY B 342 -14.40 10.15 -45.13
N PHE B 343 -15.04 9.07 -45.57
CA PHE B 343 -14.58 8.21 -46.66
C PHE B 343 -13.16 7.68 -46.41
N LYS B 344 -13.07 6.71 -45.51
CA LYS B 344 -11.79 6.05 -45.30
C LYS B 344 -11.24 5.56 -46.63
N THR B 345 -10.01 5.93 -46.92
CA THR B 345 -9.45 5.66 -48.24
C THR B 345 -8.22 4.79 -48.10
N LEU B 346 -8.03 3.89 -49.06
CA LEU B 346 -6.90 2.98 -48.92
C LEU B 346 -6.44 2.48 -50.27
N ILE B 347 -5.26 1.89 -50.26
CA ILE B 347 -4.64 1.35 -51.46
C ILE B 347 -4.74 -0.17 -51.41
N LEU B 348 -5.15 -0.75 -52.50
CA LEU B 348 -5.24 -2.19 -52.61
C LEU B 348 -3.97 -2.73 -53.23
N GLY B 349 -3.34 -3.69 -52.54
CA GLY B 349 -2.17 -4.36 -53.06
C GLY B 349 -1.14 -3.35 -53.51
N ASN B 350 -0.57 -3.57 -54.68
CA ASN B 350 -0.89 -4.76 -55.46
C ASN B 350 0.39 -5.42 -55.85
N THR B 351 1.10 -4.79 -56.78
CA THR B 351 2.43 -5.27 -57.13
C THR B 351 3.33 -5.21 -55.91
N VAL B 352 3.52 -4.00 -55.38
CA VAL B 352 4.12 -3.87 -54.07
C VAL B 352 5.53 -4.45 -54.03
N TYR B 353 6.51 -3.73 -54.57
CA TYR B 353 7.88 -4.24 -54.68
C TYR B 353 8.76 -3.78 -53.52
N PRO B 354 9.48 -4.68 -52.86
CA PRO B 354 10.54 -4.25 -51.94
C PRO B 354 11.73 -3.72 -52.71
N LEU B 355 12.32 -2.65 -52.20
CA LEU B 355 13.41 -2.00 -52.90
C LEU B 355 14.54 -1.73 -51.92
N HIS B 356 15.73 -1.59 -52.46
CA HIS B 356 16.93 -1.38 -51.66
C HIS B 356 17.25 0.10 -51.60
N ALA B 357 17.74 0.54 -50.44
CA ALA B 357 18.27 1.88 -50.26
C ALA B 357 19.46 1.78 -49.33
N ARG B 358 20.31 2.80 -49.35
CA ARG B 358 21.57 2.72 -48.63
C ARG B 358 21.34 2.39 -47.16
N SER B 359 21.96 1.30 -46.72
CA SER B 359 21.93 0.72 -45.39
C SER B 359 20.51 0.44 -44.90
N ALA B 364 20.05 12.34 -48.78
CA ALA B 364 21.33 13.02 -48.94
C ALA B 364 21.26 14.29 -49.83
N ARG B 365 20.62 14.27 -51.01
CA ARG B 365 20.18 13.11 -51.76
C ARG B 365 21.34 12.39 -52.47
N GLN B 366 22.28 13.08 -53.13
CA GLN B 366 22.31 14.53 -53.41
C GLN B 366 22.83 14.71 -54.82
N MET B 367 23.10 15.95 -55.23
CA MET B 367 23.61 16.23 -56.57
C MET B 367 24.99 16.90 -56.47
N LEU B 368 26.05 16.18 -56.88
CA LEU B 368 27.43 16.67 -56.86
C LEU B 368 27.88 17.27 -58.18
N THR B 369 27.07 17.14 -59.21
CA THR B 369 27.35 17.61 -60.56
C THR B 369 28.74 17.11 -60.97
N ASP B 370 29.41 17.88 -61.80
CA ASP B 370 30.79 17.64 -62.14
C ASP B 370 31.71 18.28 -61.13
N PHE B 371 31.42 19.53 -60.81
CA PHE B 371 32.36 20.37 -60.12
C PHE B 371 32.63 19.82 -58.74
N ASP B 372 31.59 19.57 -57.97
CA ASP B 372 31.80 19.14 -56.60
C ASP B 372 32.64 17.88 -56.57
N ILE B 373 32.17 16.82 -57.25
CA ILE B 373 32.91 15.57 -57.27
C ILE B 373 34.36 15.85 -57.55
N ARG B 374 34.62 16.70 -58.52
CA ARG B 374 35.97 17.16 -58.76
C ARG B 374 36.57 17.73 -57.49
N ASN B 375 35.86 18.64 -56.84
CA ASN B 375 36.40 19.31 -55.67
C ASN B 375 36.85 18.29 -54.64
N ILE B 376 35.98 17.33 -54.36
CA ILE B 376 36.37 16.21 -53.53
C ILE B 376 37.66 15.64 -54.04
N ASN B 377 37.68 15.29 -55.32
CA ASN B 377 38.81 14.56 -55.88
C ASN B 377 40.12 15.29 -55.62
N LYS B 378 40.18 16.57 -56.00
CA LYS B 378 41.37 17.35 -55.72
C LYS B 378 41.68 17.34 -54.24
N LEU B 379 40.70 17.67 -53.43
CA LEU B 379 40.88 17.77 -52.00
C LEU B 379 41.37 16.48 -51.40
N SER B 380 40.89 15.35 -51.91
CA SER B 380 41.30 14.06 -51.40
C SER B 380 42.81 13.96 -51.34
N LYS B 381 43.49 14.57 -52.30
CA LYS B 381 44.93 14.53 -52.31
C LYS B 381 45.52 15.25 -51.11
N LYS B 382 44.87 16.31 -50.63
CA LYS B 382 45.46 17.11 -49.56
C LYS B 382 45.78 16.24 -48.35
N LYS B 383 47.05 16.28 -47.95
CA LYS B 383 47.51 15.44 -46.86
C LYS B 383 46.89 15.83 -45.54
N ASP B 384 46.80 17.11 -45.26
CA ASP B 384 46.31 17.58 -43.98
C ASP B 384 44.80 17.67 -43.93
N ILE B 385 44.12 17.29 -45.02
CA ILE B 385 42.70 17.54 -45.16
C ILE B 385 41.92 17.08 -43.93
N PHE B 386 42.33 15.96 -43.33
CA PHE B 386 41.51 15.35 -42.28
C PHE B 386 41.35 16.28 -41.09
N ASP B 387 42.44 16.87 -40.63
CA ASP B 387 42.32 17.78 -39.50
C ASP B 387 41.41 18.93 -39.85
N ILE B 388 41.59 19.50 -41.04
CA ILE B 388 40.73 20.60 -41.46
C ILE B 388 39.28 20.18 -41.38
N LEU B 389 38.99 19.01 -41.91
CA LEU B 389 37.67 18.44 -41.75
C LEU B 389 37.29 18.44 -40.28
N SER B 390 38.13 17.81 -39.47
CA SER B 390 37.86 17.70 -38.04
C SER B 390 37.56 19.05 -37.44
N GLN B 391 38.10 20.10 -38.03
CA GLN B 391 37.82 21.45 -37.59
C GLN B 391 36.50 21.96 -38.11
N SER B 392 36.12 21.55 -39.31
CA SER B 392 34.97 22.13 -39.97
C SER B 392 33.70 21.97 -39.15
N LEU B 393 33.71 21.05 -38.19
CA LEU B 393 32.50 20.72 -37.47
C LEU B 393 32.11 21.76 -36.45
N ALA B 394 33.09 22.34 -35.77
CA ALA B 394 32.83 23.06 -34.54
C ALA B 394 33.13 24.50 -34.85
N PRO B 395 32.29 25.14 -35.66
CA PRO B 395 32.35 26.59 -35.68
C PRO B 395 32.25 27.14 -34.28
N SER B 396 31.30 26.63 -33.52
CA SER B 396 30.99 27.19 -32.21
C SER B 396 31.82 26.61 -31.09
N ILE B 397 32.44 25.47 -31.30
CA ILE B 397 32.98 24.72 -30.19
C ILE B 397 34.48 24.80 -30.24
N TYR B 398 35.08 25.22 -29.12
CA TYR B 398 36.51 25.07 -28.96
C TYR B 398 36.85 23.60 -28.71
N GLY B 399 38.11 23.24 -28.97
CA GLY B 399 38.65 21.95 -28.51
C GLY B 399 37.95 20.72 -29.06
N HIS B 400 38.19 19.57 -28.39
CA HIS B 400 37.51 18.31 -28.68
C HIS B 400 37.71 17.86 -30.11
N ASP B 401 38.76 18.35 -30.74
CA ASP B 401 39.04 17.93 -32.10
C ASP B 401 39.18 16.44 -32.14
N HIS B 402 39.75 15.87 -31.09
CA HIS B 402 39.68 14.43 -30.96
C HIS B 402 38.25 14.00 -31.14
N ILE B 403 37.38 14.56 -30.31
CA ILE B 403 35.98 14.21 -30.43
C ILE B 403 35.50 14.50 -31.81
N LYS B 404 35.81 15.68 -32.33
CA LYS B 404 35.31 16.03 -33.65
C LYS B 404 35.66 14.93 -34.63
N LYS B 405 36.94 14.64 -34.73
CA LYS B 405 37.41 13.53 -35.52
C LYS B 405 36.56 12.31 -35.26
N ALA B 406 36.26 12.06 -33.99
CA ALA B 406 35.46 10.90 -33.68
C ALA B 406 34.17 10.93 -34.45
N ILE B 407 33.41 11.99 -34.28
CA ILE B 407 32.15 12.11 -34.98
C ILE B 407 32.34 11.79 -36.45
N LEU B 408 33.36 12.40 -37.04
CA LEU B 408 33.61 12.15 -38.44
C LEU B 408 33.62 10.66 -38.69
N LEU B 409 34.49 9.98 -37.97
CA LEU B 409 34.57 8.55 -38.14
C LEU B 409 33.22 7.91 -37.99
N MET B 410 32.40 8.42 -37.07
CA MET B 410 31.08 7.86 -36.96
C MET B 410 30.35 7.98 -38.28
N LEU B 411 30.38 9.17 -38.86
CA LEU B 411 29.75 9.35 -40.14
C LEU B 411 30.27 8.36 -41.15
N MET B 412 31.54 8.01 -41.06
CA MET B 412 32.15 7.12 -42.05
C MET B 412 31.79 5.67 -41.75
N GLY B 413 32.39 5.10 -40.70
CA GLY B 413 32.06 3.77 -40.21
C GLY B 413 32.57 2.47 -40.81
N GLY B 414 33.87 2.35 -41.08
CA GLY B 414 34.54 1.06 -41.20
C GLY B 414 33.86 0.01 -42.07
N VAL B 415 33.16 0.49 -43.10
CA VAL B 415 32.36 -0.32 -44.01
C VAL B 415 31.43 -1.25 -43.24
N GLU B 416 31.15 -2.43 -43.78
CA GLU B 416 30.36 -3.46 -43.11
C GLU B 416 30.72 -4.79 -43.74
N LYS B 417 30.70 -5.85 -42.94
CA LYS B 417 31.16 -7.13 -43.44
C LYS B 417 30.15 -8.20 -43.06
N ASN B 418 29.57 -8.81 -44.05
CA ASN B 418 28.72 -9.98 -43.85
C ASN B 418 29.47 -11.17 -44.39
N LEU B 419 29.93 -12.02 -43.48
CA LEU B 419 30.70 -13.19 -43.90
C LEU B 419 29.82 -14.16 -44.66
N GLU B 420 30.46 -15.01 -45.46
CA GLU B 420 29.72 -16.00 -46.22
C GLU B 420 29.13 -17.05 -45.28
N ASN B 421 27.81 -17.24 -45.37
CA ASN B 421 27.07 -18.21 -44.57
C ASN B 421 27.41 -18.07 -43.10
N GLY B 422 27.71 -16.85 -42.68
CA GLY B 422 28.11 -16.60 -41.32
C GLY B 422 27.71 -15.20 -40.94
N SER B 423 27.81 -14.91 -39.66
CA SER B 423 27.34 -13.64 -39.16
C SER B 423 28.13 -12.51 -39.78
N HIS B 424 27.52 -11.33 -39.75
CA HIS B 424 28.14 -10.16 -40.32
C HIS B 424 28.94 -9.43 -39.27
N LEU B 425 30.11 -8.95 -39.68
CA LEU B 425 30.88 -8.07 -38.84
C LEU B 425 30.24 -6.70 -38.85
N ARG B 426 30.04 -6.15 -37.67
CA ARG B 426 29.54 -4.80 -37.58
C ARG B 426 30.61 -3.82 -38.03
N GLY B 427 30.27 -2.99 -39.00
CA GLY B 427 31.18 -1.94 -39.41
C GLY B 427 31.17 -0.71 -38.53
N ASP B 428 29.98 -0.25 -38.12
CA ASP B 428 29.75 1.03 -37.47
C ASP B 428 30.19 1.04 -36.01
N ILE B 429 30.31 2.24 -35.46
CA ILE B 429 30.84 2.46 -34.12
C ILE B 429 29.83 3.23 -33.28
N ASN B 430 29.73 2.84 -32.02
CA ASN B 430 28.86 3.53 -31.08
C ASN B 430 29.71 4.43 -30.20
N ILE B 431 29.23 5.63 -29.96
CA ILE B 431 30.04 6.62 -29.27
C ILE B 431 29.32 7.05 -28.01
N LEU B 432 30.10 7.47 -27.03
CA LEU B 432 29.56 7.95 -25.77
C LEU B 432 30.47 9.02 -25.18
N MET B 433 29.83 10.00 -24.54
CA MET B 433 30.53 11.16 -23.99
C MET B 433 30.12 11.37 -22.56
N VAL B 434 31.07 11.73 -21.71
CA VAL B 434 30.80 11.93 -20.30
C VAL B 434 31.50 13.20 -19.85
N GLY B 435 30.76 14.04 -19.12
CA GLY B 435 31.34 15.25 -18.56
C GLY B 435 30.27 16.07 -17.87
N ASP B 436 30.74 17.10 -17.17
CA ASP B 436 29.82 18.02 -16.52
C ASP B 436 28.99 18.76 -17.57
N PRO B 437 27.81 19.24 -17.21
CA PRO B 437 26.96 19.93 -18.18
C PRO B 437 27.63 21.20 -18.68
N SER B 438 26.92 21.90 -19.56
CA SER B 438 27.44 23.05 -20.28
C SER B 438 28.52 22.55 -21.18
N THR B 439 28.83 21.27 -21.13
CA THR B 439 29.79 20.70 -22.04
C THR B 439 29.34 20.86 -23.47
N ALA B 440 28.14 21.41 -23.68
CA ALA B 440 27.53 21.53 -24.99
C ALA B 440 27.15 20.17 -25.48
N LYS B 441 27.39 19.14 -24.68
CA LYS B 441 27.06 17.79 -25.09
C LYS B 441 25.69 17.78 -25.71
N SER B 442 24.73 18.34 -25.01
CA SER B 442 23.45 18.60 -25.63
C SER B 442 23.62 19.37 -26.92
N GLN B 443 24.32 20.48 -26.86
CA GLN B 443 24.44 21.31 -28.04
C GLN B 443 25.01 20.54 -29.20
N LEU B 444 26.16 19.92 -29.01
CA LEU B 444 26.80 19.24 -30.12
C LEU B 444 25.82 18.33 -30.81
N LEU B 445 25.14 17.51 -30.03
CA LEU B 445 24.28 16.49 -30.59
C LEU B 445 23.38 17.08 -31.64
N ARG B 446 22.84 18.25 -31.37
CA ARG B 446 22.11 18.92 -32.41
C ARG B 446 22.93 19.02 -33.68
N PHE B 447 24.10 19.63 -33.56
CA PHE B 447 24.95 19.78 -34.73
C PHE B 447 25.14 18.46 -35.42
N VAL B 448 25.23 17.40 -34.64
CA VAL B 448 25.28 16.08 -35.22
C VAL B 448 24.05 15.88 -36.09
N LEU B 449 22.89 15.99 -35.47
CA LEU B 449 21.64 15.72 -36.16
C LEU B 449 21.61 16.49 -37.48
N ASN B 450 22.18 17.68 -37.47
CA ASN B 450 22.06 18.59 -38.61
C ASN B 450 22.61 17.98 -39.88
N THR B 451 23.92 17.89 -40.00
CA THR B 451 24.50 17.42 -41.25
C THR B 451 24.42 15.91 -41.33
N ALA B 452 23.81 15.29 -40.31
CA ALA B 452 23.86 13.85 -40.13
C ALA B 452 23.31 13.03 -41.29
N SER B 453 22.47 13.59 -42.16
CA SER B 453 21.84 12.77 -43.19
C SER B 453 21.01 11.66 -42.54
N LEU B 454 19.78 12.01 -42.14
CA LEU B 454 19.00 11.38 -41.08
C LEU B 454 19.78 11.65 -39.77
N ALA B 455 19.75 10.83 -38.71
CA ALA B 455 18.60 10.05 -38.29
C ALA B 455 18.07 10.59 -36.99
N ILE B 456 17.13 9.82 -36.43
CA ILE B 456 16.34 10.30 -35.31
C ILE B 456 17.21 10.56 -34.11
N ALA B 457 16.71 11.42 -33.22
CA ALA B 457 17.36 11.70 -31.95
C ALA B 457 16.44 11.26 -30.81
N THR B 458 17.05 10.79 -29.73
CA THR B 458 16.29 10.31 -28.58
C THR B 458 16.91 10.86 -27.32
N THR B 459 16.07 11.21 -26.37
CA THR B 459 16.54 11.83 -25.15
C THR B 459 16.01 11.05 -23.96
N GLY B 460 16.92 10.39 -23.27
CA GLY B 460 16.56 9.76 -22.00
C GLY B 460 15.34 8.93 -22.21
N ARG B 461 14.34 9.21 -21.40
CA ARG B 461 13.03 8.64 -21.63
C ARG B 461 12.05 9.74 -22.01
N GLY B 462 11.59 9.76 -23.25
CA GLY B 462 12.01 8.78 -24.24
C GLY B 462 10.99 7.70 -24.50
N SER B 463 11.42 6.68 -25.24
CA SER B 463 10.61 5.52 -25.62
C SER B 463 9.33 6.02 -26.35
N SER B 464 8.15 5.39 -26.32
CA SER B 464 7.90 3.97 -26.06
C SER B 464 8.45 3.04 -27.13
N GLY B 465 9.23 2.06 -26.67
CA GLY B 465 9.82 1.09 -27.54
C GLY B 465 11.05 1.58 -28.26
N VAL B 466 11.24 2.90 -28.33
CA VAL B 466 12.34 3.49 -29.08
C VAL B 466 12.28 2.92 -30.47
N GLY B 467 13.38 2.33 -30.92
CA GLY B 467 13.15 1.46 -32.03
C GLY B 467 12.33 0.32 -31.47
N LEU B 468 11.05 0.29 -31.83
CA LEU B 468 10.20 -0.87 -31.64
C LEU B 468 9.00 -0.69 -32.54
N THR B 469 8.39 -1.81 -32.92
CA THR B 469 7.18 -1.74 -33.74
C THR B 469 5.93 -1.62 -32.89
N ALA B 470 6.06 -1.87 -31.60
CA ALA B 470 4.96 -1.83 -30.65
C ALA B 470 3.94 -2.90 -30.99
N ALA B 471 4.12 -3.56 -32.12
CA ALA B 471 3.16 -4.53 -32.64
C ALA B 471 1.76 -3.93 -32.55
N VAL B 472 1.56 -2.93 -33.41
CA VAL B 472 0.42 -2.05 -33.25
C VAL B 472 -0.84 -2.91 -33.21
N THR B 473 -1.55 -2.81 -32.11
CA THR B 473 -2.76 -3.55 -31.90
C THR B 473 -3.84 -2.51 -31.73
N THR B 474 -4.99 -2.80 -32.31
CA THR B 474 -5.09 -4.03 -33.05
C THR B 474 -5.16 -3.70 -34.50
N ASP B 475 -4.63 -4.62 -35.28
CA ASP B 475 -4.77 -4.65 -36.74
C ASP B 475 -4.39 -3.28 -37.29
N ARG B 476 -5.32 -2.51 -37.85
CA ARG B 476 -5.01 -1.36 -38.69
C ARG B 476 -4.26 -1.79 -39.97
N GLU B 477 -4.98 -2.39 -40.93
CA GLU B 477 -6.42 -2.60 -40.81
C GLU B 477 -6.74 -4.01 -41.30
N THR B 478 -8.02 -4.37 -41.33
CA THR B 478 -8.58 -5.62 -41.86
C THR B 478 -8.53 -6.79 -40.89
N GLY B 479 -7.90 -6.64 -39.72
CA GLY B 479 -7.58 -7.76 -38.87
C GLY B 479 -6.12 -8.14 -38.89
N GLU B 480 -5.30 -7.41 -39.63
CA GLU B 480 -3.88 -7.68 -39.65
C GLU B 480 -3.14 -6.75 -38.70
N ARG B 481 -2.60 -7.30 -37.61
CA ARG B 481 -2.17 -6.49 -36.47
C ARG B 481 -0.84 -5.80 -36.72
N ARG B 482 -0.86 -4.48 -36.76
CA ARG B 482 0.20 -3.69 -37.36
C ARG B 482 1.49 -3.76 -36.55
N LEU B 483 2.62 -3.64 -37.23
CA LEU B 483 3.91 -3.52 -36.57
C LEU B 483 4.52 -2.16 -36.90
N GLU B 484 4.46 -1.25 -35.96
CA GLU B 484 4.75 0.13 -36.29
C GLU B 484 6.22 0.42 -36.05
N ALA B 485 7.00 0.46 -37.13
CA ALA B 485 8.46 0.44 -37.01
C ALA B 485 8.98 1.61 -36.19
N GLY B 486 9.78 1.31 -35.17
CA GLY B 486 10.24 2.31 -34.22
C GLY B 486 11.49 3.03 -34.66
N ALA B 487 12.03 3.81 -33.73
CA ALA B 487 13.14 4.69 -34.03
C ALA B 487 14.25 3.96 -34.75
N MET B 488 14.90 3.04 -34.04
CA MET B 488 16.10 2.41 -34.56
C MET B 488 15.84 1.73 -35.90
N VAL B 489 14.74 0.99 -36.01
CA VAL B 489 14.39 0.43 -37.30
C VAL B 489 14.31 1.52 -38.33
N LEU B 490 13.47 2.51 -38.06
CA LEU B 490 13.48 3.70 -38.88
C LEU B 490 14.86 4.34 -38.96
N ALA B 491 15.63 4.28 -37.88
CA ALA B 491 16.95 4.87 -37.89
C ALA B 491 17.99 3.94 -38.46
N ASP B 492 17.63 2.71 -38.78
CA ASP B 492 18.56 1.84 -39.47
C ASP B 492 19.12 2.60 -40.64
N ARG B 493 20.42 2.43 -40.88
CA ARG B 493 21.14 3.19 -41.89
C ARG B 493 21.53 4.56 -41.36
N GLY B 494 21.21 4.84 -40.10
CA GLY B 494 21.24 6.22 -39.68
C GLY B 494 21.74 6.44 -38.27
N VAL B 495 21.85 7.71 -37.90
CA VAL B 495 22.50 8.14 -36.67
C VAL B 495 21.45 8.33 -35.60
N VAL B 496 21.55 7.53 -34.56
CA VAL B 496 20.67 7.65 -33.41
C VAL B 496 21.35 8.50 -32.35
N CYS B 497 20.71 9.58 -31.97
CA CYS B 497 21.16 10.42 -30.88
C CYS B 497 20.44 10.01 -29.61
N ILE B 498 21.23 9.69 -28.58
CA ILE B 498 20.68 9.31 -27.29
C ILE B 498 21.03 10.39 -26.30
N ASP B 499 20.04 11.14 -25.89
CA ASP B 499 20.26 12.20 -24.93
C ASP B 499 19.77 11.71 -23.59
N GLU B 500 20.37 12.21 -22.53
CA GLU B 500 20.08 11.74 -21.18
C GLU B 500 20.14 10.23 -21.16
N PHE B 501 21.10 9.71 -21.90
CA PHE B 501 21.26 8.28 -21.99
C PHE B 501 21.22 7.63 -20.63
N ASP B 502 21.85 8.24 -19.63
CA ASP B 502 21.76 7.72 -18.28
C ASP B 502 20.32 7.61 -17.84
N LYS B 503 19.51 8.60 -18.20
CA LYS B 503 18.14 8.63 -17.72
C LYS B 503 17.34 7.45 -18.20
N MET B 504 17.71 6.90 -19.35
CA MET B 504 16.87 5.89 -19.98
C MET B 504 16.78 4.62 -19.13
N THR B 505 15.65 3.92 -19.26
CA THR B 505 15.36 2.77 -18.42
C THR B 505 16.17 1.56 -18.84
N ASP B 506 16.74 0.88 -17.85
CA ASP B 506 17.42 -0.37 -18.11
C ASP B 506 16.55 -1.30 -18.91
N VAL B 507 15.24 -1.25 -18.68
CA VAL B 507 14.32 -2.07 -19.45
C VAL B 507 14.67 -1.94 -20.91
N ASP B 508 14.76 -0.72 -21.40
CA ASP B 508 15.24 -0.51 -22.75
C ASP B 508 16.64 -1.09 -22.92
N ARG B 509 17.52 -0.78 -21.98
CA ARG B 509 18.93 -1.09 -22.13
C ARG B 509 19.15 -2.52 -22.53
N VAL B 510 18.39 -3.42 -21.92
CA VAL B 510 18.49 -4.82 -22.29
C VAL B 510 18.41 -4.96 -23.78
N ALA B 511 17.36 -4.38 -24.37
CA ALA B 511 17.23 -4.41 -25.81
C ALA B 511 18.45 -3.85 -26.47
N ILE B 512 18.87 -2.69 -25.98
CA ILE B 512 20.00 -2.03 -26.60
C ILE B 512 21.15 -2.98 -26.78
N HIS B 513 21.44 -3.81 -25.78
CA HIS B 513 22.49 -4.80 -25.96
C HIS B 513 22.30 -5.51 -27.29
N GLU B 514 21.09 -5.99 -27.52
CA GLU B 514 20.83 -6.67 -28.78
C GLU B 514 21.03 -5.74 -29.93
N VAL B 515 20.29 -4.65 -29.96
CA VAL B 515 20.30 -3.77 -31.10
C VAL B 515 21.73 -3.44 -31.48
N MET B 516 22.48 -2.92 -30.53
CA MET B 516 23.83 -2.44 -30.76
C MET B 516 24.67 -3.54 -31.34
N GLU B 517 24.98 -4.52 -30.51
CA GLU B 517 25.91 -5.53 -30.91
C GLU B 517 25.28 -6.42 -31.95
N GLN B 518 24.21 -7.10 -31.57
CA GLN B 518 23.59 -8.04 -32.49
C GLN B 518 23.23 -7.37 -33.79
N GLN B 519 23.14 -6.04 -33.80
CA GLN B 519 22.88 -5.23 -34.97
C GLN B 519 21.44 -5.39 -35.40
N THR B 520 20.67 -6.24 -34.75
CA THR B 520 19.32 -6.49 -35.17
C THR B 520 18.38 -6.43 -33.98
N VAL B 521 17.10 -6.40 -34.32
CA VAL B 521 16.02 -6.43 -33.36
C VAL B 521 15.17 -7.65 -33.65
N THR B 522 14.63 -8.25 -32.61
CA THR B 522 13.83 -9.45 -32.77
C THR B 522 12.55 -9.25 -31.99
N ILE B 523 11.43 -9.63 -32.61
CA ILE B 523 10.12 -9.42 -32.02
C ILE B 523 9.31 -10.70 -32.13
N ALA B 524 9.01 -11.30 -30.99
CA ALA B 524 8.08 -12.41 -30.87
C ALA B 524 6.72 -12.01 -30.34
N LYS B 525 6.48 -10.72 -30.13
CA LYS B 525 5.73 -10.24 -28.97
C LYS B 525 4.45 -11.04 -28.71
N ALA B 526 3.55 -11.08 -29.67
CA ALA B 526 2.27 -11.71 -29.39
C ALA B 526 2.11 -13.03 -30.13
N GLY B 527 2.17 -13.06 -31.45
CA GLY B 527 2.31 -11.90 -32.30
C GLY B 527 3.15 -12.22 -33.49
N ILE B 528 3.44 -11.20 -34.28
CA ILE B 528 4.36 -11.38 -35.40
C ILE B 528 5.68 -11.84 -34.83
N HIS B 529 6.15 -12.97 -35.31
CA HIS B 529 7.40 -13.52 -34.83
C HIS B 529 8.42 -13.26 -35.92
N THR B 530 9.27 -12.27 -35.69
CA THR B 530 10.21 -11.88 -36.69
C THR B 530 11.37 -11.19 -36.00
N THR B 531 12.52 -11.24 -36.63
CA THR B 531 13.66 -10.46 -36.19
C THR B 531 13.89 -9.41 -37.26
N LEU B 532 13.98 -8.14 -36.84
CA LEU B 532 14.13 -7.06 -37.80
C LEU B 532 15.48 -6.37 -37.61
N ASN B 533 15.97 -5.78 -38.69
CA ASN B 533 17.32 -5.25 -38.74
C ASN B 533 17.29 -3.74 -38.62
N ALA B 534 17.86 -3.23 -37.55
CA ALA B 534 18.17 -1.82 -37.43
C ALA B 534 19.68 -1.72 -37.40
N ARG B 535 20.25 -1.18 -38.46
CA ARG B 535 21.70 -1.09 -38.58
C ARG B 535 22.24 0.24 -38.07
N CYS B 536 21.40 1.07 -37.45
CA CYS B 536 21.77 2.43 -37.07
C CYS B 536 23.02 2.50 -36.21
N SER B 537 23.85 3.52 -36.45
CA SER B 537 24.98 3.86 -35.59
C SER B 537 24.53 4.62 -34.35
N VAL B 538 25.38 4.66 -33.34
CA VAL B 538 24.94 5.08 -32.01
C VAL B 538 25.88 6.11 -31.41
N ILE B 539 25.29 7.13 -30.84
CA ILE B 539 26.01 8.05 -29.99
C ILE B 539 25.12 8.32 -28.79
N ALA B 540 25.76 8.58 -27.66
CA ALA B 540 24.99 8.87 -26.47
C ALA B 540 25.77 9.81 -25.57
N ALA B 541 25.03 10.70 -24.92
CA ALA B 541 25.58 11.62 -23.93
C ALA B 541 24.78 11.45 -22.64
N ALA B 542 25.50 11.35 -21.53
CA ALA B 542 24.86 11.11 -20.24
C ALA B 542 25.64 11.80 -19.16
N ASN B 543 24.93 12.28 -18.16
CA ASN B 543 25.54 13.09 -17.14
C ASN B 543 26.54 12.26 -16.33
N PRO B 544 27.53 12.91 -15.74
CA PRO B 544 28.28 12.26 -14.67
C PRO B 544 27.30 11.68 -13.68
N VAL B 545 27.73 10.60 -13.05
CA VAL B 545 26.87 9.85 -12.15
C VAL B 545 26.08 10.83 -11.30
N PHE B 546 26.77 11.59 -10.46
CA PHE B 546 26.12 12.60 -9.63
C PHE B 546 26.97 13.86 -9.61
N GLY B 547 26.31 14.99 -9.81
CA GLY B 547 27.02 16.25 -9.79
C GLY B 547 28.13 16.27 -10.83
N GLN B 548 29.09 17.15 -10.61
CA GLN B 548 30.24 17.28 -11.49
C GLN B 548 31.35 16.34 -11.12
N TYR B 549 31.11 15.45 -10.16
CA TYR B 549 32.18 14.68 -9.55
C TYR B 549 32.91 13.79 -10.53
N ASP B 550 32.47 13.75 -11.79
CA ASP B 550 33.06 12.88 -12.79
C ASP B 550 34.59 12.95 -12.77
N VAL B 551 35.13 14.16 -12.66
CA VAL B 551 36.54 14.40 -12.96
C VAL B 551 37.44 13.51 -12.11
N ASN B 552 37.52 13.78 -10.81
CA ASN B 552 38.45 13.03 -9.97
C ASN B 552 37.98 11.61 -9.75
N ARG B 553 36.69 11.35 -9.99
CA ARG B 553 36.09 10.09 -9.61
C ARG B 553 36.83 8.93 -10.25
N ASP B 554 36.79 7.80 -9.54
CA ASP B 554 37.41 6.61 -10.04
C ASP B 554 36.92 6.33 -11.46
N PRO B 555 37.81 5.80 -12.30
CA PRO B 555 37.41 5.46 -13.67
C PRO B 555 36.11 4.72 -13.75
N HIS B 556 35.81 3.93 -12.74
CA HIS B 556 34.54 3.27 -12.66
C HIS B 556 33.79 3.90 -11.52
N GLN B 557 32.48 3.72 -11.58
CA GLN B 557 31.56 4.30 -10.64
C GLN B 557 31.45 5.78 -10.94
N ASN B 558 32.46 6.33 -11.60
CA ASN B 558 32.19 7.51 -12.37
C ASN B 558 31.28 7.12 -13.50
N ILE B 559 31.45 5.89 -13.98
CA ILE B 559 30.67 5.39 -15.08
C ILE B 559 29.18 5.49 -14.77
N ALA B 560 28.69 4.68 -13.85
CA ALA B 560 27.31 4.67 -13.38
C ALA B 560 26.34 3.89 -14.27
N LEU B 561 26.76 3.26 -15.37
CA LEU B 561 25.85 2.46 -16.18
C LEU B 561 26.54 1.20 -16.69
N PRO B 562 26.96 0.34 -15.78
CA PRO B 562 27.54 -0.91 -16.24
C PRO B 562 26.56 -1.70 -17.09
N ASP B 563 27.10 -2.61 -17.88
CA ASP B 563 28.53 -2.65 -18.09
C ASP B 563 28.76 -2.82 -19.54
N SER B 564 28.31 -3.97 -20.04
CA SER B 564 28.38 -4.23 -21.47
C SER B 564 27.78 -3.10 -22.24
N LEU B 565 26.93 -2.34 -21.58
CA LEU B 565 26.74 -0.97 -22.00
C LEU B 565 28.09 -0.35 -22.28
N LEU B 566 28.87 -0.14 -21.23
CA LEU B 566 30.17 0.50 -21.38
C LEU B 566 30.97 -0.15 -22.48
N SER B 567 30.98 -1.47 -22.51
CA SER B 567 31.69 -2.15 -23.59
C SER B 567 31.11 -1.76 -24.93
N ARG B 568 29.79 -1.61 -24.99
CA ARG B 568 29.11 -1.61 -26.27
C ARG B 568 29.40 -0.34 -27.04
N PHE B 569 29.33 0.81 -26.39
CA PHE B 569 29.73 2.02 -27.07
C PHE B 569 31.14 1.82 -27.56
N ASP B 570 31.32 1.95 -28.87
CA ASP B 570 32.68 1.85 -29.36
C ASP B 570 33.54 2.92 -28.73
N LEU B 571 32.95 4.08 -28.46
CA LEU B 571 33.70 5.21 -27.95
C LEU B 571 33.10 5.70 -26.66
N LEU B 572 33.97 6.03 -25.72
CA LEU B 572 33.59 6.57 -24.43
C LEU B 572 34.45 7.80 -24.18
N PHE B 573 33.82 8.95 -24.07
CA PHE B 573 34.55 10.20 -23.96
C PHE B 573 34.25 10.88 -22.64
N VAL B 574 35.30 11.18 -21.90
CA VAL B 574 35.21 11.92 -20.66
C VAL B 574 35.63 13.34 -20.93
N VAL B 575 34.69 14.26 -20.83
CA VAL B 575 34.99 15.67 -20.95
C VAL B 575 34.94 16.28 -19.56
N THR B 576 35.74 17.29 -19.32
CA THR B 576 35.81 17.92 -18.01
C THR B 576 35.54 19.42 -18.13
N ASP B 577 34.87 19.96 -17.11
CA ASP B 577 34.55 21.37 -17.06
C ASP B 577 35.56 22.17 -16.22
N ASP B 578 36.65 21.55 -15.76
CA ASP B 578 37.61 22.22 -14.87
C ASP B 578 38.19 23.46 -15.53
N ILE B 579 38.51 24.46 -14.70
CA ILE B 579 38.74 25.83 -15.16
C ILE B 579 40.22 26.16 -15.17
N ASN B 580 40.62 26.92 -16.18
CA ASN B 580 41.93 27.56 -16.25
C ASN B 580 41.74 28.94 -16.85
N GLU B 581 42.33 29.95 -16.18
CA GLU B 581 42.06 31.32 -16.57
C GLU B 581 42.51 31.59 -17.99
N ILE B 582 43.70 31.14 -18.35
CA ILE B 582 44.18 31.29 -19.72
C ILE B 582 43.16 30.70 -20.68
N ARG B 583 42.87 29.42 -20.49
CA ARG B 583 41.84 28.75 -21.29
C ARG B 583 40.58 29.58 -21.35
N ASP B 584 40.16 30.10 -20.20
CA ASP B 584 38.90 30.83 -20.14
C ASP B 584 38.93 32.03 -21.07
N ARG B 585 39.99 32.84 -21.00
CA ARG B 585 40.12 33.93 -21.93
C ARG B 585 39.97 33.45 -23.36
N SER B 586 40.75 32.43 -23.72
CA SER B 586 40.64 31.86 -25.04
C SER B 586 39.22 31.57 -25.44
N ILE B 587 38.46 30.99 -24.52
CA ILE B 587 37.05 30.80 -24.78
C ILE B 587 36.40 32.13 -25.10
N SER B 588 36.39 33.03 -24.13
CA SER B 588 35.48 34.16 -24.18
C SER B 588 35.72 35.01 -25.39
N GLU B 589 36.97 35.08 -25.85
CA GLU B 589 37.22 35.70 -27.12
C GLU B 589 36.29 35.10 -28.17
N HIS B 590 36.46 33.82 -28.44
CA HIS B 590 35.61 33.13 -29.39
C HIS B 590 34.15 33.41 -29.08
N VAL B 591 33.79 33.38 -27.80
CA VAL B 591 32.41 33.57 -27.41
C VAL B 591 31.88 34.89 -27.94
N LEU B 592 32.52 35.98 -27.55
CA LEU B 592 32.07 37.28 -27.98
C LEU B 592 32.02 37.35 -29.48
N ARG B 593 33.11 36.98 -30.13
CA ARG B 593 33.15 37.03 -31.58
C ARG B 593 31.93 36.36 -32.17
N THR B 594 31.56 35.23 -31.62
CA THR B 594 30.41 34.51 -32.12
C THR B 594 29.21 35.43 -32.20
N HIS B 595 29.00 36.25 -31.19
CA HIS B 595 27.84 37.11 -31.16
C HIS B 595 27.78 38.07 -32.34
N ARG B 596 28.90 38.30 -33.02
CA ARG B 596 28.88 39.22 -34.13
C ARG B 596 29.09 38.49 -35.44
N VAL B 677 35.68 24.80 -46.70
CA VAL B 677 35.31 24.10 -45.48
C VAL B 677 33.86 24.41 -45.19
N THR B 678 33.19 25.01 -46.17
CA THR B 678 31.80 25.37 -46.00
C THR B 678 30.97 24.13 -45.71
N ILE B 679 30.25 24.17 -44.60
CA ILE B 679 29.48 23.04 -44.08
C ILE B 679 28.57 22.50 -45.17
N PRO B 680 28.08 23.36 -46.04
CA PRO B 680 27.29 22.84 -47.15
C PRO B 680 28.02 21.74 -47.87
N PHE B 681 29.26 22.00 -48.23
CA PHE B 681 30.04 21.02 -48.93
C PHE B 681 30.24 19.77 -48.10
N LEU B 682 30.05 19.85 -46.79
CA LEU B 682 30.36 18.74 -45.93
C LEU B 682 29.60 17.50 -46.34
N ARG B 683 28.29 17.49 -46.08
CA ARG B 683 27.51 16.28 -46.29
C ARG B 683 27.66 15.80 -47.72
N LYS B 684 27.80 16.75 -48.64
CA LYS B 684 28.13 16.37 -50.00
C LYS B 684 29.38 15.51 -50.03
N TYR B 685 30.48 16.03 -49.48
CA TYR B 685 31.69 15.24 -49.40
C TYR B 685 31.40 13.91 -48.75
N VAL B 686 30.41 13.87 -47.88
CA VAL B 686 30.12 12.65 -47.14
C VAL B 686 29.55 11.59 -48.05
N GLN B 687 28.48 11.90 -48.75
CA GLN B 687 27.70 10.84 -49.39
C GLN B 687 28.54 10.06 -50.39
N TYR B 688 29.19 10.76 -51.31
CA TYR B 688 30.01 10.08 -52.31
C TYR B 688 31.04 9.20 -51.64
N ALA B 689 31.74 9.76 -50.67
CA ALA B 689 32.64 8.96 -49.86
C ALA B 689 31.94 7.71 -49.36
N LYS B 690 30.68 7.85 -48.95
CA LYS B 690 29.96 6.73 -48.39
C LYS B 690 29.75 5.64 -49.44
N GLU B 691 29.12 5.99 -50.54
CA GLU B 691 28.89 4.98 -51.55
C GLU B 691 30.15 4.58 -52.28
N ARG B 692 31.15 5.47 -52.35
CA ARG B 692 32.37 5.11 -53.04
C ARG B 692 33.57 5.65 -52.30
N VAL B 693 34.56 4.81 -52.00
CA VAL B 693 34.51 3.38 -52.26
C VAL B 693 35.18 2.66 -51.09
N ILE B 694 34.90 1.37 -50.94
CA ILE B 694 35.32 0.63 -49.75
C ILE B 694 36.82 0.38 -49.76
N PRO B 695 37.52 0.78 -48.70
CA PRO B 695 38.98 0.62 -48.66
C PRO B 695 39.45 -0.82 -48.60
N GLN B 696 38.58 -1.78 -48.35
CA GLN B 696 39.03 -3.15 -48.13
C GLN B 696 40.07 -3.10 -47.00
N LEU B 697 41.16 -3.85 -47.09
CA LEU B 697 42.07 -3.97 -45.96
C LEU B 697 43.46 -4.29 -46.46
N THR B 698 44.46 -4.03 -45.61
CA THR B 698 45.86 -4.18 -46.00
C THR B 698 46.69 -4.72 -44.85
N GLN B 699 47.48 -5.75 -45.15
CA GLN B 699 48.42 -6.30 -44.18
C GLN B 699 49.46 -5.28 -43.76
N GLU B 700 49.58 -4.18 -44.49
CA GLU B 700 50.49 -3.12 -44.07
C GLU B 700 50.26 -2.80 -42.60
N ALA B 701 49.04 -2.48 -42.27
CA ALA B 701 48.79 -2.02 -40.92
C ALA B 701 48.81 -3.17 -39.94
N ILE B 702 48.33 -4.33 -40.36
CA ILE B 702 47.80 -5.35 -39.47
C ILE B 702 48.75 -5.49 -38.30
N ASN B 703 50.04 -5.53 -38.62
CA ASN B 703 51.06 -5.58 -37.60
C ASN B 703 50.89 -4.49 -36.58
N VAL B 704 50.89 -3.25 -37.03
CA VAL B 704 50.78 -2.13 -36.10
C VAL B 704 49.65 -2.40 -35.13
N ILE B 705 48.51 -2.81 -35.70
CA ILE B 705 47.33 -2.98 -34.90
C ILE B 705 47.52 -4.01 -33.83
N VAL B 706 47.89 -5.21 -34.23
CA VAL B 706 48.08 -6.24 -33.23
C VAL B 706 49.04 -5.73 -32.16
N LYS B 707 50.13 -5.11 -32.60
CA LYS B 707 51.11 -4.55 -31.68
C LYS B 707 50.42 -3.71 -30.65
N ASN B 708 49.66 -2.75 -31.14
CA ASN B 708 48.93 -1.87 -30.27
C ASN B 708 48.09 -2.68 -29.32
N TYR B 709 47.19 -3.51 -29.85
CA TYR B 709 46.19 -4.19 -29.05
C TYR B 709 46.84 -4.95 -27.92
N THR B 710 47.87 -5.72 -28.25
CA THR B 710 48.58 -6.44 -27.22
C THR B 710 49.13 -5.48 -26.19
N ASP B 711 49.75 -4.39 -26.65
CA ASP B 711 50.17 -3.36 -25.70
C ASP B 711 49.01 -2.93 -24.85
N LEU B 712 47.81 -2.97 -25.42
CA LEU B 712 46.66 -2.34 -24.81
C LEU B 712 46.13 -3.19 -23.68
N ARG B 713 45.64 -4.37 -24.01
CA ARG B 713 45.29 -5.31 -22.96
C ARG B 713 46.44 -5.38 -21.96
N ASN B 714 47.65 -5.53 -22.48
CA ASN B 714 48.83 -5.80 -21.67
C ASN B 714 49.05 -4.73 -20.61
N ASP B 715 49.47 -3.54 -21.02
CA ASP B 715 49.81 -2.51 -20.04
C ASP B 715 48.57 -1.88 -19.43
N ASP B 716 47.49 -1.81 -20.21
CA ASP B 716 46.29 -1.10 -19.79
C ASP B 716 45.56 -1.84 -18.67
N ASN B 717 45.36 -3.15 -18.80
CA ASN B 717 44.70 -3.88 -17.73
C ASN B 717 45.33 -3.57 -16.38
N THR B 718 46.64 -3.34 -16.36
CA THR B 718 47.27 -2.72 -15.20
C THR B 718 46.78 -1.29 -15.04
N LYS B 719 46.95 -0.47 -16.07
CA LYS B 719 46.50 0.90 -16.03
C LYS B 719 45.02 0.98 -15.72
N LYS B 720 44.19 0.55 -16.68
CA LYS B 720 42.75 0.75 -16.57
C LYS B 720 42.06 -0.45 -17.19
N SER B 721 40.76 -0.32 -17.42
CA SER B 721 40.00 -1.39 -18.05
C SER B 721 38.76 -0.79 -18.70
N PRO B 722 37.96 -1.62 -19.38
CA PRO B 722 38.06 -2.96 -19.95
C PRO B 722 38.76 -2.96 -21.29
N ILE B 723 39.48 -4.03 -21.61
CA ILE B 723 40.08 -4.19 -22.91
C ILE B 723 39.62 -5.53 -23.45
N THR B 724 38.96 -5.53 -24.60
CA THR B 724 38.42 -6.78 -25.08
C THR B 724 38.80 -6.93 -26.54
N ALA B 725 38.45 -8.10 -27.08
CA ALA B 725 38.40 -8.26 -28.52
C ALA B 725 37.58 -7.15 -29.12
N ARG B 726 36.54 -6.73 -28.39
CA ARG B 726 35.80 -5.55 -28.77
C ARG B 726 36.76 -4.43 -29.12
N THR B 727 37.71 -4.17 -28.23
CA THR B 727 38.69 -3.13 -28.52
C THR B 727 39.27 -3.33 -29.90
N LEU B 728 39.69 -4.56 -30.17
CA LEU B 728 40.29 -4.84 -31.46
C LEU B 728 39.36 -4.46 -32.60
N GLU B 729 38.16 -5.00 -32.61
CA GLU B 729 37.25 -4.73 -33.71
C GLU B 729 37.10 -3.24 -33.90
N THR B 730 36.86 -2.54 -32.80
CA THR B 730 36.78 -1.10 -32.87
C THR B 730 37.95 -0.54 -33.64
N LEU B 731 39.15 -0.96 -33.28
CA LEU B 731 40.30 -0.58 -34.07
C LEU B 731 40.02 -0.83 -35.54
N ILE B 732 39.50 -2.01 -35.85
CA ILE B 732 39.31 -2.36 -37.24
C ILE B 732 38.45 -1.33 -37.93
N ARG B 733 37.20 -1.24 -37.49
CA ARG B 733 36.30 -0.25 -38.05
C ARG B 733 37.01 1.08 -38.16
N LEU B 734 37.76 1.43 -37.12
CA LEU B 734 38.43 2.72 -37.05
C LEU B 734 39.31 2.93 -38.26
N ALA B 735 40.24 2.01 -38.45
CA ALA B 735 41.13 2.13 -39.59
C ALA B 735 40.34 2.24 -40.88
N THR B 736 39.41 1.31 -41.10
CA THR B 736 38.71 1.30 -42.37
C THR B 736 38.08 2.65 -42.67
N ALA B 737 37.43 3.21 -41.67
CA ALA B 737 36.90 4.55 -41.82
C ALA B 737 37.99 5.53 -42.20
N HIS B 738 39.07 5.57 -41.42
CA HIS B 738 40.13 6.51 -41.72
C HIS B 738 40.58 6.41 -43.16
N ALA B 739 40.66 5.19 -43.68
CA ALA B 739 40.92 5.03 -45.09
C ALA B 739 39.83 5.67 -45.92
N LYS B 740 38.58 5.50 -45.51
CA LYS B 740 37.50 6.13 -46.24
C LYS B 740 37.65 7.65 -46.23
N VAL B 741 38.01 8.21 -45.09
CA VAL B 741 38.34 9.62 -45.03
C VAL B 741 39.43 9.93 -46.03
N ARG B 742 40.47 9.12 -46.01
CA ARG B 742 41.50 9.17 -47.01
C ARG B 742 40.95 8.86 -48.40
N LEU B 743 39.74 8.33 -48.48
CA LEU B 743 39.12 7.86 -49.71
C LEU B 743 39.85 6.66 -50.25
N SER B 744 40.93 6.24 -49.60
CA SER B 744 41.77 5.17 -50.12
C SER B 744 40.96 3.90 -50.34
N LYS B 745 41.08 3.34 -51.53
CA LYS B 745 40.54 2.02 -51.80
C LYS B 745 41.23 0.95 -50.99
N THR B 746 42.27 1.30 -50.23
CA THR B 746 42.98 0.38 -49.39
C THR B 746 43.14 0.95 -48.00
N VAL B 747 43.50 0.07 -47.10
CA VAL B 747 43.91 0.47 -45.76
C VAL B 747 45.39 0.85 -45.77
N ASN B 748 45.76 1.81 -44.94
CA ASN B 748 47.14 2.29 -44.84
C ASN B 748 47.59 2.31 -43.39
N LYS B 749 48.91 2.16 -43.19
CA LYS B 749 49.44 2.11 -41.84
C LYS B 749 49.34 3.47 -41.16
N VAL B 750 49.34 4.54 -41.94
CA VAL B 750 49.16 5.86 -41.36
C VAL B 750 47.82 5.95 -40.66
N ASP B 751 46.75 5.64 -41.40
CA ASP B 751 45.41 5.63 -40.83
C ASP B 751 45.42 4.87 -39.52
N ALA B 752 46.17 3.76 -39.49
CA ALA B 752 46.36 3.04 -38.25
C ALA B 752 46.90 3.96 -37.17
N LYS B 753 48.03 4.61 -37.43
CA LYS B 753 48.58 5.52 -36.44
C LYS B 753 47.53 6.46 -35.91
N VAL B 754 46.66 6.93 -36.78
CA VAL B 754 45.60 7.82 -36.34
C VAL B 754 44.70 7.10 -35.34
N ALA B 755 44.06 6.01 -35.79
CA ALA B 755 43.11 5.31 -34.93
C ALA B 755 43.75 5.00 -33.59
N ALA B 756 45.04 4.67 -33.63
CA ALA B 756 45.80 4.49 -32.41
C ALA B 756 45.74 5.73 -31.56
N ASN B 757 46.19 6.84 -32.13
CA ASN B 757 46.21 8.08 -31.39
C ASN B 757 44.88 8.29 -30.70
N LEU B 758 43.81 8.16 -31.47
CA LEU B 758 42.50 8.41 -30.92
C LEU B 758 42.19 7.45 -29.80
N LEU B 759 42.33 6.17 -30.05
CA LEU B 759 42.02 5.21 -29.02
C LEU B 759 42.81 5.50 -27.76
N ARG B 760 44.08 5.83 -27.93
CA ARG B 760 44.87 6.28 -26.81
C ARG B 760 44.15 7.38 -26.09
N PHE B 761 43.83 8.44 -26.81
CA PHE B 761 43.11 9.55 -26.21
C PHE B 761 41.91 9.07 -25.46
N ALA B 762 41.15 8.14 -26.03
CA ALA B 762 40.03 7.55 -25.34
C ALA B 762 40.49 6.99 -24.01
N LEU B 763 41.47 6.10 -24.06
CA LEU B 763 42.08 5.62 -22.84
C LEU B 763 42.76 6.75 -22.10
N LEU B 764 43.46 7.60 -22.83
CA LEU B 764 44.26 8.62 -22.20
C LEU B 764 44.54 9.72 -23.20
N LEU C 177 -47.99 -48.37 -17.57
CA LEU C 177 -46.92 -48.46 -16.58
C LEU C 177 -46.40 -47.08 -16.21
N ARG C 178 -47.05 -46.07 -16.79
CA ARG C 178 -46.58 -44.69 -16.70
C ARG C 178 -45.12 -44.70 -17.13
N ILE C 179 -44.29 -43.89 -16.44
CA ILE C 179 -42.86 -43.83 -16.67
C ILE C 179 -42.33 -42.65 -15.89
N ILE C 180 -41.05 -42.40 -16.03
CA ILE C 180 -40.54 -41.05 -16.13
C ILE C 180 -39.91 -40.93 -17.52
N TRP C 181 -40.11 -39.77 -18.16
CA TRP C 181 -39.84 -39.65 -19.59
C TRP C 181 -38.48 -40.21 -19.97
N GLY C 182 -37.45 -39.79 -19.27
CA GLY C 182 -36.14 -40.37 -19.53
C GLY C 182 -35.66 -41.36 -18.51
N THR C 183 -36.26 -41.36 -17.31
CA THR C 183 -35.74 -42.19 -16.25
C THR C 183 -36.08 -43.65 -16.46
N ASN C 184 -37.03 -43.93 -17.35
CA ASN C 184 -37.56 -45.27 -17.51
C ASN C 184 -38.03 -45.81 -16.16
N VAL C 185 -38.39 -44.91 -15.27
CA VAL C 185 -38.78 -45.26 -13.93
C VAL C 185 -40.30 -45.16 -13.90
N SER C 186 -40.95 -46.31 -13.90
CA SER C 186 -42.40 -46.33 -13.91
C SER C 186 -42.88 -45.68 -12.64
N ILE C 187 -43.70 -44.64 -12.78
CA ILE C 187 -44.34 -44.08 -11.61
C ILE C 187 -45.11 -45.20 -10.93
N GLN C 188 -45.03 -45.24 -9.60
CA GLN C 188 -45.42 -46.38 -8.81
C GLN C 188 -44.76 -47.63 -9.34
N GLU C 189 -45.44 -48.77 -9.22
CA GLU C 189 -44.96 -50.07 -9.70
C GLU C 189 -43.64 -50.42 -9.02
N CYS C 190 -42.87 -49.39 -8.73
CA CYS C 190 -41.80 -49.46 -7.81
C CYS C 190 -42.26 -49.09 -6.43
N THR C 191 -43.45 -48.50 -6.32
CA THR C 191 -44.02 -48.27 -5.01
C THR C 191 -44.48 -49.58 -4.42
N THR C 192 -45.12 -50.41 -5.23
CA THR C 192 -45.34 -51.78 -4.82
C THR C 192 -44.01 -52.47 -4.62
N ASN C 193 -43.19 -52.50 -5.66
CA ASN C 193 -41.95 -53.25 -5.63
C ASN C 193 -41.18 -52.96 -4.37
N PHE C 194 -41.02 -51.70 -4.08
CA PHE C 194 -40.43 -51.29 -2.83
C PHE C 194 -41.26 -51.78 -1.67
N ARG C 195 -42.54 -51.43 -1.65
CA ARG C 195 -43.39 -51.70 -0.51
C ARG C 195 -43.22 -53.13 -0.04
N ASN C 196 -43.23 -54.06 -0.98
CA ASN C 196 -42.95 -55.44 -0.66
C ASN C 196 -41.64 -55.55 0.09
N PHE C 197 -40.57 -55.03 -0.48
CA PHE C 197 -39.26 -55.14 0.14
C PHE C 197 -39.27 -54.51 1.53
N LEU C 198 -39.66 -53.24 1.59
CA LEU C 198 -39.71 -52.51 2.84
C LEU C 198 -40.43 -53.30 3.91
N MET C 199 -41.64 -53.72 3.60
CA MET C 199 -42.38 -54.55 4.52
C MET C 199 -41.59 -55.79 4.91
N SER C 200 -40.96 -56.44 3.94
CA SER C 200 -40.43 -57.78 4.16
C SER C 200 -38.95 -57.82 3.78
N PHE C 201 -38.09 -58.01 4.77
CA PHE C 201 -36.65 -58.08 4.52
C PHE C 201 -35.95 -59.24 5.23
N LYS C 202 -35.96 -59.22 6.56
CA LYS C 202 -35.17 -60.11 7.43
C LYS C 202 -33.71 -59.92 7.07
N TYR C 203 -32.89 -60.96 7.02
CA TYR C 203 -31.56 -60.83 6.44
C TYR C 203 -31.49 -61.74 5.23
N LYS C 204 -31.61 -61.15 4.05
CA LYS C 204 -31.09 -61.76 2.84
C LYS C 204 -29.64 -61.40 2.67
N PHE C 205 -29.19 -60.37 3.39
CA PHE C 205 -27.81 -59.97 3.32
C PHE C 205 -26.89 -61.09 3.79
N ARG C 206 -27.26 -61.77 4.88
CA ARG C 206 -26.44 -62.85 5.41
C ARG C 206 -26.09 -63.88 4.36
N LYS C 207 -26.94 -64.04 3.35
CA LYS C 207 -26.61 -64.87 2.22
C LYS C 207 -25.36 -64.38 1.52
N ILE C 208 -25.31 -63.11 1.15
CA ILE C 208 -24.08 -62.56 0.60
C ILE C 208 -22.96 -62.71 1.62
N LEU C 209 -23.27 -62.44 2.88
CA LEU C 209 -22.34 -62.66 3.97
C LEU C 209 -21.95 -64.10 4.09
N ASP C 210 -22.61 -64.98 3.35
CA ASP C 210 -22.50 -66.42 3.45
C ASP C 210 -23.10 -66.84 4.78
N GLU C 211 -23.60 -65.91 5.59
CA GLU C 211 -24.10 -66.18 6.93
C GLU C 211 -22.96 -66.82 7.71
N ARG C 212 -23.11 -68.05 8.18
CA ARG C 212 -22.04 -68.71 8.91
C ARG C 212 -22.29 -70.21 8.86
N ASP C 221 -32.44 -61.19 15.33
CA ASP C 221 -31.78 -60.97 14.05
C ASP C 221 -32.60 -61.61 12.97
N GLU C 222 -33.12 -62.77 13.33
CA GLU C 222 -33.96 -63.52 12.41
C GLU C 222 -34.99 -62.61 11.78
N GLU C 223 -35.63 -61.81 12.61
CA GLU C 223 -36.72 -60.99 12.16
C GLU C 223 -36.25 -59.94 11.17
N LEU C 224 -37.22 -59.41 10.41
CA LEU C 224 -36.96 -58.31 9.49
C LEU C 224 -36.63 -57.05 10.26
N TYR C 225 -35.64 -56.31 9.75
CA TYR C 225 -35.21 -55.09 10.42
C TYR C 225 -36.16 -53.94 10.12
N TYR C 226 -36.49 -53.77 8.84
CA TYR C 226 -37.11 -52.53 8.37
C TYR C 226 -38.31 -52.14 9.20
N ILE C 227 -39.22 -53.08 9.44
CA ILE C 227 -40.36 -52.76 10.25
C ILE C 227 -39.92 -52.28 11.62
N LYS C 228 -39.05 -53.03 12.28
CA LYS C 228 -38.65 -52.67 13.63
C LYS C 228 -38.04 -51.29 13.66
N GLN C 229 -36.97 -51.11 12.90
CA GLN C 229 -36.35 -49.81 12.77
C GLN C 229 -37.40 -48.74 12.51
N LEU C 230 -38.32 -49.02 11.61
CA LEU C 230 -39.33 -48.04 11.25
C LEU C 230 -40.21 -47.69 12.42
N ASN C 231 -40.55 -48.67 13.22
CA ASN C 231 -41.35 -48.40 14.41
C ASN C 231 -40.60 -47.48 15.34
N GLU C 232 -39.35 -47.85 15.62
CA GLU C 232 -38.51 -46.96 16.41
C GLU C 232 -38.59 -45.55 15.87
N MET C 233 -38.50 -45.42 14.55
CA MET C 233 -38.64 -44.11 13.93
C MET C 233 -39.94 -43.46 14.35
N ARG C 234 -41.05 -44.16 14.15
CA ARG C 234 -42.34 -43.59 14.50
C ARG C 234 -42.36 -43.09 15.94
N GLU C 235 -41.99 -43.96 16.87
CA GLU C 235 -41.98 -43.56 18.27
C GLU C 235 -41.12 -42.34 18.48
N LEU C 236 -39.83 -42.47 18.27
CA LEU C 236 -38.94 -41.33 18.38
C LEU C 236 -39.41 -40.20 17.48
N GLY C 237 -39.98 -40.53 16.33
CA GLY C 237 -40.39 -39.49 15.41
C GLY C 237 -39.24 -38.68 14.86
N THR C 238 -38.17 -39.33 14.42
CA THR C 238 -37.02 -38.59 13.91
C THR C 238 -37.00 -38.45 12.40
N SER C 239 -37.95 -39.07 11.68
CA SER C 239 -37.91 -39.12 10.23
C SER C 239 -36.55 -39.63 9.75
N ASN C 240 -36.06 -39.07 8.64
CA ASN C 240 -34.66 -39.18 8.22
C ASN C 240 -34.15 -40.62 8.18
N LEU C 241 -34.82 -41.48 7.44
CA LEU C 241 -34.34 -42.85 7.29
C LEU C 241 -33.17 -42.87 6.32
N ASN C 242 -32.02 -43.36 6.78
CA ASN C 242 -30.82 -43.35 5.97
C ASN C 242 -30.64 -44.61 5.14
N LEU C 243 -31.60 -45.52 5.21
CA LEU C 243 -31.62 -46.77 4.47
C LEU C 243 -30.30 -47.53 4.65
N ASP C 244 -29.90 -48.32 3.65
CA ASP C 244 -28.70 -49.12 3.72
C ASP C 244 -27.92 -49.05 2.42
N ALA C 245 -28.47 -49.66 1.37
CA ALA C 245 -27.85 -49.69 0.07
C ALA C 245 -26.48 -50.30 0.15
N ARG C 246 -26.43 -51.63 0.18
CA ARG C 246 -27.55 -52.38 -0.35
C ARG C 246 -28.10 -53.45 0.57
N ASN C 247 -29.32 -53.21 1.04
CA ASN C 247 -30.19 -54.32 1.39
C ASN C 247 -30.92 -54.83 0.17
N LEU C 248 -31.39 -53.90 -0.68
CA LEU C 248 -32.07 -54.21 -1.93
C LEU C 248 -31.27 -55.24 -2.67
N LEU C 249 -30.06 -54.88 -3.04
CA LEU C 249 -29.10 -55.87 -3.42
C LEU C 249 -28.59 -56.48 -2.12
N ALA C 250 -28.78 -57.77 -1.93
CA ALA C 250 -29.52 -58.57 -2.88
C ALA C 250 -30.83 -59.03 -2.28
N TYR C 251 -31.93 -58.57 -2.87
CA TYR C 251 -33.24 -59.07 -2.54
C TYR C 251 -34.11 -58.94 -3.78
N LYS C 252 -34.98 -59.92 -3.96
CA LYS C 252 -35.98 -59.83 -4.98
C LYS C 252 -37.30 -59.70 -4.25
N GLN C 253 -38.08 -58.67 -4.57
CA GLN C 253 -37.77 -57.72 -5.62
C GLN C 253 -36.82 -56.64 -5.14
N THR C 254 -36.72 -55.59 -5.95
CA THR C 254 -35.92 -54.37 -5.77
C THR C 254 -34.50 -54.54 -6.30
N GLU C 255 -34.15 -55.71 -6.81
CA GLU C 255 -32.86 -55.85 -7.48
C GLU C 255 -32.65 -54.76 -8.52
N ASP C 256 -33.58 -54.64 -9.47
CA ASP C 256 -33.49 -53.58 -10.45
C ASP C 256 -33.52 -52.23 -9.78
N LEU C 257 -34.39 -52.09 -8.80
CA LEU C 257 -34.48 -50.86 -8.05
C LEU C 257 -33.12 -50.40 -7.60
N TYR C 258 -32.26 -51.32 -7.16
CA TYR C 258 -30.88 -50.94 -6.91
C TYR C 258 -30.31 -50.21 -8.10
N HIS C 259 -30.45 -50.79 -9.29
CA HIS C 259 -29.86 -50.20 -10.47
C HIS C 259 -30.43 -48.83 -10.75
N GLN C 260 -31.74 -48.74 -10.92
CA GLN C 260 -32.36 -47.47 -11.23
C GLN C 260 -31.99 -46.41 -10.22
N LEU C 261 -31.91 -46.80 -8.96
CA LEU C 261 -31.51 -45.88 -7.92
C LEU C 261 -30.15 -45.30 -8.22
N LEU C 262 -29.15 -46.16 -8.37
CA LEU C 262 -27.84 -45.66 -8.73
C LEU C 262 -27.94 -44.74 -9.93
N ASN C 263 -28.74 -45.12 -10.92
CA ASN C 263 -28.82 -44.35 -12.15
C ASN C 263 -29.50 -43.01 -11.92
N TYR C 264 -30.74 -43.02 -11.47
CA TYR C 264 -31.61 -41.85 -11.52
C TYR C 264 -31.98 -41.47 -10.11
N PRO C 265 -31.01 -41.04 -9.33
CA PRO C 265 -31.22 -41.01 -7.89
C PRO C 265 -32.35 -40.11 -7.44
N GLN C 266 -32.41 -38.87 -7.92
CA GLN C 266 -33.26 -37.86 -7.28
C GLN C 266 -34.72 -38.29 -7.33
N GLU C 267 -35.23 -38.47 -8.54
CA GLU C 267 -36.61 -38.91 -8.70
C GLU C 267 -36.87 -40.12 -7.83
N VAL C 268 -35.99 -41.09 -7.92
CA VAL C 268 -36.12 -42.32 -7.15
C VAL C 268 -36.35 -41.98 -5.69
N ILE C 269 -35.45 -41.21 -5.10
CA ILE C 269 -35.54 -40.92 -3.68
C ILE C 269 -36.84 -40.22 -3.38
N SER C 270 -37.31 -39.39 -4.31
CA SER C 270 -38.59 -38.74 -4.11
C SER C 270 -39.68 -39.78 -3.94
N ILE C 271 -39.81 -40.65 -4.94
CA ILE C 271 -40.79 -41.73 -4.86
C ILE C 271 -40.62 -42.45 -3.53
N MET C 272 -39.38 -42.76 -3.19
CA MET C 272 -39.08 -43.46 -1.96
C MET C 272 -39.72 -42.76 -0.77
N ASP C 273 -39.41 -41.48 -0.61
CA ASP C 273 -39.97 -40.74 0.51
C ASP C 273 -41.48 -40.82 0.51
N GLN C 274 -42.09 -40.65 -0.66
CA GLN C 274 -43.54 -40.71 -0.74
C GLN C 274 -44.05 -42.02 -0.18
N THR C 275 -43.58 -43.12 -0.77
CA THR C 275 -43.96 -44.44 -0.30
C THR C 275 -43.76 -44.54 1.20
N ILE C 276 -42.69 -43.92 1.69
CA ILE C 276 -42.36 -44.02 3.10
C ILE C 276 -43.47 -43.40 3.94
N LYS C 277 -43.79 -42.14 3.68
CA LYS C 277 -44.86 -41.51 4.42
C LYS C 277 -46.12 -42.36 4.34
N ASP C 278 -46.50 -42.74 3.13
CA ASP C 278 -47.69 -43.57 2.95
C ASP C 278 -47.63 -44.79 3.86
N CYS C 279 -46.44 -45.38 3.97
CA CYS C 279 -46.29 -46.58 4.76
C CYS C 279 -46.45 -46.27 6.24
N MET C 280 -45.80 -45.20 6.70
CA MET C 280 -45.98 -44.77 8.08
C MET C 280 -47.46 -44.66 8.38
N VAL C 281 -48.20 -44.02 7.48
CA VAL C 281 -49.63 -43.86 7.67
C VAL C 281 -50.30 -45.21 7.79
N SER C 282 -50.14 -46.06 6.77
CA SER C 282 -50.77 -47.36 6.80
C SER C 282 -50.42 -48.13 8.06
N LEU C 283 -49.25 -47.86 8.63
CA LEU C 283 -48.85 -48.49 9.87
C LEU C 283 -49.65 -47.96 11.05
N ILE C 284 -49.71 -46.65 11.18
CA ILE C 284 -50.48 -46.05 12.26
C ILE C 284 -51.91 -46.56 12.22
N VAL C 285 -52.49 -46.59 11.03
CA VAL C 285 -53.85 -47.06 10.86
C VAL C 285 -54.03 -48.44 11.45
N ASP C 286 -53.07 -49.32 11.24
CA ASP C 286 -53.10 -50.59 11.94
C ASP C 286 -53.18 -50.37 13.44
N ASN C 287 -52.41 -49.42 13.93
CA ASN C 287 -52.38 -49.12 15.35
C ASN C 287 -53.57 -48.30 15.76
N ASN C 288 -54.46 -47.98 14.83
CA ASN C 288 -55.60 -47.11 15.10
C ASN C 288 -55.02 -45.81 15.59
N LEU C 289 -55.40 -45.32 16.77
CA LEU C 289 -54.85 -44.08 17.29
C LEU C 289 -53.35 -44.23 17.47
N ASP C 290 -52.59 -43.35 16.85
CA ASP C 290 -51.14 -43.36 16.95
C ASP C 290 -50.65 -41.94 17.16
N TYR C 291 -50.02 -41.70 18.31
CA TYR C 291 -49.21 -40.51 18.57
C TYR C 291 -50.00 -39.21 18.51
N ASP C 292 -51.31 -39.27 18.69
CA ASP C 292 -52.10 -38.08 18.97
C ASP C 292 -51.88 -36.85 18.07
N LEU C 293 -52.37 -36.87 16.83
CA LEU C 293 -52.80 -38.08 16.18
C LEU C 293 -52.29 -38.13 14.74
N ASP C 294 -52.89 -37.31 13.88
CA ASP C 294 -52.65 -37.35 12.45
C ASP C 294 -51.66 -36.31 11.95
N GLU C 295 -51.23 -35.41 12.83
CA GLU C 295 -50.28 -34.39 12.41
C GLU C 295 -49.02 -35.04 11.88
N ILE C 296 -48.46 -35.97 12.66
CA ILE C 296 -47.17 -36.57 12.37
C ILE C 296 -47.11 -37.10 10.95
N GLU C 297 -48.20 -37.65 10.44
CA GLU C 297 -48.18 -38.14 9.07
C GLU C 297 -47.85 -37.03 8.10
N THR C 298 -48.39 -35.83 8.34
CA THR C 298 -48.12 -34.72 7.47
C THR C 298 -46.66 -34.31 7.48
N LYS C 299 -45.93 -34.63 8.54
CA LYS C 299 -44.52 -34.27 8.62
C LYS C 299 -43.70 -35.03 7.59
N PHE C 300 -42.52 -34.49 7.27
CA PHE C 300 -41.71 -35.03 6.18
C PHE C 300 -40.65 -35.99 6.70
N TYR C 301 -40.65 -37.19 6.16
CA TYR C 301 -39.60 -38.17 6.39
C TYR C 301 -38.76 -38.27 5.12
N LYS C 302 -37.46 -38.49 5.27
CA LYS C 302 -36.58 -38.44 4.11
C LYS C 302 -35.56 -39.57 4.16
N VAL C 303 -35.18 -40.05 2.98
CA VAL C 303 -34.23 -41.13 2.84
C VAL C 303 -32.82 -40.55 2.82
N ARG C 304 -31.89 -41.19 3.53
CA ARG C 304 -30.49 -40.79 3.50
C ARG C 304 -29.66 -42.01 3.17
N PRO C 305 -29.93 -42.63 2.05
CA PRO C 305 -29.23 -43.88 1.71
C PRO C 305 -27.73 -43.70 1.76
N TYR C 306 -27.04 -44.78 2.10
CA TYR C 306 -25.60 -44.74 2.22
C TYR C 306 -25.04 -46.02 1.63
N ASN C 307 -23.74 -46.25 1.81
CA ASN C 307 -23.11 -47.52 1.47
C ASN C 307 -23.26 -47.89 -0.01
N VAL C 308 -23.49 -46.91 -0.87
CA VAL C 308 -23.96 -47.17 -2.23
C VAL C 308 -22.76 -47.29 -3.17
N GLY C 309 -22.53 -48.51 -3.64
CA GLY C 309 -21.56 -48.73 -4.70
C GLY C 309 -20.14 -48.56 -4.21
N SER C 310 -19.20 -49.13 -4.94
CA SER C 310 -17.79 -48.86 -4.70
C SER C 310 -17.38 -47.88 -5.77
N CYS C 311 -17.20 -46.63 -5.38
CA CYS C 311 -16.86 -45.58 -6.32
C CYS C 311 -15.36 -45.40 -6.33
N LYS C 312 -14.81 -45.19 -7.51
CA LYS C 312 -13.38 -44.99 -7.65
C LYS C 312 -13.13 -43.50 -7.57
N GLY C 313 -12.65 -43.07 -6.40
CA GLY C 313 -12.18 -41.73 -6.20
C GLY C 313 -13.11 -40.68 -6.73
N MET C 314 -12.51 -39.67 -7.35
CA MET C 314 -13.19 -38.56 -7.99
C MET C 314 -12.63 -38.38 -9.38
N ARG C 315 -11.34 -38.06 -9.43
CA ARG C 315 -10.61 -37.78 -10.66
C ARG C 315 -10.93 -38.84 -11.71
N GLU C 316 -11.19 -40.05 -11.24
CA GLU C 316 -11.59 -41.13 -12.14
C GLU C 316 -12.85 -40.79 -12.91
N LEU C 317 -13.84 -40.18 -12.25
CA LEU C 317 -15.19 -40.15 -12.80
C LEU C 317 -15.24 -39.49 -14.16
N ASN C 318 -16.09 -40.03 -15.02
CA ASN C 318 -16.32 -39.46 -16.32
C ASN C 318 -17.44 -38.45 -16.24
N PRO C 319 -17.48 -37.51 -17.19
CA PRO C 319 -18.73 -36.81 -17.44
C PRO C 319 -19.86 -37.77 -17.67
N ASN C 320 -19.54 -39.00 -18.08
CA ASN C 320 -20.56 -40.03 -18.24
C ASN C 320 -21.44 -40.11 -17.00
N ASP C 321 -20.88 -39.97 -15.82
CA ASP C 321 -21.71 -39.86 -14.63
C ASP C 321 -21.61 -38.41 -14.17
N ILE C 322 -22.60 -37.63 -14.51
CA ILE C 322 -22.77 -36.33 -13.92
C ILE C 322 -23.57 -36.40 -12.64
N ASP C 323 -24.66 -37.17 -12.66
CA ASP C 323 -25.53 -37.31 -11.51
C ASP C 323 -25.60 -38.79 -11.17
N LYS C 324 -24.95 -39.15 -10.08
CA LYS C 324 -25.08 -40.49 -9.57
C LYS C 324 -24.65 -40.45 -8.12
N LEU C 325 -25.09 -41.45 -7.38
CA LEU C 325 -24.58 -41.67 -6.05
C LEU C 325 -23.13 -42.04 -6.15
N ILE C 326 -22.31 -41.46 -5.28
CA ILE C 326 -20.87 -41.66 -5.34
C ILE C 326 -20.31 -41.67 -3.93
N ASN C 327 -19.32 -42.52 -3.71
CA ASN C 327 -18.72 -42.69 -2.39
C ASN C 327 -17.38 -41.97 -2.33
N LEU C 328 -17.10 -41.37 -1.19
CA LEU C 328 -15.89 -40.59 -1.03
C LEU C 328 -15.37 -40.75 0.38
N LYS C 329 -14.15 -40.27 0.58
CA LYS C 329 -13.47 -40.43 1.85
C LYS C 329 -12.39 -39.36 1.98
N GLY C 330 -11.85 -39.24 3.18
CA GLY C 330 -10.73 -38.37 3.44
C GLY C 330 -11.08 -37.20 4.33
N LEU C 331 -10.05 -36.54 4.83
CA LEU C 331 -10.24 -35.53 5.86
C LEU C 331 -10.84 -34.25 5.28
N VAL C 332 -11.44 -33.47 6.17
CA VAL C 332 -12.19 -32.28 5.81
C VAL C 332 -11.25 -31.10 5.86
N LEU C 333 -11.06 -30.43 4.72
CA LEU C 333 -10.09 -29.35 4.63
C LEU C 333 -10.61 -28.07 5.27
N ARG C 334 -11.59 -27.43 4.63
CA ARG C 334 -12.15 -26.21 5.18
C ARG C 334 -13.63 -26.21 4.89
N SER C 335 -14.36 -25.39 5.64
CA SER C 335 -15.81 -25.35 5.53
C SER C 335 -16.30 -23.92 5.63
N THR C 336 -17.08 -23.52 4.65
CA THR C 336 -17.63 -22.19 4.68
C THR C 336 -18.65 -22.08 5.79
N PRO C 337 -18.83 -20.89 6.31
CA PRO C 337 -19.99 -20.64 7.13
C PRO C 337 -21.25 -20.91 6.34
N VAL C 338 -22.34 -21.05 7.08
CA VAL C 338 -23.64 -21.18 6.48
C VAL C 338 -23.85 -20.06 5.48
N ILE C 339 -24.37 -20.40 4.32
CA ILE C 339 -24.71 -19.43 3.29
C ILE C 339 -26.22 -19.47 3.09
N PRO C 340 -26.96 -18.40 3.39
CA PRO C 340 -28.42 -18.45 3.34
C PRO C 340 -28.96 -18.67 1.94
N ASP C 341 -30.07 -19.42 1.87
CA ASP C 341 -30.70 -19.64 0.59
C ASP C 341 -32.19 -19.41 0.72
N MET C 342 -32.69 -18.39 0.05
CA MET C 342 -34.13 -18.28 0.03
C MET C 342 -34.63 -19.27 -0.98
N LYS C 343 -35.28 -20.32 -0.49
CA LYS C 343 -36.14 -21.07 -1.38
C LYS C 343 -37.20 -20.04 -1.67
N VAL C 344 -37.58 -19.37 -0.60
CA VAL C 344 -38.62 -18.38 -0.64
C VAL C 344 -37.96 -17.02 -0.51
N ALA C 345 -37.96 -16.27 -1.59
CA ALA C 345 -37.67 -14.86 -1.55
C ALA C 345 -38.78 -14.13 -0.80
N PHE C 346 -38.51 -12.88 -0.40
CA PHE C 346 -39.48 -12.03 0.29
C PHE C 346 -39.61 -10.69 -0.39
N PHE C 347 -40.84 -10.33 -0.75
CA PHE C 347 -41.09 -9.10 -1.47
C PHE C 347 -42.20 -8.32 -0.77
N LYS C 348 -42.18 -7.02 -0.98
CA LYS C 348 -43.24 -6.13 -0.53
C LYS C 348 -43.49 -5.10 -1.62
N CYS C 349 -44.56 -4.36 -1.48
CA CYS C 349 -44.91 -3.36 -2.47
C CYS C 349 -44.71 -1.98 -1.89
N ASN C 350 -44.44 -1.02 -2.77
CA ASN C 350 -44.61 0.35 -2.32
C ASN C 350 -46.06 0.59 -1.96
N VAL C 351 -46.96 -0.05 -2.68
CA VAL C 351 -48.37 0.06 -2.41
C VAL C 351 -48.94 -1.34 -2.52
N CYS C 352 -49.75 -1.76 -1.54
CA CYS C 352 -50.34 -0.92 -0.49
C CYS C 352 -49.59 -0.58 0.80
N ASP C 353 -48.83 -1.49 1.41
CA ASP C 353 -48.16 -2.62 0.77
C ASP C 353 -48.79 -3.97 0.98
N HIS C 354 -48.58 -4.84 -0.01
CA HIS C 354 -48.76 -6.27 0.14
C HIS C 354 -47.40 -6.97 0.17
N THR C 355 -47.33 -8.02 0.97
CA THR C 355 -46.08 -8.67 1.36
C THR C 355 -45.72 -9.89 0.51
N MET C 356 -46.45 -10.17 -0.57
CA MET C 356 -46.32 -11.44 -1.27
C MET C 356 -44.86 -11.71 -1.67
N ALA C 357 -44.53 -13.00 -1.68
CA ALA C 357 -43.14 -13.45 -1.81
C ALA C 357 -43.08 -14.68 -2.70
N VAL C 358 -42.05 -14.74 -3.54
CA VAL C 358 -41.90 -15.79 -4.55
C VAL C 358 -40.84 -16.78 -4.11
N GLU C 359 -41.11 -18.06 -4.32
CA GLU C 359 -40.11 -19.06 -4.03
C GLU C 359 -39.12 -19.18 -5.18
N ILE C 360 -37.84 -19.30 -4.83
CA ILE C 360 -36.80 -19.36 -5.86
C ILE C 360 -37.06 -20.51 -6.81
N ASP C 361 -37.19 -21.72 -6.27
CA ASP C 361 -37.25 -22.91 -7.10
C ASP C 361 -36.03 -22.93 -8.01
N ARG C 362 -36.27 -22.81 -9.31
CA ARG C 362 -35.16 -22.62 -10.24
C ARG C 362 -34.34 -21.41 -9.82
N GLY C 363 -33.04 -21.48 -10.10
CA GLY C 363 -32.05 -20.65 -9.44
C GLY C 363 -32.12 -19.16 -9.69
N VAL C 364 -33.09 -18.72 -10.47
CA VAL C 364 -33.33 -17.30 -10.68
C VAL C 364 -34.58 -16.92 -9.91
N ILE C 365 -34.58 -15.71 -9.40
CA ILE C 365 -35.75 -15.13 -8.75
C ILE C 365 -36.34 -14.12 -9.73
N GLN C 366 -37.52 -14.42 -10.24
CA GLN C 366 -38.21 -13.53 -11.15
C GLN C 366 -39.27 -12.78 -10.35
N GLU C 367 -39.04 -11.51 -10.13
CA GLU C 367 -39.94 -10.72 -9.30
C GLU C 367 -41.04 -10.07 -10.13
N PRO C 368 -42.23 -9.97 -9.58
CA PRO C 368 -43.30 -9.23 -10.28
C PRO C 368 -43.00 -7.75 -10.32
N ALA C 369 -43.16 -7.15 -11.50
CA ALA C 369 -42.98 -5.71 -11.62
C ALA C 369 -43.99 -4.97 -10.76
N ARG C 370 -45.27 -5.22 -11.01
CA ARG C 370 -46.30 -4.62 -10.21
C ARG C 370 -47.56 -5.40 -10.38
N CYS C 371 -48.48 -5.30 -9.44
CA CYS C 371 -48.21 -4.91 -8.07
C CYS C 371 -49.21 -5.76 -7.36
N GLU C 372 -49.04 -5.98 -6.07
CA GLU C 372 -50.03 -6.70 -5.29
C GLU C 372 -50.52 -5.75 -4.22
N ARG C 373 -51.83 -5.49 -4.22
CA ARG C 373 -52.43 -4.63 -3.21
C ARG C 373 -51.56 -3.41 -3.14
N ILE C 374 -51.66 -2.48 -4.09
CA ILE C 374 -52.91 -2.16 -4.75
C ILE C 374 -53.44 -3.18 -5.72
N ASP C 375 -52.79 -3.32 -6.88
CA ASP C 375 -53.35 -4.16 -7.91
C ASP C 375 -54.85 -3.88 -8.05
N CYS C 376 -55.27 -2.73 -8.61
CA CYS C 376 -54.56 -1.88 -9.57
C CYS C 376 -54.12 -2.88 -10.71
N ASN C 377 -52.99 -2.88 -11.44
CA ASN C 377 -51.78 -2.05 -11.46
C ASN C 377 -51.00 -2.17 -10.11
N GLU C 378 -50.31 -1.17 -9.57
CA GLU C 378 -49.87 0.02 -10.25
C GLU C 378 -48.43 -0.24 -10.37
N PRO C 379 -47.79 0.33 -11.39
CA PRO C 379 -46.38 0.04 -11.58
C PRO C 379 -45.62 0.56 -10.38
N ASN C 380 -46.07 0.09 -9.23
CA ASN C 380 -45.59 0.53 -7.95
C ASN C 380 -44.47 -0.40 -7.56
N SER C 381 -43.38 0.20 -7.10
CA SER C 381 -42.19 -0.58 -6.82
C SER C 381 -42.52 -1.71 -5.88
N MET C 382 -42.18 -2.90 -6.30
CA MET C 382 -42.29 -4.08 -5.46
C MET C 382 -40.93 -4.23 -4.79
N SER C 383 -40.90 -3.97 -3.49
CA SER C 383 -39.66 -3.99 -2.74
C SER C 383 -39.32 -5.41 -2.29
N LEU C 384 -38.03 -5.71 -2.23
CA LEU C 384 -37.54 -7.02 -1.83
C LEU C 384 -36.89 -6.90 -0.46
N ILE C 385 -37.52 -7.47 0.55
CA ILE C 385 -37.03 -7.35 1.91
C ILE C 385 -36.10 -8.52 2.12
N HIS C 386 -34.82 -8.24 2.12
CA HIS C 386 -33.83 -9.29 2.21
C HIS C 386 -33.78 -9.87 3.59
N ASN C 387 -34.13 -9.10 4.60
CA ASN C 387 -34.23 -9.65 5.93
C ASN C 387 -35.40 -10.60 6.06
N ARG C 388 -36.36 -10.54 5.14
CA ARG C 388 -37.56 -11.35 5.28
C ARG C 388 -37.52 -12.66 4.48
N CYS C 389 -36.49 -12.91 3.69
CA CYS C 389 -36.43 -14.11 2.83
C CYS C 389 -35.90 -15.35 3.57
N SER C 390 -36.27 -16.52 3.04
CA SER C 390 -35.85 -17.80 3.63
C SER C 390 -34.36 -18.03 3.43
N PHE C 391 -33.79 -18.89 4.23
CA PHE C 391 -32.38 -19.18 4.10
C PHE C 391 -32.12 -20.66 4.31
N ALA C 392 -31.50 -21.27 3.33
CA ALA C 392 -30.83 -22.53 3.54
C ALA C 392 -29.35 -22.24 3.54
N ASP C 393 -28.61 -23.02 4.30
CA ASP C 393 -27.19 -22.78 4.46
C ASP C 393 -26.33 -23.59 3.53
N LYS C 394 -26.92 -24.40 2.64
CA LYS C 394 -26.40 -25.74 2.46
C LYS C 394 -24.90 -25.58 2.37
N GLN C 395 -24.21 -26.04 3.41
CA GLN C 395 -22.93 -25.43 3.75
C GLN C 395 -21.90 -25.86 2.75
N VAL C 396 -20.69 -25.34 2.90
CA VAL C 396 -19.68 -25.60 1.90
C VAL C 396 -18.47 -26.17 2.58
N ILE C 397 -18.07 -27.37 2.19
CA ILE C 397 -16.96 -28.07 2.80
C ILE C 397 -15.92 -28.34 1.73
N LYS C 398 -14.78 -27.69 1.86
CA LYS C 398 -13.62 -28.11 1.09
C LYS C 398 -13.21 -29.51 1.54
N LEU C 399 -13.11 -30.40 0.59
CA LEU C 399 -12.82 -31.78 0.92
C LEU C 399 -11.48 -32.12 0.32
N GLN C 400 -10.62 -32.72 1.11
CA GLN C 400 -9.42 -33.33 0.60
C GLN C 400 -9.68 -34.82 0.56
N GLU C 401 -9.87 -35.34 -0.65
CA GLU C 401 -10.28 -36.72 -0.79
C GLU C 401 -9.07 -37.62 -0.82
N THR C 402 -9.14 -38.69 -0.04
CA THR C 402 -8.22 -39.82 -0.23
C THR C 402 -9.06 -40.99 -0.70
N PRO C 403 -9.03 -41.31 -1.99
CA PRO C 403 -9.53 -42.61 -2.44
C PRO C 403 -8.61 -43.75 -2.06
N ASP C 404 -7.38 -43.43 -1.67
CA ASP C 404 -6.24 -44.34 -1.65
C ASP C 404 -6.16 -44.94 -3.04
N PHE C 405 -5.78 -46.22 -3.13
CA PHE C 405 -5.78 -46.94 -4.39
C PHE C 405 -5.18 -46.08 -5.49
N VAL C 406 -4.20 -45.26 -5.14
CA VAL C 406 -3.80 -44.15 -5.99
C VAL C 406 -3.19 -44.69 -7.27
N PRO C 407 -3.83 -44.46 -8.43
CA PRO C 407 -3.22 -44.85 -9.71
C PRO C 407 -1.89 -44.18 -9.95
N ASP C 408 -1.56 -43.19 -9.13
CA ASP C 408 -0.57 -42.19 -9.40
C ASP C 408 -0.95 -41.59 -10.76
N GLY C 409 -0.05 -40.89 -11.44
CA GLY C 409 0.94 -40.03 -10.78
C GLY C 409 0.21 -38.92 -10.05
N GLN C 410 -1.13 -39.01 -10.06
CA GLN C 410 -2.01 -37.98 -9.53
C GLN C 410 -1.68 -37.62 -8.09
N THR C 411 -1.94 -36.37 -7.76
CA THR C 411 -1.81 -35.86 -6.42
C THR C 411 -3.21 -35.64 -5.89
N PRO C 412 -3.40 -35.75 -4.58
CA PRO C 412 -4.77 -35.84 -4.05
C PRO C 412 -5.59 -34.65 -4.52
N HIS C 413 -6.73 -34.96 -5.09
CA HIS C 413 -7.65 -33.90 -5.45
C HIS C 413 -8.32 -33.38 -4.19
N SER C 414 -8.74 -32.12 -4.25
CA SER C 414 -9.57 -31.56 -3.21
C SER C 414 -10.99 -31.46 -3.76
N ILE C 415 -11.94 -31.59 -2.86
CA ILE C 415 -13.33 -31.57 -3.28
C ILE C 415 -14.06 -30.53 -2.47
N SER C 416 -15.25 -30.20 -2.93
CA SER C 416 -16.12 -29.29 -2.21
C SER C 416 -17.53 -29.79 -2.40
N LEU C 417 -18.28 -29.88 -1.30
CA LEU C 417 -19.62 -30.42 -1.33
C LEU C 417 -20.58 -29.50 -0.60
N CYS C 418 -21.74 -29.30 -1.20
CA CYS C 418 -22.70 -28.30 -0.77
C CYS C 418 -23.53 -28.73 0.43
N VAL C 419 -23.43 -29.99 0.84
CA VAL C 419 -24.26 -30.52 1.90
C VAL C 419 -25.69 -30.13 1.61
N TYR C 420 -26.41 -29.86 2.69
CA TYR C 420 -27.64 -29.09 2.71
C TYR C 420 -28.20 -29.25 4.09
N ASP C 421 -29.10 -28.36 4.47
CA ASP C 421 -30.05 -28.66 5.53
C ASP C 421 -29.41 -29.18 6.80
N GLU C 422 -30.04 -30.20 7.40
CA GLU C 422 -29.58 -30.71 8.68
C GLU C 422 -28.15 -31.19 8.62
N LEU C 423 -27.75 -31.67 7.44
CA LEU C 423 -26.37 -32.07 7.25
C LEU C 423 -25.40 -30.96 7.61
N VAL C 424 -25.79 -29.71 7.43
CA VAL C 424 -24.87 -28.60 7.65
C VAL C 424 -24.28 -28.69 9.05
N ASP C 425 -23.01 -28.33 9.17
CA ASP C 425 -22.27 -28.16 10.42
C ASP C 425 -22.12 -29.46 11.18
N SER C 426 -22.83 -30.50 10.77
CA SER C 426 -22.67 -31.76 11.46
C SER C 426 -21.25 -32.28 11.36
N CYS C 427 -20.39 -31.67 10.54
CA CYS C 427 -19.05 -32.19 10.30
C CYS C 427 -18.03 -31.24 10.87
N ARG C 428 -17.17 -31.75 11.74
CA ARG C 428 -15.99 -31.01 12.11
C ARG C 428 -14.95 -31.15 11.02
N ALA C 429 -14.18 -30.09 10.84
CA ALA C 429 -13.10 -30.13 9.88
C ALA C 429 -12.13 -31.22 10.26
N GLY C 430 -11.52 -31.82 9.26
CA GLY C 430 -10.51 -32.83 9.47
C GLY C 430 -11.06 -34.21 9.69
N ASP C 431 -12.35 -34.36 9.91
CA ASP C 431 -12.91 -35.68 10.12
C ASP C 431 -12.60 -36.56 8.92
N ARG C 432 -12.40 -37.85 9.19
CA ARG C 432 -12.22 -38.84 8.14
C ARG C 432 -13.56 -39.52 8.00
N ILE C 433 -14.23 -39.22 6.91
CA ILE C 433 -15.64 -39.57 6.80
C ILE C 433 -15.87 -40.23 5.46
N GLU C 434 -16.97 -40.98 5.39
CA GLU C 434 -17.23 -41.90 4.29
C GLU C 434 -18.21 -41.38 3.26
N VAL C 435 -18.67 -40.14 3.39
CA VAL C 435 -19.98 -39.73 2.89
C VAL C 435 -20.26 -40.04 1.43
N THR C 436 -21.53 -40.22 1.13
CA THR C 436 -22.03 -40.42 -0.22
C THR C 436 -22.94 -39.26 -0.64
N GLY C 437 -22.96 -38.99 -1.93
CA GLY C 437 -23.78 -37.90 -2.47
C GLY C 437 -23.86 -37.96 -3.98
N THR C 438 -24.55 -36.98 -4.53
CA THR C 438 -24.79 -36.95 -5.96
C THR C 438 -23.74 -36.12 -6.66
N PHE C 439 -23.09 -36.71 -7.64
CA PHE C 439 -22.20 -35.94 -8.49
C PHE C 439 -22.99 -34.78 -9.07
N ARG C 440 -22.33 -33.63 -9.21
CA ARG C 440 -23.01 -32.46 -9.68
C ARG C 440 -22.02 -31.58 -10.42
N SER C 441 -22.52 -30.83 -11.40
CA SER C 441 -21.68 -29.97 -12.23
C SER C 441 -22.46 -28.71 -12.56
N ILE C 442 -21.81 -27.56 -12.46
CA ILE C 442 -22.53 -26.32 -12.74
C ILE C 442 -21.65 -25.36 -13.54
N PRO C 443 -22.21 -24.66 -14.52
CA PRO C 443 -21.50 -23.54 -15.12
C PRO C 443 -21.52 -22.35 -14.17
N ILE C 444 -20.64 -21.39 -14.44
CA ILE C 444 -20.54 -20.22 -13.58
C ILE C 444 -20.25 -19.01 -14.47
N ARG C 445 -20.91 -17.89 -14.19
CA ARG C 445 -20.78 -16.70 -15.02
C ARG C 445 -19.39 -16.09 -14.92
N ALA C 446 -18.80 -15.78 -16.07
CA ALA C 446 -17.41 -15.32 -16.12
C ALA C 446 -17.28 -13.82 -15.84
N ASN C 447 -18.15 -13.00 -16.42
CA ASN C 447 -17.89 -11.56 -16.44
C ASN C 447 -18.23 -10.90 -15.11
N SER C 448 -19.20 -11.47 -14.38
CA SER C 448 -19.78 -10.90 -13.17
C SER C 448 -20.53 -9.61 -13.47
N ARG C 449 -20.39 -9.06 -14.66
CA ARG C 449 -21.27 -8.04 -15.18
C ARG C 449 -22.20 -8.62 -16.23
N GLN C 450 -21.64 -9.16 -17.32
CA GLN C 450 -22.43 -9.69 -18.41
C GLN C 450 -23.13 -10.99 -18.01
N ARG C 451 -24.18 -11.30 -18.76
CA ARG C 451 -24.94 -12.53 -18.56
C ARG C 451 -24.14 -13.78 -18.88
N VAL C 452 -22.93 -13.62 -19.42
CA VAL C 452 -22.20 -14.76 -19.98
C VAL C 452 -21.94 -15.82 -18.92
N LEU C 453 -22.05 -17.09 -19.33
CA LEU C 453 -21.69 -18.24 -18.53
C LEU C 453 -20.51 -18.95 -19.18
N LYS C 454 -19.78 -19.70 -18.37
CA LYS C 454 -18.42 -20.09 -18.73
C LYS C 454 -18.34 -21.34 -19.60
N SER C 455 -19.46 -21.94 -19.97
CA SER C 455 -19.44 -23.28 -20.53
C SER C 455 -18.66 -24.12 -19.52
N LEU C 456 -17.84 -25.07 -20.00
CA LEU C 456 -16.80 -25.72 -19.22
C LEU C 456 -17.25 -25.94 -17.78
N TYR C 457 -18.30 -26.74 -17.59
CA TYR C 457 -19.05 -26.69 -16.33
C TYR C 457 -18.18 -27.09 -15.15
N LYS C 458 -18.54 -26.57 -13.98
CA LYS C 458 -17.81 -26.82 -12.74
C LYS C 458 -18.57 -27.80 -11.88
N THR C 459 -17.88 -28.85 -11.44
CA THR C 459 -18.54 -29.97 -10.80
C THR C 459 -18.44 -29.88 -9.29
N TYR C 460 -19.52 -30.27 -8.63
CA TYR C 460 -19.54 -30.29 -7.17
C TYR C 460 -20.32 -31.53 -6.75
N VAL C 461 -20.27 -31.80 -5.47
CA VAL C 461 -21.00 -32.93 -4.91
C VAL C 461 -22.22 -32.42 -4.17
N ASP C 462 -23.33 -33.14 -4.31
CA ASP C 462 -24.56 -32.75 -3.65
C ASP C 462 -24.68 -33.23 -2.22
N VAL C 463 -23.93 -34.25 -1.82
CA VAL C 463 -23.80 -34.63 -0.41
C VAL C 463 -25.09 -35.17 0.23
N VAL C 464 -25.40 -36.44 -0.01
CA VAL C 464 -26.62 -37.04 0.55
C VAL C 464 -26.40 -37.55 1.97
N HIS C 465 -25.70 -38.69 2.11
CA HIS C 465 -25.57 -39.32 3.41
C HIS C 465 -24.11 -39.39 3.79
N VAL C 466 -23.87 -39.31 5.09
CA VAL C 466 -22.52 -39.16 5.62
C VAL C 466 -22.21 -40.36 6.47
N LYS C 467 -20.93 -40.71 6.55
CA LYS C 467 -20.53 -41.85 7.34
C LYS C 467 -19.05 -41.82 7.68
N THR C 478 -31.52 -36.82 11.25
CA THR C 478 -30.11 -36.57 10.96
C THR C 478 -29.26 -37.78 11.30
N SER C 479 -28.38 -38.16 10.40
CA SER C 479 -27.43 -39.23 10.70
C SER C 479 -26.57 -38.86 11.90
N THR C 480 -26.28 -37.57 12.06
CA THR C 480 -25.52 -37.11 13.22
C THR C 480 -26.20 -37.53 14.51
N ILE C 481 -27.47 -37.19 14.63
CA ILE C 481 -28.21 -37.60 15.81
C ILE C 481 -28.23 -39.12 15.94
N GLU C 482 -28.36 -39.83 14.81
CA GLU C 482 -28.46 -41.28 14.86
C GLU C 482 -27.18 -41.90 15.40
N GLN C 483 -26.05 -41.54 14.81
CA GLN C 483 -24.74 -42.00 15.24
C GLN C 483 -24.72 -43.51 15.31
N GLU C 484 -24.34 -44.06 16.45
CA GLU C 484 -24.10 -45.49 16.50
C GLU C 484 -25.38 -46.27 16.29
N LEU C 485 -26.54 -45.60 16.32
CA LEU C 485 -27.72 -46.28 15.84
C LEU C 485 -27.50 -46.77 14.43
N MET C 486 -26.69 -46.04 13.67
CA MET C 486 -26.15 -46.59 12.44
C MET C 486 -25.41 -47.89 12.72
N GLN C 487 -24.57 -47.93 13.76
CA GLN C 487 -23.79 -49.14 14.03
C GLN C 487 -24.70 -50.34 14.28
N ASN C 488 -25.96 -50.09 14.60
CA ASN C 488 -26.90 -51.19 14.72
C ASN C 488 -27.03 -51.91 13.39
N LYS C 489 -27.51 -53.15 13.45
CA LYS C 489 -27.43 -54.10 12.35
C LYS C 489 -25.98 -54.55 12.25
N VAL C 490 -25.17 -54.06 13.19
CA VAL C 490 -23.81 -54.49 13.48
C VAL C 490 -22.81 -53.73 12.62
N ASP C 491 -23.32 -52.85 11.78
CA ASP C 491 -22.47 -51.98 10.96
C ASP C 491 -21.63 -52.80 9.98
N HIS C 492 -22.29 -53.70 9.25
CA HIS C 492 -21.73 -54.32 8.05
C HIS C 492 -20.50 -55.17 8.35
N ASN C 493 -20.53 -55.86 9.48
CA ASN C 493 -19.46 -56.78 9.85
C ASN C 493 -18.10 -56.09 9.80
N GLU C 494 -18.08 -54.82 10.21
CA GLU C 494 -16.86 -54.03 10.21
C GLU C 494 -16.22 -54.03 8.83
N VAL C 495 -17.05 -53.85 7.80
CA VAL C 495 -16.59 -53.80 6.41
C VAL C 495 -15.83 -55.07 6.09
N GLU C 496 -16.27 -56.18 6.68
CA GLU C 496 -15.60 -57.46 6.49
C GLU C 496 -14.11 -57.34 6.77
N GLU C 497 -13.78 -56.83 7.95
CA GLU C 497 -12.41 -56.68 8.45
C GLU C 497 -11.68 -55.53 7.79
N VAL C 498 -12.33 -54.80 6.89
CA VAL C 498 -11.73 -53.66 6.22
C VAL C 498 -10.55 -54.12 5.38
N ARG C 499 -10.72 -55.25 4.70
CA ARG C 499 -9.74 -55.72 3.72
C ARG C 499 -8.36 -55.90 4.36
N GLN C 500 -8.32 -56.66 5.44
CA GLN C 500 -7.06 -56.99 6.08
C GLN C 500 -6.21 -57.84 5.15
N ILE C 501 -4.93 -57.98 5.48
CA ILE C 501 -3.92 -58.47 4.57
C ILE C 501 -4.36 -59.81 4.06
N THR C 502 -3.78 -60.24 2.95
CA THR C 502 -3.95 -61.65 2.69
C THR C 502 -3.61 -62.28 4.01
N ASP C 503 -4.59 -62.96 4.56
CA ASP C 503 -4.35 -63.59 5.83
C ASP C 503 -3.04 -64.33 5.77
N GLN C 504 -2.83 -65.02 4.66
CA GLN C 504 -1.54 -65.61 4.38
C GLN C 504 -0.43 -64.57 4.46
N ASP C 505 -0.62 -63.42 3.83
CA ASP C 505 0.40 -62.39 3.96
C ASP C 505 0.65 -62.10 5.42
N LEU C 506 -0.41 -61.95 6.19
CA LEU C 506 -0.25 -61.74 7.63
C LEU C 506 0.65 -62.82 8.21
N ALA C 507 0.35 -64.07 7.89
CA ALA C 507 1.21 -65.15 8.33
C ALA C 507 2.65 -64.92 7.92
N LYS C 508 2.86 -64.44 6.71
CA LYS C 508 4.19 -64.11 6.29
C LYS C 508 4.80 -63.09 7.22
N ILE C 509 4.02 -62.08 7.57
CA ILE C 509 4.50 -61.08 8.50
C ILE C 509 4.94 -61.75 9.78
N ARG C 510 4.00 -62.35 10.50
CA ARG C 510 4.31 -63.01 11.74
C ARG C 510 5.46 -63.98 11.57
N GLU C 511 5.60 -64.55 10.38
CA GLU C 511 6.73 -65.42 10.12
C GLU C 511 8.04 -64.64 10.14
N VAL C 512 8.12 -63.61 9.31
CA VAL C 512 9.33 -62.84 9.18
C VAL C 512 9.72 -62.26 10.53
N ALA C 513 8.73 -61.93 11.34
CA ALA C 513 9.00 -61.51 12.70
C ALA C 513 9.98 -62.45 13.37
N ALA C 514 9.79 -63.75 13.17
CA ALA C 514 10.69 -64.71 13.78
C ALA C 514 12.13 -64.49 13.35
N ARG C 515 12.34 -63.98 12.15
CA ARG C 515 13.70 -63.79 11.69
C ARG C 515 14.45 -62.96 12.71
N GLU C 516 15.50 -63.55 13.25
CA GLU C 516 16.23 -62.85 14.30
C GLU C 516 16.91 -61.62 13.73
N ASP C 517 17.49 -61.75 12.55
CA ASP C 517 18.14 -60.64 11.91
C ASP C 517 17.19 -59.51 11.64
N LEU C 518 15.89 -59.78 11.72
CA LEU C 518 14.90 -58.85 11.21
C LEU C 518 15.23 -57.42 11.58
N TYR C 519 15.57 -57.19 12.84
CA TYR C 519 15.97 -55.84 13.25
C TYR C 519 17.01 -55.28 12.31
N SER C 520 17.99 -56.08 11.95
CA SER C 520 18.97 -55.62 10.98
C SER C 520 18.40 -55.65 9.57
N LEU C 521 17.87 -56.81 9.17
CA LEU C 521 17.49 -57.06 7.80
C LEU C 521 16.63 -55.94 7.27
N LEU C 522 15.69 -55.51 8.11
CA LEU C 522 14.86 -54.38 7.78
C LEU C 522 15.70 -53.18 7.43
N ALA C 523 16.56 -52.76 8.35
CA ALA C 523 17.39 -51.59 8.10
C ALA C 523 18.07 -51.69 6.76
N ARG C 524 18.52 -52.89 6.42
CA ARG C 524 19.03 -53.09 5.08
C ARG C 524 17.98 -52.80 4.05
N SER C 525 16.85 -53.47 4.13
CA SER C 525 15.80 -53.29 3.17
C SER C 525 15.40 -51.84 3.06
N ILE C 526 15.65 -51.06 4.10
CA ILE C 526 15.22 -49.68 4.13
C ILE C 526 15.83 -48.93 2.96
N ALA C 527 17.11 -48.66 3.04
CA ALA C 527 17.72 -47.94 1.94
C ALA C 527 18.39 -48.94 1.04
N PRO C 528 17.78 -49.30 -0.08
CA PRO C 528 18.51 -50.10 -1.04
C PRO C 528 19.65 -49.34 -1.67
N SER C 529 19.39 -48.11 -2.10
CA SER C 529 20.41 -47.38 -2.83
C SER C 529 21.56 -46.99 -1.92
N ILE C 530 21.26 -46.65 -0.67
CA ILE C 530 22.26 -46.00 0.18
C ILE C 530 23.19 -47.06 0.76
N TYR C 531 24.45 -46.68 0.93
CA TYR C 531 25.48 -47.57 1.39
C TYR C 531 25.85 -47.29 2.84
N GLU C 532 26.03 -48.36 3.59
CA GLU C 532 26.55 -48.37 4.96
C GLU C 532 25.68 -47.47 5.85
N LEU C 533 26.27 -46.74 6.78
CA LEU C 533 25.56 -45.80 7.63
C LEU C 533 24.35 -46.45 8.27
N GLU C 534 24.46 -47.71 8.63
CA GLU C 534 23.29 -48.47 9.01
C GLU C 534 22.56 -47.84 10.17
N ASP C 535 23.27 -47.59 11.27
CA ASP C 535 22.63 -47.12 12.48
C ASP C 535 21.71 -45.97 12.20
N VAL C 536 22.07 -45.13 11.25
CA VAL C 536 21.10 -44.21 10.71
C VAL C 536 19.85 -44.99 10.32
N LYS C 537 19.97 -45.84 9.29
CA LYS C 537 18.81 -46.52 8.75
C LYS C 537 17.99 -47.12 9.87
N LYS C 538 18.68 -47.57 10.90
CA LYS C 538 18.05 -48.13 12.07
C LYS C 538 17.24 -47.08 12.81
N GLY C 539 17.90 -46.04 13.28
CA GLY C 539 17.20 -45.05 14.08
C GLY C 539 15.97 -44.58 13.37
N ILE C 540 16.10 -44.37 12.07
CA ILE C 540 14.94 -44.07 11.25
C ILE C 540 13.90 -45.14 11.40
N LEU C 541 14.28 -46.37 11.15
CA LEU C 541 13.33 -47.45 11.22
C LEU C 541 12.52 -47.32 12.49
N LEU C 542 13.18 -47.06 13.59
CA LEU C 542 12.46 -46.79 14.80
C LEU C 542 11.57 -45.60 14.65
N GLN C 543 12.05 -44.54 14.02
CA GLN C 543 11.20 -43.39 13.81
C GLN C 543 9.93 -43.81 13.11
N LEU C 544 10.01 -44.84 12.27
CA LEU C 544 8.82 -45.37 11.67
C LEU C 544 7.97 -46.11 12.69
N PHE C 545 8.61 -46.77 13.64
CA PHE C 545 7.91 -47.52 14.67
C PHE C 545 7.62 -46.68 15.90
N GLY C 546 7.90 -45.38 15.85
CA GLY C 546 8.06 -44.61 17.06
C GLY C 546 6.98 -44.64 18.12
N GLY C 547 7.39 -44.97 19.34
CA GLY C 547 6.63 -44.66 20.54
C GLY C 547 5.23 -45.21 20.56
N THR C 548 4.44 -44.68 21.49
CA THR C 548 3.03 -45.00 21.62
C THR C 548 2.31 -43.83 22.28
N ASN C 549 1.10 -43.55 21.83
CA ASN C 549 0.36 -42.39 22.30
C ASN C 549 -0.31 -42.68 23.64
N LYS C 550 -0.30 -41.69 24.54
CA LYS C 550 -0.91 -41.87 25.86
C LYS C 550 -1.70 -40.65 26.24
N THR C 551 -3.01 -40.80 26.39
CA THR C 551 -3.89 -39.69 26.70
C THR C 551 -3.97 -39.40 28.19
N PHE C 552 -3.28 -40.16 29.02
CA PHE C 552 -3.49 -40.16 30.46
C PHE C 552 -4.96 -40.35 30.75
N THR C 553 -5.46 -39.68 31.79
CA THR C 553 -6.89 -39.58 31.93
C THR C 553 -7.40 -38.60 30.89
N LYS C 554 -6.82 -37.42 30.90
CA LYS C 554 -6.91 -36.48 29.82
C LYS C 554 -5.50 -35.97 29.62
N GLY C 555 -5.30 -35.24 28.54
CA GLY C 555 -3.98 -34.74 28.31
C GLY C 555 -3.09 -35.92 28.04
N GLY C 556 -2.08 -36.09 28.89
CA GLY C 556 -1.11 -37.10 28.58
C GLY C 556 -0.57 -36.69 27.23
N ARG C 557 -0.79 -37.56 26.26
CA ARG C 557 -0.57 -37.25 24.85
C ARG C 557 0.90 -36.85 24.63
N TYR C 558 1.76 -37.81 24.92
CA TYR C 558 3.12 -37.75 24.44
C TYR C 558 3.24 -38.29 23.03
N ARG C 559 2.17 -38.90 22.54
CA ARG C 559 2.07 -39.58 21.25
C ARG C 559 3.22 -40.58 21.16
N GLY C 560 3.71 -40.80 19.95
CA GLY C 560 4.89 -41.60 19.76
C GLY C 560 6.05 -40.80 19.21
N ASP C 561 5.92 -39.47 19.21
CA ASP C 561 6.72 -38.60 18.34
C ASP C 561 8.22 -38.71 18.62
N ILE C 562 9.02 -38.73 17.55
CA ILE C 562 10.48 -38.75 17.64
C ILE C 562 11.06 -37.86 16.54
N ASN C 563 11.92 -36.93 16.94
CA ASN C 563 12.47 -35.93 16.05
C ASN C 563 13.95 -36.14 15.88
N ILE C 564 14.34 -36.63 14.72
CA ILE C 564 15.73 -36.98 14.49
C ILE C 564 16.36 -35.89 13.65
N LEU C 565 17.55 -35.50 14.04
CA LEU C 565 18.33 -34.60 13.21
C LEU C 565 19.63 -35.28 12.84
N LEU C 566 20.15 -34.92 11.67
CA LEU C 566 21.38 -35.52 11.22
C LEU C 566 22.18 -34.51 10.44
N CYS C 567 23.48 -34.52 10.65
CA CYS C 567 24.37 -33.63 9.94
C CYS C 567 25.65 -34.38 9.61
N GLY C 568 26.45 -33.75 8.78
CA GLY C 568 27.77 -34.25 8.49
C GLY C 568 28.33 -33.55 7.28
N ASP C 569 29.39 -34.13 6.75
CA ASP C 569 29.87 -33.67 5.47
C ASP C 569 28.73 -33.78 4.45
N PRO C 570 28.64 -32.83 3.53
CA PRO C 570 27.52 -32.82 2.59
C PRO C 570 27.62 -33.94 1.58
N SER C 571 26.64 -33.95 0.66
CA SER C 571 26.57 -34.97 -0.38
C SER C 571 26.56 -36.33 0.25
N THR C 572 26.19 -36.36 1.51
CA THR C 572 26.19 -37.57 2.28
C THR C 572 25.18 -38.54 1.72
N SER C 573 24.46 -38.14 0.68
CA SER C 573 23.18 -38.63 0.24
C SER C 573 22.19 -38.02 1.18
N LYS C 574 22.67 -37.19 2.12
CA LYS C 574 21.84 -36.72 3.21
C LYS C 574 20.51 -36.28 2.67
N SER C 575 20.52 -35.74 1.48
CA SER C 575 19.30 -35.53 0.74
C SER C 575 18.57 -36.83 0.42
N GLN C 576 19.29 -37.77 -0.18
CA GLN C 576 18.63 -38.95 -0.74
C GLN C 576 17.70 -39.58 0.26
N ILE C 577 18.09 -39.64 1.51
CA ILE C 577 17.28 -40.30 2.51
C ILE C 577 15.94 -39.62 2.61
N LEU C 578 15.98 -38.33 2.91
CA LEU C 578 14.75 -37.56 3.00
C LEU C 578 13.88 -37.87 1.80
N GLN C 579 14.51 -37.98 0.63
CA GLN C 579 13.75 -38.45 -0.51
C GLN C 579 13.05 -39.76 -0.18
N TYR C 580 13.81 -40.75 0.26
CA TYR C 580 13.23 -42.07 0.44
C TYR C 580 12.07 -42.02 1.41
N VAL C 581 12.31 -41.49 2.59
CA VAL C 581 11.27 -41.43 3.60
C VAL C 581 10.06 -40.74 3.04
N HIS C 582 10.25 -39.53 2.53
CA HIS C 582 9.14 -38.79 1.95
C HIS C 582 8.36 -39.68 1.02
N LYS C 583 9.06 -40.40 0.16
CA LYS C 583 8.41 -41.37 -0.69
C LYS C 583 7.56 -42.32 0.12
N ILE C 584 8.18 -42.95 1.10
CA ILE C 584 7.44 -43.90 1.92
C ILE C 584 6.32 -43.20 2.66
N THR C 585 6.66 -42.14 3.37
CA THR C 585 5.74 -41.55 4.33
C THR C 585 4.43 -41.16 3.65
N PRO C 586 3.30 -41.70 4.09
CA PRO C 586 2.03 -41.28 3.49
C PRO C 586 1.76 -39.81 3.69
N ARG C 587 1.87 -39.32 4.91
CA ARG C 587 1.49 -37.96 5.23
C ARG C 587 2.68 -37.00 5.22
N GLY C 588 3.87 -37.47 4.88
CA GLY C 588 5.06 -36.66 5.03
C GLY C 588 5.17 -35.55 3.99
N VAL C 589 6.03 -34.59 4.29
CA VAL C 589 6.27 -33.45 3.41
C VAL C 589 7.73 -33.02 3.53
N TYR C 590 8.30 -32.61 2.41
CA TYR C 590 9.72 -32.32 2.32
C TYR C 590 9.90 -30.84 2.03
N THR C 591 10.68 -30.17 2.86
CA THR C 591 10.81 -28.73 2.71
C THR C 591 12.24 -28.30 2.88
N SER C 592 12.53 -27.15 2.30
CA SER C 592 13.85 -26.57 2.32
C SER C 592 13.93 -25.43 3.32
N GLY C 593 15.07 -25.33 4.00
CA GLY C 593 15.36 -24.15 4.76
C GLY C 593 15.25 -22.90 3.91
N LYS C 594 14.80 -21.81 4.53
CA LYS C 594 14.77 -20.51 3.88
C LYS C 594 13.77 -20.46 2.72
N GLY C 595 13.29 -21.62 2.28
CA GLY C 595 12.23 -21.68 1.29
C GLY C 595 10.97 -21.59 2.09
N SER C 596 11.14 -20.99 3.26
CA SER C 596 10.27 -21.17 4.39
C SER C 596 10.40 -20.00 5.36
N SER C 597 9.37 -19.83 6.18
CA SER C 597 9.31 -18.91 7.30
C SER C 597 8.23 -19.42 8.24
N ALA C 598 8.18 -18.88 9.45
CA ALA C 598 7.28 -19.44 10.44
C ALA C 598 5.81 -19.52 9.98
N VAL C 599 5.39 -18.75 8.96
CA VAL C 599 3.96 -18.73 8.56
C VAL C 599 3.56 -19.85 7.56
N GLY C 600 4.35 -20.11 6.53
CA GLY C 600 3.92 -21.04 5.49
C GLY C 600 3.60 -22.42 6.01
N LEU C 601 4.13 -22.76 7.16
CA LEU C 601 3.78 -24.00 7.82
C LEU C 601 2.36 -24.00 8.34
N THR C 602 1.69 -22.86 8.36
CA THR C 602 0.36 -22.82 8.95
C THR C 602 -0.47 -21.68 8.37
N ALA C 603 -1.78 -21.92 8.29
CA ALA C 603 -2.76 -20.84 8.28
C ALA C 603 -2.52 -19.80 7.20
N TYR C 604 -2.62 -20.19 5.94
CA TYR C 604 -2.47 -19.16 4.93
C TYR C 604 -3.60 -18.17 4.98
N ILE C 605 -4.82 -18.65 5.27
CA ILE C 605 -5.97 -17.76 5.40
C ILE C 605 -6.06 -16.90 4.15
N THR C 606 -5.82 -17.49 3.00
CA THR C 606 -5.81 -16.74 1.76
C THR C 606 -7.22 -16.36 1.33
N ARG C 607 -7.31 -15.40 0.42
CA ARG C 607 -8.59 -15.15 -0.21
C ARG C 607 -8.94 -16.33 -1.10
N ASP C 608 -10.06 -16.97 -0.80
CA ASP C 608 -10.52 -18.08 -1.62
C ASP C 608 -10.60 -17.67 -3.06
N VAL C 609 -11.28 -16.56 -3.29
CA VAL C 609 -11.22 -15.90 -4.57
C VAL C 609 -11.91 -16.77 -5.61
N ASP C 610 -12.11 -18.05 -5.32
CA ASP C 610 -13.01 -18.82 -6.15
C ASP C 610 -14.43 -18.35 -5.91
N THR C 611 -14.80 -18.24 -4.66
CA THR C 611 -16.02 -17.55 -4.28
C THR C 611 -15.78 -16.09 -4.03
N LYS C 612 -14.58 -15.59 -4.30
CA LYS C 612 -14.17 -14.26 -3.88
C LYS C 612 -14.32 -14.17 -2.37
N GLN C 613 -13.84 -15.21 -1.73
CA GLN C 613 -13.94 -15.32 -0.30
C GLN C 613 -12.53 -15.35 0.21
N LEU C 614 -12.39 -15.07 1.49
CA LEU C 614 -11.16 -15.37 2.19
C LEU C 614 -11.30 -16.78 2.72
N VAL C 615 -10.22 -17.55 2.68
CA VAL C 615 -10.28 -18.94 3.06
C VAL C 615 -9.05 -19.32 3.85
N LEU C 616 -9.28 -20.00 4.97
CA LEU C 616 -8.19 -20.43 5.84
C LEU C 616 -7.48 -21.60 5.19
N GLU C 617 -6.20 -21.42 4.94
CA GLU C 617 -5.43 -22.46 4.33
C GLU C 617 -4.40 -22.98 5.31
N SER C 618 -4.52 -24.27 5.63
CA SER C 618 -3.55 -24.92 6.47
C SER C 618 -2.17 -24.75 5.85
N GLY C 619 -1.25 -24.20 6.61
CA GLY C 619 0.07 -24.18 6.07
C GLY C 619 0.68 -25.55 6.18
N ALA C 620 1.95 -25.59 5.84
CA ALA C 620 2.65 -26.85 5.72
C ALA C 620 2.44 -27.77 6.91
N LEU C 621 2.53 -27.24 8.11
CA LEU C 621 2.61 -28.14 9.25
C LEU C 621 1.30 -28.83 9.53
N VAL C 622 0.22 -28.05 9.64
CA VAL C 622 -1.08 -28.63 9.95
C VAL C 622 -1.35 -29.80 9.05
N LEU C 623 -1.06 -29.63 7.77
CA LEU C 623 -1.07 -30.74 6.85
C LEU C 623 -0.27 -31.88 7.42
N SER C 624 0.99 -31.63 7.73
CA SER C 624 1.91 -32.69 8.07
C SER C 624 1.51 -33.42 9.32
N ASP C 625 0.46 -32.97 10.01
CA ASP C 625 0.00 -33.69 11.18
C ASP C 625 -0.19 -35.16 10.81
N GLY C 626 0.49 -36.03 11.53
CA GLY C 626 0.57 -37.42 11.12
C GLY C 626 1.71 -37.66 10.15
N GLY C 627 2.29 -38.84 10.22
CA GLY C 627 3.47 -39.03 9.41
C GLY C 627 4.59 -38.15 9.90
N VAL C 628 5.49 -37.79 8.99
CA VAL C 628 6.75 -37.19 9.40
C VAL C 628 6.98 -35.96 8.55
N CYS C 629 7.94 -35.16 8.95
CA CYS C 629 8.25 -33.97 8.20
C CYS C 629 9.70 -33.99 7.77
N CYS C 630 9.94 -33.67 6.51
CA CYS C 630 11.26 -33.66 5.92
C CYS C 630 11.75 -32.23 5.73
N ILE C 631 12.81 -31.89 6.45
CA ILE C 631 13.26 -30.51 6.58
C ILE C 631 14.65 -30.38 5.99
N ASP C 632 14.75 -29.66 4.89
CA ASP C 632 16.05 -29.35 4.36
C ASP C 632 16.61 -28.12 5.05
N GLU C 633 17.94 -28.09 5.16
CA GLU C 633 18.65 -26.88 5.50
C GLU C 633 18.14 -26.31 6.80
N PHE C 634 17.87 -27.21 7.73
CA PHE C 634 17.40 -26.79 9.03
C PHE C 634 18.29 -25.70 9.60
N ASP C 635 19.62 -25.88 9.58
CA ASP C 635 20.51 -24.89 10.16
C ASP C 635 20.27 -23.51 9.57
N LYS C 636 19.72 -23.48 8.37
CA LYS C 636 19.56 -22.26 7.59
C LYS C 636 18.18 -21.64 7.73
N MET C 637 17.30 -22.21 8.52
CA MET C 637 15.94 -21.68 8.57
C MET C 637 15.94 -20.26 9.14
N SER C 638 14.95 -19.49 8.72
CA SER C 638 14.78 -18.15 9.24
C SER C 638 14.49 -18.19 10.72
N ASP C 639 15.12 -17.26 11.44
CA ASP C 639 14.91 -17.20 12.89
C ASP C 639 13.42 -17.08 13.21
N SER C 640 12.68 -16.31 12.43
CA SER C 640 11.24 -16.32 12.55
C SER C 640 10.71 -17.73 12.45
N THR C 641 11.09 -18.40 11.39
CA THR C 641 10.77 -19.80 11.30
C THR C 641 11.41 -20.51 12.48
N ARG C 642 10.86 -21.66 12.79
CA ARG C 642 11.38 -22.56 13.82
C ARG C 642 11.04 -22.04 15.19
N SER C 643 10.76 -20.75 15.29
CA SER C 643 10.00 -20.34 16.43
C SER C 643 8.75 -21.17 16.49
N VAL C 644 8.20 -21.43 15.31
CA VAL C 644 7.17 -22.44 15.17
C VAL C 644 7.58 -23.69 15.88
N LEU C 645 8.77 -24.16 15.60
CA LEU C 645 9.13 -25.50 16.02
C LEU C 645 8.94 -25.68 17.50
N HIS C 646 9.60 -24.85 18.30
CA HIS C 646 9.56 -25.06 19.73
C HIS C 646 8.15 -25.30 20.21
N GLU C 647 7.19 -24.59 19.63
CA GLU C 647 5.81 -24.86 19.95
C GLU C 647 5.44 -26.25 19.55
N VAL C 648 5.70 -26.60 18.30
CA VAL C 648 5.38 -27.93 17.85
C VAL C 648 6.04 -28.95 18.74
N MET C 649 7.37 -28.98 18.70
CA MET C 649 8.14 -29.96 19.42
C MET C 649 7.62 -30.12 20.82
N GLU C 650 7.46 -29.01 21.53
CA GLU C 650 7.01 -29.13 22.90
C GLU C 650 5.54 -29.51 22.90
N GLN C 651 4.71 -28.56 22.55
CA GLN C 651 3.29 -28.76 22.55
C GLN C 651 2.89 -30.04 21.82
N GLN C 652 3.55 -30.33 20.71
CA GLN C 652 3.10 -31.33 19.75
C GLN C 652 1.82 -30.83 19.12
N THR C 653 1.33 -29.68 19.54
CA THR C 653 0.23 -29.00 18.88
C THR C 653 0.65 -27.57 18.64
N ILE C 654 -0.27 -26.81 18.07
CA ILE C 654 -0.02 -25.45 17.62
C ILE C 654 -1.22 -24.57 17.94
N SER C 655 -0.95 -23.43 18.52
CA SER C 655 -1.97 -22.47 18.89
C SER C 655 -1.79 -21.24 18.03
N ILE C 656 -2.71 -21.01 17.13
CA ILE C 656 -2.71 -19.79 16.37
C ILE C 656 -3.84 -18.94 16.91
N ALA C 657 -3.50 -17.88 17.60
CA ALA C 657 -4.50 -16.91 17.98
C ALA C 657 -4.69 -15.87 16.90
N LYS C 658 -3.89 -15.94 15.85
CA LYS C 658 -3.78 -14.84 14.92
C LYS C 658 -5.07 -14.62 14.15
N ALA C 659 -5.19 -13.40 13.63
CA ALA C 659 -6.16 -13.01 12.60
C ALA C 659 -7.58 -13.28 13.08
N GLY C 660 -8.47 -13.77 12.22
CA GLY C 660 -9.88 -13.80 12.53
C GLY C 660 -10.22 -14.81 13.59
N ILE C 661 -9.59 -15.98 13.55
CA ILE C 661 -9.90 -17.08 14.45
C ILE C 661 -8.67 -17.36 15.29
N ILE C 662 -8.89 -17.48 16.59
CA ILE C 662 -7.85 -17.82 17.53
C ILE C 662 -8.08 -19.28 17.91
N THR C 663 -7.08 -20.13 17.72
CA THR C 663 -7.25 -21.53 18.08
C THR C 663 -5.91 -22.21 18.26
N THR C 664 -5.95 -23.33 18.97
CA THR C 664 -4.80 -24.19 19.11
C THR C 664 -5.09 -25.47 18.35
N LEU C 665 -4.43 -25.63 17.23
CA LEU C 665 -4.64 -26.81 16.43
C LEU C 665 -3.55 -27.81 16.75
N ASN C 666 -3.92 -29.08 16.73
CA ASN C 666 -2.98 -30.16 16.95
C ASN C 666 -2.36 -30.56 15.62
N ALA C 667 -1.05 -30.57 15.57
CA ALA C 667 -0.34 -31.24 14.48
C ALA C 667 0.68 -32.15 15.13
N ARG C 668 0.49 -33.44 14.96
CA ARG C 668 1.38 -34.44 15.50
C ARG C 668 2.10 -35.09 14.32
N SER C 669 3.41 -34.88 14.21
CA SER C 669 4.18 -35.44 13.10
C SER C 669 5.64 -35.59 13.48
N SER C 670 6.32 -36.54 12.84
CA SER C 670 7.72 -36.73 13.13
C SER C 670 8.56 -35.73 12.36
N ILE C 671 9.73 -35.45 12.91
CA ILE C 671 10.60 -34.42 12.38
C ILE C 671 11.91 -35.06 11.96
N LEU C 672 12.27 -34.85 10.72
CA LEU C 672 13.56 -35.24 10.20
C LEU C 672 14.22 -34.01 9.62
N ALA C 673 15.32 -33.57 10.20
CA ALA C 673 15.99 -32.36 9.77
C ALA C 673 17.40 -32.66 9.30
N SER C 674 17.80 -31.96 8.25
CA SER C 674 19.14 -32.06 7.71
C SER C 674 19.88 -30.77 7.99
N ALA C 675 21.19 -30.89 8.16
CA ALA C 675 22.02 -29.73 8.46
C ALA C 675 23.43 -29.94 7.95
N ASN C 676 24.08 -28.84 7.64
CA ASN C 676 25.50 -28.84 7.26
C ASN C 676 26.29 -28.10 8.33
N PRO C 677 27.24 -28.75 8.98
CA PRO C 677 28.14 -28.01 9.85
C PRO C 677 28.76 -26.89 9.06
N ILE C 678 29.12 -25.83 9.78
CA ILE C 678 29.68 -24.68 9.10
C ILE C 678 30.89 -25.07 8.28
N GLY C 679 31.56 -26.17 8.64
CA GLY C 679 32.86 -26.49 8.08
C GLY C 679 33.14 -26.41 6.59
N SER C 680 32.30 -26.99 5.72
CA SER C 680 31.10 -27.73 6.09
C SER C 680 31.48 -29.00 6.77
N ARG C 681 32.73 -29.38 6.62
CA ARG C 681 33.27 -30.41 7.49
C ARG C 681 33.40 -29.81 8.87
N TYR C 682 32.69 -30.37 9.83
CA TYR C 682 32.65 -29.79 11.17
C TYR C 682 34.02 -29.67 11.78
N ASN C 683 35.00 -30.30 11.17
CA ASN C 683 36.39 -30.21 11.51
C ASN C 683 36.64 -30.89 12.84
N PRO C 684 37.82 -31.43 13.02
CA PRO C 684 38.14 -32.09 14.27
C PRO C 684 38.15 -31.09 15.40
N ASN C 685 38.10 -31.64 16.60
CA ASN C 685 38.03 -30.87 17.82
C ASN C 685 37.00 -29.80 17.55
N LEU C 686 37.33 -28.61 17.97
CA LEU C 686 36.35 -27.59 18.09
C LEU C 686 35.40 -28.13 19.13
N PRO C 687 34.60 -27.29 19.76
CA PRO C 687 33.35 -27.84 20.26
C PRO C 687 32.54 -28.26 19.06
N VAL C 688 32.13 -29.52 19.04
CA VAL C 688 31.13 -29.92 18.08
C VAL C 688 29.86 -29.13 18.31
N THR C 689 29.38 -29.14 19.56
CA THR C 689 28.19 -28.39 19.92
C THR C 689 28.26 -26.98 19.37
N GLU C 690 29.44 -26.37 19.43
CA GLU C 690 29.65 -25.16 18.66
C GLU C 690 29.59 -25.48 17.19
N ASN C 691 30.38 -26.45 16.76
CA ASN C 691 30.62 -26.69 15.35
C ASN C 691 29.33 -26.95 14.60
N ILE C 692 28.23 -27.17 15.31
CA ILE C 692 26.95 -27.36 14.65
C ILE C 692 26.19 -26.06 14.47
N ASP C 693 26.66 -24.98 15.07
CA ASP C 693 25.87 -23.76 15.26
C ASP C 693 24.63 -24.13 16.11
N LEU C 694 23.44 -23.50 15.87
CA LEU C 694 22.11 -23.68 16.48
C LEU C 694 21.97 -23.35 17.97
N PRO C 695 20.76 -23.10 18.49
CA PRO C 695 20.59 -22.91 19.95
C PRO C 695 20.80 -24.21 20.70
N PRO C 696 21.69 -24.23 21.69
CA PRO C 696 22.02 -25.50 22.36
C PRO C 696 20.77 -26.06 22.99
N PRO C 697 19.86 -25.19 23.37
CA PRO C 697 18.54 -25.69 23.75
C PRO C 697 17.76 -26.28 22.61
N LEU C 698 17.53 -25.50 21.56
CA LEU C 698 16.72 -26.02 20.48
C LEU C 698 17.40 -27.22 19.90
N LEU C 699 18.70 -27.13 19.80
CA LEU C 699 19.51 -28.31 19.57
C LEU C 699 19.05 -29.45 20.43
N SER C 700 19.23 -29.31 21.73
CA SER C 700 18.93 -30.39 22.64
C SER C 700 17.55 -30.94 22.38
N ARG C 701 16.66 -30.13 21.83
CA ARG C 701 15.30 -30.58 21.61
C ARG C 701 15.24 -31.79 20.71
N PHE C 702 16.02 -31.81 19.63
CA PHE C 702 15.89 -32.88 18.67
C PHE C 702 16.09 -34.23 19.32
N ASP C 703 15.17 -35.14 19.06
CA ASP C 703 15.26 -36.47 19.63
C ASP C 703 16.60 -37.09 19.27
N LEU C 704 16.79 -37.44 18.00
CA LEU C 704 17.95 -38.22 17.61
C LEU C 704 18.94 -37.31 16.92
N VAL C 705 20.12 -37.18 17.51
CA VAL C 705 21.16 -36.31 16.97
C VAL C 705 22.15 -37.20 16.25
N TYR C 706 22.08 -37.16 14.93
CA TYR C 706 22.98 -37.95 14.14
C TYR C 706 24.04 -37.04 13.54
N LEU C 707 25.29 -37.45 13.68
CA LEU C 707 26.42 -36.69 13.18
C LEU C 707 27.18 -37.59 12.20
N VAL C 708 27.39 -37.12 10.96
CA VAL C 708 28.04 -37.91 9.91
C VAL C 708 29.45 -37.39 9.66
N LEU C 709 30.40 -38.30 9.43
CA LEU C 709 31.81 -37.94 9.29
C LEU C 709 32.56 -39.00 8.49
N ASP C 710 33.75 -38.65 8.01
CA ASP C 710 34.53 -39.47 7.08
C ASP C 710 35.96 -39.69 7.58
N LYS C 711 36.32 -40.94 7.78
CA LYS C 711 37.68 -41.31 8.15
C LYS C 711 38.52 -41.74 6.96
N VAL C 712 37.97 -41.71 5.76
CA VAL C 712 38.69 -42.06 4.55
C VAL C 712 39.14 -43.51 4.59
N ASP C 713 38.26 -44.40 5.04
CA ASP C 713 38.58 -45.81 4.93
C ASP C 713 38.77 -46.13 3.48
N GLU C 714 39.92 -46.68 3.18
CA GLU C 714 40.36 -46.74 1.82
C GLU C 714 39.46 -47.52 0.85
N LYS C 715 39.12 -48.80 1.01
CA LYS C 715 38.86 -49.65 2.20
C LYS C 715 37.48 -49.29 2.68
N ASN C 716 36.96 -48.19 2.19
CA ASN C 716 35.53 -47.97 2.22
C ASN C 716 35.18 -47.50 0.84
N ASP C 717 35.79 -46.39 0.52
CA ASP C 717 35.62 -45.76 -0.78
C ASP C 717 35.67 -46.80 -1.86
N ARG C 718 36.55 -47.77 -1.73
CA ARG C 718 36.55 -48.87 -2.67
C ARG C 718 35.18 -49.52 -2.71
N GLU C 719 34.74 -50.02 -1.56
CA GLU C 719 33.47 -50.71 -1.53
C GLU C 719 32.36 -49.82 -2.03
N LEU C 720 32.21 -48.67 -1.39
CA LEU C 720 31.20 -47.74 -1.81
C LEU C 720 31.26 -47.56 -3.31
N ALA C 721 32.46 -47.50 -3.83
CA ALA C 721 32.62 -47.35 -5.26
C ALA C 721 32.18 -48.59 -5.99
N LYS C 722 32.25 -49.74 -5.35
CA LYS C 722 31.78 -50.92 -6.04
C LYS C 722 30.28 -50.85 -6.17
N HIS C 723 29.64 -50.69 -5.03
CA HIS C 723 28.21 -50.47 -5.02
C HIS C 723 27.85 -49.46 -6.07
N LEU C 724 28.31 -48.25 -5.85
CA LEU C 724 28.05 -47.15 -6.75
C LEU C 724 28.36 -47.52 -8.17
N THR C 725 29.56 -47.99 -8.40
CA THR C 725 29.98 -48.33 -9.73
C THR C 725 29.05 -49.31 -10.39
N ASN C 726 28.42 -50.16 -9.61
CA ASN C 726 27.37 -50.98 -10.18
C ASN C 726 26.28 -50.09 -10.75
N LEU C 727 25.59 -50.61 -11.75
CA LEU C 727 24.60 -49.83 -12.47
C LEU C 727 25.14 -48.51 -12.98
N TYR C 728 26.03 -48.48 -13.97
CA TYR C 728 26.56 -49.60 -14.76
C TYR C 728 25.51 -50.57 -15.23
N LEU C 729 25.70 -51.81 -14.86
CA LEU C 729 24.74 -52.83 -15.14
C LEU C 729 23.90 -53.05 -13.90
N GLU C 730 22.61 -53.23 -14.11
CA GLU C 730 22.02 -53.03 -15.42
C GLU C 730 21.65 -51.56 -15.60
N ASP C 731 21.73 -51.07 -16.84
CA ASP C 731 21.26 -49.71 -17.12
C ASP C 731 19.76 -49.59 -16.83
N LYS C 732 18.96 -50.48 -17.42
CA LYS C 732 17.59 -50.65 -16.99
C LYS C 732 17.68 -51.15 -15.56
N PRO C 733 17.00 -50.49 -14.65
CA PRO C 733 17.23 -50.75 -13.24
C PRO C 733 17.06 -52.23 -12.91
N GLU C 734 18.13 -52.87 -12.41
CA GLU C 734 18.06 -54.27 -11.95
C GLU C 734 19.13 -54.59 -10.90
N HIS C 735 18.75 -55.46 -9.95
CA HIS C 735 19.66 -56.05 -8.96
C HIS C 735 20.51 -55.00 -8.24
N ILE C 736 19.84 -54.12 -7.49
CA ILE C 736 20.52 -53.00 -6.86
C ILE C 736 21.52 -53.49 -5.82
N SER C 737 21.03 -54.18 -4.79
CA SER C 737 21.84 -54.65 -3.67
C SER C 737 22.21 -56.14 -3.78
N GLN C 738 21.80 -56.81 -4.85
CA GLN C 738 22.00 -58.26 -4.99
C GLN C 738 23.47 -58.66 -4.94
N ASP C 739 23.78 -59.73 -4.21
CA ASP C 739 22.75 -60.57 -3.57
C ASP C 739 22.61 -60.32 -2.06
N ASP C 740 21.44 -59.83 -1.65
CA ASP C 740 21.10 -59.61 -0.26
C ASP C 740 19.60 -59.76 -0.10
N VAL C 741 19.15 -60.17 1.09
CA VAL C 741 17.73 -60.40 1.30
C VAL C 741 17.07 -59.10 1.74
N LEU C 742 16.03 -58.69 1.00
CA LEU C 742 15.22 -57.56 1.43
C LEU C 742 13.75 -57.73 1.02
N PRO C 743 12.83 -57.32 1.88
CA PRO C 743 11.44 -57.18 1.46
C PRO C 743 11.25 -55.91 0.66
N VAL C 744 10.10 -55.80 0.01
CA VAL C 744 9.83 -54.56 -0.71
C VAL C 744 8.57 -53.86 -0.23
N GLU C 745 7.42 -54.25 -0.74
CA GLU C 745 6.18 -53.67 -0.29
C GLU C 745 5.70 -54.32 0.97
N PHE C 746 6.05 -55.60 1.14
CA PHE C 746 5.78 -56.29 2.37
C PHE C 746 6.16 -55.41 3.53
N LEU C 747 7.28 -54.72 3.40
CA LEU C 747 7.64 -53.72 4.37
C LEU C 747 6.51 -52.75 4.63
N THR C 748 6.01 -52.08 3.60
CA THR C 748 5.02 -51.07 3.84
C THR C 748 3.87 -51.62 4.67
N MET C 749 3.29 -52.70 4.17
CA MET C 749 2.22 -53.33 4.90
C MET C 749 2.63 -53.62 6.32
N TYR C 750 3.71 -54.35 6.48
CA TYR C 750 4.17 -54.73 7.81
C TYR C 750 4.18 -53.52 8.71
N ILE C 751 4.78 -52.44 8.24
CA ILE C 751 4.77 -51.20 8.98
C ILE C 751 3.35 -50.86 9.37
N SER C 752 2.48 -50.83 8.38
CA SER C 752 1.11 -50.46 8.64
C SER C 752 0.53 -51.29 9.76
N TYR C 753 0.58 -52.61 9.59
CA TYR C 753 -0.02 -53.50 10.55
C TYR C 753 0.55 -53.26 11.93
N ALA C 754 1.87 -53.39 12.06
CA ALA C 754 2.51 -53.19 13.34
C ALA C 754 2.01 -51.92 13.97
N LYS C 755 1.97 -50.85 13.19
CA LYS C 755 1.35 -49.63 13.66
C LYS C 755 -0.02 -49.92 14.24
N GLU C 756 -0.91 -50.43 13.41
CA GLU C 756 -2.28 -50.62 13.82
C GLU C 756 -2.37 -51.43 15.10
N HIS C 757 -1.76 -52.59 15.12
CA HIS C 757 -2.16 -53.61 16.06
C HIS C 757 -1.30 -53.70 17.31
N ILE C 758 -0.21 -52.93 17.41
CA ILE C 758 0.74 -53.17 18.49
C ILE C 758 0.63 -52.05 19.52
N HIS C 759 0.76 -52.43 20.79
CA HIS C 759 0.76 -51.48 21.90
C HIS C 759 1.72 -51.95 22.98
N PRO C 760 3.02 -51.73 22.80
CA PRO C 760 4.00 -52.27 23.75
C PRO C 760 3.92 -51.60 25.13
N ILE C 761 4.23 -52.37 26.19
CA ILE C 761 4.29 -51.84 27.55
C ILE C 761 5.50 -52.40 28.29
N ILE C 762 6.39 -51.50 28.71
CA ILE C 762 7.71 -51.92 29.19
C ILE C 762 7.71 -52.62 30.51
N THR C 763 6.62 -52.54 31.26
CA THR C 763 6.56 -53.06 32.61
C THR C 763 7.70 -52.54 33.49
N GLU C 764 8.13 -53.37 34.43
CA GLU C 764 9.12 -52.93 35.40
C GLU C 764 10.51 -53.10 34.87
N ALA C 765 10.67 -54.10 34.02
CA ALA C 765 11.98 -54.64 33.74
C ALA C 765 12.93 -53.52 33.43
N ALA C 766 12.59 -52.74 32.44
CA ALA C 766 13.46 -51.68 31.99
C ALA C 766 13.89 -50.83 33.15
N LYS C 767 12.99 -50.61 34.09
CA LYS C 767 13.07 -49.44 34.94
C LYS C 767 14.47 -49.25 35.47
N THR C 768 15.03 -50.26 36.11
CA THR C 768 16.27 -50.07 36.83
C THR C 768 17.38 -49.60 35.92
N GLU C 769 17.83 -50.50 35.08
CA GLU C 769 18.90 -50.19 34.16
C GLU C 769 18.59 -48.89 33.45
N LEU C 770 17.35 -48.76 33.00
CA LEU C 770 16.93 -47.56 32.33
C LEU C 770 17.40 -46.34 33.09
N VAL C 771 17.12 -46.33 34.38
CA VAL C 771 17.56 -45.21 35.20
C VAL C 771 19.07 -45.14 35.18
N ARG C 772 19.72 -46.21 35.59
CA ARG C 772 21.16 -46.20 35.74
C ARG C 772 21.81 -45.57 34.55
N ALA C 773 21.28 -45.86 33.37
CA ALA C 773 21.72 -45.20 32.16
C ALA C 773 21.72 -43.70 32.34
N TYR C 774 20.53 -43.11 32.36
CA TYR C 774 20.44 -41.65 32.36
C TYR C 774 21.23 -41.07 33.52
N VAL C 775 21.40 -41.88 34.56
CA VAL C 775 22.27 -41.49 35.67
C VAL C 775 23.67 -41.30 35.17
N GLY C 776 24.23 -42.35 34.59
CA GLY C 776 25.51 -42.22 33.97
C GLY C 776 25.55 -41.04 33.03
N MET C 777 24.42 -40.74 32.39
CA MET C 777 24.35 -39.64 31.44
C MET C 777 24.56 -38.30 32.11
N ARG C 778 23.72 -37.98 33.07
CA ARG C 778 23.92 -36.73 33.79
C ARG C 778 25.25 -36.77 34.53
N LYS C 779 25.71 -37.96 34.89
CA LYS C 779 27.00 -38.13 35.57
C LYS C 779 28.13 -37.63 34.69
N ALA C 793 23.73 -33.43 29.52
CA ALA C 793 22.73 -34.49 29.64
C ALA C 793 21.46 -33.99 30.32
N THR C 794 20.33 -34.65 30.07
CA THR C 794 19.06 -34.10 30.53
C THR C 794 18.00 -35.18 30.66
N THR C 795 16.95 -34.81 31.37
CA THR C 795 15.79 -35.67 31.51
C THR C 795 15.24 -36.05 30.16
N ARG C 796 15.02 -35.06 29.30
CA ARG C 796 14.46 -35.36 28.00
C ARG C 796 15.19 -36.52 27.39
N GLN C 797 16.49 -36.56 27.59
CA GLN C 797 17.23 -37.74 27.16
C GLN C 797 16.53 -38.98 27.63
N LEU C 798 16.24 -39.05 28.91
CA LEU C 798 15.46 -40.16 29.37
C LEU C 798 14.21 -40.31 28.53
N GLU C 799 13.42 -39.25 28.46
CA GLU C 799 12.12 -39.35 27.81
C GLU C 799 12.25 -40.00 26.46
N SER C 800 13.15 -39.46 25.67
CA SER C 800 13.54 -40.04 24.42
C SER C 800 13.67 -41.51 24.63
N MET C 801 14.63 -41.89 25.46
CA MET C 801 14.93 -43.29 25.62
C MET C 801 13.65 -44.07 25.78
N ILE C 802 12.74 -43.54 26.57
CA ILE C 802 11.48 -44.21 26.74
C ILE C 802 10.79 -44.41 25.42
N ARG C 803 10.36 -43.33 24.80
CA ARG C 803 9.57 -43.45 23.59
C ARG C 803 10.27 -44.36 22.60
N LEU C 804 11.56 -44.15 22.48
CA LEU C 804 12.32 -44.83 21.45
C LEU C 804 12.29 -46.33 21.66
N ALA C 805 12.77 -46.77 22.81
CA ALA C 805 12.76 -48.20 23.06
C ALA C 805 11.36 -48.74 22.83
N GLU C 806 10.35 -47.95 23.18
CA GLU C 806 8.99 -48.37 22.88
C GLU C 806 8.80 -48.64 21.40
N ALA C 807 9.45 -47.90 20.53
CA ALA C 807 9.40 -48.28 19.13
C ALA C 807 10.09 -49.60 18.90
N HIS C 808 11.23 -49.83 19.54
CA HIS C 808 11.95 -51.07 19.30
C HIS C 808 11.07 -52.27 19.58
N ALA C 809 10.52 -52.33 20.79
CA ALA C 809 9.67 -53.45 21.13
C ALA C 809 8.35 -53.38 20.39
N LYS C 810 7.96 -52.19 19.96
CA LYS C 810 6.85 -52.12 19.02
C LYS C 810 7.17 -52.98 17.82
N MET C 811 8.32 -52.74 17.22
CA MET C 811 8.87 -53.68 16.29
C MET C 811 9.12 -54.97 17.04
N LYS C 812 9.20 -56.05 16.29
CA LYS C 812 9.25 -57.37 16.84
C LYS C 812 7.92 -57.68 17.50
N LEU C 813 6.98 -56.74 17.50
CA LEU C 813 5.61 -57.02 17.90
C LEU C 813 5.53 -57.44 19.36
N LYS C 814 6.25 -56.74 20.22
CA LYS C 814 6.22 -57.04 21.65
C LYS C 814 5.23 -56.09 22.31
N ASN C 815 4.24 -56.63 23.01
CA ASN C 815 3.34 -55.79 23.79
C ASN C 815 3.93 -55.42 25.14
N VAL C 816 4.97 -56.12 25.56
CA VAL C 816 5.73 -55.76 26.74
C VAL C 816 7.19 -55.72 26.37
N VAL C 817 7.95 -54.92 27.07
CA VAL C 817 9.33 -54.76 26.69
C VAL C 817 10.20 -55.74 27.44
N GLU C 818 11.11 -56.37 26.70
CA GLU C 818 12.29 -56.90 27.33
C GLU C 818 13.03 -55.77 28.00
N LEU C 819 13.59 -56.06 29.17
CA LEU C 819 14.64 -55.19 29.66
C LEU C 819 15.75 -55.11 28.62
N GLU C 820 15.96 -56.20 27.90
CA GLU C 820 16.77 -56.17 26.71
C GLU C 820 16.07 -55.36 25.63
N ASP C 821 16.85 -55.01 24.62
CA ASP C 821 16.52 -54.10 23.53
C ASP C 821 16.61 -52.67 24.01
N VAL C 822 16.59 -52.45 25.32
CA VAL C 822 16.93 -51.15 25.85
C VAL C 822 18.41 -50.90 25.73
N GLN C 823 19.21 -51.96 25.74
CA GLN C 823 20.64 -51.78 25.60
C GLN C 823 20.94 -50.95 24.38
N GLU C 824 20.71 -51.52 23.21
CA GLU C 824 20.89 -50.78 21.98
C GLU C 824 20.15 -49.47 22.04
N ALA C 825 18.98 -49.46 22.66
CA ALA C 825 18.28 -48.20 22.80
C ALA C 825 19.20 -47.15 23.38
N VAL C 826 19.88 -47.47 24.46
CA VAL C 826 20.87 -46.56 24.99
C VAL C 826 21.97 -46.38 23.98
N ARG C 827 22.49 -47.51 23.52
CA ARG C 827 23.63 -47.51 22.64
C ARG C 827 23.46 -46.51 21.54
N LEU C 828 22.27 -46.44 20.98
CA LEU C 828 22.02 -45.52 19.90
C LEU C 828 22.27 -44.09 20.33
N ILE C 829 21.91 -43.78 21.57
CA ILE C 829 22.23 -42.44 22.05
C ILE C 829 23.72 -42.33 22.19
N ARG C 830 24.30 -43.35 22.80
CA ARG C 830 25.72 -43.44 22.92
C ARG C 830 26.39 -43.35 21.58
N SER C 831 25.62 -43.38 20.48
CA SER C 831 26.22 -43.28 19.17
C SER C 831 26.60 -41.84 18.86
N ALA C 832 25.68 -40.90 19.01
CA ALA C 832 26.05 -39.51 18.81
C ALA C 832 27.16 -39.12 19.75
N ILE C 833 27.17 -39.75 20.93
CA ILE C 833 28.30 -39.60 21.82
C ILE C 833 29.53 -40.26 21.23
N LYS C 834 29.39 -41.48 20.73
CA LYS C 834 30.48 -42.12 20.02
C LYS C 834 30.75 -41.39 18.73
N ASP C 835 29.76 -40.64 18.27
CA ASP C 835 29.96 -39.61 17.29
C ASP C 835 30.37 -38.29 17.92
N TYR C 836 30.38 -38.21 19.25
CA TYR C 836 30.85 -37.01 19.96
C TYR C 836 32.32 -37.09 20.34
N ALA C 837 33.07 -38.09 19.86
CA ALA C 837 34.45 -38.33 20.35
C ALA C 837 35.50 -37.53 19.56
N THR C 838 35.76 -37.91 18.30
CA THR C 838 36.79 -37.31 17.42
C THR C 838 38.23 -37.52 17.92
N MET C 847 24.48 -27.24 26.31
CA MET C 847 25.19 -27.59 27.52
C MET C 847 26.58 -27.05 27.43
N ASN C 848 27.14 -27.25 26.25
CA ASN C 848 28.52 -26.84 26.03
C ASN C 848 28.72 -25.39 26.40
N LEU C 849 27.73 -24.56 26.05
CA LEU C 849 27.89 -23.13 26.22
C LEU C 849 28.38 -22.82 27.62
N VAL C 850 27.62 -23.28 28.60
CA VAL C 850 27.99 -23.09 29.99
C VAL C 850 29.41 -23.57 30.21
N GLN C 851 29.68 -24.81 29.80
CA GLN C 851 30.96 -25.41 30.11
C GLN C 851 32.09 -24.51 29.70
N THR C 852 32.14 -24.11 28.46
CA THR C 852 33.11 -23.11 28.09
C THR C 852 33.02 -21.89 28.95
N GLY C 853 31.83 -21.51 29.35
CA GLY C 853 31.68 -20.23 30.00
C GLY C 853 31.88 -20.26 31.48
N LYS C 854 32.63 -21.21 32.00
CA LYS C 854 32.85 -21.26 33.44
C LYS C 854 34.34 -21.27 33.68
N SER C 855 34.83 -20.56 34.70
CA SER C 855 36.28 -20.54 34.94
C SER C 855 36.68 -22.00 35.10
N VAL C 856 37.68 -22.42 34.33
CA VAL C 856 38.54 -21.57 33.51
C VAL C 856 37.86 -20.75 32.41
N ILE C 857 36.57 -20.95 32.15
CA ILE C 857 35.93 -20.19 31.08
C ILE C 857 35.39 -18.82 31.56
N GLN C 858 34.09 -18.61 31.73
CA GLN C 858 33.73 -17.25 32.13
C GLN C 858 33.88 -17.03 33.61
N ARG C 859 33.60 -18.04 34.41
CA ARG C 859 33.95 -17.87 35.81
C ARG C 859 35.43 -17.68 35.99
N LYS C 860 36.23 -18.55 35.38
CA LYS C 860 37.66 -18.29 35.37
C LYS C 860 37.92 -16.88 34.91
N LEU C 861 37.28 -16.49 33.81
CA LEU C 861 37.51 -15.18 33.22
C LEU C 861 37.31 -14.10 34.26
N GLN C 862 36.06 -13.87 34.64
CA GLN C 862 35.78 -12.78 35.55
C GLN C 862 36.56 -12.92 36.84
N GLU C 863 36.85 -14.15 37.25
CA GLU C 863 37.56 -14.34 38.49
C GLU C 863 38.94 -13.72 38.41
N ASP C 864 39.72 -14.16 37.46
CA ASP C 864 40.99 -13.51 37.21
C ASP C 864 40.78 -12.02 37.07
N LEU C 865 39.75 -11.64 36.33
CA LEU C 865 39.51 -10.23 36.11
C LEU C 865 39.49 -9.49 37.43
N SER C 866 38.49 -9.76 38.23
CA SER C 866 38.40 -9.17 39.54
C SER C 866 39.70 -9.30 40.28
N ARG C 867 40.29 -10.48 40.22
CA ARG C 867 41.54 -10.68 40.91
C ARG C 867 42.52 -9.58 40.55
N GLU C 868 42.75 -9.42 39.26
CA GLU C 868 43.68 -8.40 38.82
C GLU C 868 43.22 -7.04 39.26
N ILE C 869 41.95 -6.73 39.03
CA ILE C 869 41.42 -5.44 39.43
C ILE C 869 41.80 -5.16 40.86
N MET C 870 41.55 -6.13 41.73
CA MET C 870 41.95 -6.02 43.11
C MET C 870 43.43 -5.74 43.21
N ASN C 871 44.21 -6.44 42.40
CA ASN C 871 45.64 -6.29 42.50
C ASN C 871 46.06 -4.87 42.19
N VAL C 872 45.73 -4.39 41.00
CA VAL C 872 46.16 -3.07 40.60
C VAL C 872 45.55 -2.02 41.50
N LEU C 873 44.38 -2.30 42.05
CA LEU C 873 43.87 -1.44 43.09
C LEU C 873 44.89 -1.37 44.22
N LYS C 874 45.19 -2.53 44.80
CA LYS C 874 46.12 -2.61 45.90
C LYS C 874 47.40 -1.87 45.57
N ASP C 875 48.02 -2.22 44.46
CA ASP C 875 49.26 -1.64 44.02
C ASP C 875 49.11 -0.20 43.58
N GLN C 876 47.89 0.29 43.47
CA GLN C 876 47.60 1.67 43.09
C GLN C 876 47.38 2.52 44.32
N ALA C 877 47.66 1.95 45.48
CA ALA C 877 47.15 2.47 46.75
C ALA C 877 45.66 2.60 46.69
N SER C 878 45.03 1.66 45.99
CA SER C 878 43.58 1.56 45.81
C SER C 878 43.11 2.45 44.68
N ASP C 879 44.01 3.18 44.04
CA ASP C 879 43.51 4.02 42.97
C ASP C 879 43.04 3.15 41.82
N SER C 880 42.45 3.78 40.82
CA SER C 880 41.77 3.04 39.77
C SER C 880 42.76 2.27 38.92
N MET C 881 42.33 1.10 38.45
CA MET C 881 43.09 0.42 37.41
C MET C 881 42.76 1.05 36.08
N SER C 882 43.77 1.19 35.24
CA SER C 882 43.57 1.77 33.92
C SER C 882 43.06 0.72 32.95
N PHE C 883 42.23 1.16 32.01
CA PHE C 883 41.94 0.32 30.87
C PHE C 883 43.20 -0.30 30.34
N ASN C 884 44.19 0.54 30.11
CA ASN C 884 45.41 0.07 29.49
C ASN C 884 46.08 -0.98 30.35
N GLU C 885 46.45 -0.62 31.57
CA GLU C 885 47.18 -1.55 32.41
C GLU C 885 46.41 -2.83 32.58
N LEU C 886 45.10 -2.70 32.71
CA LEU C 886 44.25 -3.87 32.73
C LEU C 886 44.55 -4.76 31.54
N ILE C 887 44.27 -4.25 30.36
CA ILE C 887 44.49 -5.03 29.14
C ILE C 887 45.90 -5.58 29.13
N LYS C 888 46.83 -4.81 29.68
CA LYS C 888 48.24 -5.13 29.58
C LYS C 888 48.59 -6.33 30.42
N GLN C 889 48.26 -6.30 31.70
CA GLN C 889 48.53 -7.44 32.53
C GLN C 889 47.71 -8.64 32.12
N ILE C 890 46.53 -8.40 31.56
CA ILE C 890 45.57 -9.46 31.26
C ILE C 890 45.92 -10.24 30.00
N ASN C 891 46.45 -9.57 28.99
CA ASN C 891 47.09 -10.34 27.95
C ASN C 891 48.48 -10.77 28.39
N GLU C 892 49.08 -9.99 29.30
CA GLU C 892 50.46 -10.20 29.73
C GLU C 892 50.63 -11.54 30.42
N HIS C 893 50.09 -11.65 31.62
CA HIS C 893 49.82 -13.02 31.99
C HIS C 893 49.01 -13.47 30.79
N SER C 894 49.51 -14.44 30.06
CA SER C 894 49.16 -14.51 28.65
C SER C 894 48.28 -15.70 28.35
N GLN C 895 48.92 -16.87 28.30
CA GLN C 895 48.28 -18.13 28.65
C GLN C 895 46.88 -18.23 28.06
N ASP C 896 45.89 -18.48 28.93
CA ASP C 896 44.50 -18.42 28.51
C ASP C 896 44.32 -17.05 27.89
N ARG C 897 43.91 -17.00 26.63
CA ARG C 897 44.19 -15.81 25.86
C ARG C 897 43.00 -14.88 26.07
N VAL C 898 43.24 -13.87 26.88
CA VAL C 898 42.19 -12.92 27.17
C VAL C 898 42.35 -11.84 26.11
N GLU C 899 41.43 -11.84 25.17
CA GLU C 899 41.48 -10.86 24.14
C GLU C 899 40.89 -9.58 24.68
N SER C 900 41.55 -8.48 24.36
CA SER C 900 41.14 -7.18 24.87
C SER C 900 39.68 -6.90 24.60
N SER C 901 39.11 -7.49 23.55
CA SER C 901 37.68 -7.36 23.35
C SER C 901 36.92 -8.17 24.37
N ASP C 902 37.27 -9.43 24.50
CA ASP C 902 36.73 -10.23 25.57
C ASP C 902 36.93 -9.53 26.89
N ILE C 903 38.13 -9.01 27.10
CA ILE C 903 38.38 -8.18 28.26
C ILE C 903 37.30 -7.12 28.39
N GLN C 904 37.12 -6.34 27.33
CA GLN C 904 36.13 -5.28 27.35
C GLN C 904 34.78 -5.83 27.75
N GLU C 905 34.46 -6.99 27.24
CA GLU C 905 33.15 -7.56 27.49
C GLU C 905 32.97 -7.93 28.95
N ALA C 906 33.86 -8.77 29.47
CA ALA C 906 33.70 -9.21 30.84
C ALA C 906 33.75 -8.04 31.79
N LEU C 907 34.65 -7.10 31.52
CA LEU C 907 34.70 -5.88 32.29
C LEU C 907 33.33 -5.24 32.33
N SER C 908 32.79 -4.99 31.15
CA SER C 908 31.44 -4.49 31.05
C SER C 908 30.53 -5.29 31.94
N ARG C 909 30.70 -6.61 31.95
CA ARG C 909 29.80 -7.46 32.72
C ARG C 909 29.90 -7.13 34.20
N LEU C 910 31.09 -7.18 34.76
CA LEU C 910 31.23 -6.94 36.19
C LEU C 910 30.74 -5.56 36.56
N GLN C 911 31.12 -4.57 35.78
CA GLN C 911 30.68 -3.22 36.10
C GLN C 911 29.18 -3.15 36.09
N GLN C 912 28.59 -3.53 34.99
CA GLN C 912 27.15 -3.68 34.87
C GLN C 912 26.61 -4.64 35.90
N GLU C 913 27.35 -5.66 36.27
CA GLU C 913 26.94 -6.49 37.39
C GLU C 913 27.12 -5.75 38.69
N ASP C 914 27.71 -4.57 38.65
CA ASP C 914 28.10 -3.84 39.83
C ASP C 914 28.99 -4.76 40.64
N LYS C 915 29.44 -5.79 39.95
CA LYS C 915 30.63 -6.48 40.33
C LYS C 915 31.83 -5.63 40.00
N VAL C 916 31.58 -4.52 39.35
CA VAL C 916 32.62 -3.56 39.11
C VAL C 916 31.95 -2.20 39.07
N ILE C 917 32.70 -1.16 39.40
CA ILE C 917 32.26 0.19 39.18
C ILE C 917 33.39 0.99 38.55
N VAL C 918 33.40 1.19 37.20
CA VAL C 918 34.43 2.00 36.41
C VAL C 918 34.01 2.85 35.11
N LEU C 919 34.82 3.85 34.64
CA LEU C 919 34.50 4.74 33.43
C LEU C 919 35.59 5.61 32.60
N GLY C 920 35.18 6.23 31.45
CA GLY C 920 35.99 7.11 30.54
C GLY C 920 36.17 6.68 29.05
N GLU C 921 36.57 7.46 27.99
CA GLU C 921 36.60 6.61 26.82
C GLU C 921 37.79 5.68 26.94
N GLY C 922 38.98 6.19 26.64
CA GLY C 922 40.18 5.37 26.74
C GLY C 922 40.60 5.22 28.18
N VAL C 923 39.73 5.69 29.07
CA VAL C 923 39.99 5.61 30.49
C VAL C 923 39.05 4.58 31.08
N ARG C 924 39.56 3.42 31.37
CA ARG C 924 38.79 2.52 32.20
C ARG C 924 39.42 2.70 33.57
N ARG C 925 38.68 3.37 34.42
CA ARG C 925 39.03 3.37 35.81
C ARG C 925 38.65 2.03 36.40
N SER C 926 38.94 1.89 37.67
CA SER C 926 38.63 0.66 38.36
C SER C 926 37.18 0.62 38.74
N VAL C 927 36.89 -0.29 39.63
CA VAL C 927 35.59 -0.75 40.02
C VAL C 927 35.42 -0.48 41.49
N ARG C 928 34.20 -0.58 41.97
CA ARG C 928 34.00 -1.12 43.31
C ARG C 928 32.95 -2.18 43.12
N LEU C 929 33.31 -3.43 43.33
CA LEU C 929 32.26 -4.43 43.31
C LEU C 929 31.52 -4.29 44.61
N ASN C 930 30.28 -3.89 44.51
CA ASN C 930 29.37 -4.11 45.63
C ASN C 930 28.62 -5.39 45.44
N ASN C 931 28.71 -5.97 44.25
CA ASN C 931 27.99 -7.17 43.89
C ASN C 931 28.69 -7.79 42.70
N THR D 25 -21.30 34.17 -68.38
CA THR D 25 -20.43 33.43 -69.28
C THR D 25 -19.61 34.36 -70.15
N GLU D 26 -18.54 33.83 -70.74
CA GLU D 26 -17.65 34.51 -71.68
C GLU D 26 -16.85 35.62 -71.02
N ILE D 27 -17.20 36.03 -69.81
CA ILE D 27 -16.24 36.69 -68.95
C ILE D 27 -15.06 35.75 -68.72
N ILE D 28 -15.33 34.45 -68.76
CA ILE D 28 -14.27 33.45 -68.69
C ILE D 28 -13.24 33.73 -69.76
N LYS D 29 -13.69 34.03 -70.98
CA LYS D 29 -12.73 34.40 -72.02
C LYS D 29 -11.89 35.58 -71.60
N SER D 30 -12.45 36.49 -70.80
CA SER D 30 -11.65 37.57 -70.24
C SER D 30 -10.66 37.04 -69.21
N PHE D 31 -11.00 35.96 -68.53
CA PHE D 31 -10.04 35.34 -67.64
C PHE D 31 -8.99 34.55 -68.41
N LYS D 32 -9.33 34.03 -69.57
CA LYS D 32 -8.36 33.35 -70.41
C LYS D 32 -7.37 34.35 -70.99
N ASN D 33 -7.87 35.47 -71.49
CA ASN D 33 -6.99 36.53 -71.93
C ASN D 33 -6.21 37.14 -70.78
N PHE D 34 -6.80 37.17 -69.59
CA PHE D 34 -6.05 37.62 -68.42
C PHE D 34 -4.91 36.67 -68.11
N ILE D 35 -5.14 35.37 -68.26
CA ILE D 35 -4.04 34.43 -68.08
C ILE D 35 -3.01 34.60 -69.17
N LEU D 36 -3.44 34.97 -70.38
CA LEU D 36 -2.55 35.06 -71.52
C LEU D 36 -2.08 36.49 -71.72
N GLU D 37 -3.01 37.35 -72.16
CA GLU D 37 -2.63 38.69 -72.59
C GLU D 37 -1.95 39.47 -71.49
N PHE D 38 -2.38 39.29 -70.24
CA PHE D 38 -1.78 40.07 -69.17
C PHE D 38 -0.29 39.79 -69.12
N ARG D 39 0.49 40.85 -69.23
CA ARG D 39 1.93 40.73 -69.24
C ARG D 39 2.51 41.89 -68.45
N LEU D 40 3.37 41.56 -67.51
CA LEU D 40 4.27 42.54 -66.92
C LEU D 40 5.61 42.39 -67.60
N ASP D 41 6.25 43.52 -67.89
CA ASP D 41 7.56 43.46 -68.52
C ASP D 41 8.54 42.76 -67.59
N SER D 42 9.35 41.88 -68.15
CA SER D 42 9.28 41.60 -69.58
C SER D 42 8.41 40.39 -69.85
N GLN D 43 7.90 39.79 -68.78
CA GLN D 43 7.36 38.44 -68.89
C GLN D 43 5.95 38.37 -68.34
N PHE D 44 5.04 37.79 -69.12
CA PHE D 44 3.73 37.45 -68.60
C PHE D 44 3.89 36.32 -67.59
N ILE D 45 3.45 36.58 -66.36
CA ILE D 45 3.78 35.69 -65.26
C ILE D 45 2.88 34.46 -65.26
N TYR D 46 1.57 34.66 -65.36
CA TYR D 46 0.63 33.57 -65.12
C TYR D 46 0.82 32.44 -66.12
N ARG D 47 1.13 32.76 -67.37
CA ARG D 47 1.40 31.74 -68.36
C ARG D 47 2.53 30.83 -67.93
N ASP D 48 3.64 31.43 -67.49
CA ASP D 48 4.77 30.65 -67.04
C ASP D 48 4.43 29.88 -65.76
N GLN D 49 3.92 30.58 -64.74
CA GLN D 49 3.60 29.98 -63.45
C GLN D 49 2.70 28.77 -63.61
N LEU D 50 1.67 28.91 -64.44
CA LEU D 50 0.82 27.77 -64.76
C LEU D 50 1.64 26.67 -65.42
N ARG D 51 2.38 27.02 -66.48
CA ARG D 51 3.17 26.03 -67.21
C ARG D 51 4.03 25.20 -66.27
N ASN D 52 4.50 25.79 -65.17
CA ASN D 52 5.27 25.02 -64.20
C ASN D 52 4.37 24.22 -63.27
N ASN D 53 3.36 24.86 -62.69
CA ASN D 53 2.50 24.17 -61.73
C ASN D 53 1.97 22.88 -62.31
N ILE D 54 1.61 22.90 -63.58
CA ILE D 54 1.28 21.66 -64.26
C ILE D 54 2.51 20.78 -64.36
N LEU D 55 3.62 21.33 -64.84
CA LEU D 55 4.86 20.57 -64.85
C LEU D 55 5.15 20.03 -63.47
N VAL D 56 4.83 20.82 -62.44
CA VAL D 56 4.87 20.34 -61.08
C VAL D 56 3.64 19.53 -60.74
N LYS D 57 2.65 19.48 -61.63
CA LYS D 57 1.37 18.86 -61.31
C LYS D 57 0.81 19.47 -60.04
N ASN D 58 0.93 20.79 -59.93
CA ASN D 58 0.38 21.46 -58.77
C ASN D 58 -1.13 21.55 -58.85
N TYR D 59 -1.69 21.52 -60.07
CA TYR D 59 -3.13 21.70 -60.29
C TYR D 59 -3.61 22.92 -59.53
N SER D 60 -2.74 23.91 -59.47
CA SER D 60 -2.95 25.04 -58.62
C SER D 60 -2.40 26.26 -59.31
N LEU D 61 -2.94 27.41 -58.95
CA LEU D 61 -2.45 28.67 -59.48
C LEU D 61 -2.68 29.75 -58.43
N THR D 62 -1.80 30.73 -58.42
CA THR D 62 -1.81 31.74 -57.38
C THR D 62 -2.03 33.10 -58.01
N VAL D 63 -3.05 33.77 -57.57
CA VAL D 63 -3.41 35.07 -58.10
C VAL D 63 -3.24 36.12 -57.01
N ASN D 64 -2.70 37.27 -57.40
CA ASN D 64 -2.81 38.47 -56.61
C ASN D 64 -3.98 39.28 -57.19
N MET D 65 -5.08 39.36 -56.44
CA MET D 65 -6.29 39.98 -56.97
C MET D 65 -6.08 41.44 -57.32
N GLU D 66 -5.18 42.10 -56.59
CA GLU D 66 -4.83 43.47 -56.92
C GLU D 66 -4.27 43.58 -58.34
N HIS D 67 -3.45 42.61 -58.75
CA HIS D 67 -2.91 42.63 -60.10
C HIS D 67 -4.00 42.53 -61.15
N LEU D 68 -5.11 41.86 -60.81
CA LEU D 68 -6.26 41.79 -61.71
C LEU D 68 -6.94 43.14 -61.81
N ILE D 69 -7.24 43.74 -60.66
CA ILE D 69 -7.78 45.09 -60.69
C ILE D 69 -6.85 46.00 -61.49
N GLY D 70 -5.56 45.68 -61.53
CA GLY D 70 -4.63 46.37 -62.41
C GLY D 70 -4.89 46.09 -63.88
N TYR D 71 -4.98 44.82 -64.26
CA TYR D 71 -5.21 44.48 -65.66
C TYR D 71 -6.64 44.76 -66.08
N ASN D 72 -7.61 44.22 -65.33
CA ASN D 72 -9.03 44.37 -65.65
C ASN D 72 -9.78 44.87 -64.43
N GLU D 73 -10.31 46.09 -64.52
CA GLU D 73 -10.93 46.72 -63.37
C GLU D 73 -12.31 46.16 -63.08
N ASP D 74 -13.15 46.09 -64.10
CA ASP D 74 -14.54 45.71 -63.88
C ASP D 74 -14.63 44.31 -63.32
N ILE D 75 -13.85 43.38 -63.89
CA ILE D 75 -13.86 42.01 -63.41
C ILE D 75 -13.51 41.99 -61.92
N TYR D 76 -12.62 42.86 -61.50
CA TYR D 76 -12.19 42.85 -60.11
C TYR D 76 -13.35 43.14 -59.18
N LYS D 77 -14.00 44.28 -59.36
CA LYS D 77 -15.16 44.61 -58.55
C LYS D 77 -16.25 43.58 -58.72
N LYS D 78 -16.46 43.13 -59.95
CA LYS D 78 -17.37 42.01 -60.19
C LYS D 78 -17.07 40.87 -59.24
N LEU D 79 -15.79 40.59 -59.01
CA LEU D 79 -15.41 39.51 -58.13
C LEU D 79 -15.68 39.84 -56.68
N SER D 80 -15.14 40.96 -56.21
CA SER D 80 -15.27 41.32 -54.81
C SER D 80 -16.73 41.47 -54.40
N ASP D 81 -17.62 41.71 -55.36
CA ASP D 81 -19.03 41.85 -55.03
C ASP D 81 -19.65 40.52 -54.64
N GLU D 82 -19.55 39.52 -55.52
CA GLU D 82 -20.26 38.25 -55.34
C GLU D 82 -19.40 37.12 -55.84
N PRO D 83 -18.35 36.78 -55.09
CA PRO D 83 -17.42 35.76 -55.59
C PRO D 83 -18.01 34.36 -55.67
N SER D 84 -18.99 34.05 -54.81
CA SER D 84 -19.57 32.71 -54.77
C SER D 84 -19.93 32.22 -56.15
N ASP D 85 -20.45 33.10 -56.98
CA ASP D 85 -20.71 32.74 -58.36
C ASP D 85 -19.41 32.63 -59.15
N ILE D 86 -18.59 33.68 -59.10
CA ILE D 86 -17.57 33.88 -60.13
C ILE D 86 -16.50 32.80 -60.06
N ILE D 87 -16.05 32.49 -58.84
CA ILE D 87 -14.86 31.68 -58.64
C ILE D 87 -14.84 30.47 -59.57
N PRO D 88 -15.92 29.70 -59.62
CA PRO D 88 -15.94 28.56 -60.53
C PRO D 88 -15.68 28.94 -61.97
N LEU D 89 -16.16 30.11 -62.40
CA LEU D 89 -15.93 30.52 -63.78
C LEU D 89 -14.47 30.82 -64.02
N PHE D 90 -13.81 31.40 -63.03
CA PHE D 90 -12.37 31.46 -63.05
C PHE D 90 -11.85 30.06 -63.32
N GLU D 91 -12.14 29.13 -62.40
CA GLU D 91 -11.57 27.80 -62.46
C GLU D 91 -11.72 27.17 -63.84
N THR D 92 -12.90 27.34 -64.44
CA THR D 92 -13.10 26.84 -65.78
C THR D 92 -12.23 27.58 -66.78
N ALA D 93 -12.25 28.91 -66.74
CA ALA D 93 -11.41 29.67 -67.65
C ALA D 93 -9.97 29.22 -67.58
N ILE D 94 -9.53 28.79 -66.40
CA ILE D 94 -8.19 28.27 -66.24
C ILE D 94 -8.06 26.91 -66.90
N THR D 95 -8.89 25.96 -66.47
CA THR D 95 -8.74 24.59 -66.95
C THR D 95 -8.86 24.52 -68.46
N GLN D 96 -9.59 25.46 -69.04
CA GLN D 96 -9.71 25.54 -70.49
C GLN D 96 -8.37 25.74 -71.16
N VAL D 97 -7.57 26.69 -70.68
CA VAL D 97 -6.21 26.81 -71.19
C VAL D 97 -5.39 25.61 -70.76
N ALA D 98 -5.61 25.16 -69.52
CA ALA D 98 -4.80 24.11 -68.95
C ALA D 98 -4.85 22.86 -69.79
N LYS D 99 -5.97 22.60 -70.43
CA LYS D 99 -6.02 21.49 -71.37
C LYS D 99 -5.10 21.76 -72.54
N ARG D 100 -5.19 22.95 -73.13
CA ARG D 100 -4.35 23.29 -74.27
C ARG D 100 -2.89 23.09 -73.94
N ILE D 101 -2.43 23.79 -72.91
CA ILE D 101 -1.06 23.65 -72.45
C ILE D 101 -0.75 22.19 -72.16
N SER D 102 -1.71 21.48 -71.57
CA SER D 102 -1.47 20.09 -71.18
C SER D 102 -1.15 19.24 -72.39
N ILE D 103 -1.91 19.38 -73.47
CA ILE D 103 -1.69 18.57 -74.65
C ILE D 103 -0.42 19.01 -75.37
N LEU D 104 -0.29 20.32 -75.59
CA LEU D 104 0.91 20.85 -76.24
C LEU D 104 2.16 20.36 -75.55
N SER D 105 2.09 20.23 -74.23
CA SER D 105 3.24 19.72 -73.48
C SER D 105 3.41 18.21 -73.65
N ARG D 106 2.34 17.43 -73.39
CA ARG D 106 2.49 15.98 -73.35
C ARG D 106 2.96 15.44 -74.70
N ALA D 107 2.45 16.03 -75.78
CA ALA D 107 2.85 15.57 -77.10
C ALA D 107 4.29 15.95 -77.42
N GLN D 108 4.65 17.20 -77.19
CA GLN D 108 5.98 17.67 -77.55
C GLN D 108 6.85 17.88 -76.33
N SER D 109 7.82 16.99 -76.12
CA SER D 109 7.91 15.75 -76.88
C SER D 109 8.07 14.56 -75.94
N ALA D 110 7.04 13.70 -75.86
CA ALA D 110 7.07 12.52 -75.01
C ALA D 110 5.81 11.68 -75.22
N ASN D 130 -6.25 15.12 -69.95
CA ASN D 130 -7.06 14.03 -69.44
C ASN D 130 -6.19 12.92 -68.88
N SER D 131 -6.48 12.53 -67.64
CA SER D 131 -7.56 13.14 -66.89
C SER D 131 -7.09 14.39 -66.17
N LEU D 132 -7.67 15.53 -66.52
CA LEU D 132 -7.27 16.81 -65.94
C LEU D 132 -8.40 17.35 -65.08
N PRO D 133 -8.22 17.47 -63.78
CA PRO D 133 -9.26 18.06 -62.94
C PRO D 133 -9.25 19.59 -63.01
N THR D 134 -10.41 20.16 -62.66
CA THR D 134 -10.51 21.61 -62.56
C THR D 134 -9.47 22.11 -61.57
N PHE D 135 -8.66 23.05 -62.02
CA PHE D 135 -7.60 23.51 -61.13
C PHE D 135 -8.20 24.25 -59.95
N GLN D 136 -7.40 24.35 -58.90
CA GLN D 136 -7.68 25.20 -57.75
C GLN D 136 -6.79 26.43 -57.83
N LEU D 137 -7.39 27.61 -57.76
CA LEU D 137 -6.63 28.86 -57.76
C LEU D 137 -6.60 29.46 -56.36
N ILE D 138 -5.43 29.91 -55.95
CA ILE D 138 -5.27 30.54 -54.64
C ILE D 138 -5.05 32.02 -54.89
N LEU D 139 -6.04 32.83 -54.55
CA LEU D 139 -5.93 34.26 -54.72
C LEU D 139 -5.54 34.88 -53.39
N ASN D 140 -4.47 35.67 -53.41
CA ASN D 140 -3.98 36.31 -52.20
C ASN D 140 -3.84 37.79 -52.47
N SER D 141 -4.60 38.58 -51.73
CA SER D 141 -4.50 40.04 -51.79
C SER D 141 -4.01 40.55 -50.44
N ASN D 142 -2.98 41.38 -50.49
CA ASN D 142 -2.41 42.00 -49.31
C ASN D 142 -3.10 43.30 -48.96
N ALA D 143 -4.16 43.64 -49.68
CA ALA D 143 -4.61 45.01 -49.72
C ALA D 143 -5.29 45.44 -48.44
N ASN D 144 -6.52 44.98 -48.20
CA ASN D 144 -7.37 45.57 -47.17
C ASN D 144 -7.51 44.57 -46.02
N GLN D 145 -6.84 44.85 -44.94
CA GLN D 145 -7.05 44.06 -43.74
C GLN D 145 -8.37 44.46 -43.11
N ILE D 146 -8.94 43.52 -42.38
CA ILE D 146 -10.07 43.88 -41.56
C ILE D 146 -9.69 43.50 -40.15
N PRO D 147 -10.02 44.31 -39.15
CA PRO D 147 -9.85 43.84 -37.77
C PRO D 147 -10.79 42.67 -37.56
N LEU D 148 -10.26 41.60 -37.00
CA LEU D 148 -11.09 40.46 -36.69
C LEU D 148 -12.25 40.84 -35.80
N ARG D 149 -12.01 41.69 -34.79
CA ARG D 149 -13.10 42.14 -33.94
C ARG D 149 -14.17 42.83 -34.76
N ASP D 150 -13.81 43.35 -35.94
CA ASP D 150 -14.72 44.15 -36.75
C ASP D 150 -15.06 43.39 -38.03
N LEU D 151 -16.27 42.85 -38.09
CA LEU D 151 -16.81 42.27 -39.33
C LEU D 151 -18.29 42.59 -39.44
N ASP D 152 -18.68 43.27 -40.51
CA ASP D 152 -20.07 43.57 -40.71
C ASP D 152 -20.80 42.36 -41.28
N SER D 153 -22.10 42.31 -41.01
CA SER D 153 -22.93 41.39 -41.78
C SER D 153 -22.93 41.74 -43.26
N GLU D 154 -22.46 42.94 -43.62
CA GLU D 154 -22.36 43.36 -45.01
C GLU D 154 -21.17 42.73 -45.72
N HIS D 155 -20.31 42.04 -44.99
CA HIS D 155 -19.19 41.35 -45.60
C HIS D 155 -19.56 39.97 -46.13
N VAL D 156 -20.75 39.47 -45.79
CA VAL D 156 -21.11 38.10 -46.14
C VAL D 156 -21.08 37.91 -47.65
N SER D 157 -20.60 36.75 -48.08
CA SER D 157 -20.53 36.38 -49.50
C SER D 157 -19.82 37.45 -50.31
N LYS D 158 -18.89 38.14 -49.67
CA LYS D 158 -18.04 39.10 -50.34
C LYS D 158 -16.61 38.83 -49.90
N ILE D 159 -15.66 39.24 -50.75
CA ILE D 159 -14.25 38.96 -50.48
C ILE D 159 -13.79 39.83 -49.31
N VAL D 160 -13.10 39.22 -48.35
CA VAL D 160 -12.63 39.90 -47.15
C VAL D 160 -11.23 39.42 -46.81
N ARG D 161 -10.36 40.35 -46.43
CA ARG D 161 -9.01 40.02 -46.01
C ARG D 161 -8.80 40.53 -44.59
N LEU D 162 -8.37 39.61 -43.74
CA LEU D 162 -8.10 39.90 -42.34
C LEU D 162 -7.13 38.85 -41.86
N SER D 163 -6.54 39.08 -40.69
CA SER D 163 -5.51 38.21 -40.18
C SER D 163 -5.75 37.86 -38.72
N GLY D 164 -5.02 36.86 -38.25
CA GLY D 164 -5.11 36.46 -36.87
C GLY D 164 -4.06 35.43 -36.56
N ILE D 165 -4.21 34.80 -35.41
CA ILE D 165 -3.32 33.72 -35.01
C ILE D 165 -4.14 32.45 -35.06
N ILE D 166 -3.62 31.44 -35.76
CA ILE D 166 -4.35 30.18 -35.87
C ILE D 166 -4.18 29.40 -34.58
N ILE D 167 -5.28 29.16 -33.89
CA ILE D 167 -5.23 28.38 -32.66
C ILE D 167 -5.10 26.90 -32.98
N SER D 168 -6.14 26.36 -33.60
CA SER D 168 -6.25 24.94 -33.85
C SER D 168 -6.50 24.73 -35.33
N THR D 169 -5.52 24.17 -36.00
CA THR D 169 -5.70 23.96 -37.41
C THR D 169 -6.32 22.60 -37.57
N SER D 170 -7.58 22.60 -37.91
CA SER D 170 -8.34 21.40 -37.83
C SER D 170 -7.97 20.53 -38.99
N VAL D 171 -8.89 19.68 -39.28
CA VAL D 171 -8.55 18.31 -39.18
C VAL D 171 -9.08 17.60 -40.41
N LEU D 172 -8.16 17.10 -41.24
CA LEU D 172 -8.48 16.72 -42.61
C LEU D 172 -9.67 15.76 -42.69
N SER D 173 -10.52 16.00 -43.69
CA SER D 173 -11.69 15.20 -43.97
C SER D 173 -11.70 14.82 -45.43
N SER D 174 -12.69 14.04 -45.85
CA SER D 174 -12.79 13.66 -47.25
C SER D 174 -14.06 14.25 -47.84
N ARG D 175 -13.89 15.03 -48.89
CA ARG D 175 -15.02 15.66 -49.55
C ARG D 175 -15.10 15.17 -50.98
N ALA D 176 -16.17 14.44 -51.23
CA ALA D 176 -16.39 13.68 -52.44
C ALA D 176 -16.86 14.53 -53.59
N THR D 177 -16.46 15.81 -53.63
CA THR D 177 -17.18 16.84 -54.36
C THR D 177 -17.72 16.37 -55.71
N TYR D 178 -17.20 15.28 -56.26
CA TYR D 178 -17.87 14.55 -57.31
C TYR D 178 -18.13 13.14 -56.81
N LEU D 179 -19.40 12.75 -56.76
CA LEU D 179 -19.76 11.44 -56.22
C LEU D 179 -20.83 10.79 -57.09
N SER D 180 -20.55 9.59 -57.59
CA SER D 180 -21.48 8.85 -58.42
C SER D 180 -22.31 7.90 -57.56
N ILE D 181 -23.61 7.91 -57.77
CA ILE D 181 -24.55 7.20 -56.91
C ILE D 181 -25.30 6.18 -57.74
N MET D 182 -25.91 5.21 -57.06
CA MET D 182 -26.67 4.18 -57.72
C MET D 182 -27.87 3.76 -56.88
N CYS D 183 -29.04 3.65 -57.52
CA CYS D 183 -30.21 3.12 -56.87
C CYS D 183 -30.10 1.61 -56.77
N ARG D 184 -30.25 1.08 -55.56
CA ARG D 184 -30.02 -0.34 -55.36
C ARG D 184 -31.00 -1.17 -56.16
N ASN D 185 -32.28 -1.03 -55.85
CA ASN D 185 -33.25 -1.85 -56.54
C ASN D 185 -33.45 -1.33 -57.95
N CYS D 186 -33.65 -0.03 -58.09
CA CYS D 186 -33.83 0.51 -59.42
C CYS D 186 -32.65 0.19 -60.32
N ARG D 187 -31.48 -0.06 -59.73
CA ARG D 187 -30.23 -0.20 -60.46
C ARG D 187 -29.90 1.12 -61.16
N HIS D 188 -30.79 2.11 -61.06
CA HIS D 188 -30.54 3.43 -61.59
C HIS D 188 -29.32 4.03 -60.92
N THR D 189 -28.56 4.78 -61.71
CA THR D 189 -27.33 5.40 -61.22
C THR D 189 -27.43 6.90 -61.34
N THR D 190 -26.60 7.60 -60.56
CA THR D 190 -26.57 9.05 -60.62
C THR D 190 -25.20 9.51 -60.16
N SER D 191 -25.00 10.83 -60.18
CA SER D 191 -23.82 11.42 -59.61
C SER D 191 -24.22 12.75 -59.01
N ILE D 192 -23.68 13.04 -57.85
CA ILE D 192 -23.91 14.32 -57.18
C ILE D 192 -22.58 15.00 -57.03
N THR D 193 -22.53 16.28 -57.35
CA THR D 193 -21.31 17.06 -57.25
C THR D 193 -21.62 18.30 -56.44
N ILE D 194 -20.87 18.52 -55.36
CA ILE D 194 -21.06 19.66 -54.48
C ILE D 194 -19.84 20.57 -54.57
N ASN D 195 -20.02 21.76 -55.14
CA ASN D 195 -18.88 22.64 -55.42
C ASN D 195 -18.39 23.37 -54.18
N ASN D 196 -19.29 24.02 -53.47
CA ASN D 196 -18.94 24.77 -52.28
C ASN D 196 -19.83 24.31 -51.14
N PHE D 197 -19.26 24.33 -49.94
CA PHE D 197 -19.98 23.90 -48.76
C PHE D 197 -19.34 24.55 -47.55
N ASN D 198 -20.05 24.52 -46.43
CA ASN D 198 -19.55 25.13 -45.20
C ASN D 198 -18.37 24.35 -44.62
N THR D 201 -19.61 21.47 -44.33
CA THR D 201 -19.93 21.52 -42.90
C THR D 201 -21.27 22.18 -42.69
N GLY D 202 -22.16 21.99 -43.64
CA GLY D 202 -23.56 22.37 -43.49
C GLY D 202 -24.34 21.50 -42.51
N ASN D 203 -24.41 20.18 -42.72
CA ASN D 203 -23.87 19.49 -43.91
C ASN D 203 -24.62 19.87 -45.17
N THR D 204 -23.88 20.02 -46.26
CA THR D 204 -24.42 20.69 -47.44
C THR D 204 -25.46 19.83 -48.15
N VAL D 205 -25.13 18.59 -48.49
CA VAL D 205 -25.97 17.76 -49.35
C VAL D 205 -26.07 16.34 -48.80
N SER D 206 -27.21 15.70 -49.06
CA SER D 206 -27.46 14.33 -48.65
C SER D 206 -28.08 13.55 -49.81
N LEU D 207 -28.15 12.24 -49.63
CA LEU D 207 -28.56 11.36 -50.72
C LEU D 207 -30.07 11.45 -50.97
N PRO D 208 -30.49 11.24 -52.20
CA PRO D 208 -31.93 11.23 -52.50
C PRO D 208 -32.62 10.04 -51.87
N ARG D 209 -33.93 10.17 -51.73
CA ARG D 209 -34.75 9.14 -51.10
C ARG D 209 -35.43 8.21 -52.11
N SER D 210 -35.25 8.43 -53.41
CA SER D 210 -36.05 7.73 -54.40
C SER D 210 -35.17 7.15 -55.51
N CYS D 211 -35.50 5.94 -55.92
CA CYS D 211 -34.72 5.25 -56.94
C CYS D 211 -35.19 5.60 -58.34
N ASN D 235 -40.60 2.59 -53.48
CA ASN D 235 -40.33 1.31 -54.11
C ASN D 235 -39.87 1.53 -55.55
N CYS D 236 -38.56 1.55 -55.79
CA CYS D 236 -37.57 1.28 -54.77
C CYS D 236 -37.39 2.44 -53.84
N GLY D 237 -37.64 2.18 -52.57
CA GLY D 237 -37.62 3.18 -51.53
C GLY D 237 -37.79 2.45 -50.22
N PRO D 238 -37.35 3.05 -49.11
CA PRO D 238 -36.68 4.32 -48.83
C PRO D 238 -35.34 4.39 -49.52
N ASP D 239 -34.54 5.42 -49.25
CA ASP D 239 -33.56 5.85 -50.23
C ASP D 239 -32.74 4.67 -50.72
N PRO D 240 -32.96 4.25 -51.97
CA PRO D 240 -32.23 3.09 -52.51
C PRO D 240 -30.80 3.46 -52.87
N TYR D 241 -30.58 4.74 -53.10
CA TYR D 241 -29.35 5.21 -53.72
C TYR D 241 -28.13 4.74 -52.94
N ILE D 242 -27.15 4.20 -53.67
CA ILE D 242 -25.98 3.58 -53.06
C ILE D 242 -24.73 4.26 -53.61
N ILE D 243 -23.84 4.66 -52.71
CA ILE D 243 -22.62 5.33 -53.09
C ILE D 243 -21.67 4.31 -53.71
N ILE D 244 -21.22 4.59 -54.91
CA ILE D 244 -20.06 3.93 -55.46
C ILE D 244 -18.87 4.80 -55.11
N HIS D 245 -18.02 4.33 -54.19
CA HIS D 245 -16.85 5.11 -53.83
C HIS D 245 -15.70 4.87 -54.79
N GLU D 246 -15.93 4.08 -55.83
CA GLU D 246 -15.03 3.98 -56.97
C GLU D 246 -14.84 5.29 -57.70
N SER D 247 -15.94 5.92 -58.07
CA SER D 247 -15.94 7.02 -59.00
C SER D 247 -15.93 8.39 -58.34
N SER D 248 -15.83 8.46 -57.01
CA SER D 248 -15.93 9.73 -56.31
C SER D 248 -14.55 10.33 -56.06
N LYS D 249 -14.48 11.66 -56.15
CA LYS D 249 -13.24 12.40 -55.91
C LYS D 249 -13.36 13.19 -54.62
N PHE D 250 -12.53 12.85 -53.65
CA PHE D 250 -12.67 13.36 -52.30
C PHE D 250 -11.67 14.45 -52.02
N ILE D 251 -12.08 15.45 -51.24
CA ILE D 251 -11.19 16.56 -50.94
C ILE D 251 -11.00 16.64 -49.43
N ASP D 252 -9.99 17.37 -49.00
CA ASP D 252 -9.63 17.46 -47.59
C ASP D 252 -10.30 18.64 -46.91
N GLN D 253 -11.09 18.37 -45.88
CA GLN D 253 -11.55 19.51 -45.11
C GLN D 253 -10.57 19.72 -43.97
N GLN D 254 -9.76 20.76 -44.07
CA GLN D 254 -8.96 21.10 -42.92
C GLN D 254 -9.84 21.56 -41.78
N PHE D 255 -10.64 22.61 -42.01
CA PHE D 255 -11.53 23.22 -41.03
C PHE D 255 -10.75 23.94 -39.93
N LEU D 256 -9.70 24.64 -40.35
CA LEU D 256 -8.95 25.44 -39.41
C LEU D 256 -9.85 26.45 -38.69
N LYS D 257 -9.45 26.81 -37.48
CA LYS D 257 -10.18 27.79 -36.70
C LYS D 257 -9.23 28.95 -36.41
N LEU D 258 -9.55 30.12 -36.94
CA LEU D 258 -8.68 31.28 -36.80
C LEU D 258 -9.04 32.04 -35.54
N GLN D 259 -8.06 32.24 -34.68
CA GLN D 259 -8.23 33.08 -33.51
C GLN D 259 -7.63 34.45 -33.79
N GLU D 260 -8.28 35.46 -33.25
CA GLU D 260 -7.77 36.80 -33.45
C GLU D 260 -6.48 36.99 -32.69
N ILE D 261 -5.98 38.20 -32.79
CA ILE D 261 -4.85 38.70 -32.05
C ILE D 261 -5.08 38.53 -30.55
N PRO D 262 -4.28 37.70 -29.85
CA PRO D 262 -4.46 37.61 -28.38
C PRO D 262 -4.07 38.86 -27.59
N GLU D 263 -2.97 39.53 -27.92
CA GLU D 263 -2.50 40.65 -27.10
C GLU D 263 -3.41 41.85 -27.24
N LEU D 264 -4.05 42.01 -28.40
CA LEU D 264 -4.87 43.19 -28.61
C LEU D 264 -6.10 42.94 -29.48
N VAL D 265 -7.22 43.55 -29.11
CA VAL D 265 -7.32 44.29 -27.86
C VAL D 265 -8.65 44.06 -27.19
N PRO D 266 -9.00 42.82 -26.91
CA PRO D 266 -10.16 42.62 -26.05
C PRO D 266 -9.84 43.19 -24.69
N VAL D 267 -8.72 42.70 -24.16
CA VAL D 267 -8.04 43.21 -22.98
C VAL D 267 -8.95 43.10 -21.75
N GLY D 268 -10.26 43.08 -21.97
CA GLY D 268 -11.20 42.78 -20.92
C GLY D 268 -11.89 41.45 -21.11
N GLU D 269 -11.70 40.83 -22.27
CA GLU D 269 -12.57 39.76 -22.70
C GLU D 269 -11.78 38.61 -23.31
N MET D 270 -12.41 37.47 -23.35
CA MET D 270 -11.89 36.35 -24.10
C MET D 270 -11.99 36.69 -25.58
N PRO D 271 -10.89 36.73 -26.31
CA PRO D 271 -10.94 37.19 -27.70
C PRO D 271 -11.74 36.25 -28.58
N ARG D 272 -12.48 36.82 -29.53
CA ARG D 272 -13.29 36.07 -30.46
C ARG D 272 -12.43 35.39 -31.52
N ASN D 273 -12.99 34.34 -32.15
CA ASN D 273 -12.28 33.55 -33.14
C ASN D 273 -13.25 33.04 -34.21
N LEU D 274 -12.71 32.65 -35.35
CA LEU D 274 -13.51 32.28 -36.51
C LEU D 274 -13.15 30.90 -37.02
N THR D 275 -14.15 30.27 -37.63
CA THR D 275 -14.00 28.97 -38.25
C THR D 275 -13.68 29.15 -39.72
N MET D 276 -12.69 28.42 -40.18
CA MET D 276 -12.29 28.45 -41.57
C MET D 276 -12.43 27.06 -42.14
N THR D 277 -12.40 26.97 -43.46
CA THR D 277 -12.42 25.69 -44.14
C THR D 277 -11.44 25.76 -45.31
N CYS D 278 -10.59 24.75 -45.44
CA CYS D 278 -9.52 24.72 -46.44
C CYS D 278 -9.53 23.40 -47.19
N ASP D 279 -9.56 23.49 -48.53
CA ASP D 279 -9.73 22.33 -49.38
C ASP D 279 -8.54 22.16 -50.31
N ARG D 280 -8.25 20.91 -50.64
CA ARG D 280 -7.30 20.57 -51.68
C ARG D 280 -5.99 21.25 -51.37
N TYR D 281 -5.38 21.95 -52.33
CA TYR D 281 -4.05 22.50 -52.16
C TYR D 281 -3.95 23.45 -51.00
N LEU D 282 -5.07 23.87 -50.43
CA LEU D 282 -5.06 24.77 -49.30
C LEU D 282 -4.92 24.04 -47.98
N THR D 283 -5.00 22.72 -47.96
CA THR D 283 -4.91 22.03 -46.69
C THR D 283 -3.45 21.90 -46.24
N ASN D 284 -3.29 21.81 -44.91
CA ASN D 284 -2.04 21.41 -44.25
C ASN D 284 -0.89 22.40 -44.40
N LYS D 285 -1.12 23.47 -45.15
CA LYS D 285 -0.04 24.42 -45.40
C LYS D 285 0.48 25.09 -44.13
N VAL D 286 -0.30 25.08 -43.05
CA VAL D 286 0.03 25.88 -41.87
C VAL D 286 -0.02 25.02 -40.63
N ILE D 287 0.99 25.19 -39.78
CA ILE D 287 0.93 24.70 -38.42
C ILE D 287 0.18 25.75 -37.62
N PRO D 288 -0.76 25.37 -36.76
CA PRO D 288 -1.44 26.38 -35.96
C PRO D 288 -0.46 27.02 -34.97
N GLY D 289 -0.74 28.26 -34.61
CA GLY D 289 0.22 29.14 -34.00
C GLY D 289 0.90 30.06 -35.00
N THR D 290 0.83 29.73 -36.29
CA THR D 290 1.43 30.57 -37.30
C THR D 290 0.51 31.75 -37.58
N ARG D 291 1.02 32.95 -37.33
CA ARG D 291 0.29 34.14 -37.75
C ARG D 291 0.19 34.14 -39.27
N VAL D 292 -1.02 34.36 -39.77
CA VAL D 292 -1.25 34.33 -41.20
C VAL D 292 -2.26 35.42 -41.54
N THR D 293 -2.32 35.75 -42.83
CA THR D 293 -3.26 36.73 -43.34
C THR D 293 -4.16 36.04 -44.36
N ILE D 294 -5.43 35.92 -44.04
CA ILE D 294 -6.36 35.15 -44.85
C ILE D 294 -7.11 36.07 -45.79
N VAL D 295 -7.16 35.70 -47.06
CA VAL D 295 -8.20 36.14 -47.96
C VAL D 295 -9.26 35.04 -47.97
N GLY D 296 -10.50 35.40 -47.67
CA GLY D 296 -11.55 34.40 -47.56
C GLY D 296 -12.91 35.00 -47.83
N ILE D 297 -13.93 34.15 -47.73
CA ILE D 297 -15.30 34.53 -48.05
C ILE D 297 -16.14 34.49 -46.79
N TYR D 298 -16.56 35.66 -46.33
CA TYR D 298 -17.47 35.73 -45.20
C TYR D 298 -18.77 35.02 -45.56
N SER D 299 -19.17 34.10 -44.70
CA SER D 299 -20.30 33.25 -45.00
C SER D 299 -20.89 32.81 -43.66
N ILE D 300 -21.94 32.00 -43.72
CA ILE D 300 -22.68 31.61 -42.54
C ILE D 300 -23.15 30.18 -42.71
N TYR D 301 -23.21 29.45 -41.59
CA TYR D 301 -23.88 28.18 -41.56
C TYR D 301 -24.91 28.22 -40.46
N ASN D 302 -26.05 27.61 -40.73
CA ASN D 302 -27.09 27.52 -39.71
C ASN D 302 -26.61 26.71 -38.52
N SER D 303 -25.92 25.59 -38.80
CA SER D 303 -25.51 24.64 -37.78
C SER D 303 -26.69 24.24 -36.91
N LYS D 304 -26.43 24.08 -35.62
CA LYS D 304 -27.49 23.77 -34.66
C LYS D 304 -27.34 24.75 -33.51
N ASN D 305 -28.46 25.31 -33.07
CA ASN D 305 -28.42 26.27 -31.98
C ASN D 305 -27.76 25.63 -30.76
N GLY D 306 -26.73 26.29 -30.26
CA GLY D 306 -25.99 25.79 -29.12
C GLY D 306 -26.76 25.94 -27.82
N SER D 319 -28.65 30.01 -28.86
CA SER D 319 -28.86 30.69 -30.13
C SER D 319 -30.35 30.92 -30.36
N GLY D 320 -30.70 31.25 -31.60
CA GLY D 320 -32.07 31.56 -31.92
C GLY D 320 -32.43 32.96 -31.53
N VAL D 321 -33.49 33.50 -32.13
CA VAL D 321 -34.19 32.78 -33.17
C VAL D 321 -33.54 33.12 -34.50
N ALA D 322 -33.21 32.08 -35.27
CA ALA D 322 -32.73 32.13 -36.65
C ALA D 322 -31.22 32.39 -36.79
N ILE D 323 -30.49 32.58 -35.70
CA ILE D 323 -29.07 32.92 -35.79
C ILE D 323 -28.30 31.85 -36.57
N ARG D 324 -27.42 32.29 -37.46
CA ARG D 324 -26.59 31.40 -38.27
C ARG D 324 -25.14 31.69 -37.95
N THR D 325 -24.47 30.70 -37.40
CA THR D 325 -23.07 30.86 -37.08
C THR D 325 -22.32 31.19 -38.35
N PRO D 326 -21.66 32.33 -38.43
CA PRO D 326 -20.86 32.64 -39.60
C PRO D 326 -19.62 31.77 -39.65
N TYR D 327 -19.02 31.73 -40.83
CA TYR D 327 -17.75 31.04 -41.02
C TYR D 327 -17.07 31.64 -42.25
N ILE D 328 -15.77 31.42 -42.35
CA ILE D 328 -14.97 32.01 -43.40
C ILE D 328 -14.48 30.90 -44.30
N LYS D 329 -15.05 30.81 -45.49
CA LYS D 329 -14.41 30.04 -46.54
C LYS D 329 -13.17 30.79 -46.96
N ILE D 330 -12.02 30.12 -46.92
CA ILE D 330 -10.74 30.80 -47.04
C ILE D 330 -10.15 30.52 -48.42
N LEU D 331 -10.08 31.55 -49.26
CA LEU D 331 -9.28 31.45 -50.49
C LEU D 331 -8.64 32.77 -50.90
N GLY D 332 -7.34 32.76 -51.19
CA GLY D 332 -6.47 31.71 -50.71
C GLY D 332 -5.96 32.31 -49.42
N ILE D 333 -4.89 31.74 -48.87
CA ILE D 333 -4.34 32.25 -47.62
C ILE D 333 -2.94 32.75 -47.89
N GLN D 334 -2.59 33.88 -47.30
CA GLN D 334 -1.23 34.38 -47.32
C GLN D 334 -0.70 34.34 -45.90
N SER D 335 0.17 33.40 -45.63
CA SER D 335 0.77 33.32 -44.32
C SER D 335 1.76 34.46 -44.14
N ASP D 336 2.09 34.73 -42.89
CA ASP D 336 3.23 35.58 -42.62
C ASP D 336 4.50 34.91 -43.14
N VAL D 346 0.56 45.45 -35.47
CA VAL D 346 1.04 46.28 -36.57
C VAL D 346 2.41 46.83 -36.22
N THR D 347 3.37 46.62 -37.13
CA THR D 347 4.71 47.15 -36.92
C THR D 347 4.83 48.60 -37.34
N MET D 348 3.85 49.15 -38.05
CA MET D 348 3.91 50.51 -38.54
C MET D 348 3.36 51.48 -37.49
N PHE D 349 3.98 52.66 -37.40
CA PHE D 349 3.62 53.63 -36.38
C PHE D 349 3.85 55.05 -36.89
N THR D 350 3.25 56.01 -36.18
CA THR D 350 3.30 57.40 -36.60
C THR D 350 4.71 57.96 -36.43
N GLU D 351 5.01 58.94 -37.28
CA GLU D 351 6.31 59.60 -37.21
C GLU D 351 6.57 60.15 -35.83
N GLU D 352 5.58 60.82 -35.26
CA GLU D 352 5.76 61.44 -33.95
C GLU D 352 6.18 60.42 -32.89
N GLU D 353 5.67 59.20 -32.98
CA GLU D 353 6.13 58.17 -32.06
C GLU D 353 7.63 57.98 -32.18
N GLU D 354 8.12 57.86 -33.42
CA GLU D 354 9.55 57.80 -33.64
C GLU D 354 10.24 59.02 -33.07
N GLU D 355 9.62 60.19 -33.23
CA GLU D 355 10.24 61.42 -32.78
C GLU D 355 10.46 61.41 -31.28
N GLU D 356 9.38 61.27 -30.53
CA GLU D 356 9.47 61.28 -29.08
C GLU D 356 10.33 60.15 -28.59
N PHE D 357 10.26 59.00 -29.25
CA PHE D 357 11.23 57.96 -29.01
C PHE D 357 12.63 58.55 -29.04
N LEU D 358 13.08 59.00 -30.20
CA LEU D 358 14.42 59.54 -30.35
C LEU D 358 14.72 60.63 -29.34
N GLN D 359 13.70 61.35 -28.91
CA GLN D 359 13.88 62.30 -27.83
C GLN D 359 14.27 61.59 -26.55
N LEU D 360 13.47 60.63 -26.14
CA LEU D 360 13.81 59.83 -24.98
C LEU D 360 15.18 59.20 -25.14
N SER D 361 15.53 58.80 -26.36
CA SER D 361 16.84 58.23 -26.64
C SER D 361 17.95 59.16 -26.21
N ARG D 362 17.73 60.45 -26.31
CA ARG D 362 18.70 61.41 -25.86
C ARG D 362 18.82 61.43 -24.35
N ASN D 363 17.92 60.78 -23.64
CA ASN D 363 17.93 60.90 -22.18
C ASN D 363 19.13 60.17 -21.60
N PRO D 364 19.99 60.85 -20.85
CA PRO D 364 21.05 60.12 -20.12
C PRO D 364 20.52 59.25 -19.01
N LYS D 365 19.49 59.70 -18.30
CA LYS D 365 18.88 58.92 -17.25
C LYS D 365 17.87 57.95 -17.80
N LEU D 366 17.78 57.86 -19.12
CA LEU D 366 16.79 57.02 -19.77
C LEU D 366 16.73 55.65 -19.13
N TYR D 367 17.88 54.99 -18.97
CA TYR D 367 17.87 53.70 -18.30
C TYR D 367 17.38 53.84 -16.87
N GLU D 368 17.84 54.88 -16.20
CA GLU D 368 17.46 55.07 -14.81
C GLU D 368 15.99 55.38 -14.65
N ILE D 369 15.51 56.41 -15.34
CA ILE D 369 14.10 56.73 -15.26
C ILE D 369 13.27 55.55 -15.70
N LEU D 370 13.76 54.80 -16.67
CA LEU D 370 13.12 53.56 -17.04
C LEU D 370 13.00 52.67 -15.84
N THR D 371 14.11 52.37 -15.20
CA THR D 371 14.10 51.60 -13.98
C THR D 371 13.16 52.20 -12.95
N ASN D 372 12.89 53.49 -13.05
CA ASN D 372 11.88 54.10 -12.21
C ASN D 372 10.46 53.82 -12.68
N SER D 373 10.26 53.52 -13.96
CA SER D 373 8.90 53.45 -14.48
C SER D 373 8.21 52.14 -14.11
N ILE D 374 8.99 51.07 -13.90
CA ILE D 374 8.42 49.73 -13.91
C ILE D 374 7.62 49.46 -12.64
N ALA D 375 8.21 49.69 -11.48
CA ALA D 375 7.69 49.19 -10.22
C ALA D 375 7.30 50.42 -9.42
N PRO D 376 6.31 51.15 -9.89
CA PRO D 376 5.80 52.25 -9.08
C PRO D 376 5.28 51.76 -7.75
N SER D 377 4.45 50.72 -7.78
CA SER D 377 3.94 50.18 -6.52
C SER D 377 5.00 49.35 -5.83
N ILE D 378 5.69 48.51 -6.60
CA ILE D 378 6.65 47.61 -5.97
C ILE D 378 7.79 48.43 -5.44
N PHE D 379 8.01 48.33 -4.15
CA PHE D 379 9.05 49.07 -3.48
C PHE D 379 10.33 48.27 -3.61
N GLY D 380 11.32 48.85 -4.27
CA GLY D 380 12.62 48.22 -4.33
C GLY D 380 12.67 47.05 -5.30
N ASN D 381 13.42 46.03 -4.89
CA ASN D 381 13.77 44.91 -5.78
C ASN D 381 14.46 45.44 -7.03
N GLU D 382 15.48 46.28 -6.81
CA GLU D 382 16.07 47.04 -7.90
C GLU D 382 16.77 46.15 -8.90
N ASP D 383 17.59 45.21 -8.44
CA ASP D 383 18.16 44.25 -9.36
C ASP D 383 17.06 43.61 -10.19
N ILE D 384 16.00 43.16 -9.53
CA ILE D 384 14.84 42.64 -10.25
C ILE D 384 14.29 43.71 -11.18
N LYS D 385 14.12 44.92 -10.64
CA LYS D 385 13.53 46.00 -11.41
C LYS D 385 14.23 46.17 -12.75
N LYS D 386 15.54 46.37 -12.73
CA LYS D 386 16.30 46.50 -13.97
C LYS D 386 16.24 45.22 -14.77
N ALA D 387 16.25 44.08 -14.07
CA ALA D 387 16.29 42.81 -14.75
C ALA D 387 15.13 42.67 -15.70
N ILE D 388 13.93 42.98 -15.23
CA ILE D 388 12.79 43.03 -16.12
C ILE D 388 13.15 43.83 -17.36
N VAL D 389 13.84 44.96 -17.16
CA VAL D 389 14.11 45.86 -18.27
C VAL D 389 14.96 45.18 -19.31
N CYS D 390 16.16 44.77 -18.93
CA CYS D 390 17.01 44.11 -19.90
C CYS D 390 16.33 42.91 -20.50
N LEU D 391 15.46 42.27 -19.72
CA LEU D 391 14.68 41.17 -20.25
C LEU D 391 13.88 41.62 -21.45
N LEU D 392 13.03 42.62 -21.27
CA LEU D 392 12.11 43.00 -22.32
C LEU D 392 12.85 43.51 -23.55
N MET D 393 14.05 44.05 -23.37
CA MET D 393 14.81 44.59 -24.48
C MET D 393 15.24 43.54 -25.46
N GLY D 394 15.06 42.26 -25.13
CA GLY D 394 15.55 41.23 -26.00
C GLY D 394 17.06 41.11 -25.89
N GLY D 395 17.64 40.50 -26.91
CA GLY D 395 19.07 40.27 -26.93
C GLY D 395 19.51 39.79 -28.29
N SER D 396 20.72 39.24 -28.33
CA SER D 396 21.28 38.78 -29.59
C SER D 396 20.56 37.54 -30.10
N LYS D 397 20.13 37.61 -31.37
CA LYS D 397 19.59 36.46 -32.07
C LYS D 397 20.46 36.23 -33.29
N LYS D 398 21.19 35.12 -33.30
CA LYS D 398 22.17 34.86 -34.35
C LYS D 398 21.81 33.58 -35.07
N ILE D 399 21.41 33.71 -36.33
CA ILE D 399 21.16 32.57 -37.19
C ILE D 399 22.41 32.14 -37.92
N LEU D 400 23.54 32.77 -37.61
CA LEU D 400 24.74 32.61 -38.39
C LEU D 400 25.01 31.14 -38.64
N PRO D 401 25.34 30.76 -39.87
CA PRO D 401 25.62 29.37 -40.21
C PRO D 401 26.58 28.78 -39.21
N ASP D 402 26.32 27.55 -38.78
CA ASP D 402 25.26 26.75 -39.36
C ASP D 402 23.89 27.12 -38.82
N GLY D 403 22.90 26.29 -39.10
CA GLY D 403 21.53 26.57 -38.73
C GLY D 403 21.43 26.86 -37.26
N MET D 404 22.50 26.54 -36.52
CA MET D 404 22.56 26.88 -35.12
C MET D 404 22.25 28.35 -34.94
N ARG D 405 21.23 28.60 -34.15
CA ARG D 405 20.78 29.95 -33.93
C ARG D 405 20.87 30.23 -32.47
N LEU D 406 21.79 31.11 -32.12
CA LEU D 406 21.77 31.63 -30.78
C LEU D 406 20.48 32.41 -30.56
N ARG D 407 20.09 32.51 -29.30
CA ARG D 407 18.78 33.02 -28.97
C ARG D 407 18.90 34.17 -27.99
N GLY D 408 17.80 34.88 -27.86
CA GLY D 408 17.62 35.84 -26.80
C GLY D 408 16.14 35.89 -26.53
N ASP D 409 15.77 36.26 -25.32
CA ASP D 409 16.76 36.45 -24.27
C ASP D 409 16.42 35.68 -22.98
N ILE D 410 17.20 34.62 -22.73
CA ILE D 410 17.42 34.00 -21.42
C ILE D 410 16.17 33.68 -20.59
N ASN D 411 16.27 33.87 -19.27
CA ASN D 411 15.26 33.41 -18.33
C ASN D 411 15.40 34.16 -17.02
N VAL D 412 14.32 34.13 -16.24
CA VAL D 412 14.28 34.90 -15.01
C VAL D 412 13.66 34.06 -13.92
N LEU D 413 14.30 34.06 -12.77
CA LEU D 413 13.83 33.33 -11.61
C LEU D 413 13.55 34.31 -10.48
N LEU D 414 12.27 34.43 -10.12
CA LEU D 414 11.85 35.32 -9.05
C LEU D 414 11.74 34.61 -7.71
N LEU D 415 12.17 33.36 -7.64
CA LEU D 415 11.83 32.50 -6.52
C LEU D 415 12.19 33.12 -5.18
N GLY D 416 11.41 32.80 -4.18
CA GLY D 416 11.61 33.32 -2.86
C GLY D 416 10.31 33.31 -2.10
N ASP D 417 10.39 33.80 -0.87
CA ASP D 417 9.23 33.82 0.00
C ASP D 417 8.30 34.96 -0.39
N PRO D 418 7.02 34.86 -0.03
CA PRO D 418 6.04 35.90 -0.37
C PRO D 418 6.33 37.21 0.35
N GLY D 419 5.64 38.26 -0.09
CA GLY D 419 6.01 39.60 0.28
C GLY D 419 7.01 40.20 -0.65
N THR D 420 7.44 39.44 -1.65
CA THR D 420 8.32 39.93 -2.70
C THR D 420 7.56 40.63 -3.81
N ALA D 421 6.24 40.47 -3.87
CA ALA D 421 5.31 41.06 -4.85
C ALA D 421 5.40 40.40 -6.22
N LYS D 422 6.29 39.40 -6.38
CA LYS D 422 6.54 38.82 -7.69
C LYS D 422 5.26 38.46 -8.42
N SER D 423 4.32 37.82 -7.73
CA SER D 423 3.08 37.42 -8.38
C SER D 423 2.35 38.59 -9.03
N GLN D 424 2.24 39.69 -8.32
CA GLN D 424 1.65 40.88 -8.92
C GLN D 424 2.50 41.40 -10.05
N LEU D 425 3.80 41.54 -9.79
CA LEU D 425 4.71 42.06 -10.81
C LEU D 425 4.53 41.29 -12.11
N LEU D 426 4.28 39.99 -12.01
CA LEU D 426 3.97 39.21 -13.19
C LEU D 426 2.84 39.83 -13.96
N LYS D 427 1.72 40.07 -13.29
CA LYS D 427 0.65 40.79 -13.92
C LYS D 427 1.15 42.08 -14.54
N PHE D 428 2.05 42.77 -13.85
CA PHE D 428 2.51 44.06 -14.36
C PHE D 428 3.20 43.92 -15.69
N VAL D 429 4.28 43.13 -15.74
CA VAL D 429 4.99 42.96 -17.00
C VAL D 429 4.04 42.43 -18.05
N GLU D 430 3.18 41.50 -17.64
CA GLU D 430 2.14 41.00 -18.52
C GLU D 430 1.43 42.15 -19.20
N LYS D 431 1.11 43.17 -18.42
CA LYS D 431 0.59 44.39 -19.02
C LYS D 431 1.61 45.00 -19.97
N VAL D 432 2.79 45.33 -19.45
CA VAL D 432 3.74 46.14 -20.22
C VAL D 432 4.13 45.44 -21.50
N SER D 433 4.38 44.14 -21.43
CA SER D 433 4.90 43.42 -22.57
C SER D 433 3.94 43.54 -23.74
N PRO D 434 4.43 43.85 -24.93
CA PRO D 434 3.52 43.96 -26.09
C PRO D 434 2.70 42.71 -26.30
N ILE D 435 3.33 41.54 -26.27
CA ILE D 435 2.64 40.27 -26.38
C ILE D 435 3.05 39.42 -25.19
N ALA D 436 2.11 39.17 -24.30
CA ALA D 436 2.43 38.52 -23.04
C ALA D 436 1.33 37.55 -22.68
N VAL D 437 1.72 36.43 -22.07
CA VAL D 437 0.79 35.43 -21.57
C VAL D 437 1.21 35.01 -20.17
N TYR D 438 0.35 35.28 -19.18
CA TYR D 438 0.62 34.90 -17.80
C TYR D 438 -0.06 33.57 -17.55
N THR D 439 0.73 32.53 -17.36
CA THR D 439 0.21 31.20 -17.05
C THR D 439 1.00 30.66 -15.88
N SER D 440 0.34 30.46 -14.77
CA SER D 440 0.94 29.85 -13.61
C SER D 440 0.34 28.45 -13.49
N GLY D 441 1.20 27.44 -13.52
CA GLY D 441 0.71 26.08 -13.49
C GLY D 441 1.89 25.17 -13.77
N LYS D 442 1.73 23.94 -14.26
CA LYS D 442 0.49 23.16 -14.48
C LYS D 442 -0.46 23.62 -15.59
N GLY D 443 -0.30 24.85 -16.07
CA GLY D 443 -1.17 25.37 -17.09
C GLY D 443 -2.51 25.73 -16.48
N SER D 444 -3.22 26.66 -17.09
CA SER D 444 -4.54 26.99 -16.56
C SER D 444 -5.42 27.71 -17.58
N SER D 445 -6.72 27.61 -17.38
CA SER D 445 -7.26 26.46 -16.65
C SER D 445 -7.42 25.31 -17.62
N ALA D 446 -8.12 25.59 -18.72
CA ALA D 446 -8.26 24.64 -19.81
C ALA D 446 -7.05 24.66 -20.70
N ALA D 447 -6.33 25.78 -20.71
CA ALA D 447 -5.21 25.95 -21.63
C ALA D 447 -4.10 25.00 -21.25
N GLY D 448 -3.69 24.17 -22.20
CA GLY D 448 -2.44 23.48 -22.05
C GLY D 448 -1.31 24.46 -21.84
N LEU D 449 -0.49 24.18 -20.85
CA LEU D 449 0.68 25.03 -20.65
C LEU D 449 1.54 25.07 -21.89
N THR D 450 1.50 24.01 -22.69
CA THR D 450 2.32 23.91 -23.87
C THR D 450 1.41 23.75 -25.06
N ALA D 451 1.98 23.99 -26.23
CA ALA D 451 1.29 23.67 -27.46
C ALA D 451 0.79 22.23 -27.36
N SER D 452 -0.50 22.06 -27.60
CA SER D 452 -1.12 20.76 -27.44
C SER D 452 -1.83 20.42 -28.72
N VAL D 453 -1.93 19.12 -29.00
CA VAL D 453 -2.56 18.63 -30.22
C VAL D 453 -3.96 18.15 -29.87
N GLN D 454 -4.97 18.87 -30.36
CA GLN D 454 -6.35 18.45 -30.16
C GLN D 454 -7.01 18.28 -31.51
N ARG D 455 -7.56 17.09 -31.72
CA ARG D 455 -8.32 16.81 -32.90
C ARG D 455 -9.47 17.79 -32.98
N ASP D 456 -9.61 18.42 -34.12
CA ASP D 456 -10.92 18.97 -34.28
C ASP D 456 -11.85 17.77 -34.27
N PRO D 457 -12.71 17.61 -33.28
CA PRO D 457 -13.59 16.45 -33.26
C PRO D 457 -14.38 16.32 -34.54
N MET D 458 -14.85 17.44 -35.06
CA MET D 458 -15.39 17.50 -36.40
C MET D 458 -14.25 17.58 -37.41
N THR D 459 -14.51 17.00 -38.58
CA THR D 459 -13.58 16.87 -39.70
C THR D 459 -12.56 15.81 -39.33
N ARG D 460 -12.50 15.49 -38.03
CA ARG D 460 -11.51 14.64 -37.35
C ARG D 460 -10.16 15.05 -37.86
N GLU D 461 -9.14 14.22 -37.80
CA GLU D 461 -7.73 14.66 -37.90
C GLU D 461 -7.44 15.67 -36.79
N PHE D 462 -6.63 16.70 -37.03
CA PHE D 462 -6.02 17.36 -35.89
C PHE D 462 -6.07 18.87 -35.99
N TYR D 463 -5.82 19.52 -34.87
CA TYR D 463 -5.67 20.96 -34.76
C TYR D 463 -4.80 21.27 -33.55
N LEU D 464 -4.01 22.33 -33.62
CA LEU D 464 -3.17 22.62 -32.46
C LEU D 464 -4.05 23.10 -31.33
N GLU D 465 -4.06 22.38 -30.22
CA GLU D 465 -4.89 22.79 -29.11
C GLU D 465 -4.39 24.10 -28.54
N GLY D 466 -3.18 24.49 -28.88
CA GLY D 466 -2.57 25.68 -28.35
C GLY D 466 -2.04 25.43 -26.95
N GLY D 467 -1.17 26.34 -26.55
CA GLY D 467 -0.64 26.32 -25.21
C GLY D 467 -0.14 27.71 -24.89
N ALA D 468 0.44 27.83 -23.71
CA ALA D 468 1.03 29.11 -23.35
C ALA D 468 2.04 29.55 -24.40
N MET D 469 2.99 28.67 -24.72
CA MET D 469 4.10 29.06 -25.57
C MET D 469 3.64 29.30 -27.01
N VAL D 470 2.86 28.36 -27.55
CA VAL D 470 2.36 28.48 -28.92
C VAL D 470 1.74 29.85 -29.10
N LEU D 471 0.93 30.26 -28.13
CA LEU D 471 0.33 31.57 -28.18
C LEU D 471 1.32 32.69 -27.82
N ALA D 472 2.26 32.45 -26.90
CA ALA D 472 3.18 33.48 -26.44
C ALA D 472 4.44 33.57 -27.28
N ASP D 473 4.52 32.79 -28.35
CA ASP D 473 5.73 32.73 -29.16
C ASP D 473 6.13 34.11 -29.63
N GLY D 474 7.43 34.34 -29.71
CA GLY D 474 7.92 35.64 -30.09
C GLY D 474 7.52 36.66 -29.07
N GLY D 475 7.52 36.29 -27.80
CA GLY D 475 7.09 37.24 -26.79
C GLY D 475 7.38 36.75 -25.40
N VAL D 476 6.77 37.40 -24.46
CA VAL D 476 6.99 37.10 -23.06
C VAL D 476 6.17 35.88 -22.70
N VAL D 477 6.69 35.08 -21.80
CA VAL D 477 5.98 33.96 -21.22
C VAL D 477 6.16 34.01 -19.70
N CYS D 478 5.04 34.13 -18.98
CA CYS D 478 5.04 34.34 -17.54
C CYS D 478 4.56 33.09 -16.84
N ILE D 479 5.42 32.53 -15.99
CA ILE D 479 5.14 31.27 -15.31
C ILE D 479 5.35 31.45 -13.82
N ASP D 480 4.44 30.87 -13.06
CA ASP D 480 4.55 30.84 -11.62
C ASP D 480 4.22 29.44 -11.16
N GLU D 481 4.49 29.18 -9.88
CA GLU D 481 4.39 27.84 -9.33
C GLU D 481 5.13 26.91 -10.25
N PHE D 482 6.19 27.44 -10.85
CA PHE D 482 6.91 26.70 -11.86
C PHE D 482 7.37 25.35 -11.33
N ASP D 483 7.65 25.26 -10.02
CA ASP D 483 7.96 23.98 -9.40
C ASP D 483 6.77 23.03 -9.42
N LYS D 484 5.56 23.57 -9.55
CA LYS D 484 4.35 22.77 -9.48
C LYS D 484 3.92 22.22 -10.82
N MET D 485 4.72 22.39 -11.86
CA MET D 485 4.29 22.02 -13.21
C MET D 485 4.39 20.52 -13.44
N ARG D 486 3.48 20.03 -14.29
CA ARG D 486 3.49 18.64 -14.70
C ARG D 486 4.82 18.30 -15.36
N ASP D 487 5.33 17.12 -15.02
CA ASP D 487 6.59 16.68 -15.60
C ASP D 487 6.49 16.63 -17.12
N GLU D 488 5.38 16.10 -17.61
CA GLU D 488 5.22 15.87 -19.04
C GLU D 488 5.55 17.11 -19.82
N ASP D 489 4.91 18.22 -19.50
CA ASP D 489 5.27 19.46 -20.12
C ASP D 489 6.62 19.98 -19.66
N ARG D 490 7.05 19.64 -18.45
CA ARG D 490 8.29 20.17 -17.93
C ARG D 490 9.46 19.85 -18.85
N VAL D 491 9.49 18.62 -19.35
CA VAL D 491 10.51 18.27 -20.32
C VAL D 491 10.45 19.22 -21.49
N ALA D 492 9.31 19.26 -22.17
CA ALA D 492 9.16 20.07 -23.36
C ALA D 492 9.62 21.48 -23.09
N ILE D 493 9.37 21.95 -21.88
CA ILE D 493 9.90 23.22 -21.46
C ILE D 493 11.41 23.19 -21.59
N HIS D 494 12.06 22.41 -20.72
CA HIS D 494 13.49 22.46 -20.67
C HIS D 494 14.09 22.32 -22.06
N GLU D 495 13.44 21.56 -22.92
CA GLU D 495 13.90 21.38 -24.28
C GLU D 495 13.69 22.61 -25.13
N ALA D 496 12.46 23.07 -25.22
CA ALA D 496 12.15 24.18 -26.08
C ALA D 496 12.94 25.40 -25.64
N MET D 497 13.02 25.58 -24.32
CA MET D 497 13.69 26.73 -23.74
C MET D 497 15.04 26.95 -24.38
N GLU D 498 15.84 25.89 -24.47
CA GLU D 498 17.09 26.01 -25.19
C GLU D 498 16.85 26.21 -26.68
N GLN D 499 16.00 25.37 -27.26
CA GLN D 499 15.88 25.30 -28.70
C GLN D 499 14.90 26.31 -29.27
N GLN D 500 14.09 26.94 -28.43
CA GLN D 500 13.02 27.84 -28.87
C GLN D 500 11.99 27.08 -29.69
N THR D 501 12.25 25.81 -29.98
CA THR D 501 11.40 25.04 -30.85
C THR D 501 10.90 23.84 -30.08
N ILE D 502 9.62 23.62 -30.18
CA ILE D 502 9.02 22.41 -29.64
C ILE D 502 8.66 21.53 -30.81
N SER D 503 8.85 20.24 -30.64
CA SER D 503 8.59 19.28 -31.69
C SER D 503 7.51 18.34 -31.21
N ILE D 504 6.46 18.21 -32.00
CA ILE D 504 5.35 17.37 -31.63
C ILE D 504 5.26 16.27 -32.69
N ALA D 505 5.53 15.05 -32.29
CA ALA D 505 5.53 13.92 -33.20
C ALA D 505 4.23 13.15 -33.18
N LYS D 506 3.24 13.59 -32.42
CA LYS D 506 2.09 12.75 -32.14
C LYS D 506 1.34 12.36 -33.41
N ALA D 507 1.00 11.07 -33.50
CA ALA D 507 0.19 10.55 -34.59
C ALA D 507 0.75 10.93 -35.94
N GLY D 508 -0.12 11.28 -36.88
CA GLY D 508 0.30 11.61 -38.22
C GLY D 508 0.91 12.98 -38.37
N ILE D 509 1.23 13.63 -37.27
CA ILE D 509 1.78 14.97 -37.29
C ILE D 509 3.07 14.99 -36.50
N THR D 510 4.17 15.16 -37.19
CA THR D 510 5.51 15.24 -36.62
C THR D 510 6.01 16.67 -36.46
N THR D 511 5.18 17.66 -36.77
CA THR D 511 5.66 19.02 -36.92
C THR D 511 6.43 19.49 -35.68
N VAL D 512 7.46 20.29 -35.92
CA VAL D 512 8.25 20.92 -34.88
C VAL D 512 7.91 22.41 -34.92
N LEU D 513 7.42 22.92 -33.81
CA LEU D 513 6.93 24.29 -33.78
C LEU D 513 7.85 25.16 -32.94
N ASN D 514 7.89 26.43 -33.30
CA ASN D 514 8.79 27.39 -32.69
C ASN D 514 8.10 28.15 -31.58
N SER D 515 8.78 28.31 -30.47
CA SER D 515 8.39 29.29 -29.47
C SER D 515 9.56 30.24 -29.32
N ARG D 516 9.41 31.44 -29.83
CA ARG D 516 10.40 32.46 -29.58
C ARG D 516 10.16 33.14 -28.25
N THR D 517 9.14 32.69 -27.53
CA THR D 517 8.84 33.24 -26.23
C THR D 517 10.02 33.12 -25.30
N SER D 518 10.18 34.10 -24.41
CA SER D 518 11.22 34.08 -23.39
C SER D 518 10.52 33.93 -22.05
N VAL D 519 11.02 33.03 -21.22
CA VAL D 519 10.29 32.67 -20.02
C VAL D 519 10.90 33.35 -18.81
N LEU D 520 10.04 33.85 -17.95
CA LEU D 520 10.44 34.37 -16.67
C LEU D 520 9.64 33.61 -15.64
N ALA D 521 10.31 33.06 -14.65
CA ALA D 521 9.65 32.14 -13.74
C ALA D 521 9.79 32.65 -12.32
N ALA D 522 8.70 32.58 -11.58
CA ALA D 522 8.72 32.82 -10.14
C ALA D 522 8.38 31.53 -9.44
N ALA D 523 9.39 30.90 -8.87
CA ALA D 523 9.19 29.71 -8.07
C ALA D 523 8.83 30.06 -6.64
N ASN D 524 8.22 29.09 -5.97
CA ASN D 524 8.13 29.13 -4.53
C ASN D 524 9.16 28.18 -3.95
N PRO D 525 10.21 28.68 -3.31
CA PRO D 525 11.17 27.77 -2.67
C PRO D 525 10.51 27.01 -1.53
N ILE D 526 11.16 25.94 -1.12
CA ILE D 526 10.60 25.02 -0.13
C ILE D 526 11.29 25.22 1.23
N TYR D 527 10.50 25.09 2.30
CA TYR D 527 10.92 25.06 3.69
C TYR D 527 11.49 26.39 4.22
N GLY D 528 11.69 27.39 3.35
CA GLY D 528 12.07 28.70 3.85
C GLY D 528 13.56 28.97 3.85
N ARG D 529 13.99 29.85 4.77
CA ARG D 529 15.37 30.33 4.81
C ARG D 529 16.37 29.18 4.90
N TYR D 530 15.97 28.06 5.48
CA TYR D 530 16.86 26.91 5.57
C TYR D 530 17.31 26.42 4.20
N ASP D 531 16.48 26.57 3.17
CA ASP D 531 16.92 26.23 1.82
C ASP D 531 18.12 27.06 1.40
N ASP D 532 18.23 28.29 1.89
CA ASP D 532 19.45 29.05 1.73
C ASP D 532 20.54 28.52 2.65
N LEU D 533 20.17 28.15 3.87
CA LEU D 533 21.12 27.42 4.71
C LEU D 533 21.45 26.07 4.09
N LYS D 534 20.45 25.42 3.51
CA LYS D 534 20.70 24.29 2.64
C LYS D 534 21.48 24.78 1.43
N SER D 535 22.06 23.85 0.72
CA SER D 535 22.75 24.21 -0.50
C SER D 535 21.86 25.15 -1.30
N PRO D 536 22.41 26.26 -1.81
CA PRO D 536 21.58 27.19 -2.59
C PRO D 536 20.74 26.48 -3.62
N GLY D 537 21.31 25.49 -4.29
CA GLY D 537 20.59 24.65 -5.22
C GLY D 537 19.87 23.54 -4.49
N ASP D 538 19.69 22.42 -5.16
CA ASP D 538 19.03 21.25 -4.63
C ASP D 538 17.55 21.50 -4.37
N ASN D 539 17.06 22.72 -4.61
CA ASN D 539 15.67 23.03 -4.31
C ASN D 539 14.74 22.52 -5.40
N ILE D 540 15.23 22.41 -6.63
CA ILE D 540 14.39 22.12 -7.79
C ILE D 540 14.33 20.62 -8.01
N ASP D 541 13.15 20.04 -7.79
CA ASP D 541 12.92 18.60 -7.94
C ASP D 541 14.04 17.89 -7.19
N PHE D 542 14.61 16.85 -7.74
CA PHE D 542 15.97 16.48 -7.38
C PHE D 542 16.97 17.17 -8.29
N GLN D 543 16.49 17.99 -9.22
CA GLN D 543 17.33 18.50 -10.29
C GLN D 543 17.37 20.01 -10.26
N THR D 544 18.51 20.54 -9.88
CA THR D 544 18.77 21.94 -10.11
C THR D 544 18.86 22.26 -11.58
N THR D 545 18.87 21.25 -12.43
CA THR D 545 19.04 21.44 -13.87
C THR D 545 18.14 22.55 -14.37
N ILE D 546 16.92 22.59 -13.84
CA ILE D 546 16.05 23.72 -14.11
C ILE D 546 16.80 25.02 -13.90
N LEU D 547 17.43 25.15 -12.74
CA LEU D 547 18.18 26.36 -12.46
C LEU D 547 19.30 26.55 -13.46
N SER D 548 19.96 25.47 -13.86
CA SER D 548 21.02 25.59 -14.86
C SER D 548 20.48 26.23 -16.13
N ARG D 549 19.26 25.85 -16.50
CA ARG D 549 18.65 26.46 -17.67
C ARG D 549 18.35 27.94 -17.42
N PHE D 550 17.83 28.27 -16.24
CA PHE D 550 17.44 29.65 -15.97
C PHE D 550 18.66 30.54 -15.86
N ASP D 551 18.66 31.62 -16.63
CA ASP D 551 19.84 32.49 -16.67
C ASP D 551 19.98 33.30 -15.39
N MET D 552 18.93 34.05 -15.04
CA MET D 552 19.02 35.00 -13.96
C MET D 552 18.24 34.45 -12.78
N ILE D 553 18.95 34.24 -11.66
CA ILE D 553 18.40 33.63 -10.47
C ILE D 553 18.58 34.59 -9.32
N PHE D 554 17.47 34.95 -8.70
CA PHE D 554 17.47 35.88 -7.58
C PHE D 554 16.66 35.33 -6.42
N ILE D 594 7.52 57.38 -17.11
CA ILE D 594 6.91 57.00 -18.37
C ILE D 594 5.56 56.33 -18.16
N SER D 595 4.64 56.61 -19.08
CA SER D 595 3.27 56.09 -18.98
C SER D 595 3.19 54.58 -19.09
N ILE D 596 4.19 53.94 -19.68
CA ILE D 596 4.32 52.50 -19.85
C ILE D 596 3.38 52.04 -20.96
N GLU D 597 2.35 52.82 -21.24
CA GLU D 597 1.60 52.60 -22.47
C GLU D 597 2.42 53.03 -23.66
N LYS D 598 3.05 54.19 -23.54
CA LYS D 598 4.12 54.53 -24.46
C LYS D 598 5.22 53.49 -24.39
N MET D 599 5.69 53.19 -23.18
CA MET D 599 6.82 52.29 -23.05
C MET D 599 6.57 50.99 -23.77
N LYS D 600 5.31 50.56 -23.84
CA LYS D 600 4.98 49.48 -24.75
C LYS D 600 5.43 49.84 -26.15
N ARG D 601 4.96 50.97 -26.65
CA ARG D 601 5.26 51.37 -28.02
C ARG D 601 6.76 51.50 -28.23
N TYR D 602 7.46 52.09 -27.28
CA TYR D 602 8.90 52.19 -27.36
C TYR D 602 9.52 50.81 -27.40
N ILE D 603 9.11 49.95 -26.48
CA ILE D 603 9.65 48.61 -26.40
C ILE D 603 9.55 47.93 -27.74
N THR D 604 8.36 47.97 -28.32
CA THR D 604 8.18 47.50 -29.67
C THR D 604 9.18 48.18 -30.60
N TYR D 605 9.28 49.49 -30.50
CA TYR D 605 10.08 50.27 -31.41
C TYR D 605 11.50 49.75 -31.40
N CYS D 606 12.20 49.93 -30.29
CA CYS D 606 13.56 49.45 -30.14
C CYS D 606 13.66 47.99 -30.53
N ARG D 607 12.68 47.20 -30.11
CA ARG D 607 12.71 45.78 -30.39
C ARG D 607 12.84 45.52 -31.89
N LEU D 608 11.93 46.04 -32.69
CA LEU D 608 11.97 45.76 -34.11
C LEU D 608 13.14 46.48 -34.78
N LYS D 609 13.41 47.71 -34.35
CA LYS D 609 14.26 48.60 -35.13
C LYS D 609 15.70 48.08 -35.23
N CYS D 610 16.37 47.96 -34.09
CA CYS D 610 17.82 47.89 -34.09
C CYS D 610 18.30 46.55 -33.57
N ALA D 611 19.32 46.01 -34.23
CA ALA D 611 20.05 44.86 -33.74
C ALA D 611 21.43 45.32 -33.30
N PRO D 612 21.69 45.41 -32.00
CA PRO D 612 23.01 45.86 -31.55
C PRO D 612 24.07 44.82 -31.81
N ARG D 613 25.33 45.26 -31.72
CA ARG D 613 26.45 44.35 -31.87
C ARG D 613 27.55 44.75 -30.91
N LEU D 614 28.49 43.85 -30.70
CA LEU D 614 29.43 43.96 -29.59
C LEU D 614 30.79 44.47 -30.03
N SER D 615 31.45 45.27 -29.10
CA SER D 615 32.76 45.89 -29.14
C SER D 615 33.84 44.95 -28.64
N PRO D 616 34.92 44.83 -29.40
CA PRO D 616 35.97 43.87 -29.00
C PRO D 616 36.55 44.15 -27.64
N GLN D 617 36.80 45.41 -27.31
CA GLN D 617 37.40 45.71 -26.02
C GLN D 617 36.56 45.18 -24.90
N ALA D 618 35.27 45.50 -24.93
CA ALA D 618 34.36 44.88 -24.00
C ALA D 618 34.52 43.36 -24.03
N ALA D 619 34.67 42.79 -25.22
CA ALA D 619 34.76 41.34 -25.36
C ALA D 619 35.89 40.78 -24.52
N GLU D 620 37.08 41.36 -24.66
CA GLU D 620 38.21 40.89 -23.88
C GLU D 620 37.99 41.15 -22.40
N LYS D 621 37.44 42.31 -22.07
CA LYS D 621 37.06 42.57 -20.68
C LYS D 621 36.28 41.40 -20.11
N LEU D 622 35.29 40.93 -20.87
CA LEU D 622 34.53 39.78 -20.47
C LEU D 622 35.40 38.54 -20.31
N SER D 623 36.31 38.30 -21.26
CA SER D 623 37.20 37.14 -21.12
C SER D 623 37.90 37.16 -19.77
N SER D 624 38.45 38.32 -19.38
CA SER D 624 39.11 38.44 -18.09
C SER D 624 38.15 38.13 -16.97
N ASN D 625 36.96 38.74 -17.00
CA ASN D 625 35.95 38.46 -16.00
C ASN D 625 35.79 36.96 -15.79
N PHE D 626 35.33 36.25 -16.84
CA PHE D 626 34.98 34.84 -16.69
C PHE D 626 36.17 33.99 -16.31
N VAL D 627 37.37 34.36 -16.76
CA VAL D 627 38.54 33.63 -16.30
C VAL D 627 38.69 33.79 -14.80
N THR D 628 38.61 35.03 -14.31
CA THR D 628 38.60 35.23 -12.87
C THR D 628 37.46 34.46 -12.23
N ILE D 629 36.39 34.22 -12.99
CA ILE D 629 35.18 33.65 -12.42
C ILE D 629 35.32 32.16 -12.24
N ARG D 630 35.36 31.43 -13.34
CA ARG D 630 35.57 29.99 -13.26
C ARG D 630 36.84 29.68 -12.48
N LYS D 631 37.87 30.51 -12.65
CA LYS D 631 39.12 30.34 -11.92
C LYS D 631 38.90 30.44 -10.42
N GLN D 632 38.63 31.66 -9.94
CA GLN D 632 38.45 31.89 -8.52
C GLN D 632 37.41 30.95 -7.94
N LEU D 633 36.35 30.69 -8.72
CA LEU D 633 35.23 29.85 -8.31
C LEU D 633 35.61 28.38 -8.19
N LEU D 634 36.46 27.89 -9.08
CA LEU D 634 36.97 26.54 -8.92
C LEU D 634 37.89 26.47 -7.70
N ILE D 635 38.77 27.49 -7.55
CA ILE D 635 39.59 27.58 -6.36
C ILE D 635 38.72 27.51 -5.11
N ASN D 636 37.53 28.10 -5.20
CA ASN D 636 36.55 27.96 -4.14
C ASN D 636 36.02 26.54 -4.06
N GLU D 637 35.90 25.87 -5.20
CA GLU D 637 35.31 24.53 -5.26
C GLU D 637 36.33 23.44 -4.97
N LEU D 638 37.57 23.81 -4.65
CA LEU D 638 38.58 22.81 -4.28
C LEU D 638 38.17 22.04 -3.04
N GLU D 639 37.37 22.65 -2.18
CA GLU D 639 36.93 22.03 -0.94
C GLU D 639 35.63 21.25 -1.09
N SER D 640 35.11 21.13 -2.31
CA SER D 640 33.83 20.48 -2.57
C SER D 640 32.69 21.22 -1.87
N THR D 641 32.72 22.55 -1.96
CA THR D 641 31.68 23.39 -1.36
C THR D 641 30.39 23.22 -2.13
N GLU D 642 29.32 22.87 -1.41
CA GLU D 642 28.08 22.51 -2.06
C GLU D 642 27.41 23.78 -2.59
N ARG D 643 27.20 23.82 -3.90
CA ARG D 643 26.50 24.93 -4.54
C ARG D 643 25.46 24.38 -5.50
N PRO D 647 26.55 25.90 -11.80
CA PRO D 647 27.29 27.09 -11.35
C PRO D 647 27.87 27.88 -12.54
N ILE D 648 29.19 27.85 -12.69
CA ILE D 648 29.83 28.65 -13.74
C ILE D 648 29.59 27.93 -15.05
N THR D 649 28.85 28.58 -15.94
CA THR D 649 28.56 27.99 -17.23
C THR D 649 29.01 28.97 -18.29
N ILE D 650 29.53 28.40 -19.37
CA ILE D 650 29.57 29.17 -20.59
C ILE D 650 28.21 29.77 -20.82
N ARG D 651 27.15 28.99 -20.58
CA ARG D 651 25.81 29.53 -20.65
C ARG D 651 25.68 30.78 -19.81
N GLN D 652 26.24 30.77 -18.60
CA GLN D 652 26.23 31.98 -17.80
C GLN D 652 26.87 33.12 -18.56
N LEU D 653 28.02 32.87 -19.17
CA LEU D 653 28.69 33.90 -19.94
C LEU D 653 27.76 34.44 -21.02
N GLU D 654 27.22 33.55 -21.84
CA GLU D 654 26.32 33.98 -22.90
C GLU D 654 25.16 34.77 -22.35
N ALA D 655 24.67 34.38 -21.18
CA ALA D 655 23.63 35.15 -20.54
C ALA D 655 24.09 36.58 -20.37
N ILE D 656 25.26 36.75 -19.75
CA ILE D 656 25.83 38.09 -19.63
C ILE D 656 25.81 38.77 -20.97
N ILE D 657 26.18 38.03 -22.02
CA ILE D 657 26.18 38.58 -23.37
C ILE D 657 24.82 39.16 -23.71
N ARG D 658 23.81 38.30 -23.77
CA ARG D 658 22.47 38.75 -24.13
C ARG D 658 22.03 39.91 -23.27
N ILE D 659 22.48 39.96 -22.02
CA ILE D 659 22.18 41.12 -21.18
C ILE D 659 22.74 42.37 -21.81
N THR D 660 24.03 42.37 -22.09
CA THR D 660 24.66 43.54 -22.68
C THR D 660 23.94 43.94 -23.97
N GLU D 661 23.61 42.96 -24.81
CA GLU D 661 22.87 43.26 -26.02
C GLU D 661 21.53 43.92 -25.68
N SER D 662 20.88 43.43 -24.63
CA SER D 662 19.62 44.02 -24.20
C SER D 662 19.80 45.49 -23.87
N LEU D 663 20.87 45.82 -23.16
CA LEU D 663 21.09 47.20 -22.77
C LEU D 663 21.51 48.07 -23.93
N ALA D 664 22.34 47.55 -24.83
CA ALA D 664 22.72 48.29 -26.02
C ALA D 664 21.51 48.57 -26.88
N LYS D 665 20.54 47.66 -26.87
CA LYS D 665 19.26 47.89 -27.53
C LYS D 665 18.38 48.80 -26.71
N LEU D 666 18.58 48.87 -25.40
CA LEU D 666 18.00 49.93 -24.61
C LEU D 666 18.59 51.26 -25.05
N GLU D 667 19.92 51.35 -25.05
CA GLU D 667 20.58 52.43 -25.74
C GLU D 667 20.28 52.41 -27.23
N LEU D 668 19.72 51.31 -27.74
CA LEU D 668 19.29 51.15 -29.13
C LEU D 668 20.48 51.14 -30.05
N SER D 669 21.66 51.39 -29.50
CA SER D 669 22.85 51.51 -30.30
C SER D 669 23.11 50.20 -31.05
N PRO D 670 23.41 50.27 -32.35
CA PRO D 670 23.88 49.06 -33.04
C PRO D 670 25.15 48.51 -32.45
N ILE D 671 25.83 49.27 -31.61
CA ILE D 671 27.12 48.88 -31.06
C ILE D 671 27.09 49.01 -29.54
N ALA D 672 27.76 48.07 -28.89
CA ALA D 672 27.92 48.05 -27.44
C ALA D 672 29.06 48.95 -26.96
N GLN D 673 28.98 49.35 -25.70
CA GLN D 673 30.06 50.05 -25.02
C GLN D 673 30.60 49.20 -23.88
N GLU D 674 31.90 49.32 -23.63
CA GLU D 674 32.51 48.52 -22.59
C GLU D 674 31.91 48.83 -21.24
N ARG D 675 31.66 50.11 -20.95
CA ARG D 675 31.02 50.47 -19.69
C ARG D 675 29.62 49.90 -19.64
N HIS D 676 28.89 50.06 -20.74
CA HIS D 676 27.60 49.43 -20.88
C HIS D 676 27.67 47.98 -20.43
N VAL D 677 28.78 47.32 -20.74
CA VAL D 677 29.00 45.98 -20.25
C VAL D 677 29.32 45.99 -18.77
N ASP D 678 30.18 46.89 -18.35
CA ASP D 678 30.66 46.91 -16.98
C ASP D 678 29.50 46.86 -16.02
N GLU D 679 28.41 47.54 -16.36
CA GLU D 679 27.20 47.40 -15.59
C GLU D 679 26.77 45.94 -15.52
N ALA D 680 26.59 45.34 -16.69
CA ALA D 680 26.08 43.98 -16.76
C ALA D 680 26.92 43.05 -15.90
N ILE D 681 28.24 43.22 -15.96
CA ILE D 681 29.13 42.37 -15.18
C ILE D 681 28.71 42.36 -13.73
N ARG D 682 28.56 43.55 -13.16
CA ARG D 682 28.22 43.63 -11.75
C ARG D 682 26.83 43.11 -11.47
N LEU D 683 25.86 43.46 -12.31
CA LEU D 683 24.51 42.98 -12.09
C LEU D 683 24.50 41.45 -12.01
N PHE D 684 25.02 40.80 -13.04
CA PHE D 684 25.14 39.36 -13.01
C PHE D 684 25.93 38.91 -11.80
N GLN D 685 26.86 39.73 -11.31
CA GLN D 685 27.57 39.36 -10.09
C GLN D 685 26.62 39.32 -8.91
N ALA D 686 25.62 40.19 -8.90
CA ALA D 686 24.60 40.10 -7.88
C ALA D 686 23.79 38.82 -8.03
N SER D 687 23.40 38.52 -9.27
CA SER D 687 22.71 37.24 -9.48
C SER D 687 23.55 36.10 -8.97
N THR D 688 24.86 36.23 -9.12
CA THR D 688 25.78 35.23 -8.59
C THR D 688 25.67 35.19 -7.09
N MET D 689 25.70 36.35 -6.45
CA MET D 689 25.43 36.39 -5.04
C MET D 689 24.18 35.62 -4.71
N ASP D 690 23.13 35.79 -5.51
CA ASP D 690 21.93 35.01 -5.32
C ASP D 690 22.20 33.53 -5.53
N ALA D 691 23.18 33.20 -6.37
CA ALA D 691 23.49 31.80 -6.59
C ALA D 691 24.26 31.19 -5.44
N ALA D 692 24.98 32.01 -4.68
CA ALA D 692 25.80 31.47 -3.61
C ALA D 692 24.94 31.01 -2.44
N SER D 693 23.89 31.76 -2.14
CA SER D 693 23.10 31.56 -0.94
C SER D 693 22.28 30.27 -0.96
N THR D 706 31.79 16.91 -1.37
CA THR D 706 32.16 16.03 -0.29
C THR D 706 31.87 14.60 -0.71
N SER D 707 31.86 14.41 -2.03
CA SER D 707 31.52 13.12 -2.60
C SER D 707 32.41 12.02 -2.04
N LEU D 708 33.69 12.32 -1.81
CA LEU D 708 34.55 11.32 -1.20
C LEU D 708 34.09 10.99 0.21
N SER D 709 33.58 11.99 0.93
CA SER D 709 33.13 11.74 2.29
C SER D 709 31.78 11.03 2.30
N GLU D 710 30.81 11.57 1.55
CA GLU D 710 29.49 10.98 1.57
C GLU D 710 29.51 9.59 0.97
N ILE D 711 30.29 9.41 -0.11
CA ILE D 711 30.40 8.12 -0.74
C ILE D 711 31.30 7.21 0.07
N ARG D 712 32.25 7.78 0.80
CA ARG D 712 33.03 6.98 1.73
C ARG D 712 32.10 6.39 2.79
N ARG D 713 31.26 7.24 3.36
CA ARG D 713 30.24 6.79 4.28
C ARG D 713 29.37 5.71 3.64
N PHE D 714 28.61 6.10 2.62
CA PHE D 714 27.62 5.21 2.05
C PHE D 714 28.25 3.93 1.51
N GLU D 715 29.24 4.09 0.64
CA GLU D 715 29.89 2.94 0.03
C GLU D 715 30.53 2.04 1.09
N GLN D 716 31.34 2.60 1.97
CA GLN D 716 31.97 1.77 3.00
C GLN D 716 30.93 1.03 3.80
N GLU D 717 29.81 1.71 4.08
CA GLU D 717 28.70 1.13 4.81
C GLU D 717 28.17 -0.12 4.11
N LEU D 718 27.64 0.08 2.91
CA LEU D 718 27.17 -1.04 2.12
C LEU D 718 28.22 -2.13 2.07
N LYS D 719 29.38 -1.78 1.53
CA LYS D 719 30.42 -2.74 1.20
C LYS D 719 30.86 -3.55 2.40
N ARG D 720 31.31 -2.90 3.47
CA ARG D 720 31.92 -3.61 4.58
C ARG D 720 30.97 -3.88 5.74
N ARG D 721 29.68 -3.56 5.60
CA ARG D 721 28.74 -3.68 6.72
C ARG D 721 27.68 -4.76 6.54
N LEU D 722 26.76 -4.60 5.61
CA LEU D 722 25.75 -5.62 5.41
C LEU D 722 25.55 -5.86 3.92
N PRO D 723 26.25 -6.83 3.33
CA PRO D 723 26.13 -7.02 1.87
C PRO D 723 24.72 -7.37 1.42
N ILE D 724 24.04 -8.28 2.11
CA ILE D 724 22.63 -8.47 1.85
C ILE D 724 21.90 -7.17 2.00
N GLY D 725 22.40 -6.30 2.86
CA GLY D 725 21.77 -5.03 3.14
C GLY D 725 20.67 -5.20 4.15
N TRP D 726 20.15 -6.43 4.27
CA TRP D 726 19.09 -6.67 5.23
C TRP D 726 19.59 -6.32 6.62
N SER D 727 18.67 -5.80 7.43
CA SER D 727 18.94 -5.30 8.77
C SER D 727 19.68 -3.96 8.76
N THR D 728 20.19 -3.54 7.60
CA THR D 728 21.01 -2.33 7.56
C THR D 728 20.29 -1.08 7.02
N SER D 729 18.98 -1.15 6.75
CA SER D 729 18.29 -0.05 6.05
C SER D 729 17.88 1.11 6.96
N TYR D 730 16.95 1.95 6.49
CA TYR D 730 16.83 3.37 6.84
C TYR D 730 17.00 3.58 8.32
N GLN D 731 16.65 2.56 9.07
CA GLN D 731 16.98 2.54 10.47
C GLN D 731 18.49 2.58 10.68
N THR D 732 19.24 1.63 10.11
CA THR D 732 20.64 1.54 10.51
C THR D 732 21.44 2.74 10.10
N LEU D 733 21.24 3.22 8.88
CA LEU D 733 21.82 4.50 8.49
C LEU D 733 21.33 5.59 9.41
N ARG D 734 20.06 5.57 9.77
CA ARG D 734 19.58 6.56 10.71
C ARG D 734 20.35 6.49 12.01
N ARG D 735 20.79 5.30 12.40
CA ARG D 735 21.58 5.17 13.62
C ARG D 735 22.98 5.71 13.41
N GLU D 736 23.68 5.15 12.42
CA GLU D 736 25.06 5.52 12.19
C GLU D 736 25.18 7.02 11.98
N PHE D 737 24.46 7.52 10.99
CA PHE D 737 24.47 8.93 10.69
C PHE D 737 23.88 9.74 11.84
N VAL D 738 22.79 9.25 12.42
CA VAL D 738 22.32 9.86 13.65
C VAL D 738 23.45 9.89 14.67
N ASP D 739 24.09 8.75 14.89
CA ASP D 739 25.19 8.70 15.84
C ASP D 739 26.47 9.34 15.34
N THR D 740 26.57 9.65 14.04
CA THR D 740 27.70 10.40 13.53
C THR D 740 27.36 11.88 13.34
N HIS D 741 26.13 12.26 13.65
CA HIS D 741 25.67 13.64 13.67
C HIS D 741 25.81 14.33 12.32
N ARG D 742 25.95 13.57 11.24
CA ARG D 742 26.00 14.13 9.89
C ARG D 742 24.72 13.97 9.09
N PHE D 743 23.71 13.29 9.62
CA PHE D 743 22.51 13.02 8.84
C PHE D 743 21.67 14.27 8.73
N SER D 744 21.32 14.61 7.50
CA SER D 744 20.10 15.34 7.23
C SER D 744 19.30 14.47 6.27
N GLN D 745 18.00 14.37 6.53
CA GLN D 745 17.16 13.54 5.68
C GLN D 745 17.39 13.88 4.21
N LEU D 746 17.43 15.17 3.90
CA LEU D 746 17.80 15.59 2.56
C LEU D 746 19.19 15.11 2.19
N ALA D 747 20.13 15.19 3.13
CA ALA D 747 21.48 14.72 2.85
C ALA D 747 21.51 13.21 2.73
N LEU D 748 20.79 12.52 3.61
CA LEU D 748 20.69 11.07 3.53
C LEU D 748 20.17 10.65 2.16
N ASP D 749 18.91 10.98 1.88
CA ASP D 749 18.30 10.65 0.60
C ASP D 749 19.08 11.23 -0.56
N LYS D 750 19.91 12.24 -0.34
CA LYS D 750 20.72 12.78 -1.40
C LYS D 750 21.89 11.87 -1.72
N ALA D 751 22.63 11.42 -0.71
CA ALA D 751 23.70 10.46 -0.94
C ALA D 751 23.13 9.16 -1.51
N LEU D 752 21.96 8.75 -1.03
CA LEU D 752 21.34 7.51 -1.51
C LEU D 752 20.91 7.63 -2.96
N TYR D 753 20.08 8.62 -3.25
CA TYR D 753 19.68 8.86 -4.63
C TYR D 753 20.90 8.98 -5.53
N ALA D 754 21.98 9.53 -4.99
CA ALA D 754 23.23 9.47 -5.72
C ALA D 754 23.70 8.05 -5.95
N LEU D 755 23.50 7.15 -4.98
CA LEU D 755 23.98 5.78 -5.13
C LEU D 755 23.14 4.95 -6.09
N GLU D 756 21.82 4.97 -5.93
CA GLU D 756 20.96 4.40 -6.95
C GLU D 756 21.27 5.05 -8.29
N LYS D 757 21.57 6.34 -8.27
CA LYS D 757 21.75 7.13 -9.49
C LYS D 757 23.14 6.99 -10.07
N HIS D 758 24.12 6.61 -9.25
CA HIS D 758 25.44 6.30 -9.77
C HIS D 758 25.36 4.88 -10.28
N GLU D 759 24.12 4.37 -10.31
CA GLU D 759 23.78 2.98 -10.49
C GLU D 759 24.71 2.18 -9.64
N THR D 760 24.65 2.40 -8.34
CA THR D 760 25.00 1.26 -7.54
C THR D 760 23.78 0.40 -7.73
N ILE D 761 23.97 -0.69 -8.47
CA ILE D 761 22.85 -1.56 -8.77
C ILE D 761 22.59 -2.42 -7.57
N GLN D 762 23.58 -2.51 -6.69
CA GLN D 762 23.28 -2.91 -5.33
C GLN D 762 22.42 -1.84 -4.66
N LEU D 763 22.71 -0.56 -4.91
CA LEU D 763 21.84 0.48 -4.37
C LEU D 763 20.51 0.49 -5.07
N ARG D 764 20.50 0.19 -6.35
CA ARG D 764 19.25 -0.17 -6.98
C ARG D 764 18.56 -1.28 -6.18
N HIS D 765 19.29 -2.36 -5.88
CA HIS D 765 18.68 -3.55 -5.28
C HIS D 765 18.16 -3.26 -3.88
N GLN D 766 18.95 -2.56 -3.09
CA GLN D 766 18.54 -2.21 -1.75
C GLN D 766 17.33 -1.30 -1.76
N GLY D 767 17.37 -0.27 -2.61
CA GLY D 767 16.17 0.53 -2.79
C GLY D 767 14.96 -0.33 -3.04
N GLN D 768 15.09 -1.30 -3.95
CA GLN D 768 13.99 -2.19 -4.26
C GLN D 768 13.50 -2.96 -3.05
N ASN D 769 14.39 -3.28 -2.12
CA ASN D 769 14.00 -4.15 -1.03
C ASN D 769 14.06 -3.40 0.29
N ILE D 770 15.28 -3.18 0.76
CA ILE D 770 15.50 -2.79 2.14
C ILE D 770 14.81 -1.46 2.46
N TYR D 771 14.62 -0.62 1.45
CA TYR D 771 14.12 0.72 1.68
C TYR D 771 12.79 0.71 2.41
N ARG D 772 11.75 0.26 1.72
CA ARG D 772 10.46 0.06 2.36
C ARG D 772 10.43 -1.27 3.10
N SER D 773 11.49 -2.06 2.99
CA SER D 773 11.73 -3.04 4.04
C SER D 773 12.19 -2.33 5.30
N GLY D 774 12.76 -1.14 5.17
CA GLY D 774 12.87 -0.18 6.27
C GLY D 774 14.12 -0.23 7.13
N VAL D 775 14.76 -1.38 7.22
CA VAL D 775 15.90 -1.57 8.13
C VAL D 775 16.71 -2.80 7.73
N VAL E 103 -54.64 -5.30 7.07
CA VAL E 103 -55.00 -6.41 7.95
C VAL E 103 -53.76 -6.92 8.66
N ASP E 104 -52.81 -7.38 7.85
CA ASP E 104 -51.46 -7.51 8.35
C ASP E 104 -51.05 -6.22 9.04
N ASP E 105 -51.25 -5.10 8.35
CA ASP E 105 -51.16 -3.82 9.01
C ASP E 105 -51.97 -3.81 10.29
N VAL E 106 -53.18 -4.39 10.25
CA VAL E 106 -54.07 -4.32 11.39
C VAL E 106 -53.68 -5.33 12.45
N THR E 107 -53.33 -6.54 12.04
CA THR E 107 -52.90 -7.51 13.03
C THR E 107 -51.69 -6.99 13.78
N GLY E 108 -50.68 -6.56 13.04
CA GLY E 108 -49.51 -5.99 13.67
C GLY E 108 -49.85 -4.78 14.50
N GLU E 109 -50.80 -3.98 14.04
CA GLU E 109 -51.20 -2.85 14.85
C GLU E 109 -51.85 -3.32 16.14
N LYS E 110 -52.73 -4.31 16.04
CA LYS E 110 -53.27 -4.95 17.22
C LYS E 110 -52.16 -5.33 18.16
N VAL E 111 -51.11 -5.90 17.61
CA VAL E 111 -49.94 -6.17 18.41
C VAL E 111 -49.46 -4.88 19.05
N ARG E 112 -49.28 -3.83 18.26
CA ARG E 112 -48.76 -2.56 18.78
C ARG E 112 -49.57 -2.13 19.98
N GLU E 113 -50.84 -1.87 19.76
CA GLU E 113 -51.75 -1.50 20.83
C GLU E 113 -51.62 -2.43 22.01
N ALA E 114 -51.56 -3.72 21.74
CA ALA E 114 -51.39 -4.67 22.82
C ALA E 114 -50.17 -4.32 23.65
N PHE E 115 -49.05 -4.09 22.99
CA PHE E 115 -47.78 -3.88 23.69
C PHE E 115 -47.81 -2.59 24.46
N GLU E 116 -48.18 -1.52 23.78
CA GLU E 116 -48.38 -0.27 24.47
C GLU E 116 -49.21 -0.50 25.72
N GLN E 117 -50.32 -1.21 25.57
CA GLN E 117 -51.11 -1.56 26.74
C GLN E 117 -50.23 -2.22 27.78
N PHE E 118 -49.38 -3.14 27.34
CA PHE E 118 -48.56 -3.88 28.28
C PHE E 118 -47.71 -2.95 29.11
N LEU E 119 -46.73 -2.30 28.48
CA LEU E 119 -45.86 -1.42 29.24
C LEU E 119 -46.66 -0.41 30.01
N GLU E 120 -47.67 0.16 29.37
CA GLU E 120 -48.64 0.97 30.05
C GLU E 120 -49.29 0.22 31.18
N ASP E 121 -49.70 -1.02 30.93
CA ASP E 121 -50.24 -1.80 32.03
C ASP E 121 -49.17 -1.94 33.10
N PHE E 122 -49.61 -2.19 34.32
CA PHE E 122 -48.68 -2.20 35.43
C PHE E 122 -47.57 -3.17 35.12
N SER E 123 -46.37 -2.64 35.08
CA SER E 123 -45.24 -3.49 34.83
C SER E 123 -44.84 -4.22 36.10
N VAL E 124 -45.33 -3.80 37.25
CA VAL E 124 -44.87 -4.36 38.51
C VAL E 124 -46.05 -4.66 39.41
N GLN E 125 -46.05 -5.88 39.94
CA GLN E 125 -46.96 -6.29 40.98
C GLN E 125 -46.33 -6.22 42.37
N SER E 126 -45.05 -5.89 42.46
CA SER E 126 -44.41 -5.92 43.75
C SER E 126 -45.12 -4.95 44.68
N THR E 127 -45.45 -5.43 45.85
CA THR E 127 -46.34 -4.70 46.72
C THR E 127 -45.59 -4.29 47.97
N ASP E 128 -46.31 -3.60 48.85
CA ASP E 128 -45.80 -3.18 50.14
C ASP E 128 -44.44 -2.53 50.00
N THR E 129 -43.48 -3.00 50.78
CA THR E 129 -42.11 -2.59 50.58
C THR E 129 -41.74 -2.87 49.15
N GLY E 130 -41.32 -1.83 48.47
CA GLY E 130 -41.09 -1.96 47.06
C GLY E 130 -40.59 -0.64 46.55
N GLU E 131 -40.53 -0.43 45.23
CA GLU E 131 -41.03 -1.34 44.19
C GLU E 131 -42.51 -1.68 44.32
N VAL E 132 -43.36 -0.66 44.30
CA VAL E 132 -44.80 -0.84 44.21
C VAL E 132 -45.22 -0.34 42.83
N GLU E 133 -45.61 -1.26 41.94
CA GLU E 133 -45.87 -0.96 40.52
C GLU E 133 -44.60 -0.26 39.96
N LYS E 134 -44.63 0.69 39.01
CA LYS E 134 -45.50 0.76 37.84
C LYS E 134 -45.19 -0.33 36.82
N VAL E 135 -43.93 -0.67 36.57
CA VAL E 135 -42.75 0.15 36.84
C VAL E 135 -42.43 1.11 35.74
N TYR E 136 -42.53 0.59 34.52
CA TYR E 136 -41.80 1.14 33.40
C TYR E 136 -41.93 2.64 33.32
N ARG E 137 -43.08 3.16 33.71
CA ARG E 137 -43.21 4.60 33.82
C ARG E 137 -42.03 5.18 34.56
N ALA E 138 -41.74 4.63 35.73
CA ALA E 138 -40.58 5.06 36.47
C ALA E 138 -39.36 5.10 35.59
N GLN E 139 -39.14 4.03 34.86
CA GLN E 139 -38.05 4.06 33.91
C GLN E 139 -38.13 5.31 33.06
N ILE E 140 -39.28 5.52 32.42
CA ILE E 140 -39.43 6.65 31.52
C ILE E 140 -39.01 7.92 32.20
N GLU E 141 -39.49 8.12 33.41
CA GLU E 141 -39.17 9.34 34.11
C GLU E 141 -37.68 9.45 34.33
N PHE E 142 -37.10 8.50 35.03
CA PHE E 142 -35.67 8.54 35.28
C PHE E 142 -34.90 8.83 34.02
N MET E 143 -35.34 8.28 32.90
CA MET E 143 -34.79 8.69 31.64
C MET E 143 -34.97 10.18 31.43
N LYS E 144 -36.19 10.65 31.53
CA LYS E 144 -36.43 12.06 31.40
C LYS E 144 -35.57 12.85 32.34
N ILE E 145 -35.23 12.29 33.49
CA ILE E 145 -34.28 12.94 34.37
C ILE E 145 -33.04 13.29 33.58
N TYR E 146 -32.44 12.29 32.97
CA TYR E 146 -31.29 12.55 32.12
C TYR E 146 -31.66 12.78 30.67
N ASP E 147 -32.87 12.40 30.26
CA ASP E 147 -33.34 12.65 28.90
C ASP E 147 -32.32 12.22 27.85
N LEU E 148 -31.87 10.96 27.93
CA LEU E 148 -30.88 10.45 26.99
C LEU E 148 -31.46 9.64 25.83
N ASN E 149 -32.77 9.41 25.82
CA ASN E 149 -33.50 8.96 24.62
C ASN E 149 -33.07 7.59 24.12
N THR E 150 -33.01 6.63 25.05
CA THR E 150 -32.94 5.23 24.68
C THR E 150 -33.42 4.44 25.88
N ILE E 151 -33.82 3.18 25.65
CA ILE E 151 -34.57 2.45 26.66
C ILE E 151 -34.07 1.01 26.80
N TYR E 152 -34.16 0.50 28.03
CA TYR E 152 -33.83 -0.87 28.36
C TYR E 152 -35.01 -1.46 29.10
N ILE E 153 -35.36 -2.71 28.81
CA ILE E 153 -36.52 -3.35 29.41
C ILE E 153 -36.22 -4.82 29.65
N ASP E 154 -36.98 -5.44 30.55
CA ASP E 154 -36.75 -6.84 30.89
C ASP E 154 -37.73 -7.74 30.17
N TYR E 155 -37.19 -8.67 29.40
CA TYR E 155 -38.04 -9.63 28.72
C TYR E 155 -38.97 -10.31 29.71
N GLN E 156 -38.43 -10.65 30.86
CA GLN E 156 -39.09 -11.60 31.74
C GLN E 156 -40.52 -11.17 32.02
N HIS E 157 -40.66 -9.99 32.61
CA HIS E 157 -41.99 -9.50 32.93
C HIS E 157 -42.89 -9.65 31.72
N LEU E 158 -42.39 -9.23 30.58
CA LEU E 158 -43.23 -9.21 29.40
C LEU E 158 -43.70 -10.60 29.02
N SER E 159 -42.77 -11.49 28.82
CA SER E 159 -43.14 -12.86 28.51
C SER E 159 -44.16 -13.35 29.51
N MET E 160 -43.92 -13.04 30.78
CA MET E 160 -44.83 -13.45 31.81
C MET E 160 -46.22 -12.96 31.53
N ARG E 161 -46.35 -11.65 31.35
CA ARG E 161 -47.64 -11.00 31.45
C ARG E 161 -48.67 -11.65 30.54
N GLU E 162 -48.34 -11.74 29.27
CA GLU E 162 -49.33 -12.08 28.27
C GLU E 162 -49.63 -13.55 28.24
N ASN E 163 -49.00 -14.31 29.12
CA ASN E 163 -48.75 -15.71 28.93
C ASN E 163 -47.70 -15.78 27.84
N GLY E 164 -47.21 -14.66 27.35
CA GLY E 164 -46.12 -14.64 26.42
C GLY E 164 -46.51 -14.93 25.00
N ALA E 165 -47.79 -15.20 24.76
CA ALA E 165 -48.24 -15.15 23.38
C ALA E 165 -47.72 -13.90 22.74
N LEU E 166 -47.83 -12.80 23.47
CA LEU E 166 -47.08 -11.62 23.12
C LEU E 166 -45.61 -11.94 23.01
N ALA E 167 -45.01 -12.45 24.09
CA ALA E 167 -43.59 -12.73 24.05
C ALA E 167 -43.26 -13.51 22.81
N MET E 168 -44.07 -14.51 22.50
CA MET E 168 -43.88 -15.27 21.29
C MET E 168 -43.84 -14.36 20.08
N ALA E 169 -44.98 -13.78 19.75
CA ALA E 169 -45.10 -12.98 18.54
C ALA E 169 -43.94 -12.01 18.44
N ILE E 170 -43.65 -11.35 19.55
CA ILE E 170 -42.48 -10.50 19.64
C ILE E 170 -41.28 -11.23 19.10
N SER E 171 -40.84 -12.24 19.83
CA SER E 171 -39.66 -12.98 19.50
C SER E 171 -39.66 -13.25 18.01
N GLU E 172 -40.66 -14.00 17.59
CA GLU E 172 -40.73 -14.45 16.21
C GLU E 172 -40.61 -13.29 15.24
N GLN E 173 -41.64 -12.47 15.18
CA GLN E 173 -41.77 -11.50 14.11
C GLN E 173 -40.97 -10.27 14.37
N TYR E 174 -40.13 -10.29 15.39
CA TYR E 174 -39.57 -9.10 16.00
C TYR E 174 -39.16 -8.07 14.96
N TYR E 175 -38.46 -8.53 13.93
CA TYR E 175 -38.07 -7.62 12.87
C TYR E 175 -39.28 -6.89 12.34
N ARG E 176 -40.29 -7.62 11.92
CA ARG E 176 -41.53 -6.99 11.51
C ARG E 176 -42.01 -6.03 12.59
N PHE E 177 -41.92 -6.45 13.84
CA PHE E 177 -42.59 -5.77 14.93
C PHE E 177 -41.94 -4.46 15.32
N LEU E 178 -40.70 -4.26 14.96
CA LEU E 178 -39.97 -3.13 15.48
C LEU E 178 -40.77 -1.85 15.28
N PRO E 179 -41.22 -1.61 14.06
CA PRO E 179 -41.80 -0.29 13.79
C PRO E 179 -42.99 0.01 14.66
N PHE E 180 -43.94 -0.92 14.73
CA PHE E 180 -45.08 -0.70 15.59
C PHE E 180 -44.61 -0.42 16.99
N LEU E 181 -43.60 -1.16 17.43
CA LEU E 181 -43.08 -0.96 18.76
C LEU E 181 -42.66 0.48 18.97
N GLN E 182 -41.56 0.86 18.33
CA GLN E 182 -41.02 2.19 18.60
C GLN E 182 -42.05 3.25 18.32
N LYS E 183 -42.94 2.98 17.38
CA LYS E 183 -44.05 3.87 17.14
C LYS E 183 -44.88 4.05 18.40
N GLY E 184 -45.40 2.96 18.94
CA GLY E 184 -46.21 3.07 20.15
C GLY E 184 -45.43 3.76 21.25
N LEU E 185 -44.14 3.48 21.31
CA LEU E 185 -43.30 4.21 22.23
C LEU E 185 -43.47 5.70 22.04
N ARG E 186 -43.25 6.17 20.82
CA ARG E 186 -43.46 7.58 20.54
C ARG E 186 -44.83 8.02 20.99
N ARG E 187 -45.82 7.15 20.83
CA ARG E 187 -47.17 7.49 21.22
C ARG E 187 -47.22 7.84 22.70
N VAL E 188 -46.75 6.94 23.55
CA VAL E 188 -46.91 7.17 24.98
C VAL E 188 -46.00 8.30 25.42
N VAL E 189 -44.84 8.43 24.79
CA VAL E 189 -43.94 9.53 25.14
C VAL E 189 -44.64 10.84 24.92
N ARG E 190 -45.10 11.04 23.69
CA ARG E 190 -45.99 12.15 23.43
C ARG E 190 -47.05 12.22 24.51
N LYS E 191 -47.61 11.07 24.87
CA LYS E 191 -48.72 11.07 25.83
C LYS E 191 -48.29 11.69 27.14
N TYR E 192 -47.28 11.13 27.77
CA TYR E 192 -46.85 11.59 29.06
C TYR E 192 -45.62 12.50 29.01
N ALA E 193 -45.03 12.75 27.86
CA ALA E 193 -43.76 13.47 27.85
C ALA E 193 -43.69 14.43 26.69
N PRO E 194 -42.79 15.42 26.76
CA PRO E 194 -42.53 16.40 25.72
C PRO E 194 -41.91 15.77 24.49
N GLU E 260 -36.10 16.45 17.13
CA GLU E 260 -35.40 15.88 18.26
C GLU E 260 -36.15 14.68 18.83
N ARG E 261 -36.19 13.59 18.06
CA ARG E 261 -36.78 12.34 18.51
C ARG E 261 -35.88 11.17 18.12
N VAL E 262 -35.29 10.48 19.11
CA VAL E 262 -34.51 9.27 18.88
C VAL E 262 -34.76 8.28 20.00
N PHE E 263 -35.22 7.09 19.66
CA PHE E 263 -35.59 6.13 20.69
C PHE E 263 -34.92 4.81 20.40
N GLN E 264 -34.30 4.26 21.42
CA GLN E 264 -33.73 2.93 21.32
C GLN E 264 -34.26 2.14 22.49
N ILE E 265 -34.84 0.99 22.22
CA ILE E 265 -35.46 0.16 23.24
C ILE E 265 -34.68 -1.13 23.35
N SER E 266 -34.37 -1.55 24.57
CA SER E 266 -33.53 -2.72 24.78
C SER E 266 -34.19 -3.67 25.75
N PHE E 267 -34.58 -4.84 25.27
CA PHE E 267 -35.00 -5.87 26.19
C PHE E 267 -33.78 -6.43 26.92
N PHE E 268 -34.06 -7.08 28.03
CA PHE E 268 -33.06 -7.87 28.70
C PHE E 268 -33.79 -8.96 29.46
N ASN E 269 -33.02 -9.74 30.23
CA ASN E 269 -33.58 -10.84 30.99
C ASN E 269 -34.28 -11.82 30.06
N LEU E 270 -33.54 -12.26 29.05
CA LEU E 270 -34.01 -13.35 28.22
C LEU E 270 -33.71 -14.68 28.90
N PRO E 271 -34.57 -15.68 28.69
CA PRO E 271 -34.49 -16.91 29.48
C PRO E 271 -33.36 -17.86 29.12
N THR E 272 -32.75 -17.73 27.95
CA THR E 272 -31.80 -18.75 27.54
C THR E 272 -30.63 -18.11 26.82
N VAL E 273 -29.66 -18.95 26.46
CA VAL E 273 -28.42 -18.50 25.83
C VAL E 273 -28.11 -19.44 24.68
N HIS E 274 -27.87 -18.87 23.51
CA HIS E 274 -27.62 -19.67 22.32
C HIS E 274 -26.14 -19.67 22.01
N ARG E 275 -25.63 -20.84 21.64
CA ARG E 275 -24.25 -20.94 21.18
C ARG E 275 -24.14 -20.44 19.76
N ILE E 276 -22.93 -19.98 19.41
CA ILE E 276 -22.71 -19.47 18.08
C ILE E 276 -22.97 -20.54 17.05
N ARG E 277 -22.25 -21.64 17.13
CA ARG E 277 -22.50 -22.73 16.21
C ARG E 277 -23.96 -23.12 16.19
N ASP E 278 -24.64 -22.92 17.30
CA ASP E 278 -26.05 -23.22 17.40
C ASP E 278 -26.89 -22.38 16.46
N ILE E 279 -26.29 -21.40 15.80
CA ILE E 279 -27.07 -20.50 14.96
C ILE E 279 -27.68 -21.25 13.80
N ARG E 280 -28.90 -20.88 13.45
CA ARG E 280 -29.60 -21.45 12.31
C ARG E 280 -30.39 -20.40 11.54
N SER E 281 -30.71 -20.69 10.29
CA SER E 281 -31.44 -19.77 9.43
C SER E 281 -32.89 -19.62 9.85
N GLU E 282 -33.40 -20.53 10.67
CA GLU E 282 -34.75 -20.38 11.14
C GLU E 282 -34.90 -19.22 12.10
N LYS E 283 -33.85 -18.91 12.85
CA LYS E 283 -33.92 -17.89 13.89
C LYS E 283 -33.70 -16.49 13.34
N ILE E 284 -33.52 -16.37 12.03
CA ILE E 284 -33.22 -15.07 11.45
C ILE E 284 -34.33 -14.07 11.74
N GLY E 285 -33.97 -12.80 11.78
CA GLY E 285 -34.94 -11.73 11.93
C GLY E 285 -35.72 -11.73 13.22
N SER E 286 -35.40 -12.65 14.12
CA SER E 286 -35.97 -12.66 15.45
C SER E 286 -34.83 -12.35 16.41
N LEU E 287 -35.16 -11.71 17.52
CA LEU E 287 -34.16 -11.42 18.51
C LEU E 287 -33.58 -12.72 19.04
N LEU E 288 -32.36 -12.64 19.57
CA LEU E 288 -31.67 -13.86 19.95
C LEU E 288 -30.76 -13.57 21.14
N SER E 289 -30.10 -14.61 21.65
CA SER E 289 -29.29 -14.53 22.85
C SER E 289 -27.96 -15.22 22.63
N ILE E 290 -26.89 -14.45 22.66
CA ILE E 290 -25.58 -15.03 22.43
C ILE E 290 -24.60 -14.33 23.35
N SER E 291 -23.75 -15.10 23.99
CA SER E 291 -22.61 -14.58 24.70
C SER E 291 -21.36 -15.05 23.99
N GLY E 292 -20.30 -14.26 24.05
CA GLY E 292 -19.12 -14.64 23.30
C GLY E 292 -17.91 -13.84 23.68
N THR E 293 -16.79 -14.19 23.04
CA THR E 293 -15.50 -13.61 23.33
C THR E 293 -15.20 -12.52 22.31
N VAL E 294 -15.01 -11.29 22.80
CA VAL E 294 -14.91 -10.14 21.93
C VAL E 294 -13.57 -10.11 21.24
N THR E 295 -13.57 -9.70 19.97
CA THR E 295 -12.33 -9.59 19.23
C THR E 295 -12.39 -8.41 18.29
N ARG E 296 -11.30 -7.65 18.24
CA ARG E 296 -11.03 -6.68 17.18
C ARG E 296 -12.20 -5.71 17.05
N THR E 297 -12.28 -4.83 18.03
CA THR E 297 -13.27 -3.78 17.96
C THR E 297 -12.89 -2.75 16.90
N SER E 298 -13.89 -1.96 16.48
CA SER E 298 -13.74 -1.01 15.40
C SER E 298 -14.29 0.35 15.81
N GLU E 299 -13.66 1.40 15.30
CA GLU E 299 -14.06 2.75 15.67
C GLU E 299 -15.49 3.02 15.27
N VAL E 300 -16.15 3.86 16.05
CA VAL E 300 -17.57 4.12 15.86
C VAL E 300 -17.74 5.05 14.68
N ARG E 301 -18.64 4.69 13.79
CA ARG E 301 -18.80 5.59 12.67
C ARG E 301 -20.25 5.96 12.49
N PRO E 302 -20.53 7.23 12.17
CA PRO E 302 -21.92 7.68 12.06
C PRO E 302 -22.69 6.88 11.01
N GLU E 303 -24.00 6.99 11.09
CA GLU E 303 -24.87 6.19 10.22
C GLU E 303 -25.93 7.08 9.59
N LEU E 304 -26.84 6.47 8.85
CA LEU E 304 -27.88 7.24 8.22
C LEU E 304 -29.19 7.09 8.98
N TYR E 305 -29.55 5.84 9.26
CA TYR E 305 -30.79 5.52 9.95
C TYR E 305 -31.87 5.92 8.95
N LYS E 306 -31.89 7.21 8.68
CA LYS E 306 -32.73 7.84 7.70
C LYS E 306 -31.83 8.90 7.09
N ALA E 307 -31.76 8.98 5.77
CA ALA E 307 -30.94 9.98 5.12
C ALA E 307 -31.77 10.88 4.24
N SER E 308 -31.41 12.16 4.23
CA SER E 308 -32.06 13.14 3.38
C SER E 308 -31.17 13.38 2.17
N PHE E 309 -31.56 12.78 1.05
CA PHE E 309 -30.85 12.92 -0.21
C PHE E 309 -31.86 12.93 -1.34
N THR E 310 -31.83 13.98 -2.16
CA THR E 310 -32.60 13.98 -3.39
C THR E 310 -32.04 15.08 -4.28
N CYS E 311 -32.53 15.16 -5.51
CA CYS E 311 -31.91 16.08 -6.44
C CYS E 311 -32.41 17.50 -6.16
N ASP E 312 -31.78 18.47 -6.82
CA ASP E 312 -32.30 19.83 -6.72
C ASP E 312 -33.60 19.93 -7.46
N MET E 313 -33.71 19.16 -8.53
CA MET E 313 -34.97 18.96 -9.20
C MET E 313 -35.68 17.86 -8.47
N CYS E 314 -36.91 18.16 -8.09
CA CYS E 314 -37.28 19.56 -7.93
C CYS E 314 -37.05 19.89 -6.49
N ARG E 315 -36.89 18.85 -5.69
CA ARG E 315 -36.83 19.00 -4.26
C ARG E 315 -35.90 17.93 -3.74
N ALA E 316 -35.14 18.29 -2.72
CA ALA E 316 -34.02 17.48 -2.34
C ALA E 316 -34.26 16.73 -1.04
N ILE E 317 -33.22 15.97 -0.67
CA ILE E 317 -32.96 15.47 0.67
C ILE E 317 -34.19 14.84 1.27
N VAL E 318 -34.95 14.10 0.46
CA VAL E 318 -35.94 13.19 1.00
C VAL E 318 -35.25 12.29 2.00
N ASP E 319 -35.88 12.07 3.15
CA ASP E 319 -35.22 11.45 4.30
C ASP E 319 -35.70 10.02 4.49
N ASN E 320 -34.83 9.06 4.19
CA ASN E 320 -35.11 7.66 4.46
C ASN E 320 -33.96 6.76 4.05
N VAL E 321 -33.92 5.58 4.63
CA VAL E 321 -33.23 4.42 4.08
C VAL E 321 -31.76 4.66 3.80
N GLU E 322 -31.28 4.08 2.68
CA GLU E 322 -29.90 3.61 2.56
C GLU E 322 -29.67 2.48 3.54
N GLN E 323 -30.75 1.78 3.88
CA GLN E 323 -30.79 0.93 5.04
C GLN E 323 -29.68 -0.11 5.03
N SER E 324 -29.81 -1.11 4.18
CA SER E 324 -28.70 -2.02 4.02
C SER E 324 -27.51 -1.23 3.51
N PHE E 325 -26.33 -1.71 3.86
CA PHE E 325 -25.15 -1.04 3.36
C PHE E 325 -25.24 -1.03 1.85
N LYS E 326 -25.26 0.15 1.28
CA LYS E 326 -25.35 0.27 -0.15
C LYS E 326 -24.28 1.24 -0.64
N TYR E 327 -24.27 2.51 -0.22
CA TYR E 327 -25.20 3.11 0.73
C TYR E 327 -26.33 3.76 -0.05
N THR E 328 -26.15 3.83 -1.36
CA THR E 328 -27.08 4.53 -2.24
C THR E 328 -28.39 3.75 -2.42
N GLU E 329 -29.50 4.39 -2.79
CA GLU E 329 -29.64 5.81 -3.08
C GLU E 329 -31.07 6.20 -2.84
N PRO E 330 -31.41 7.44 -3.21
CA PRO E 330 -32.83 7.78 -3.30
C PRO E 330 -33.54 6.77 -4.17
N THR E 331 -34.59 6.17 -3.63
CA THR E 331 -35.16 4.98 -4.24
C THR E 331 -36.05 5.31 -5.43
N PHE E 332 -36.97 6.24 -5.27
CA PHE E 332 -38.01 6.43 -6.28
C PHE E 332 -38.54 7.85 -6.17
N CYS E 333 -39.61 8.11 -6.92
CA CYS E 333 -40.27 9.40 -7.08
C CYS E 333 -39.25 10.51 -7.20
N PRO E 334 -38.16 10.28 -7.93
CA PRO E 334 -37.27 11.32 -8.41
C PRO E 334 -37.93 11.94 -9.62
N ASN E 335 -37.49 13.08 -10.10
CA ASN E 335 -36.60 13.96 -9.36
C ASN E 335 -37.35 14.65 -8.23
N PRO E 336 -38.56 15.16 -8.49
CA PRO E 336 -39.42 15.42 -9.65
C PRO E 336 -38.97 16.76 -10.17
N SER E 337 -39.56 17.35 -11.21
CA SER E 337 -40.51 16.72 -12.11
C SER E 337 -39.65 16.09 -13.17
N CYS E 338 -38.36 16.10 -12.89
CA CYS E 338 -37.30 15.55 -13.71
C CYS E 338 -37.32 14.06 -13.67
N GLU E 339 -38.51 13.53 -13.41
CA GLU E 339 -38.75 12.27 -12.75
C GLU E 339 -37.81 11.19 -13.25
N ASN E 340 -37.33 10.42 -12.31
CA ASN E 340 -36.01 9.86 -12.40
C ASN E 340 -35.98 8.67 -11.42
N ARG E 341 -34.91 7.85 -11.29
CA ARG E 341 -33.54 7.97 -11.78
C ARG E 341 -32.80 9.16 -11.19
N ALA E 342 -32.17 9.96 -12.07
CA ALA E 342 -31.26 11.01 -11.64
C ALA E 342 -30.33 10.40 -10.63
N PHE E 343 -30.16 11.08 -9.50
CA PHE E 343 -29.37 10.52 -8.41
C PHE E 343 -29.34 11.57 -7.32
N TRP E 344 -28.84 11.15 -6.17
CA TRP E 344 -28.38 12.05 -5.14
C TRP E 344 -29.55 12.98 -4.80
N THR E 345 -29.37 14.24 -4.41
CA THR E 345 -28.21 14.80 -3.72
C THR E 345 -28.42 14.70 -2.23
N LEU E 346 -27.35 14.37 -1.53
CA LEU E 346 -27.43 14.04 -0.13
C LEU E 346 -27.23 15.27 0.73
N ASN E 347 -28.12 15.47 1.68
CA ASN E 347 -27.94 16.49 2.68
C ASN E 347 -27.24 15.90 3.89
N VAL E 348 -26.00 16.33 4.11
CA VAL E 348 -25.36 16.12 5.40
C VAL E 348 -26.03 16.94 6.48
N THR E 349 -26.84 17.90 6.06
CA THR E 349 -27.64 18.63 7.01
C THR E 349 -28.71 17.75 7.63
N ARG E 350 -29.24 16.80 6.89
CA ARG E 350 -30.39 16.04 7.37
C ARG E 350 -30.15 14.56 7.15
N SER E 351 -30.08 13.80 8.27
CA SER E 351 -29.97 12.34 8.34
C SER E 351 -29.78 11.93 9.81
N ARG E 352 -29.77 10.62 10.05
CA ARG E 352 -29.55 10.11 11.40
C ARG E 352 -28.25 9.32 11.51
N PHE E 353 -27.25 9.91 12.11
CA PHE E 353 -26.02 9.19 12.30
C PHE E 353 -26.21 8.19 13.41
N LEU E 354 -25.41 7.15 13.36
CA LEU E 354 -25.28 6.32 14.54
C LEU E 354 -23.94 5.64 14.50
N ASP E 355 -23.36 5.52 15.67
CA ASP E 355 -22.76 4.27 15.95
C ASP E 355 -21.70 3.88 14.98
N TRP E 356 -22.06 2.95 14.11
CA TRP E 356 -21.44 1.68 14.19
C TRP E 356 -19.99 1.83 14.40
N GLN E 357 -19.68 1.42 15.61
CA GLN E 357 -18.57 0.57 15.88
C GLN E 357 -19.13 -0.81 15.61
N LYS E 358 -18.36 -1.64 14.96
CA LYS E 358 -18.75 -3.02 14.78
C LYS E 358 -17.67 -3.85 15.40
N VAL E 359 -17.95 -5.13 15.61
CA VAL E 359 -16.96 -5.98 16.23
C VAL E 359 -17.11 -7.40 15.72
N ARG E 360 -15.98 -8.09 15.65
CA ARG E 360 -15.93 -9.48 15.24
C ARG E 360 -15.67 -10.31 16.48
N ILE E 361 -16.64 -11.00 16.91
CA ILE E 361 -16.54 -11.69 18.18
C ILE E 361 -16.32 -13.15 17.92
N GLN E 362 -15.64 -13.80 18.85
CA GLN E 362 -15.33 -15.20 18.74
C GLN E 362 -16.15 -16.01 19.73
N GLU E 363 -16.43 -17.25 19.32
CA GLU E 363 -17.13 -18.17 20.20
C GLU E 363 -16.31 -18.42 21.45
N ASN E 364 -16.99 -18.78 22.53
CA ASN E 364 -16.32 -18.97 23.80
C ASN E 364 -15.41 -20.20 23.77
N ALA E 365 -14.22 -20.01 24.33
CA ALA E 365 -13.15 -20.99 24.17
C ALA E 365 -13.53 -22.35 24.71
N ASN E 366 -13.91 -22.39 25.97
CA ASN E 366 -14.19 -23.66 26.61
C ASN E 366 -15.13 -24.48 25.77
N GLU E 367 -16.09 -23.82 25.15
CA GLU E 367 -17.15 -24.51 24.45
C GLU E 367 -16.60 -25.39 23.35
N ILE E 368 -15.45 -25.04 22.79
CA ILE E 368 -15.12 -25.48 21.45
C ILE E 368 -15.19 -27.00 21.36
N PRO E 369 -16.15 -27.53 20.60
CA PRO E 369 -16.16 -28.96 20.34
C PRO E 369 -14.92 -29.32 19.57
N THR E 370 -14.22 -30.33 20.05
CA THR E 370 -13.12 -30.84 19.29
C THR E 370 -13.68 -31.44 18.01
N GLY E 371 -12.96 -31.26 16.91
CA GLY E 371 -11.83 -30.37 16.84
C GLY E 371 -12.19 -29.19 15.98
N SER E 372 -13.48 -29.02 15.74
CA SER E 372 -13.96 -28.13 14.69
C SER E 372 -13.40 -26.71 14.79
N MET E 373 -12.88 -26.33 15.97
CA MET E 373 -12.09 -25.11 16.16
C MET E 373 -12.93 -23.86 16.05
N PRO E 374 -12.48 -22.75 16.64
CA PRO E 374 -13.37 -21.59 16.82
C PRO E 374 -13.74 -20.94 15.51
N ARG E 375 -14.90 -20.33 15.52
CA ARG E 375 -15.36 -19.51 14.41
C ARG E 375 -15.90 -18.21 14.98
N THR E 376 -15.25 -17.10 14.63
CA THR E 376 -15.72 -15.78 15.01
C THR E 376 -16.82 -15.31 14.07
N LEU E 377 -17.64 -14.41 14.56
CA LEU E 377 -18.60 -13.72 13.72
C LEU E 377 -18.48 -12.24 14.01
N ASP E 378 -19.13 -11.45 13.19
CA ASP E 378 -19.09 -10.02 13.34
C ASP E 378 -20.46 -9.53 13.79
N VAL E 379 -20.45 -8.49 14.60
CA VAL E 379 -21.68 -7.80 14.97
C VAL E 379 -21.36 -6.33 15.04
N ILE E 380 -22.31 -5.53 14.61
CA ILE E 380 -22.12 -4.10 14.56
C ILE E 380 -22.79 -3.50 15.79
N LEU E 381 -22.08 -2.63 16.46
CA LEU E 381 -22.63 -1.97 17.62
C LEU E 381 -23.29 -0.71 17.13
N ARG E 382 -24.59 -0.68 17.18
CA ARG E 382 -25.32 0.53 16.93
C ARG E 382 -25.88 1.01 18.25
N GLY E 383 -26.07 2.31 18.33
CA GLY E 383 -26.68 2.91 19.50
C GLY E 383 -25.78 2.82 20.70
N ASP E 384 -26.27 3.37 21.80
CA ASP E 384 -25.51 3.52 23.03
C ASP E 384 -24.89 2.22 23.50
N SER E 385 -25.45 1.09 23.08
CA SER E 385 -24.76 -0.16 23.25
C SER E 385 -23.37 -0.11 22.66
N VAL E 386 -23.15 0.80 21.70
CA VAL E 386 -21.81 1.01 21.22
C VAL E 386 -20.90 1.31 22.40
N GLU E 387 -19.66 0.88 22.28
CA GLU E 387 -18.60 1.17 23.24
C GLU E 387 -18.83 0.47 24.55
N ARG E 388 -20.05 -0.02 24.77
CA ARG E 388 -20.29 -0.83 25.95
C ARG E 388 -19.37 -2.03 25.96
N ALA E 389 -18.83 -2.38 24.80
CA ALA E 389 -18.00 -3.56 24.62
C ALA E 389 -16.57 -3.35 25.10
N LYS E 390 -15.89 -4.47 25.37
CA LYS E 390 -14.46 -4.51 25.59
C LYS E 390 -13.85 -5.69 24.86
N PRO E 391 -12.71 -5.51 24.22
CA PRO E 391 -12.14 -6.61 23.41
C PRO E 391 -11.56 -7.67 24.33
N GLY E 392 -11.51 -8.89 23.84
CA GLY E 392 -11.02 -9.99 24.64
C GLY E 392 -11.84 -10.08 25.91
N ASP E 393 -13.16 -10.16 25.74
CA ASP E 393 -14.04 -10.22 26.90
C ASP E 393 -15.20 -11.13 26.58
N ARG E 394 -15.61 -11.91 27.58
CA ARG E 394 -16.84 -12.66 27.48
C ARG E 394 -18.01 -11.72 27.69
N CYS E 395 -18.95 -11.77 26.76
CA CYS E 395 -20.02 -10.80 26.81
C CYS E 395 -21.26 -11.42 26.22
N LYS E 396 -22.40 -10.98 26.72
CA LYS E 396 -23.66 -11.53 26.30
C LYS E 396 -24.42 -10.47 25.52
N PHE E 397 -25.12 -10.89 24.50
CA PHE E 397 -25.81 -9.95 23.64
C PHE E 397 -27.19 -10.45 23.25
N THR E 398 -28.06 -9.48 22.98
CA THR E 398 -29.41 -9.74 22.51
C THR E 398 -29.42 -9.72 20.99
N GLY E 399 -30.10 -10.71 20.42
CA GLY E 399 -29.76 -11.17 19.10
C GLY E 399 -29.98 -10.23 17.97
N VAL E 400 -31.19 -9.73 17.77
CA VAL E 400 -31.44 -8.77 16.71
C VAL E 400 -30.69 -9.27 15.48
N GLU E 401 -30.87 -10.53 15.15
CA GLU E 401 -29.77 -11.27 14.53
C GLU E 401 -29.58 -10.90 13.07
N ILE E 402 -30.45 -11.41 12.20
CA ILE E 402 -30.47 -11.13 10.77
C ILE E 402 -29.14 -11.31 10.05
N VAL E 403 -28.90 -10.48 9.03
CA VAL E 403 -28.16 -10.94 7.87
C VAL E 403 -27.48 -9.78 7.16
N VAL E 404 -26.50 -10.11 6.34
CA VAL E 404 -25.86 -9.14 5.47
C VAL E 404 -25.65 -9.79 4.11
N PRO E 405 -25.86 -9.09 3.00
CA PRO E 405 -25.55 -9.68 1.71
C PRO E 405 -24.07 -9.95 1.59
N ASP E 406 -23.73 -10.79 0.62
CA ASP E 406 -22.34 -11.16 0.44
C ASP E 406 -21.97 -11.27 -1.03
N THR E 449 -26.56 -12.92 -2.77
CA THR E 449 -25.90 -13.78 -1.80
C THR E 449 -25.72 -13.02 -0.51
N TYR E 450 -26.25 -13.57 0.57
CA TYR E 450 -26.20 -12.90 1.86
C TYR E 450 -25.38 -13.71 2.84
N LYS E 451 -24.87 -13.01 3.83
CA LYS E 451 -24.23 -13.65 4.96
C LYS E 451 -24.87 -13.13 6.22
N ILE E 452 -25.36 -14.03 7.05
CA ILE E 452 -25.96 -13.62 8.30
C ILE E 452 -24.91 -12.92 9.14
N SER E 453 -25.30 -11.81 9.75
CA SER E 453 -24.49 -11.26 10.80
C SER E 453 -25.45 -10.79 11.86
N PHE E 454 -25.24 -11.25 13.08
CA PHE E 454 -26.10 -10.80 14.14
C PHE E 454 -25.81 -9.35 14.45
N LEU E 455 -26.77 -8.75 15.13
CA LEU E 455 -26.64 -7.39 15.59
C LEU E 455 -26.89 -7.40 17.08
N ALA E 456 -26.61 -6.29 17.73
CA ALA E 456 -26.73 -6.28 19.18
C ALA E 456 -27.46 -5.04 19.65
N CYS E 457 -28.61 -5.27 20.29
CA CYS E 457 -29.23 -4.26 21.12
C CYS E 457 -28.61 -4.18 22.51
N HIS E 458 -28.48 -5.32 23.19
CA HIS E 458 -28.10 -5.34 24.58
C HIS E 458 -26.72 -5.93 24.72
N VAL E 459 -25.77 -5.09 25.09
CA VAL E 459 -24.40 -5.52 25.26
C VAL E 459 -24.21 -5.79 26.73
N ILE E 460 -23.98 -7.05 27.07
CA ILE E 460 -23.68 -7.38 28.45
C ILE E 460 -22.33 -8.06 28.47
N SER E 461 -21.46 -7.55 29.34
CA SER E 461 -20.12 -8.06 29.55
C SER E 461 -20.10 -9.26 30.46
N ILE E 462 -21.28 -9.73 30.87
CA ILE E 462 -21.37 -10.81 31.82
C ILE E 462 -20.48 -11.95 31.36
N GLY E 463 -19.78 -12.55 32.31
CA GLY E 463 -18.76 -13.51 32.01
C GLY E 463 -17.44 -12.80 31.94
N ARG E 499 -17.95 -10.27 42.92
CA ARG E 499 -18.17 -11.58 43.51
C ARG E 499 -17.74 -11.63 45.00
N ASP E 500 -18.51 -12.27 45.90
CA ASP E 500 -19.76 -12.96 45.61
C ASP E 500 -20.68 -12.96 46.81
N GLN E 501 -21.96 -13.22 46.59
CA GLN E 501 -22.71 -13.75 47.70
C GLN E 501 -22.24 -15.19 47.77
N GLU E 502 -21.40 -15.42 48.77
CA GLU E 502 -20.64 -16.66 48.78
C GLU E 502 -21.68 -17.73 48.93
N VAL E 503 -22.77 -17.36 49.60
CA VAL E 503 -24.00 -18.09 49.46
C VAL E 503 -24.29 -18.33 47.99
N PHE E 504 -24.63 -17.27 47.27
CA PHE E 504 -25.07 -17.44 45.89
C PHE E 504 -24.07 -18.26 45.11
N LEU E 505 -22.83 -18.28 45.57
CA LEU E 505 -21.92 -19.31 45.09
C LEU E 505 -22.41 -20.68 45.53
N ASN E 506 -22.68 -20.81 46.82
CA ASN E 506 -23.16 -22.07 47.35
C ASN E 506 -24.48 -22.45 46.71
N SER E 507 -25.46 -21.56 46.79
CA SER E 507 -26.69 -21.71 46.04
C SER E 507 -26.39 -22.07 44.60
N LEU E 508 -25.49 -21.34 43.98
CA LEU E 508 -25.06 -21.70 42.66
C LEU E 508 -24.49 -23.10 42.66
N SER E 509 -23.54 -23.35 43.55
CA SER E 509 -22.90 -24.66 43.66
C SER E 509 -23.87 -25.75 44.12
N SER E 510 -24.71 -25.36 45.06
CA SER E 510 -25.73 -26.20 45.69
C SER E 510 -25.60 -27.74 45.70
N ASP E 511 -25.42 -28.38 44.54
CA ASP E 511 -25.35 -29.85 44.55
C ASP E 511 -24.16 -30.44 45.33
N GLU E 512 -22.96 -29.96 45.04
CA GLU E 512 -21.78 -30.42 45.78
C GLU E 512 -21.88 -29.84 47.17
N ILE E 513 -22.34 -28.60 47.15
CA ILE E 513 -22.54 -27.71 48.29
C ILE E 513 -22.67 -28.54 49.55
N ASN E 514 -23.38 -29.65 49.45
CA ASN E 514 -23.29 -30.64 50.49
C ASN E 514 -21.86 -31.11 50.65
N GLU E 515 -21.30 -31.66 49.58
CA GLU E 515 -20.13 -32.50 49.65
C GLU E 515 -19.00 -31.84 50.42
N LEU E 516 -18.42 -30.81 49.86
CA LEU E 516 -17.10 -30.44 50.34
C LEU E 516 -17.18 -29.51 51.53
N LYS E 517 -18.39 -29.10 51.90
CA LYS E 517 -18.53 -28.46 53.18
C LYS E 517 -17.74 -29.24 54.21
N GLU E 518 -17.74 -30.56 54.06
CA GLU E 518 -16.78 -31.40 54.73
C GLU E 518 -15.38 -30.86 54.60
N MET E 519 -14.97 -30.52 53.39
CA MET E 519 -13.65 -29.97 53.23
C MET E 519 -13.45 -28.79 54.16
N VAL E 520 -14.42 -27.89 54.20
CA VAL E 520 -14.31 -26.77 55.14
C VAL E 520 -14.13 -27.32 56.54
N LYS E 521 -14.97 -28.28 56.91
CA LYS E 521 -14.77 -28.98 58.15
C LYS E 521 -13.39 -29.59 58.22
N ASP E 522 -12.92 -30.11 57.09
CA ASP E 522 -11.67 -30.84 57.07
C ASP E 522 -10.50 -29.93 57.39
N GLU E 523 -9.35 -30.54 57.71
CA GLU E 523 -8.15 -29.81 58.11
C GLU E 523 -6.88 -30.32 57.44
N HIS E 524 -5.72 -29.78 57.84
CA HIS E 524 -4.42 -30.22 57.37
C HIS E 524 -4.23 -30.02 55.87
N ILE E 525 -5.29 -30.26 55.12
CA ILE E 525 -5.28 -30.33 53.67
C ILE E 525 -4.49 -29.20 53.04
N TYR E 526 -4.29 -28.11 53.78
CA TYR E 526 -3.26 -27.18 53.37
C TYR E 526 -2.05 -27.98 52.96
N ASP E 527 -1.77 -29.01 53.72
CA ASP E 527 -1.01 -30.11 53.19
C ASP E 527 -1.67 -30.74 51.98
N LYS E 528 -2.80 -31.42 52.17
CA LYS E 528 -3.36 -32.20 51.07
C LYS E 528 -3.50 -31.36 49.83
N LEU E 529 -3.97 -30.14 50.00
CA LEU E 529 -3.85 -29.16 48.95
C LEU E 529 -2.44 -29.16 48.42
N VAL E 530 -1.53 -28.67 49.25
CA VAL E 530 -0.13 -28.72 48.90
C VAL E 530 0.20 -30.09 48.38
N ARG E 531 -0.37 -31.12 49.01
CA ARG E 531 -0.21 -32.46 48.51
C ARG E 531 -1.03 -32.74 47.27
N SER E 532 -1.26 -31.74 46.42
CA SER E 532 -2.04 -31.96 45.22
C SER E 532 -1.59 -31.15 44.00
N ILE E 533 -0.80 -30.08 44.17
CA ILE E 533 -0.65 -29.08 43.12
C ILE E 533 -0.10 -29.70 41.83
N ALA E 534 1.18 -30.03 41.82
CA ALA E 534 1.82 -30.50 40.62
C ALA E 534 2.25 -31.91 40.87
N PRO E 535 1.30 -32.83 40.90
CA PRO E 535 1.64 -34.22 41.15
C PRO E 535 2.78 -34.67 40.28
N ALA E 536 2.94 -34.02 39.14
CA ALA E 536 4.02 -34.30 38.22
C ALA E 536 5.36 -34.44 38.91
N VAL E 537 5.63 -33.58 39.87
CA VAL E 537 7.00 -33.31 40.25
C VAL E 537 7.30 -33.96 41.58
N PHE E 538 8.50 -34.48 41.71
CA PHE E 538 9.03 -34.91 42.99
C PHE E 538 9.50 -33.67 43.74
N GLY E 539 9.14 -33.57 45.01
CA GLY E 539 9.49 -32.38 45.74
C GLY E 539 8.86 -31.20 45.05
N HIS E 540 9.68 -30.22 44.67
CA HIS E 540 9.19 -29.10 43.88
C HIS E 540 8.02 -28.46 44.60
N GLU E 541 7.99 -28.68 45.89
CA GLU E 541 6.76 -28.47 46.64
C GLU E 541 6.58 -27.00 46.93
N ALA E 542 7.65 -26.40 47.44
CA ALA E 542 7.60 -24.98 47.72
C ALA E 542 6.98 -24.26 46.54
N VAL E 543 7.31 -24.72 45.35
CA VAL E 543 6.59 -24.29 44.18
C VAL E 543 5.14 -24.67 44.28
N LYS E 544 4.85 -25.96 44.40
CA LYS E 544 3.48 -26.44 44.33
C LYS E 544 2.60 -25.56 45.19
N LYS E 545 3.05 -25.34 46.41
CA LYS E 545 2.51 -24.30 47.26
C LYS E 545 2.38 -23.02 46.47
N GLY E 546 3.52 -22.47 46.08
CA GLY E 546 3.53 -21.13 45.55
C GLY E 546 2.47 -20.93 44.50
N ILE E 547 2.39 -21.87 43.56
CA ILE E 547 1.33 -21.84 42.57
C ILE E 547 0.00 -21.74 43.28
N LEU E 548 -0.24 -22.66 44.18
CA LEU E 548 -1.52 -22.67 44.85
C LEU E 548 -1.86 -21.30 45.35
N LEU E 549 -0.97 -20.74 46.16
CA LEU E 549 -1.23 -19.43 46.73
C LEU E 549 -1.47 -18.43 45.62
N GLN E 550 -0.63 -18.46 44.61
CA GLN E 550 -0.77 -17.53 43.51
C GLN E 550 -2.18 -17.54 43.01
N MET E 551 -2.74 -18.73 42.89
CA MET E 551 -4.14 -18.82 42.53
C MET E 551 -5.00 -18.06 43.52
N LEU E 552 -4.57 -17.95 44.76
CA LEU E 552 -5.43 -17.41 45.80
C LEU E 552 -5.48 -15.88 45.70
N GLY E 553 -6.07 -15.27 46.73
CA GLY E 553 -6.42 -13.86 46.79
C GLY E 553 -5.39 -12.95 47.44
N GLY E 554 -5.87 -11.98 48.23
CA GLY E 554 -5.08 -10.83 48.66
C GLY E 554 -5.55 -9.45 48.27
N VAL E 555 -6.71 -9.37 47.62
CA VAL E 555 -7.57 -8.18 47.66
C VAL E 555 -7.05 -7.04 46.81
N HIS E 556 -7.88 -6.57 45.90
CA HIS E 556 -7.71 -5.21 45.44
C HIS E 556 -7.86 -4.29 46.64
N LYS E 557 -7.79 -2.99 46.36
CA LYS E 557 -8.12 -2.00 47.35
C LYS E 557 -7.38 -2.21 48.67
N THR E 559 -6.37 0.41 48.41
CA THR E 559 -6.75 1.58 49.18
C THR E 559 -7.62 2.48 48.35
N VAL E 560 -8.45 3.30 49.00
CA VAL E 560 -8.75 4.57 48.35
C VAL E 560 -8.14 5.59 49.29
N GLU E 561 -6.93 5.90 48.97
CA GLU E 561 -6.11 6.98 49.46
C GLU E 561 -5.60 7.32 48.09
N GLY E 562 -5.37 6.24 47.38
CA GLY E 562 -4.37 6.01 46.38
C GLY E 562 -4.61 4.55 46.02
N ILE E 563 -3.55 3.83 45.70
CA ILE E 563 -3.69 2.55 45.02
C ILE E 563 -4.73 1.70 45.68
N LYS E 564 -5.68 1.21 44.90
CA LYS E 564 -6.37 0.03 45.34
C LYS E 564 -5.27 -0.98 45.59
N LEU E 565 -5.17 -1.46 46.80
CA LEU E 565 -4.08 -2.31 47.20
C LEU E 565 -4.17 -3.54 46.32
N ARG E 566 -3.13 -3.80 45.56
CA ARG E 566 -3.19 -4.92 44.65
C ARG E 566 -3.18 -6.21 45.42
N GLY E 567 -4.15 -7.05 45.17
CA GLY E 567 -4.11 -8.36 45.79
C GLY E 567 -3.13 -9.29 45.15
N ASP E 568 -2.91 -9.09 43.85
CA ASP E 568 -2.22 -10.08 43.04
C ASP E 568 -0.78 -10.26 43.49
N ILE E 569 -0.24 -11.42 43.16
CA ILE E 569 1.13 -11.77 43.48
C ILE E 569 1.78 -12.33 42.24
N ASN E 570 2.89 -11.73 41.83
CA ASN E 570 3.67 -12.25 40.73
C ASN E 570 4.69 -13.22 41.27
N ILE E 571 4.80 -14.36 40.63
CA ILE E 571 5.74 -15.37 41.09
C ILE E 571 6.83 -15.47 40.06
N CYS E 572 8.06 -15.45 40.53
CA CYS E 572 9.19 -15.75 39.68
C CYS E 572 9.81 -17.04 40.16
N VAL E 573 10.23 -17.87 39.22
CA VAL E 573 10.97 -19.08 39.56
C VAL E 573 12.15 -19.14 38.64
N VAL E 574 13.31 -19.09 39.20
CA VAL E 574 14.52 -19.18 38.41
C VAL E 574 15.07 -20.58 38.55
N GLY E 575 15.71 -21.06 37.49
CA GLY E 575 16.29 -22.37 37.60
C GLY E 575 17.36 -22.59 36.56
N ASP E 576 18.22 -23.54 36.87
CA ASP E 576 18.90 -24.24 35.83
C ASP E 576 17.86 -24.74 34.83
N PRO E 577 18.21 -24.80 33.56
CA PRO E 577 17.18 -24.89 32.51
C PRO E 577 16.32 -26.16 32.57
N SER E 578 15.44 -26.28 31.57
CA SER E 578 14.45 -27.35 31.46
C SER E 578 14.92 -28.73 31.63
N THR E 579 14.07 -29.68 31.19
CA THR E 579 13.98 -31.01 31.80
C THR E 579 12.91 -30.93 32.83
N SER E 580 12.09 -29.91 32.66
CA SER E 580 11.17 -29.32 33.62
C SER E 580 11.35 -27.86 33.90
N LYS E 581 12.48 -27.23 33.59
CA LYS E 581 12.56 -25.76 33.51
C LYS E 581 11.59 -25.18 34.49
N SER E 582 10.68 -24.38 33.96
CA SER E 582 9.25 -24.50 34.19
C SER E 582 8.64 -25.40 33.14
N GLN E 583 9.49 -26.00 32.31
CA GLN E 583 9.07 -26.91 31.28
C GLN E 583 8.02 -27.83 31.83
N PHE E 584 8.18 -28.22 33.08
CA PHE E 584 7.11 -28.86 33.81
C PHE E 584 6.11 -27.85 34.34
N LEU E 585 6.50 -27.07 35.35
CA LEU E 585 5.54 -26.43 36.23
C LEU E 585 4.51 -25.63 35.47
N LYS E 586 4.97 -24.82 34.53
CA LYS E 586 4.05 -23.95 33.83
C LYS E 586 3.01 -24.74 33.09
N TYR E 587 3.47 -25.63 32.22
CA TYR E 587 2.58 -26.40 31.39
C TYR E 587 1.47 -26.95 32.26
N VAL E 588 1.88 -27.51 33.38
CA VAL E 588 0.96 -28.02 34.38
C VAL E 588 -0.05 -26.93 34.66
N VAL E 589 0.47 -25.75 34.90
CA VAL E 589 -0.37 -24.63 35.27
C VAL E 589 -1.29 -24.30 34.11
N GLY E 590 -1.09 -24.99 32.99
CA GLY E 590 -2.08 -24.84 31.96
C GLY E 590 -3.50 -25.08 32.41
N PHE E 591 -3.70 -25.78 33.52
CA PHE E 591 -5.04 -26.16 33.93
C PHE E 591 -5.51 -25.17 34.99
N ALA E 592 -6.39 -24.28 34.59
CA ALA E 592 -6.77 -23.17 35.44
C ALA E 592 -7.64 -22.20 34.65
N PRO E 593 -8.35 -21.31 35.33
CA PRO E 593 -9.12 -20.27 34.65
C PRO E 593 -8.26 -19.09 34.22
N ARG E 594 -8.78 -18.34 33.25
CA ARG E 594 -8.15 -17.10 32.80
C ARG E 594 -6.70 -17.37 32.50
N SER E 595 -6.40 -18.61 32.13
CA SER E 595 -5.05 -19.14 32.14
C SER E 595 -4.41 -18.86 30.80
N VAL E 596 -3.35 -18.06 30.81
CA VAL E 596 -2.68 -17.67 29.58
C VAL E 596 -1.29 -18.28 29.60
N TYR E 597 -1.07 -19.30 28.78
CA TYR E 597 0.24 -19.88 28.64
C TYR E 597 0.89 -19.17 27.47
N THR E 598 1.84 -18.31 27.76
CA THR E 598 2.52 -17.61 26.70
C THR E 598 3.85 -18.30 26.54
N SER E 599 3.95 -19.09 25.51
CA SER E 599 5.16 -19.84 25.26
C SER E 599 6.20 -18.85 24.78
N GLY E 600 7.32 -18.82 25.45
CA GLY E 600 8.38 -17.95 25.06
C GLY E 600 8.00 -16.52 25.33
N LYS E 601 8.98 -15.65 25.23
CA LYS E 601 8.65 -14.26 25.15
C LYS E 601 8.73 -13.68 23.75
N ALA E 602 8.88 -14.48 22.70
CA ALA E 602 8.85 -13.90 21.37
C ALA E 602 7.41 -13.98 20.84
N SER E 603 6.76 -12.84 20.76
CA SER E 603 5.34 -12.82 20.43
C SER E 603 4.99 -11.87 19.28
N SER E 604 5.24 -10.57 19.38
CA SER E 604 6.04 -9.89 20.40
C SER E 604 5.38 -9.07 21.55
N ALA E 605 4.10 -9.31 21.95
CA ALA E 605 3.15 -8.36 22.53
C ALA E 605 2.07 -8.01 21.54
N ALA E 606 1.97 -8.82 20.50
CA ALA E 606 0.61 -9.12 20.09
C ALA E 606 -0.25 -9.27 21.31
N GLY E 607 0.29 -9.87 22.35
CA GLY E 607 -0.32 -9.70 23.62
C GLY E 607 -0.60 -8.25 23.88
N LEU E 608 -1.83 -7.94 24.21
CA LEU E 608 -2.34 -6.58 24.22
C LEU E 608 -2.45 -5.95 22.84
N THR E 609 -2.63 -6.72 21.77
CA THR E 609 -2.80 -6.08 20.45
C THR E 609 -4.19 -5.45 20.26
N ALA E 610 -4.40 -4.79 19.13
CA ALA E 610 -5.52 -3.87 18.92
C ALA E 610 -6.72 -4.50 18.22
N GLU E 624 -7.57 -7.87 22.38
CA GLU E 624 -7.36 -8.61 23.62
C GLU E 624 -5.97 -8.38 24.14
N ALA E 625 -5.83 -8.16 25.44
CA ALA E 625 -4.42 -8.22 25.75
C ALA E 625 -4.21 -9.69 25.67
N GLY E 626 -3.54 -10.07 24.59
CA GLY E 626 -3.25 -11.46 24.40
C GLY E 626 -2.40 -11.63 25.61
N ALA E 627 -1.59 -10.61 25.81
CA ALA E 627 -0.76 -10.50 26.96
C ALA E 627 -1.53 -10.73 28.22
N LEU E 628 -2.70 -10.16 28.36
CA LEU E 628 -2.95 -9.80 29.72
C LEU E 628 -4.41 -9.69 30.08
N MET E 629 -5.12 -8.85 29.36
CA MET E 629 -6.53 -8.67 29.57
C MET E 629 -7.27 -9.98 29.50
N LEU E 630 -6.77 -10.94 28.72
CA LEU E 630 -7.33 -12.27 28.77
C LEU E 630 -7.00 -12.98 30.07
N ALA E 631 -5.80 -12.78 30.62
CA ALA E 631 -5.47 -13.34 31.92
C ALA E 631 -5.98 -12.48 33.04
N ASP E 632 -6.76 -11.45 32.73
CA ASP E 632 -7.32 -10.64 33.79
C ASP E 632 -7.96 -11.55 34.81
N ASN E 633 -7.62 -11.33 36.08
CA ASN E 633 -7.92 -12.29 37.13
C ASN E 633 -7.39 -13.67 36.73
N GLY E 634 -6.16 -13.69 36.25
CA GLY E 634 -5.49 -14.94 35.96
C GLY E 634 -4.04 -14.69 35.67
N ILE E 635 -3.25 -15.74 35.67
CA ILE E 635 -1.84 -15.62 35.37
C ILE E 635 -1.70 -15.62 33.87
N CYS E 636 -0.86 -14.74 33.38
CA CYS E 636 -0.33 -15.01 32.07
C CYS E 636 0.91 -15.84 32.31
N CYS E 637 0.77 -17.11 31.96
CA CYS E 637 1.91 -17.96 32.18
C CYS E 637 2.71 -17.69 30.95
N ILE E 638 3.76 -16.91 31.14
CA ILE E 638 4.49 -16.35 30.03
C ILE E 638 5.85 -16.98 30.05
N ASP E 639 6.06 -17.87 29.11
CA ASP E 639 7.29 -18.61 29.12
C ASP E 639 8.39 -17.70 28.62
N GLU E 640 9.61 -18.03 29.01
CA GLU E 640 10.82 -17.47 28.42
C GLU E 640 10.67 -15.98 28.21
N PHE E 641 10.43 -15.28 29.31
CA PHE E 641 10.51 -13.84 29.26
C PHE E 641 11.79 -13.42 28.59
N ASP E 642 12.80 -14.26 28.68
CA ASP E 642 14.05 -14.04 27.98
C ASP E 642 13.78 -13.63 26.55
N LYS E 643 12.81 -14.23 25.89
CA LYS E 643 12.59 -13.91 24.49
C LYS E 643 11.91 -12.58 24.30
N MET E 644 11.77 -11.89 25.42
CA MET E 644 11.23 -10.56 25.49
C MET E 644 12.29 -9.71 24.80
N ASP E 645 13.55 -10.08 25.03
CA ASP E 645 14.69 -9.37 24.49
C ASP E 645 14.54 -8.00 25.13
N ILE E 646 14.55 -6.96 24.31
CA ILE E 646 14.40 -5.64 24.84
C ILE E 646 13.04 -5.05 24.52
N SER E 647 12.00 -5.83 24.16
CA SER E 647 10.85 -5.02 23.84
C SER E 647 9.86 -4.98 24.98
N ASP E 648 9.75 -6.05 25.73
CA ASP E 648 8.67 -6.18 26.67
C ASP E 648 8.88 -5.37 27.93
N GLN E 649 10.12 -5.11 28.29
CA GLN E 649 10.34 -4.30 29.47
C GLN E 649 9.45 -3.08 29.44
N VAL E 650 9.28 -2.49 28.28
CA VAL E 650 8.22 -1.53 28.08
C VAL E 650 6.89 -2.05 28.59
N ALA E 651 6.55 -3.29 28.29
CA ALA E 651 5.24 -3.75 28.66
C ALA E 651 5.11 -3.87 30.17
N ILE E 652 6.18 -4.35 30.81
CA ILE E 652 6.11 -4.60 32.23
C ILE E 652 5.60 -3.38 32.95
N HIS E 653 5.89 -2.22 32.40
CA HIS E 653 5.53 -0.99 33.06
C HIS E 653 4.07 -0.94 33.42
N GLU E 654 3.21 -0.74 32.43
CA GLU E 654 1.78 -0.68 32.68
C GLU E 654 1.38 -1.97 33.35
N ALA E 655 1.89 -3.06 32.79
CA ALA E 655 1.67 -4.35 33.38
C ALA E 655 1.89 -4.33 34.87
N MET E 656 3.10 -4.07 35.30
CA MET E 656 3.35 -3.86 36.70
C MET E 656 2.65 -2.63 37.22
N GLU E 657 2.05 -1.83 36.35
CA GLU E 657 1.54 -0.60 36.93
C GLU E 657 0.07 -0.73 37.21
N GLN E 658 -0.74 -0.39 36.22
CA GLN E 658 -2.16 -0.49 36.45
C GLN E 658 -2.68 -1.65 35.67
N GLN E 659 -1.77 -2.29 34.96
CA GLN E 659 -2.17 -3.11 33.84
C GLN E 659 -3.15 -2.33 32.99
N THR E 660 -2.95 -1.05 32.98
CA THR E 660 -3.62 -0.20 32.03
C THR E 660 -3.10 -0.58 30.67
N ILE E 661 -3.95 -0.48 29.67
CA ILE E 661 -3.44 -0.72 28.33
C ILE E 661 -3.68 0.52 27.49
N SER E 662 -2.60 1.23 27.24
CA SER E 662 -2.53 2.66 26.96
C SER E 662 -3.02 3.08 25.58
N ILE E 663 -3.46 2.11 24.79
CA ILE E 663 -3.26 2.14 23.35
C ILE E 663 -3.63 3.50 22.76
N ALA E 664 -2.69 4.07 22.02
CA ALA E 664 -3.00 5.00 20.94
C ALA E 664 -2.24 4.50 19.72
N LYS E 665 -2.97 3.94 18.77
CA LYS E 665 -2.50 3.87 17.41
C LYS E 665 -2.92 5.13 16.71
N ALA E 666 -3.44 6.06 17.50
CA ALA E 666 -4.14 7.28 17.15
C ALA E 666 -5.51 6.93 16.62
N GLY E 667 -5.79 5.67 16.32
CA GLY E 667 -7.16 5.31 16.07
C GLY E 667 -8.00 5.66 17.26
N ILE E 668 -7.42 5.49 18.44
CA ILE E 668 -7.92 6.12 19.63
C ILE E 668 -6.74 6.09 20.58
N HIS E 669 -6.78 6.92 21.58
CA HIS E 669 -5.88 6.81 22.70
C HIS E 669 -6.69 6.19 23.82
N ALA E 670 -6.39 4.95 24.17
CA ALA E 670 -7.22 4.25 25.14
C ALA E 670 -6.36 3.42 26.07
N THR E 671 -6.56 3.62 27.37
CA THR E 671 -5.90 2.86 28.40
C THR E 671 -6.84 1.75 28.84
N LEU E 672 -6.44 0.51 28.65
CA LEU E 672 -7.24 -0.60 29.11
C LEU E 672 -6.61 -1.16 30.38
N ASN E 673 -7.26 -0.92 31.51
CA ASN E 673 -6.78 -1.50 32.76
C ASN E 673 -6.81 -3.01 32.66
N ALA E 674 -6.02 -3.66 33.50
CA ALA E 674 -6.07 -5.11 33.55
C ALA E 674 -5.69 -5.54 34.95
N ARG E 675 -6.09 -6.74 35.32
CA ARG E 675 -5.58 -7.38 36.52
C ARG E 675 -5.31 -8.84 36.19
N THR E 676 -4.04 -9.23 36.13
CA THR E 676 -3.71 -10.58 35.72
C THR E 676 -2.50 -11.07 36.52
N SER E 677 -2.59 -12.27 37.08
CA SER E 677 -1.47 -12.78 37.85
C SER E 677 -0.28 -13.01 36.94
N ILE E 678 0.91 -12.91 37.48
CA ILE E 678 2.09 -13.10 36.69
C ILE E 678 2.65 -14.45 37.04
N LEU E 679 2.50 -15.38 36.12
CA LEU E 679 3.22 -16.63 36.16
C LEU E 679 4.28 -16.51 35.09
N ALA E 680 5.54 -16.38 35.50
CA ALA E 680 6.53 -15.79 34.61
C ALA E 680 7.75 -16.70 34.57
N ALA E 681 8.69 -16.46 33.63
CA ALA E 681 9.90 -17.26 33.59
C ALA E 681 10.98 -16.81 32.60
N ALA E 682 12.20 -17.24 32.92
CA ALA E 682 13.39 -16.93 32.16
C ALA E 682 14.48 -17.92 32.56
N ASN E 683 15.49 -18.02 31.72
CA ASN E 683 16.65 -18.81 32.08
C ASN E 683 17.69 -17.95 32.78
N PRO E 684 18.59 -18.56 33.53
CA PRO E 684 19.72 -17.78 34.04
C PRO E 684 20.69 -17.51 32.90
N VAL E 685 21.69 -16.69 33.21
CA VAL E 685 22.56 -16.17 32.16
C VAL E 685 23.26 -17.31 31.42
N GLY E 686 24.11 -18.02 32.14
CA GLY E 686 24.99 -19.01 31.58
C GLY E 686 24.56 -20.44 31.82
N GLY E 687 23.27 -20.71 31.90
CA GLY E 687 22.85 -21.96 32.49
C GLY E 687 22.64 -21.69 33.95
N ARG E 688 22.94 -22.64 34.81
CA ARG E 688 22.71 -22.35 36.21
C ARG E 688 23.93 -21.58 36.67
N TYR E 689 23.80 -20.27 36.71
CA TYR E 689 24.88 -19.40 37.12
C TYR E 689 24.77 -19.03 38.57
N ASN E 690 23.65 -19.34 39.17
CA ASN E 690 23.25 -18.69 40.38
C ASN E 690 24.07 -19.12 41.57
N ARG E 691 24.96 -20.09 41.40
CA ARG E 691 25.49 -20.76 42.57
C ARG E 691 26.41 -19.83 43.36
N LYS E 692 27.53 -19.45 42.78
CA LYS E 692 28.28 -18.39 43.44
C LYS E 692 27.69 -17.05 43.07
N LEU E 693 27.34 -16.91 41.80
CA LEU E 693 26.93 -15.62 41.27
C LEU E 693 25.66 -15.15 41.96
N SER E 694 25.62 -13.84 42.23
CA SER E 694 24.44 -13.24 42.83
C SER E 694 23.28 -13.29 41.86
N LEU E 695 22.14 -13.73 42.38
CA LEU E 695 20.91 -13.85 41.60
C LEU E 695 20.65 -12.60 40.78
N ARG E 696 20.47 -11.47 41.43
CA ARG E 696 20.44 -10.22 40.71
C ARG E 696 21.69 -10.16 39.85
N GLY E 697 21.47 -9.95 38.58
CA GLY E 697 22.60 -9.93 37.69
C GLY E 697 23.05 -11.33 37.35
N ASN E 698 22.73 -12.34 38.16
CA ASN E 698 22.74 -13.68 37.62
C ASN E 698 21.46 -13.97 36.88
N LEU E 699 20.39 -13.32 37.30
CA LEU E 699 19.21 -13.27 36.49
C LEU E 699 19.35 -12.26 35.39
N ASN E 700 20.01 -11.15 35.68
CA ASN E 700 20.06 -10.05 34.73
C ASN E 700 18.66 -9.54 34.42
N MET E 701 18.17 -9.83 33.20
CA MET E 701 17.45 -8.90 32.35
C MET E 701 16.41 -7.95 32.95
N THR E 702 15.42 -8.42 33.72
CA THR E 702 14.31 -7.53 34.06
C THR E 702 14.85 -6.32 34.77
N ALA E 703 14.64 -5.15 34.22
CA ALA E 703 15.51 -4.16 34.81
C ALA E 703 15.00 -3.68 36.16
N PRO E 704 14.12 -2.70 36.16
CA PRO E 704 13.41 -2.36 37.38
C PRO E 704 12.25 -3.29 37.59
N ILE E 705 11.68 -3.75 36.49
CA ILE E 705 10.54 -4.64 36.52
C ILE E 705 10.97 -5.84 37.34
N MET E 706 12.27 -6.07 37.35
CA MET E 706 12.81 -7.00 38.31
C MET E 706 12.20 -6.67 39.65
N SER E 707 12.39 -5.42 40.09
CA SER E 707 11.95 -5.03 41.42
C SER E 707 10.47 -5.27 41.60
N ARG E 708 9.74 -5.46 40.51
CA ARG E 708 8.32 -5.70 40.62
C ARG E 708 7.98 -7.12 41.06
N PHE E 709 8.97 -8.00 41.15
CA PHE E 709 8.68 -9.40 41.50
C PHE E 709 8.73 -9.73 42.99
N ASP E 710 7.56 -10.11 43.52
CA ASP E 710 7.40 -10.49 44.91
C ASP E 710 8.13 -11.75 45.38
N LEU E 711 8.12 -12.79 44.54
CA LEU E 711 8.77 -14.05 44.91
C LEU E 711 9.63 -14.71 43.84
N PHE E 712 10.55 -15.55 44.29
CA PHE E 712 11.46 -16.25 43.41
C PHE E 712 11.94 -17.55 44.03
N PHE E 713 11.82 -18.62 43.28
CA PHE E 713 12.36 -19.91 43.68
C PHE E 713 13.46 -20.25 42.70
N VAL E 714 14.67 -20.36 43.22
CA VAL E 714 15.83 -20.70 42.41
C VAL E 714 15.94 -22.21 42.35
N ILE E 715 16.03 -22.76 41.14
CA ILE E 715 16.10 -24.20 40.95
C ILE E 715 17.49 -24.57 40.48
N LEU E 716 18.15 -25.44 41.24
CA LEU E 716 19.39 -26.06 40.82
C LEU E 716 19.31 -27.54 41.12
N ASP E 717 20.06 -28.33 40.38
CA ASP E 717 19.96 -29.79 40.44
C ASP E 717 21.30 -30.39 40.86
N ASP E 718 21.33 -30.95 42.06
CA ASP E 718 22.45 -31.74 42.54
C ASP E 718 21.93 -33.14 42.85
N CYS E 719 22.58 -34.15 42.30
CA CYS E 719 22.04 -35.49 42.45
C CYS E 719 22.31 -35.99 43.86
N ASN E 720 21.24 -36.25 44.59
CA ASN E 720 21.32 -37.23 45.63
C ASN E 720 20.86 -38.38 44.79
N GLU E 721 21.77 -39.27 44.46
CA GLU E 721 21.35 -40.37 43.61
C GLU E 721 20.31 -41.12 44.39
N LYS E 722 20.28 -40.90 45.69
CA LYS E 722 19.04 -41.08 46.41
C LYS E 722 17.93 -40.34 45.71
N ILE E 723 17.97 -39.02 45.76
CA ILE E 723 16.93 -38.23 45.13
C ILE E 723 16.90 -38.54 43.65
N ASP E 724 18.07 -38.45 43.02
CA ASP E 724 18.13 -38.74 41.60
C ASP E 724 17.36 -40.00 41.31
N THR E 725 17.70 -41.04 42.03
CA THR E 725 16.97 -42.28 41.95
C THR E 725 15.48 -42.05 42.15
N GLU E 726 15.14 -41.23 43.11
CA GLU E 726 13.74 -41.06 43.46
C GLU E 726 12.97 -40.57 42.27
N LEU E 727 13.23 -39.32 41.89
CA LEU E 727 12.58 -38.79 40.72
C LEU E 727 12.65 -39.78 39.60
N ALA E 728 13.80 -40.42 39.48
CA ALA E 728 13.93 -41.42 38.44
C ALA E 728 12.77 -42.39 38.49
N SER E 729 12.59 -43.02 39.63
CA SER E 729 11.47 -43.91 39.77
C SER E 729 10.18 -43.22 39.40
N HIS E 730 9.96 -42.06 40.01
CA HIS E 730 8.75 -41.31 39.78
C HIS E 730 8.46 -41.25 38.30
N ILE E 731 9.36 -40.62 37.59
CA ILE E 731 9.26 -40.55 36.17
C ILE E 731 8.93 -41.90 35.61
N VAL E 732 9.72 -42.90 35.94
CA VAL E 732 9.58 -44.17 35.27
C VAL E 732 8.14 -44.62 35.33
N ASP E 733 7.62 -44.70 36.53
CA ASP E 733 6.24 -45.09 36.70
C ASP E 733 5.36 -44.24 35.83
N LEU E 734 5.60 -42.95 35.85
CA LEU E 734 4.82 -42.10 34.99
C LEU E 734 4.93 -42.56 33.56
N HIS E 735 6.15 -42.64 33.06
CA HIS E 735 6.39 -43.18 31.75
C HIS E 735 5.64 -44.46 31.55
N MET E 736 5.71 -45.34 32.54
CA MET E 736 4.82 -46.47 32.45
C MET E 736 3.43 -45.88 32.36
N LYS E 737 2.79 -46.12 31.23
CA LYS E 737 1.47 -45.57 31.04
C LYS E 737 0.61 -45.94 32.22
N ARG E 738 0.69 -47.20 32.59
CA ARG E 738 0.04 -47.68 33.73
C ARG E 738 1.12 -48.36 34.54
N ASP E 739 0.86 -48.57 35.81
CA ASP E 739 -0.29 -47.94 36.41
C ASP E 739 0.26 -46.80 37.18
N GLU E 740 -0.25 -45.62 36.91
CA GLU E 740 0.11 -44.49 37.72
C GLU E 740 -0.96 -44.35 38.79
N ALA E 741 -0.60 -44.64 40.03
CA ALA E 741 -1.38 -44.04 41.10
C ALA E 741 -0.63 -42.80 41.51
N ILE E 742 -0.92 -41.76 40.75
CA ILE E 742 -0.49 -40.44 41.10
C ILE E 742 -1.82 -39.76 41.27
N GLU E 743 -2.24 -39.62 42.46
CA GLU E 743 -3.51 -38.98 42.57
C GLU E 743 -3.45 -37.98 43.71
N PRO E 744 -4.00 -36.79 43.52
CA PRO E 744 -3.76 -35.73 44.46
C PRO E 744 -4.42 -36.05 45.77
N PRO E 745 -3.79 -35.69 46.88
CA PRO E 745 -4.44 -35.90 48.16
C PRO E 745 -5.88 -35.42 48.12
N PHE E 746 -6.12 -34.31 47.45
CA PHE E 746 -7.47 -33.84 47.21
C PHE E 746 -7.82 -34.03 45.75
N SER E 747 -9.07 -34.38 45.47
CA SER E 747 -9.49 -34.50 44.08
C SER E 747 -9.38 -33.16 43.38
N ALA E 748 -8.94 -33.20 42.13
CA ALA E 748 -8.61 -31.96 41.45
C ALA E 748 -9.86 -31.16 41.12
N GLU E 749 -10.83 -31.79 40.47
CA GLU E 749 -12.08 -31.10 40.27
C GLU E 749 -12.53 -30.49 41.56
N GLN E 750 -12.55 -31.32 42.60
CA GLN E 750 -12.81 -30.83 43.93
C GLN E 750 -11.98 -29.61 44.20
N LEU E 751 -10.71 -29.66 43.85
CA LEU E 751 -9.89 -28.49 44.05
C LEU E 751 -10.53 -27.28 43.40
N ARG E 752 -10.61 -27.27 42.07
CA ARG E 752 -11.10 -26.10 41.38
C ARG E 752 -12.34 -25.57 42.04
N ARG E 753 -13.25 -26.46 42.37
CA ARG E 753 -14.41 -26.04 43.15
C ARG E 753 -13.97 -25.29 44.39
N TYR E 754 -13.13 -25.91 45.19
CA TYR E 754 -12.71 -25.27 46.41
C TYR E 754 -12.16 -23.90 46.10
N ILE E 755 -11.35 -23.83 45.07
CA ILE E 755 -10.79 -22.56 44.64
C ILE E 755 -11.88 -21.53 44.59
N LYS E 756 -12.97 -21.87 43.92
CA LYS E 756 -14.12 -21.01 43.94
C LYS E 756 -14.42 -20.60 45.37
N TYR E 757 -14.44 -21.56 46.28
CA TYR E 757 -14.76 -21.19 47.65
C TYR E 757 -13.78 -20.17 48.19
N ALA E 758 -12.49 -20.46 48.08
CA ALA E 758 -11.49 -19.63 48.73
C ALA E 758 -11.61 -18.20 48.30
N ARG E 759 -11.81 -17.99 47.00
CA ARG E 759 -12.00 -16.63 46.54
C ARG E 759 -13.07 -15.94 47.38
N THR E 760 -14.14 -16.65 47.70
CA THR E 760 -15.27 -16.03 48.37
C THR E 760 -14.85 -15.39 49.68
N PHE E 761 -13.99 -16.06 50.42
CA PHE E 761 -13.58 -15.51 51.70
C PHE E 761 -12.74 -14.26 51.49
N LYS E 762 -12.86 -13.32 52.42
CA LYS E 762 -12.14 -12.06 52.38
C LYS E 762 -11.51 -11.83 53.75
N PRO E 763 -10.29 -12.31 53.95
CA PRO E 763 -9.72 -12.31 55.29
C PRO E 763 -9.68 -10.95 55.96
N ILE E 764 -9.88 -10.99 57.26
CA ILE E 764 -9.45 -9.95 58.17
C ILE E 764 -8.06 -10.50 58.51
N LEU E 765 -7.31 -10.10 59.52
CA LEU E 765 -7.72 -9.77 60.86
C LEU E 765 -6.82 -8.70 61.34
N THR E 766 -6.89 -8.46 62.63
CA THR E 766 -6.23 -7.29 63.17
C THR E 766 -5.65 -7.60 64.52
N LYS E 767 -4.49 -6.99 64.75
CA LYS E 767 -3.78 -6.81 66.01
C LYS E 767 -2.67 -7.70 66.57
N GLU E 768 -2.36 -8.94 66.19
CA GLU E 768 -3.15 -9.98 65.54
C GLU E 768 -3.66 -9.82 64.11
N ALA E 769 -2.71 -9.83 63.19
CA ALA E 769 -1.38 -10.26 63.56
C ALA E 769 -0.47 -9.09 63.74
N ARG E 770 -1.05 -7.91 63.56
CA ARG E 770 -0.25 -6.73 63.24
C ARG E 770 0.95 -6.64 64.14
N SER E 771 0.73 -6.76 65.43
CA SER E 771 1.83 -6.79 66.37
C SER E 771 2.83 -7.86 65.99
N TYR E 772 2.39 -9.11 66.02
CA TYR E 772 3.26 -10.24 65.74
C TYR E 772 4.06 -9.99 64.48
N LEU E 773 3.34 -9.64 63.42
CA LEU E 773 4.02 -9.40 62.15
C LEU E 773 5.07 -8.33 62.30
N VAL E 774 4.70 -7.18 62.85
CA VAL E 774 5.64 -6.07 62.94
C VAL E 774 6.96 -6.54 63.51
N GLU E 775 6.88 -7.25 64.64
CA GLU E 775 8.09 -7.87 65.15
C GLU E 775 8.75 -8.72 64.09
N LYS E 776 7.94 -9.49 63.37
CA LYS E 776 8.50 -10.42 62.41
C LYS E 776 9.30 -9.69 61.34
N TYR E 777 8.67 -8.76 60.63
CA TYR E 777 9.38 -8.00 59.62
C TYR E 777 10.63 -7.39 60.20
N LYS E 778 10.49 -6.68 61.32
CA LYS E 778 11.62 -6.03 61.94
C LYS E 778 12.76 -7.01 62.14
N GLU E 779 12.42 -8.22 62.52
CA GLU E 779 13.44 -9.23 62.62
C GLU E 779 13.83 -9.71 61.23
N LEU E 780 12.97 -9.50 60.27
CA LEU E 780 13.13 -10.26 59.08
C LEU E 780 14.18 -9.50 58.37
N ARG E 781 13.78 -8.40 57.75
CA ARG E 781 14.33 -7.12 58.08
C ARG E 781 15.71 -7.20 58.62
N LYS E 782 15.83 -6.72 59.85
CA LYS E 782 17.12 -6.62 60.51
C LYS E 782 17.91 -7.90 60.35
N ASP E 783 17.28 -9.01 60.70
CA ASP E 783 17.89 -10.30 60.48
C ASP E 783 18.43 -10.39 59.08
N ASP E 784 17.58 -10.09 58.10
CA ASP E 784 18.05 -10.14 56.72
C ASP E 784 19.28 -9.28 56.54
N ALA E 785 19.20 -8.02 56.96
CA ALA E 785 20.23 -7.07 56.64
C ALA E 785 21.58 -7.51 57.17
N GLN E 786 21.62 -7.85 58.43
CA GLN E 786 22.88 -8.03 59.06
C GLN E 786 23.14 -9.50 59.10
N GLY E 787 24.40 -9.88 59.01
CA GLY E 787 25.51 -8.93 59.08
C GLY E 787 25.87 -8.28 57.77
N SER E 789 26.04 -11.07 57.04
CA SER E 789 26.11 -10.83 55.61
C SER E 789 24.72 -10.92 55.04
N ARG E 790 24.62 -10.76 53.72
CA ARG E 790 23.33 -10.81 53.05
C ARG E 790 23.41 -11.60 51.76
N SER E 791 22.44 -12.50 51.60
CA SER E 791 22.23 -13.27 50.37
C SER E 791 22.07 -12.39 49.15
N SER E 792 20.91 -11.74 49.04
CA SER E 792 20.65 -10.76 48.01
C SER E 792 19.87 -9.61 48.62
N TYR E 793 19.75 -8.57 47.82
CA TYR E 793 19.07 -7.38 48.24
C TYR E 793 17.65 -7.71 48.64
N ARG E 794 17.10 -6.95 49.56
CA ARG E 794 17.80 -5.80 50.12
C ARG E 794 17.91 -5.85 51.64
N ILE E 795 16.80 -5.88 52.38
CA ILE E 795 15.47 -6.15 51.88
C ILE E 795 14.61 -4.92 51.92
N THR E 796 14.15 -4.51 50.75
CA THR E 796 13.22 -3.40 50.71
C THR E 796 11.92 -3.80 51.39
N VAL E 797 11.19 -2.80 51.84
CA VAL E 797 9.94 -3.08 52.54
C VAL E 797 8.94 -3.70 51.60
N ARG E 798 9.04 -3.40 50.31
CA ARG E 798 8.10 -3.93 49.36
C ARG E 798 8.07 -5.43 49.54
N GLN E 799 9.17 -5.94 50.07
CA GLN E 799 9.08 -7.22 50.73
C GLN E 799 7.86 -7.25 51.62
N LEU E 800 7.87 -6.46 52.68
CA LEU E 800 6.74 -6.48 53.60
C LEU E 800 5.44 -6.39 52.85
N GLU E 801 5.39 -5.56 51.81
CA GLU E 801 4.21 -5.54 50.97
C GLU E 801 3.86 -6.95 50.54
N SER E 802 4.83 -7.61 49.94
CA SER E 802 4.63 -9.01 49.67
C SER E 802 4.10 -9.67 50.92
N MET E 803 4.80 -9.51 52.03
CA MET E 803 4.42 -10.21 53.25
C MET E 803 2.95 -10.08 53.47
N ILE E 804 2.43 -8.88 53.32
CA ILE E 804 1.00 -8.68 53.33
C ILE E 804 0.34 -9.64 52.38
N ARG E 805 0.63 -9.49 51.09
CA ARG E 805 -0.02 -10.34 50.12
C ARG E 805 0.07 -11.79 50.53
N LEU E 806 1.25 -12.19 50.96
CA LEU E 806 1.51 -13.56 51.36
C LEU E 806 0.53 -13.99 52.42
N SER E 807 0.53 -13.26 53.51
CA SER E 807 -0.44 -13.52 54.55
C SER E 807 -1.80 -13.68 53.94
N GLU E 808 -2.16 -12.80 53.02
CA GLU E 808 -3.47 -12.87 52.43
C GLU E 808 -3.69 -14.22 51.79
N ALA E 809 -2.68 -14.76 51.16
CA ALA E 809 -2.84 -16.10 50.63
C ALA E 809 -3.01 -17.10 51.76
N ILE E 810 -2.25 -16.95 52.84
CA ILE E 810 -2.27 -17.95 53.90
C ILE E 810 -3.63 -17.97 54.58
N ALA E 811 -4.06 -16.81 55.06
CA ALA E 811 -5.41 -16.70 55.60
C ALA E 811 -6.43 -17.15 54.57
N ARG E 812 -6.20 -16.77 53.32
CA ARG E 812 -7.08 -17.23 52.26
C ARG E 812 -7.22 -18.74 52.32
N ALA E 813 -6.10 -19.42 52.55
CA ALA E 813 -6.15 -20.85 52.78
C ALA E 813 -6.99 -21.14 53.99
N ASN E 814 -6.71 -20.46 55.10
CA ASN E 814 -7.55 -20.59 56.26
C ASN E 814 -8.99 -20.29 55.90
N CYS E 815 -9.22 -19.36 54.97
CA CYS E 815 -10.54 -18.97 54.51
C CYS E 815 -11.28 -18.27 55.64
N VAL E 816 -10.62 -18.04 56.76
CA VAL E 816 -11.26 -17.86 58.05
C VAL E 816 -12.53 -16.98 58.10
N ASP E 817 -12.55 -15.76 57.55
CA ASP E 817 -11.44 -15.16 56.84
C ASP E 817 -10.88 -14.07 57.72
N GLU E 818 -9.75 -14.38 58.33
CA GLU E 818 -9.10 -13.50 59.27
C GLU E 818 -7.66 -13.95 59.40
N ILE E 819 -6.84 -13.06 59.90
CA ILE E 819 -5.40 -13.29 59.94
C ILE E 819 -4.99 -13.84 61.30
N THR E 820 -3.99 -14.72 61.29
CA THR E 820 -3.43 -15.29 62.50
C THR E 820 -1.91 -15.21 62.44
N PRO E 821 -1.26 -14.87 63.55
CA PRO E 821 0.21 -14.78 63.54
C PRO E 821 0.83 -16.06 63.03
N SER E 822 0.10 -17.16 63.19
CA SER E 822 0.50 -18.39 62.53
C SER E 822 0.69 -18.17 61.04
N PHE E 823 -0.39 -17.83 60.35
CA PHE E 823 -0.34 -17.57 58.93
C PHE E 823 0.83 -16.66 58.64
N ILE E 824 0.94 -15.60 59.42
CA ILE E 824 2.04 -14.63 59.32
C ILE E 824 3.36 -15.37 59.26
N ALA E 825 3.66 -16.04 60.36
CA ALA E 825 4.91 -16.76 60.49
C ALA E 825 5.17 -17.60 59.25
N GLU E 826 4.14 -18.27 58.75
CA GLU E 826 4.31 -19.07 57.55
C GLU E 826 4.81 -18.22 56.40
N ALA E 827 4.08 -17.17 56.09
CA ALA E 827 4.51 -16.25 55.06
C ALA E 827 5.98 -15.92 55.23
N TYR E 828 6.31 -15.30 56.37
CA TYR E 828 7.69 -14.91 56.61
C TYR E 828 8.62 -16.08 56.43
N ASP E 829 8.13 -17.27 56.72
CA ASP E 829 9.00 -18.43 56.63
C ASP E 829 9.37 -18.67 55.19
N LEU E 830 8.37 -18.88 54.35
CA LEU E 830 8.64 -19.13 52.96
C LEU E 830 9.43 -17.99 52.38
N LEU E 831 9.04 -16.79 52.74
CA LEU E 831 9.81 -15.63 52.38
C LEU E 831 11.27 -15.86 52.70
N ARG E 832 11.55 -16.01 53.98
CA ARG E 832 12.90 -16.25 54.44
C ARG E 832 13.54 -17.31 53.59
N GLN E 833 12.76 -18.32 53.23
CA GLN E 833 13.27 -19.34 52.35
C GLN E 833 13.80 -18.74 51.06
N SER E 834 12.99 -17.98 50.35
CA SER E 834 13.44 -17.45 49.06
C SER E 834 14.68 -16.57 49.24
N ILE E 835 14.70 -15.77 50.30
CA ILE E 835 15.81 -14.84 50.44
C ILE E 835 17.10 -15.59 50.72
N ILE E 836 17.10 -16.46 51.72
CA ILE E 836 18.28 -17.25 51.99
C ILE E 836 18.70 -17.99 50.75
N ARG E 837 17.72 -18.41 49.96
CA ARG E 837 18.02 -18.91 48.64
C ARG E 837 18.91 -17.93 47.90
N VAL E 838 18.63 -16.64 48.03
CA VAL E 838 19.45 -15.68 47.30
C VAL E 838 20.91 -15.68 47.74
N ASP E 839 21.25 -16.42 48.80
CA ASP E 839 22.62 -16.41 49.28
C ASP E 839 23.57 -17.11 48.36
N VAL E 840 23.05 -18.02 47.55
CA VAL E 840 23.84 -18.64 46.53
C VAL E 840 24.97 -19.40 47.19
N TYR E 906 38.74 -19.64 53.58
CA TYR E 906 38.85 -18.81 54.76
C TYR E 906 37.73 -17.80 54.75
N ASP E 907 37.12 -17.71 53.57
CA ASP E 907 36.09 -16.73 53.28
C ASP E 907 35.01 -16.64 54.35
N LYS E 908 34.60 -17.77 54.93
CA LYS E 908 33.60 -17.72 55.98
C LYS E 908 34.20 -17.13 57.24
N TYR E 909 35.31 -17.72 57.70
CA TYR E 909 36.08 -17.09 58.75
C TYR E 909 36.30 -15.64 58.40
N VAL E 910 36.75 -15.38 57.19
CA VAL E 910 36.92 -14.01 56.75
C VAL E 910 35.66 -13.21 57.02
N SER E 911 34.50 -13.81 56.80
CA SER E 911 33.26 -13.10 57.04
C SER E 911 33.08 -12.81 58.51
N MET E 912 33.34 -13.80 59.34
CA MET E 912 33.20 -13.60 60.76
C MET E 912 34.13 -12.51 61.24
N MET E 913 35.42 -12.70 61.02
CA MET E 913 36.40 -11.70 61.36
C MET E 913 36.01 -10.34 60.84
N ASN E 914 35.47 -10.29 59.63
CA ASN E 914 34.89 -9.07 59.12
C ASN E 914 33.88 -8.54 60.10
N MET E 915 33.04 -9.41 60.62
CA MET E 915 32.04 -8.94 61.54
C MET E 915 32.66 -8.41 62.81
N ILE E 916 33.57 -9.16 63.41
CA ILE E 916 34.21 -8.70 64.65
C ILE E 916 34.88 -7.36 64.41
N VAL E 917 35.47 -7.21 63.24
CA VAL E 917 36.21 -6.00 62.92
C VAL E 917 35.26 -4.84 62.75
N ARG E 918 34.24 -5.03 61.94
CA ARG E 918 33.20 -4.03 61.79
C ARG E 918 32.70 -3.60 63.15
N LYS E 919 32.30 -4.57 63.95
CA LYS E 919 31.74 -4.31 65.26
C LYS E 919 32.70 -3.51 66.11
N ILE E 920 33.91 -4.01 66.27
CA ILE E 920 34.87 -3.32 67.13
C ILE E 920 35.18 -1.94 66.57
N ALA E 921 35.07 -1.78 65.26
CA ALA E 921 35.42 -0.52 64.65
C ALA E 921 34.37 0.54 64.92
N GLU E 922 33.14 0.24 64.54
CA GLU E 922 32.06 1.16 64.84
C GLU E 922 31.97 1.41 66.33
N VAL E 923 32.01 0.34 67.11
CA VAL E 923 31.93 0.44 68.55
C VAL E 923 33.05 1.28 69.11
N ASP E 924 34.27 1.08 68.66
CA ASP E 924 35.40 1.89 69.10
C ASP E 924 35.16 3.35 68.74
N ARG E 925 34.82 3.59 67.47
CA ARG E 925 34.34 4.90 67.11
C ARG E 925 33.16 5.29 67.98
N THR E 932 45.04 2.71 66.68
CA THR E 932 46.32 2.03 66.71
C THR E 932 46.02 0.55 66.59
N ALA E 933 46.59 -0.10 65.57
CA ALA E 933 46.17 -1.44 65.19
C ALA E 933 46.21 -2.43 66.36
N VAL E 934 47.23 -2.29 67.20
CA VAL E 934 47.40 -3.22 68.31
C VAL E 934 46.16 -3.23 69.18
N ASP E 935 45.55 -2.06 69.38
CA ASP E 935 44.42 -1.97 70.29
C ASP E 935 43.24 -2.79 69.80
N ILE E 936 43.01 -2.81 68.49
CA ILE E 936 41.97 -3.69 67.97
C ILE E 936 42.37 -5.13 68.20
N VAL E 937 43.61 -5.48 67.84
CA VAL E 937 44.06 -6.85 68.06
C VAL E 937 43.74 -7.27 69.49
N ASP E 938 44.04 -6.39 70.43
CA ASP E 938 43.96 -6.74 71.83
C ASP E 938 42.53 -6.70 72.34
N TRP E 939 41.73 -5.76 71.86
CA TRP E 939 40.36 -5.66 72.36
C TRP E 939 39.51 -6.76 71.79
N TYR E 940 39.67 -7.06 70.52
CA TYR E 940 38.88 -8.11 69.91
C TYR E 940 39.40 -9.48 70.24
N LEU E 941 40.68 -9.63 70.54
CA LEU E 941 41.14 -10.87 71.14
C LEU E 941 40.76 -10.97 72.59
N LEU E 942 40.59 -9.83 73.26
CA LEU E 942 39.98 -9.82 74.59
C LEU E 942 38.56 -10.31 74.50
N GLN E 943 37.81 -9.76 73.57
CA GLN E 943 36.46 -10.23 73.28
C GLN E 943 36.48 -11.72 72.95
N LYS E 944 37.44 -12.13 72.12
CA LYS E 944 37.45 -13.48 71.59
C LYS E 944 37.82 -14.53 72.63
N GLU E 945 38.64 -14.16 73.62
CA GLU E 945 39.02 -15.13 74.64
C GLU E 945 37.80 -15.72 75.32
N ASN E 946 36.72 -14.95 75.43
CA ASN E 946 35.46 -15.48 75.91
C ASN E 946 35.01 -16.71 75.13
N ASP E 947 35.29 -16.73 73.83
CA ASP E 947 35.00 -17.87 72.98
C ASP E 947 36.23 -18.73 72.78
N LEU E 948 37.29 -18.51 73.55
CA LEU E 948 38.46 -19.36 73.33
C LEU E 948 38.08 -20.77 73.71
N GLY E 949 38.08 -21.66 72.71
CA GLY E 949 37.91 -23.07 72.96
C GLY E 949 39.23 -23.78 73.06
N SER E 950 40.30 -23.14 72.60
CA SER E 950 41.65 -23.68 72.73
C SER E 950 42.64 -22.52 72.77
N LEU E 951 43.72 -22.72 73.52
CA LEU E 951 44.85 -21.82 73.41
C LEU E 951 45.42 -21.85 72.00
N ALA E 952 45.38 -23.01 71.36
CA ALA E 952 45.70 -23.08 69.95
C ALA E 952 44.77 -22.20 69.14
N GLU E 953 43.52 -22.11 69.57
CA GLU E 953 42.59 -21.18 68.94
C GLU E 953 42.93 -19.76 69.31
N TYR E 954 43.38 -19.52 70.54
CA TYR E 954 43.87 -18.19 70.88
C TYR E 954 44.98 -17.77 69.92
N TRP E 955 45.92 -18.68 69.68
CA TRP E 955 47.05 -18.36 68.82
C TRP E 955 46.66 -18.35 67.36
N GLU E 956 45.63 -19.10 67.00
CA GLU E 956 45.18 -19.10 65.62
C GLU E 956 44.43 -17.82 65.30
N GLU E 957 43.49 -17.45 66.16
CA GLU E 957 42.79 -16.19 65.98
C GLU E 957 43.76 -15.03 66.05
N ARG E 958 44.73 -15.09 66.97
CA ARG E 958 45.78 -14.10 66.96
C ARG E 958 46.53 -14.12 65.63
N ARG E 959 46.73 -15.31 65.08
CA ARG E 959 47.50 -15.44 63.85
C ARG E 959 46.75 -14.84 62.67
N LEU E 960 45.46 -15.14 62.56
CA LEU E 960 44.65 -14.69 61.44
C LEU E 960 44.26 -13.24 61.57
N ALA E 961 44.13 -12.75 62.79
CA ALA E 961 44.00 -11.32 62.99
C ALA E 961 45.25 -10.61 62.56
N PHE E 962 46.40 -11.07 63.04
CA PHE E 962 47.66 -10.49 62.60
C PHE E 962 47.79 -10.55 61.09
N LYS E 963 47.38 -11.66 60.51
CA LYS E 963 47.47 -11.82 59.07
C LYS E 963 46.51 -10.88 58.37
N VAL E 964 45.32 -10.72 58.93
CA VAL E 964 44.30 -9.91 58.28
C VAL E 964 44.72 -8.46 58.33
N ILE E 965 45.04 -7.99 59.53
CA ILE E 965 45.65 -6.68 59.68
C ILE E 965 46.76 -6.51 58.67
N LYS E 966 47.65 -7.51 58.61
CA LYS E 966 48.70 -7.51 57.62
C LYS E 966 48.13 -7.35 56.23
N ARG E 967 46.92 -7.83 56.00
CA ARG E 967 46.35 -7.80 54.66
C ARG E 967 45.70 -6.48 54.31
N LEU E 968 44.91 -5.89 55.20
CA LEU E 968 44.27 -4.63 54.90
C LEU E 968 45.19 -3.46 55.21
N VAL E 969 46.41 -3.76 55.63
CA VAL E 969 47.46 -2.76 55.76
C VAL E 969 48.35 -2.88 54.54
N LYS E 970 48.96 -4.06 54.36
CA LYS E 970 49.74 -4.32 53.15
C LYS E 970 48.89 -4.23 51.90
N ASP E 971 47.59 -4.46 52.03
CA ASP E 971 46.67 -4.27 50.91
C ASP E 971 45.53 -3.36 51.33
N ARG E 972 44.57 -3.27 50.42
CA ARG E 972 43.85 -2.03 50.18
C ARG E 972 43.33 -1.35 51.42
N ILE E 973 42.66 -2.08 52.31
CA ILE E 973 41.69 -1.35 53.10
C ILE E 973 42.32 -0.82 54.37
N LEU E 974 42.57 0.48 54.38
CA LEU E 974 43.19 1.17 55.50
C LEU E 974 43.26 2.64 55.18
N MET E 975 43.61 3.42 56.19
CA MET E 975 44.11 4.77 55.98
C MET E 975 45.09 5.07 57.10
N GLU E 976 46.20 5.73 56.76
CA GLU E 976 47.26 6.02 57.70
C GLU E 976 47.61 7.51 57.61
N ILE E 977 47.22 8.29 58.62
CA ILE E 977 47.16 9.74 58.46
C ILE E 977 48.54 10.38 58.56
N HIS E 978 49.29 10.03 59.59
CA HIS E 978 50.71 10.40 59.65
C HIS E 978 51.44 9.23 60.29
N GLY E 979 52.47 8.74 59.58
CA GLY E 979 53.17 7.54 59.95
C GLY E 979 53.69 7.52 61.37
N THR E 980 53.95 8.72 61.92
CA THR E 980 54.27 8.82 63.33
C THR E 980 53.26 8.01 64.10
N ARG E 981 51.99 8.41 64.04
CA ARG E 981 50.94 7.63 64.67
C ARG E 981 50.57 6.42 63.82
N HIS E 982 50.48 6.62 62.52
CA HIS E 982 49.98 5.58 61.64
C HIS E 982 50.87 4.36 61.68
N MET F 1 -34.14 -18.89 -53.12
CA MET F 1 -34.31 -18.43 -54.50
C MET F 1 -33.08 -18.80 -55.33
N SER F 2 -33.31 -19.05 -56.62
CA SER F 2 -32.22 -19.12 -57.57
C SER F 2 -31.74 -17.71 -57.89
N ALA F 3 -30.53 -17.63 -58.44
CA ALA F 3 -29.85 -16.37 -58.78
C ALA F 3 -29.48 -15.61 -57.50
N ALA F 4 -29.88 -16.16 -56.36
CA ALA F 4 -29.37 -15.77 -55.05
C ALA F 4 -28.91 -17.04 -54.35
N LEU F 5 -27.75 -16.99 -53.71
CA LEU F 5 -27.14 -18.16 -53.11
C LEU F 5 -27.05 -19.28 -54.16
N PRO F 6 -26.24 -19.09 -55.19
CA PRO F 6 -26.28 -19.99 -56.33
C PRO F 6 -25.95 -21.41 -55.92
N SER F 7 -26.28 -22.33 -56.80
CA SER F 7 -25.79 -23.68 -56.72
C SER F 7 -24.68 -23.84 -57.73
N ILE F 8 -23.70 -24.66 -57.41
CA ILE F 8 -22.63 -24.96 -58.34
C ILE F 8 -22.35 -26.45 -58.28
N GLN F 9 -22.36 -27.10 -59.43
CA GLN F 9 -22.05 -28.51 -59.46
C GLN F 9 -20.56 -28.71 -59.28
N LEU F 10 -20.23 -29.78 -58.58
CA LEU F 10 -18.85 -30.15 -58.32
C LEU F 10 -18.69 -31.62 -58.63
N PRO F 11 -17.46 -32.07 -58.90
CA PRO F 11 -17.25 -33.50 -59.11
C PRO F 11 -17.63 -34.33 -57.90
N VAL F 12 -17.81 -33.71 -56.74
CA VAL F 12 -18.09 -34.44 -55.50
C VAL F 12 -19.53 -34.95 -55.53
N ASP F 13 -19.70 -36.25 -55.28
CA ASP F 13 -21.01 -36.89 -55.18
C ASP F 13 -21.08 -37.71 -53.90
N TYR F 14 -21.89 -37.24 -52.95
CA TYR F 14 -21.97 -37.90 -51.66
C TYR F 14 -22.86 -39.14 -51.69
N ASN F 15 -23.89 -39.11 -52.54
CA ASN F 15 -24.87 -40.19 -52.51
C ASN F 15 -24.19 -41.53 -52.68
N ASN F 16 -23.48 -41.70 -53.80
CA ASN F 16 -22.79 -42.96 -54.06
C ASN F 16 -21.75 -43.22 -53.01
N LEU F 17 -21.05 -42.17 -52.59
CA LEU F 17 -20.01 -42.35 -51.61
C LEU F 17 -20.55 -43.01 -50.36
N PHE F 18 -21.57 -42.42 -49.74
CA PHE F 18 -22.12 -42.97 -48.50
C PHE F 18 -22.38 -44.45 -48.63
N ASN F 19 -22.95 -44.83 -49.76
CA ASN F 19 -23.03 -46.24 -50.09
C ASN F 19 -21.67 -46.90 -49.99
N GLU F 20 -20.68 -46.35 -50.68
CA GLU F 20 -19.35 -46.96 -50.66
C GLU F 20 -18.87 -47.15 -49.22
N ILE F 21 -19.17 -46.18 -48.37
CA ILE F 21 -18.85 -46.27 -46.96
C ILE F 21 -19.47 -47.51 -46.37
N THR F 22 -20.79 -47.60 -46.46
CA THR F 22 -21.48 -48.78 -45.95
C THR F 22 -20.82 -50.06 -46.46
N ASP F 23 -20.32 -50.01 -47.70
CA ASP F 23 -19.68 -51.19 -48.28
C ASP F 23 -18.41 -51.56 -47.54
N PHE F 24 -17.47 -50.63 -47.43
CA PHE F 24 -16.22 -50.98 -46.77
C PHE F 24 -16.45 -51.28 -45.30
N LEU F 25 -17.51 -50.70 -44.74
CA LEU F 25 -17.71 -50.72 -43.32
C LEU F 25 -18.16 -52.09 -42.87
N VAL F 26 -17.36 -52.69 -42.00
CA VAL F 26 -17.72 -53.88 -41.25
C VAL F 26 -17.95 -55.00 -42.24
N THR F 27 -18.17 -54.62 -43.50
CA THR F 27 -17.95 -55.51 -44.62
C THR F 27 -16.58 -55.10 -45.08
N PHE F 28 -15.61 -55.85 -44.64
CA PHE F 28 -14.22 -55.56 -44.91
C PHE F 28 -13.54 -56.89 -44.96
N LYS F 29 -12.27 -56.89 -45.32
CA LYS F 29 -11.70 -58.16 -45.73
C LYS F 29 -10.40 -58.45 -44.98
N GLN F 30 -9.39 -57.63 -45.25
CA GLN F 30 -8.05 -57.89 -44.77
C GLN F 30 -8.05 -58.22 -43.28
N ASP F 31 -8.83 -57.47 -42.51
CA ASP F 31 -8.92 -57.68 -41.08
C ASP F 31 -10.36 -57.62 -40.60
N LYS F 59 -12.70 -64.63 -38.09
CA LYS F 59 -13.46 -64.65 -39.33
C LYS F 59 -14.23 -63.34 -39.56
N GLY F 60 -14.44 -62.57 -38.49
CA GLY F 60 -15.19 -61.34 -38.58
C GLY F 60 -14.42 -60.18 -39.17
N PRO F 61 -15.07 -59.36 -40.01
CA PRO F 61 -14.40 -58.19 -40.57
C PRO F 61 -14.20 -57.12 -39.51
N LYS F 62 -13.02 -56.51 -39.56
CA LYS F 62 -12.52 -55.74 -38.43
C LYS F 62 -13.57 -54.80 -37.90
N TYR F 63 -14.18 -54.05 -38.80
CA TYR F 63 -15.10 -53.05 -38.36
C TYR F 63 -16.33 -53.67 -37.70
N MET F 64 -16.77 -54.82 -38.20
CA MET F 64 -17.90 -55.46 -37.54
C MET F 64 -17.55 -55.80 -36.10
N ALA F 65 -16.50 -56.58 -35.92
CA ALA F 65 -16.15 -57.05 -34.60
C ALA F 65 -15.89 -55.87 -33.66
N MET F 66 -15.00 -54.99 -34.08
CA MET F 66 -14.77 -53.78 -33.31
C MET F 66 -16.10 -53.13 -32.95
N LEU F 67 -17.01 -53.10 -33.92
CA LEU F 67 -18.30 -52.49 -33.71
C LEU F 67 -19.11 -53.18 -32.63
N GLN F 68 -18.97 -54.49 -32.50
CA GLN F 68 -19.70 -55.16 -31.43
C GLN F 68 -19.02 -54.93 -30.09
N LYS F 69 -17.69 -54.94 -30.08
CA LYS F 69 -16.96 -54.60 -28.88
C LYS F 69 -17.40 -53.26 -28.34
N VAL F 70 -17.61 -52.30 -29.21
CA VAL F 70 -18.30 -51.10 -28.79
C VAL F 70 -19.73 -51.41 -28.39
N ALA F 71 -20.41 -52.27 -29.16
CA ALA F 71 -21.80 -52.58 -28.88
C ALA F 71 -21.94 -53.37 -27.60
N ASN F 72 -20.92 -54.16 -27.26
CA ASN F 72 -20.85 -54.76 -25.94
C ASN F 72 -20.74 -53.72 -24.85
N ARG F 73 -20.62 -52.45 -25.23
CA ARG F 73 -20.52 -51.25 -24.39
C ARG F 73 -19.09 -51.03 -23.97
N GLU F 74 -18.17 -51.89 -24.39
CA GLU F 74 -16.82 -51.82 -23.86
C GLU F 74 -15.95 -50.74 -24.48
N LEU F 75 -16.24 -50.26 -25.69
CA LEU F 75 -15.30 -49.41 -26.42
C LEU F 75 -15.94 -48.06 -26.75
N ASN F 76 -15.33 -46.98 -26.25
CA ASN F 76 -15.93 -45.65 -26.34
C ASN F 76 -15.66 -44.96 -27.68
N SER F 77 -14.43 -45.01 -28.16
CA SER F 77 -14.07 -44.24 -29.35
C SER F 77 -13.71 -45.20 -30.47
N VAL F 78 -13.80 -44.69 -31.69
CA VAL F 78 -13.57 -45.50 -32.88
C VAL F 78 -12.54 -44.78 -33.73
N ILE F 79 -11.39 -45.39 -33.89
CA ILE F 79 -10.29 -44.80 -34.64
C ILE F 79 -10.37 -45.30 -36.07
N ILE F 80 -10.48 -44.39 -36.99
CA ILE F 80 -10.52 -44.72 -38.39
C ILE F 80 -9.11 -44.65 -38.94
N ASP F 81 -8.83 -45.47 -39.93
CA ASP F 81 -7.57 -45.45 -40.64
C ASP F 81 -7.83 -45.47 -42.14
N LEU F 82 -7.12 -44.60 -42.86
CA LEU F 82 -7.29 -44.48 -44.30
C LEU F 82 -6.51 -45.52 -45.09
N ASP F 83 -5.50 -46.13 -44.48
CA ASP F 83 -4.74 -47.14 -45.18
C ASP F 83 -5.61 -48.33 -45.54
N ASP F 84 -6.32 -48.89 -44.55
CA ASP F 84 -7.26 -49.96 -44.84
C ASP F 84 -8.30 -49.53 -45.83
N ILE F 85 -8.54 -48.24 -45.93
CA ILE F 85 -9.35 -47.73 -47.02
C ILE F 85 -8.59 -47.84 -48.32
N LEU F 86 -7.31 -47.46 -48.31
CA LEU F 86 -6.49 -47.64 -49.50
C LEU F 86 -6.56 -49.08 -49.96
N GLN F 87 -6.41 -50.01 -49.03
CA GLN F 87 -6.54 -51.43 -49.33
C GLN F 87 -7.94 -51.77 -49.79
N TYR F 88 -8.96 -51.15 -49.18
CA TYR F 88 -10.32 -51.41 -49.61
C TYR F 88 -10.52 -51.00 -51.06
N GLN F 89 -9.82 -49.95 -51.49
CA GLN F 89 -9.97 -49.46 -52.85
C GLN F 89 -9.21 -50.32 -53.84
N ASN F 90 -7.94 -50.59 -53.55
CA ASN F 90 -7.20 -51.53 -54.40
C ASN F 90 -7.93 -52.86 -54.51
N GLU F 91 -8.63 -53.25 -53.45
CA GLU F 91 -9.58 -54.33 -53.57
C GLU F 91 -10.69 -53.96 -54.55
N LYS F 92 -11.24 -52.77 -54.42
CA LYS F 92 -12.37 -52.37 -55.24
C LYS F 92 -11.96 -51.83 -56.59
N PHE F 93 -10.67 -51.58 -56.80
CA PHE F 93 -10.25 -51.07 -58.10
C PHE F 93 -10.12 -52.19 -59.12
N LEU F 94 -9.70 -53.37 -58.68
CA LEU F 94 -8.98 -54.24 -59.59
C LEU F 94 -9.78 -55.15 -60.55
N GLN F 95 -10.58 -56.15 -60.14
CA GLN F 95 -11.41 -56.24 -58.92
C GLN F 95 -12.15 -54.94 -58.79
N GLY F 96 -12.81 -54.57 -59.89
CA GLY F 96 -13.66 -53.41 -59.90
C GLY F 96 -14.96 -53.75 -59.20
N THR F 97 -16.03 -53.02 -59.50
CA THR F 97 -15.99 -51.94 -60.47
C THR F 97 -15.22 -50.77 -59.91
N GLN F 98 -14.78 -49.88 -60.80
CA GLN F 98 -14.13 -48.67 -60.33
C GLN F 98 -15.05 -47.98 -59.33
N ALA F 99 -14.51 -47.72 -58.14
CA ALA F 99 -15.26 -47.14 -57.04
C ALA F 99 -14.75 -45.73 -56.76
N ASP F 100 -15.63 -44.84 -56.30
CA ASP F 100 -15.28 -43.44 -56.11
C ASP F 100 -14.22 -43.26 -55.03
N ASP F 101 -13.29 -42.32 -55.25
CA ASP F 101 -12.14 -42.16 -54.36
C ASP F 101 -12.55 -41.37 -53.13
N LEU F 102 -12.52 -42.03 -51.98
CA LEU F 102 -12.92 -41.39 -50.74
C LEU F 102 -11.79 -40.54 -50.20
N VAL F 103 -10.59 -41.10 -50.20
CA VAL F 103 -9.44 -40.43 -49.61
C VAL F 103 -9.32 -39.02 -50.15
N SER F 104 -9.08 -38.90 -51.44
CA SER F 104 -8.97 -37.60 -52.07
C SER F 104 -10.12 -36.69 -51.69
N ALA F 105 -11.30 -37.26 -51.52
CA ALA F 105 -12.43 -36.48 -51.04
C ALA F 105 -12.39 -36.24 -49.55
N ILE F 106 -12.05 -37.26 -48.76
CA ILE F 106 -11.99 -37.07 -47.33
C ILE F 106 -11.06 -35.93 -46.99
N GLN F 107 -9.76 -36.12 -47.24
CA GLN F 107 -8.78 -35.11 -46.86
C GLN F 107 -9.17 -33.74 -47.35
N GLN F 108 -9.77 -33.67 -48.53
CA GLN F 108 -10.24 -32.41 -49.08
C GLN F 108 -11.36 -31.79 -48.27
N ASN F 109 -12.24 -32.60 -47.71
CA ASN F 109 -13.33 -32.06 -46.91
C ASN F 109 -13.24 -32.64 -45.51
N ALA F 110 -13.58 -33.92 -45.40
CA ALA F 110 -13.41 -34.72 -44.20
C ALA F 110 -14.31 -34.24 -43.07
N ASN F 111 -14.74 -33.00 -43.13
CA ASN F 111 -15.56 -32.48 -42.05
C ASN F 111 -16.93 -33.11 -42.10
N HIS F 112 -17.58 -32.93 -43.24
CA HIS F 112 -18.75 -33.71 -43.53
C HIS F 112 -18.47 -35.18 -43.29
N PHE F 113 -17.33 -35.66 -43.81
CA PHE F 113 -17.01 -37.07 -43.72
C PHE F 113 -17.15 -37.59 -42.31
N THR F 114 -16.84 -36.77 -41.32
CA THR F 114 -17.08 -37.18 -39.94
C THR F 114 -18.54 -37.52 -39.72
N GLU F 115 -19.40 -36.51 -39.78
CA GLU F 115 -20.80 -36.70 -39.42
C GLU F 115 -21.47 -37.74 -40.30
N LEU F 116 -21.23 -37.65 -41.60
CA LEU F 116 -21.86 -38.58 -42.52
C LEU F 116 -21.41 -40.01 -42.24
N PHE F 117 -20.10 -40.21 -42.12
CA PHE F 117 -19.60 -41.52 -41.72
C PHE F 117 -20.34 -42.00 -40.49
N CYS F 118 -20.52 -41.10 -39.51
CA CYS F 118 -21.21 -41.45 -38.28
C CYS F 118 -22.58 -42.02 -38.57
N ARG F 119 -23.36 -41.33 -39.41
CA ARG F 119 -24.66 -41.86 -39.75
C ARG F 119 -24.56 -43.22 -40.42
N ALA F 120 -23.66 -43.35 -41.40
CA ALA F 120 -23.47 -44.63 -42.07
C ALA F 120 -23.27 -45.74 -41.06
N ILE F 121 -22.58 -45.43 -39.97
CA ILE F 121 -22.32 -46.44 -38.96
C ILE F 121 -23.55 -46.68 -38.12
N ASP F 122 -24.18 -45.61 -37.66
CA ASP F 122 -25.21 -45.69 -36.63
C ASP F 122 -26.25 -46.73 -36.99
N ASN F 123 -26.55 -46.85 -38.28
CA ASN F 123 -27.47 -47.87 -38.72
C ASN F 123 -26.99 -49.24 -38.29
N ASN F 124 -25.79 -49.62 -38.70
CA ASN F 124 -25.33 -50.99 -38.58
C ASN F 124 -24.60 -51.14 -37.25
N MET F 125 -25.21 -51.87 -36.32
CA MET F 125 -24.61 -52.11 -35.02
C MET F 125 -25.06 -53.47 -34.53
N PRO F 126 -24.25 -54.14 -33.68
CA PRO F 126 -24.72 -55.37 -33.06
C PRO F 126 -25.85 -55.12 -32.07
N PRO F 194 -30.70 -39.01 -33.60
CA PRO F 194 -29.67 -40.05 -33.53
C PRO F 194 -28.37 -39.55 -32.94
N ASN F 195 -27.83 -38.47 -33.50
CA ASN F 195 -26.58 -37.90 -32.99
C ASN F 195 -26.65 -37.67 -31.48
N LEU F 196 -27.86 -37.43 -30.96
CA LEU F 196 -28.04 -37.32 -29.52
C LEU F 196 -27.66 -38.60 -28.81
N THR F 197 -28.12 -39.75 -29.29
CA THR F 197 -27.72 -41.03 -28.71
C THR F 197 -26.74 -41.67 -29.69
N ARG F 198 -25.47 -41.60 -29.37
CA ARG F 198 -24.43 -42.17 -30.19
C ARG F 198 -23.56 -43.01 -29.29
N ARG F 199 -23.00 -42.33 -28.29
CA ARG F 199 -22.23 -42.92 -27.20
C ARG F 199 -20.80 -43.19 -27.62
N TYR F 200 -20.52 -43.14 -28.91
CA TYR F 200 -19.20 -43.48 -29.36
C TYR F 200 -18.55 -42.28 -30.03
N PHE F 201 -17.23 -42.26 -29.96
CA PHE F 201 -16.43 -41.25 -30.62
C PHE F 201 -15.75 -41.85 -31.83
N LEU F 202 -15.58 -41.04 -32.85
CA LEU F 202 -15.00 -41.48 -34.10
C LEU F 202 -13.73 -40.69 -34.36
N TYR F 203 -12.60 -41.39 -34.45
CA TYR F 203 -11.35 -40.75 -34.79
C TYR F 203 -10.82 -41.38 -36.06
N PHE F 204 -9.94 -40.67 -36.73
CA PHE F 204 -9.33 -41.17 -37.95
C PHE F 204 -7.83 -41.08 -37.82
N LYS F 205 -7.14 -42.01 -38.50
CA LYS F 205 -5.69 -42.03 -38.53
C LYS F 205 -5.19 -41.82 -39.95
N PRO F 206 -4.42 -40.79 -40.24
CA PRO F 206 -3.97 -40.53 -41.62
C PRO F 206 -2.92 -41.51 -42.08
N LEU F 207 -2.77 -41.57 -43.40
CA LEU F 207 -1.75 -42.42 -44.03
C LEU F 207 -0.50 -41.61 -44.31
N SER F 208 0.65 -42.23 -44.12
CA SER F 208 1.85 -41.52 -44.49
C SER F 208 2.18 -41.87 -45.96
N GLN F 209 2.73 -43.01 -46.35
CA GLN F 209 3.26 -44.13 -45.58
C GLN F 209 4.10 -44.93 -46.53
N ASN F 210 4.48 -46.13 -46.07
CA ASN F 210 4.64 -47.19 -47.04
C ASN F 210 3.43 -47.22 -47.95
N CYS F 211 2.24 -46.98 -47.39
CA CYS F 211 1.04 -46.83 -48.19
C CYS F 211 1.18 -45.69 -49.19
N ALA F 212 1.77 -44.57 -48.78
CA ALA F 212 2.14 -43.61 -49.82
C ALA F 212 2.94 -44.33 -50.88
N ARG F 213 3.93 -45.13 -50.45
CA ARG F 213 4.84 -45.82 -51.34
C ARG F 213 4.15 -46.84 -52.21
N ARG F 214 2.86 -47.04 -52.01
CA ARG F 214 2.11 -48.07 -52.71
C ARG F 214 2.32 -48.20 -54.23
N TYR F 215 2.38 -47.13 -55.03
CA TYR F 215 2.30 -45.74 -54.64
C TYR F 215 0.87 -45.29 -54.48
N ARG F 216 0.69 -44.32 -53.60
CA ARG F 216 -0.61 -43.73 -53.39
C ARG F 216 -0.43 -42.24 -53.14
N ILE F 220 0.50 -37.79 -48.40
CA ILE F 220 0.02 -36.46 -48.75
C ILE F 220 -0.84 -35.91 -47.64
N SER F 221 -1.90 -36.65 -47.31
CA SER F 221 -2.74 -36.26 -46.18
C SER F 221 -1.89 -36.03 -44.94
N SER F 222 -0.94 -36.91 -44.70
CA SER F 222 0.05 -36.66 -43.69
C SER F 222 1.31 -36.25 -44.40
N LYS F 223 1.61 -34.97 -44.39
CA LYS F 223 2.96 -34.48 -44.53
C LYS F 223 3.25 -33.67 -43.28
N PRO F 224 4.07 -34.16 -42.34
CA PRO F 224 4.32 -33.37 -41.13
C PRO F 224 4.92 -32.03 -41.50
N LEU F 225 4.31 -30.97 -40.99
CA LEU F 225 4.50 -29.65 -41.56
C LEU F 225 4.96 -28.66 -40.50
N SER F 226 5.59 -27.59 -40.97
CA SER F 226 5.86 -26.43 -40.13
C SER F 226 4.65 -25.51 -40.10
N VAL F 227 4.45 -24.87 -38.95
CA VAL F 227 3.43 -23.83 -38.88
C VAL F 227 3.74 -22.73 -39.87
N ARG F 228 5.02 -22.42 -40.05
CA ARG F 228 5.42 -21.65 -41.21
C ARG F 228 4.89 -22.31 -42.46
N GLN F 229 5.23 -23.58 -42.66
CA GLN F 229 4.74 -24.29 -43.80
C GLN F 229 3.23 -24.22 -43.90
N ILE F 230 2.54 -23.93 -42.82
CA ILE F 230 1.09 -23.89 -42.85
C ILE F 230 0.65 -22.63 -43.57
N LYS F 231 -0.12 -22.81 -44.62
CA LYS F 231 -0.74 -21.70 -45.33
C LYS F 231 -2.23 -21.65 -45.02
N GLY F 232 -2.78 -20.44 -45.05
CA GLY F 232 -4.18 -20.24 -44.75
C GLY F 232 -5.07 -20.79 -45.83
N ASP F 233 -4.47 -21.44 -46.81
CA ASP F 233 -5.20 -22.11 -47.85
C ASP F 233 -5.48 -23.57 -47.53
N PHE F 234 -4.86 -24.11 -46.49
CA PHE F 234 -5.08 -25.49 -46.11
C PHE F 234 -6.30 -25.65 -45.24
N LEU F 235 -7.00 -24.55 -44.96
CA LEU F 235 -8.18 -24.61 -44.12
C LEU F 235 -9.16 -25.65 -44.63
N GLY F 236 -9.63 -26.49 -43.71
CA GLY F 236 -10.52 -27.58 -44.04
C GLY F 236 -9.82 -28.84 -44.46
N GLN F 237 -8.56 -28.74 -44.87
CA GLN F 237 -7.81 -29.92 -45.21
C GLN F 237 -7.46 -30.69 -43.95
N LEU F 238 -7.39 -31.99 -44.10
CA LEU F 238 -6.84 -32.87 -43.08
C LEU F 238 -5.33 -32.82 -43.22
N ILE F 239 -4.66 -32.42 -42.16
CA ILE F 239 -3.22 -32.25 -42.24
C ILE F 239 -2.56 -32.87 -41.03
N THR F 240 -1.32 -33.32 -41.22
CA THR F 240 -0.49 -33.83 -40.14
C THR F 240 0.74 -32.97 -40.05
N VAL F 241 1.13 -32.62 -38.83
CA VAL F 241 2.26 -31.72 -38.65
C VAL F 241 3.04 -32.19 -37.44
N ARG F 242 4.21 -31.56 -37.25
CA ARG F 242 5.07 -31.87 -36.13
C ARG F 242 5.57 -30.57 -35.48
N GLY F 243 5.50 -30.49 -34.16
CA GLY F 243 5.90 -29.29 -33.43
C GLY F 243 5.99 -29.52 -31.93
N ILE F 244 6.40 -28.47 -31.22
CA ILE F 244 6.66 -28.57 -29.79
C ILE F 244 5.38 -28.23 -29.04
N ILE F 245 5.00 -29.11 -28.13
CA ILE F 245 3.79 -28.89 -27.35
C ILE F 245 4.10 -27.91 -26.24
N THR F 246 3.41 -26.79 -26.27
CA THR F 246 3.27 -25.91 -25.12
C THR F 246 1.82 -25.94 -24.73
N ARG F 247 1.46 -25.15 -23.74
CA ARG F 247 0.05 -25.11 -23.37
C ARG F 247 -0.45 -26.50 -22.98
N VAL F 248 -1.24 -27.18 -23.81
CA VAL F 248 -1.68 -28.56 -23.46
C VAL F 248 -2.59 -28.60 -22.23
N SER F 249 -3.89 -28.39 -22.43
CA SER F 249 -4.77 -27.85 -21.41
C SER F 249 -5.56 -28.87 -20.61
N ASP F 250 -6.14 -28.39 -19.50
CA ASP F 250 -6.96 -29.21 -18.61
C ASP F 250 -8.37 -29.38 -19.17
N VAL F 251 -8.73 -30.63 -19.46
CA VAL F 251 -9.99 -30.90 -20.10
C VAL F 251 -11.13 -30.34 -19.25
N LYS F 252 -12.06 -29.66 -19.90
CA LYS F 252 -13.24 -29.20 -19.20
C LYS F 252 -14.45 -29.61 -20.02
N PRO F 253 -15.54 -29.97 -19.35
CA PRO F 253 -16.74 -30.34 -20.10
C PRO F 253 -17.27 -29.16 -20.88
N ALA F 254 -17.41 -29.35 -22.17
CA ALA F 254 -18.06 -28.38 -23.01
C ALA F 254 -19.33 -29.03 -23.54
N VAL F 255 -20.40 -28.25 -23.54
CA VAL F 255 -21.69 -28.79 -23.90
C VAL F 255 -21.92 -28.55 -25.38
N GLU F 256 -22.53 -29.53 -26.03
CA GLU F 256 -22.83 -29.35 -27.42
C GLU F 256 -24.23 -28.75 -27.56
N VAL F 257 -25.23 -29.48 -27.10
CA VAL F 257 -26.62 -29.06 -27.23
C VAL F 257 -27.29 -29.09 -25.87
N ILE F 258 -28.30 -28.24 -25.70
CA ILE F 258 -28.97 -28.04 -24.41
C ILE F 258 -30.42 -28.47 -24.53
N ALA F 259 -30.85 -29.29 -23.57
CA ALA F 259 -32.19 -29.84 -23.58
C ALA F 259 -33.04 -29.15 -22.54
N TYR F 260 -34.11 -28.50 -22.98
CA TYR F 260 -35.16 -28.01 -22.13
C TYR F 260 -36.41 -28.81 -22.43
N THR F 261 -37.33 -28.86 -21.47
CA THR F 261 -38.54 -29.66 -21.61
C THR F 261 -39.77 -28.80 -21.31
N CYS F 262 -40.71 -28.76 -22.25
CA CYS F 262 -41.86 -27.87 -22.10
C CYS F 262 -42.75 -28.26 -20.93
N ASP F 263 -42.92 -29.57 -20.70
CA ASP F 263 -43.62 -30.13 -19.55
C ASP F 263 -45.10 -29.78 -19.59
N GLN F 264 -45.42 -28.77 -20.38
CA GLN F 264 -46.78 -28.48 -20.78
C GLN F 264 -47.05 -29.10 -22.14
N CYS F 265 -46.30 -28.67 -23.14
CA CYS F 265 -46.28 -29.37 -24.40
C CYS F 265 -45.41 -30.61 -24.35
N GLY F 266 -44.78 -30.88 -23.21
CA GLY F 266 -43.86 -32.00 -23.13
C GLY F 266 -42.70 -31.78 -24.05
N TYR F 267 -42.50 -32.72 -24.96
CA TYR F 267 -41.49 -32.61 -26.02
C TYR F 267 -40.13 -32.38 -25.38
N GLU F 268 -39.33 -31.55 -26.04
CA GLU F 268 -38.00 -31.20 -25.59
C GLU F 268 -37.60 -29.93 -26.31
N VAL F 269 -36.58 -29.26 -25.78
CA VAL F 269 -35.97 -28.14 -26.49
C VAL F 269 -34.48 -28.36 -26.54
N PHE F 270 -33.95 -28.67 -27.72
CA PHE F 270 -32.54 -28.98 -27.90
C PHE F 270 -31.88 -27.75 -28.50
N GLN F 271 -31.11 -27.05 -27.69
CA GLN F 271 -30.39 -25.89 -28.16
C GLN F 271 -28.91 -26.23 -28.24
N GLU F 272 -28.39 -26.27 -29.46
CA GLU F 272 -26.95 -26.36 -29.63
C GLU F 272 -26.30 -25.09 -29.11
N VAL F 273 -25.02 -25.17 -28.75
CA VAL F 273 -24.34 -24.07 -28.08
C VAL F 273 -22.91 -23.97 -28.61
N ASN F 274 -22.39 -22.75 -28.64
CA ASN F 274 -21.08 -22.49 -29.22
C ASN F 274 -20.34 -21.43 -28.43
N SER F 275 -19.06 -21.32 -28.76
CA SER F 275 -18.14 -20.31 -28.24
C SER F 275 -18.20 -20.37 -26.72
N ARG F 276 -18.11 -19.23 -26.06
CA ARG F 276 -17.98 -19.21 -24.61
C ARG F 276 -19.32 -19.37 -23.91
N THR F 277 -20.31 -18.58 -24.32
CA THR F 277 -21.48 -18.34 -23.51
C THR F 277 -22.74 -18.51 -24.34
N PHE F 278 -23.86 -18.52 -23.65
CA PHE F 278 -25.17 -18.61 -24.28
C PHE F 278 -26.21 -18.03 -23.35
N THR F 279 -27.39 -17.77 -23.90
CA THR F 279 -28.53 -17.35 -23.10
C THR F 279 -29.57 -18.46 -23.12
N PRO F 280 -29.97 -18.98 -21.97
CA PRO F 280 -30.91 -20.11 -21.97
C PRO F 280 -32.27 -19.71 -22.53
N LEU F 281 -32.85 -20.60 -23.31
CA LEU F 281 -34.14 -20.33 -23.92
C LEU F 281 -35.27 -20.50 -22.91
N SER F 282 -36.37 -19.83 -23.18
CA SER F 282 -37.51 -19.79 -22.28
C SER F 282 -38.79 -19.87 -23.11
N GLU F 283 -39.92 -19.64 -22.45
CA GLU F 283 -41.24 -19.92 -23.01
C GLU F 283 -41.22 -21.36 -23.51
N CYS F 284 -41.84 -21.61 -24.65
CA CYS F 284 -41.64 -22.90 -25.27
C CYS F 284 -41.62 -22.70 -26.78
N THR F 285 -40.61 -23.26 -27.41
CA THR F 285 -40.59 -23.38 -28.86
C THR F 285 -41.33 -24.62 -29.33
N SER F 286 -41.89 -25.39 -28.39
CA SER F 286 -42.60 -26.60 -28.75
C SER F 286 -43.64 -26.27 -29.82
N GLU F 287 -43.59 -27.02 -30.91
CA GLU F 287 -44.54 -26.79 -31.99
C GLU F 287 -45.97 -26.83 -31.48
N GLU F 288 -46.21 -27.58 -30.40
CA GLU F 288 -47.51 -27.58 -29.75
C GLU F 288 -47.72 -26.35 -28.87
N CYS F 289 -46.67 -25.87 -28.20
CA CYS F 289 -46.75 -24.62 -27.47
C CYS F 289 -46.72 -23.42 -28.40
N SER F 290 -46.44 -23.63 -29.67
CA SER F 290 -46.55 -22.57 -30.67
C SER F 290 -48.00 -22.37 -31.05
N GLN F 291 -48.35 -21.12 -31.35
CA GLN F 291 -49.66 -20.75 -31.89
C GLN F 291 -50.77 -20.99 -30.89
N ASN F 292 -50.46 -21.75 -29.84
CA ASN F 292 -51.37 -21.79 -28.72
C ASN F 292 -51.44 -20.40 -28.11
N GLN F 293 -52.58 -20.10 -27.50
CA GLN F 293 -52.67 -18.87 -26.75
C GLN F 293 -51.63 -18.83 -25.65
N THR F 294 -51.27 -20.00 -25.12
CA THR F 294 -50.34 -20.12 -24.00
C THR F 294 -49.25 -21.12 -24.35
N LYS F 295 -48.01 -20.65 -24.42
CA LYS F 295 -46.87 -21.54 -24.63
C LYS F 295 -46.41 -22.13 -23.30
N GLY F 296 -46.01 -23.41 -23.33
CA GLY F 296 -45.46 -24.03 -22.15
C GLY F 296 -44.18 -23.35 -21.69
N GLN F 297 -43.81 -23.58 -20.44
CA GLN F 297 -42.56 -23.08 -19.92
C GLN F 297 -41.58 -24.23 -19.82
N LEU F 298 -40.35 -24.00 -20.31
CA LEU F 298 -39.36 -25.06 -20.41
C LEU F 298 -38.20 -24.80 -19.46
N PHE F 299 -37.77 -25.89 -18.82
CA PHE F 299 -36.61 -25.84 -17.94
C PHE F 299 -35.70 -26.99 -18.34
N MET F 300 -34.41 -26.69 -18.41
CA MET F 300 -33.47 -27.67 -18.90
C MET F 300 -33.34 -28.85 -17.95
N SER F 301 -32.84 -29.96 -18.49
CA SER F 301 -32.53 -31.15 -17.71
C SER F 301 -31.11 -31.59 -18.03
N THR F 302 -30.24 -31.52 -17.02
CA THR F 302 -28.82 -31.79 -17.23
C THR F 302 -28.55 -33.21 -17.68
N ARG F 303 -29.34 -34.17 -17.24
CA ARG F 303 -29.13 -35.53 -17.68
C ARG F 303 -29.30 -35.68 -19.18
N ALA F 304 -30.09 -34.81 -19.78
CA ALA F 304 -30.40 -34.97 -21.20
C ALA F 304 -29.31 -34.41 -22.11
N SER F 305 -28.74 -33.27 -21.76
CA SER F 305 -27.95 -32.47 -22.70
C SER F 305 -26.67 -33.17 -23.12
N LYS F 306 -26.08 -32.68 -24.21
CA LYS F 306 -24.86 -33.24 -24.79
C LYS F 306 -23.68 -32.39 -24.36
N PHE F 307 -22.84 -32.95 -23.50
CA PHE F 307 -21.66 -32.26 -23.00
C PHE F 307 -20.43 -33.03 -23.43
N SER F 308 -19.29 -32.37 -23.41
CA SER F 308 -18.05 -32.98 -23.84
C SER F 308 -16.87 -32.39 -23.08
N ALA F 309 -15.91 -33.23 -22.74
CA ALA F 309 -14.70 -32.64 -22.19
C ALA F 309 -13.68 -32.34 -23.26
N PHE F 310 -13.54 -31.09 -23.68
CA PHE F 310 -12.53 -30.77 -24.66
C PHE F 310 -11.20 -30.77 -23.96
N GLN F 311 -10.09 -30.78 -24.72
CA GLN F 311 -8.75 -30.59 -24.11
C GLN F 311 -7.80 -29.82 -25.02
N GLU F 312 -7.25 -28.69 -24.56
CA GLU F 312 -6.70 -27.64 -25.43
C GLU F 312 -5.17 -27.58 -25.51
N CYS F 313 -4.64 -27.18 -26.66
CA CYS F 313 -3.20 -26.99 -26.74
C CYS F 313 -2.76 -26.00 -27.82
N LYS F 314 -1.63 -25.36 -27.56
CA LYS F 314 -0.91 -24.56 -28.52
C LYS F 314 0.43 -25.19 -28.83
N ILE F 315 0.80 -25.20 -30.10
CA ILE F 315 2.00 -25.89 -30.53
C ILE F 315 2.92 -24.91 -31.23
N GLN F 316 4.21 -25.07 -31.00
CA GLN F 316 5.21 -24.15 -31.51
C GLN F 316 6.13 -24.85 -32.50
N GLU F 317 6.69 -24.04 -33.40
CA GLU F 317 7.58 -24.55 -34.42
C GLU F 317 8.73 -25.32 -33.79
N LEU F 318 9.10 -26.43 -34.43
CA LEU F 318 10.21 -27.23 -33.94
C LEU F 318 11.50 -26.45 -33.89
N SER F 319 11.53 -25.27 -34.50
CA SER F 319 12.58 -24.28 -34.31
C SER F 319 13.86 -24.68 -35.00
N GLN F 320 14.00 -25.97 -35.32
CA GLN F 320 14.96 -26.31 -36.35
C GLN F 320 14.38 -25.94 -37.69
N GLN F 321 13.06 -26.12 -37.81
CA GLN F 321 12.35 -25.73 -39.02
C GLN F 321 12.24 -24.24 -39.18
N VAL F 322 12.40 -23.49 -38.09
CA VAL F 322 12.26 -22.05 -38.13
C VAL F 322 13.17 -21.52 -39.23
N PRO F 323 12.67 -20.65 -40.09
CA PRO F 323 13.54 -20.04 -41.10
C PRO F 323 14.69 -19.33 -40.41
N VAL F 324 15.74 -19.10 -41.18
CA VAL F 324 16.95 -18.52 -40.62
C VAL F 324 16.60 -17.33 -39.74
N GLY F 325 15.75 -16.46 -40.23
CA GLY F 325 15.33 -15.32 -39.46
C GLY F 325 14.07 -15.58 -38.71
N HIS F 326 13.29 -14.51 -38.56
CA HIS F 326 11.97 -14.51 -37.94
C HIS F 326 12.06 -15.16 -36.57
N ILE F 327 11.02 -15.86 -36.20
CA ILE F 327 10.96 -16.55 -34.92
C ILE F 327 10.03 -17.73 -35.08
N PRO F 328 10.13 -18.77 -34.24
CA PRO F 328 9.19 -19.89 -34.34
C PRO F 328 7.76 -19.48 -33.99
N ARG F 329 6.82 -19.88 -34.85
CA ARG F 329 5.38 -19.65 -34.72
C ARG F 329 4.71 -20.67 -33.79
N SER F 330 3.51 -20.31 -33.31
CA SER F 330 2.70 -21.17 -32.47
C SER F 330 1.34 -21.43 -33.12
N LEU F 331 0.65 -22.47 -32.64
CA LEU F 331 -0.66 -22.77 -33.18
C LEU F 331 -1.55 -23.44 -32.15
N ASN F 332 -2.82 -23.05 -32.16
CA ASN F 332 -3.87 -23.65 -31.35
C ASN F 332 -4.43 -24.89 -32.01
N ILE F 333 -5.05 -25.75 -31.20
CA ILE F 333 -5.53 -27.04 -31.69
C ILE F 333 -6.79 -27.47 -30.94
N HIS F 334 -7.69 -28.17 -31.63
CA HIS F 334 -8.96 -28.64 -31.08
C HIS F 334 -8.97 -30.15 -30.83
N VAL F 335 -9.41 -30.51 -29.64
CA VAL F 335 -9.39 -31.86 -29.10
C VAL F 335 -10.52 -31.96 -28.10
N ASN F 336 -11.19 -33.08 -28.11
CA ASN F 336 -12.34 -33.29 -27.26
C ASN F 336 -12.55 -34.77 -27.11
N GLY F 337 -13.35 -35.12 -26.13
CA GLY F 337 -13.74 -36.51 -25.99
C GLY F 337 -12.52 -37.35 -25.73
N THR F 338 -12.44 -38.47 -26.44
CA THR F 338 -11.43 -39.48 -26.14
C THR F 338 -10.03 -38.88 -26.19
N LEU F 339 -9.74 -38.06 -27.19
CA LEU F 339 -8.38 -37.57 -27.38
C LEU F 339 -7.86 -36.79 -26.19
N VAL F 340 -8.73 -36.38 -25.27
CA VAL F 340 -8.34 -35.53 -24.15
C VAL F 340 -7.30 -36.22 -23.27
N ARG F 341 -6.49 -35.42 -22.57
CA ARG F 341 -5.53 -35.81 -21.53
C ARG F 341 -4.26 -36.42 -22.07
N SER F 342 -4.22 -36.78 -23.35
CA SER F 342 -3.04 -37.43 -23.88
C SER F 342 -1.84 -36.48 -24.02
N LEU F 343 -2.04 -35.19 -23.78
CA LEU F 343 -1.06 -34.20 -24.17
C LEU F 343 -0.33 -33.63 -22.97
N SER F 344 0.91 -33.23 -23.19
CA SER F 344 1.71 -32.62 -22.16
C SER F 344 2.63 -31.59 -22.78
N PRO F 345 2.98 -30.54 -22.05
CA PRO F 345 3.89 -29.54 -22.59
C PRO F 345 5.25 -30.14 -22.87
N GLY F 346 6.05 -29.38 -23.61
CA GLY F 346 7.38 -29.85 -23.94
C GLY F 346 7.34 -31.20 -24.63
N ASP F 347 6.31 -31.43 -25.43
CA ASP F 347 6.20 -32.67 -26.18
C ASP F 347 6.46 -32.38 -27.65
N ILE F 348 7.19 -33.28 -28.28
CA ILE F 348 7.43 -33.23 -29.71
C ILE F 348 6.60 -34.35 -30.31
N VAL F 349 5.54 -33.98 -31.02
CA VAL F 349 4.56 -34.95 -31.45
C VAL F 349 4.11 -34.63 -32.85
N ASP F 350 3.73 -35.67 -33.57
CA ASP F 350 3.07 -35.51 -34.86
C ASP F 350 1.58 -35.62 -34.60
N VAL F 351 0.86 -34.54 -34.85
CA VAL F 351 -0.57 -34.52 -34.64
C VAL F 351 -1.24 -34.56 -35.99
N THR F 352 -2.37 -35.23 -36.05
CA THR F 352 -3.15 -35.32 -37.27
C THR F 352 -4.56 -34.85 -36.93
N GLY F 353 -4.98 -33.78 -37.57
CA GLY F 353 -6.32 -33.29 -37.38
C GLY F 353 -6.71 -32.37 -38.51
N ILE F 354 -8.01 -32.25 -38.70
CA ILE F 354 -8.53 -31.40 -39.75
C ILE F 354 -8.44 -29.96 -39.28
N PHE F 355 -7.97 -29.10 -40.16
CA PHE F 355 -7.66 -27.72 -39.81
C PHE F 355 -8.91 -26.89 -40.02
N LEU F 356 -9.49 -26.38 -38.93
CA LEU F 356 -10.78 -25.76 -39.10
C LEU F 356 -10.79 -24.34 -38.56
N PRO F 357 -11.43 -23.42 -39.28
CA PRO F 357 -11.51 -22.03 -38.81
C PRO F 357 -12.59 -21.80 -37.78
N ALA F 358 -12.37 -20.79 -36.96
CA ALA F 358 -13.46 -20.30 -36.14
C ALA F 358 -13.44 -18.78 -36.12
N PRO F 359 -14.60 -18.15 -36.27
CA PRO F 359 -14.62 -16.71 -36.55
C PRO F 359 -14.08 -15.89 -35.39
N TYR F 360 -13.12 -15.04 -35.70
CA TYR F 360 -12.68 -14.05 -34.73
C TYR F 360 -11.95 -12.96 -35.49
N THR F 361 -11.78 -11.83 -34.82
CA THR F 361 -11.02 -10.72 -35.35
C THR F 361 -10.44 -9.92 -34.18
N GLY F 362 -9.67 -8.88 -34.49
CA GLY F 362 -9.04 -8.02 -33.49
C GLY F 362 -9.94 -6.90 -33.04
N PHE F 363 -9.34 -5.75 -32.69
CA PHE F 363 -10.13 -4.57 -32.35
C PHE F 363 -11.14 -4.32 -33.45
N LYS F 364 -12.38 -3.98 -33.07
CA LYS F 364 -13.42 -3.86 -34.07
C LYS F 364 -13.04 -2.85 -35.16
N ALA F 365 -12.38 -1.75 -34.77
CA ALA F 365 -11.85 -0.77 -35.72
C ALA F 365 -10.75 -1.35 -36.58
N LEU F 366 -10.32 -2.55 -36.26
CA LEU F 366 -9.17 -3.17 -36.88
C LEU F 366 -9.52 -4.22 -37.95
N LYS F 367 -10.80 -4.51 -38.20
CA LYS F 367 -11.21 -5.64 -39.04
C LYS F 367 -11.94 -5.19 -40.31
N ALA F 368 -11.45 -5.65 -41.47
CA ALA F 368 -12.17 -5.48 -42.74
C ALA F 368 -13.21 -6.57 -42.91
N GLY F 369 -12.92 -7.75 -42.39
CA GLY F 369 -13.81 -8.86 -42.52
C GLY F 369 -13.39 -9.84 -43.59
N LEU F 370 -13.68 -11.10 -43.32
CA LEU F 370 -14.25 -11.46 -42.01
C LEU F 370 -13.14 -11.93 -41.07
N LEU F 371 -11.91 -11.83 -41.57
CA LEU F 371 -10.78 -12.69 -41.21
C LEU F 371 -11.27 -14.13 -41.27
N THR F 372 -10.59 -15.09 -40.65
CA THR F 372 -11.25 -16.10 -39.85
C THR F 372 -10.71 -16.26 -38.43
N GLU F 373 -9.48 -15.83 -38.17
CA GLU F 373 -8.73 -16.19 -36.95
C GLU F 373 -8.56 -17.71 -36.82
N THR F 374 -9.33 -18.47 -37.59
CA THR F 374 -9.29 -19.92 -37.74
C THR F 374 -9.28 -20.77 -36.47
N TYR F 375 -8.62 -21.94 -36.54
CA TYR F 375 -8.37 -22.89 -35.47
C TYR F 375 -7.77 -24.15 -36.07
N LEU F 376 -7.36 -25.10 -35.22
CA LEU F 376 -7.00 -26.43 -35.68
C LEU F 376 -7.73 -27.45 -34.82
N GLU F 377 -8.17 -28.53 -35.45
CA GLU F 377 -8.78 -29.62 -34.71
C GLU F 377 -7.91 -30.86 -34.81
N ALA F 378 -7.98 -31.69 -33.78
CA ALA F 378 -7.06 -32.82 -33.64
C ALA F 378 -7.81 -34.13 -33.72
N GLN F 379 -7.59 -34.86 -34.81
CA GLN F 379 -8.12 -36.21 -34.90
C GLN F 379 -7.25 -37.22 -34.17
N PHE F 380 -5.94 -37.15 -34.42
CA PHE F 380 -5.03 -38.19 -33.97
C PHE F 380 -3.66 -37.59 -33.74
N VAL F 381 -2.94 -38.16 -32.79
CA VAL F 381 -1.65 -37.63 -32.37
C VAL F 381 -0.62 -38.74 -32.40
N ARG F 382 0.60 -38.39 -32.78
CA ARG F 382 1.72 -39.31 -32.72
C ARG F 382 2.86 -38.55 -32.06
N GLN F 383 3.26 -38.99 -30.88
CA GLN F 383 4.32 -38.31 -30.18
C GLN F 383 5.66 -38.87 -30.61
N THR F 394 21.90 -44.91 -40.48
CA THR F 394 22.82 -46.04 -40.48
C THR F 394 22.63 -46.90 -41.73
N SER F 395 22.20 -46.27 -42.82
CA SER F 395 22.27 -46.87 -44.13
C SER F 395 22.95 -45.85 -45.03
N ASP F 396 24.18 -46.14 -45.43
CA ASP F 396 24.95 -45.29 -46.34
C ASP F 396 25.21 -43.94 -45.71
N VAL F 397 24.50 -43.63 -44.64
CA VAL F 397 24.82 -42.47 -43.86
C VAL F 397 26.03 -42.77 -43.02
N GLU F 398 26.17 -44.04 -42.61
CA GLU F 398 27.39 -44.48 -41.96
C GLU F 398 28.60 -44.10 -42.78
N GLU F 399 28.43 -43.99 -44.09
CA GLU F 399 29.47 -43.41 -44.91
C GLU F 399 29.75 -41.98 -44.48
N ARG F 400 28.71 -41.15 -44.45
CA ARG F 400 28.88 -39.77 -44.04
C ARG F 400 29.61 -39.67 -42.71
N VAL F 401 29.28 -40.54 -41.77
CA VAL F 401 30.06 -40.60 -40.54
C VAL F 401 31.47 -41.03 -40.84
N MET F 402 31.62 -42.04 -41.69
CA MET F 402 32.91 -42.66 -41.89
C MET F 402 33.92 -41.66 -42.38
N GLU F 403 33.47 -40.70 -43.20
CA GLU F 403 34.34 -39.59 -43.54
C GLU F 403 34.98 -39.03 -42.29
N LEU F 404 34.20 -38.76 -41.27
CA LEU F 404 34.78 -38.28 -40.02
C LEU F 404 35.62 -39.34 -39.36
N ILE F 405 35.10 -40.56 -39.31
CA ILE F 405 35.72 -41.62 -38.53
C ILE F 405 37.12 -41.88 -39.05
N THR F 406 37.19 -42.27 -40.32
CA THR F 406 38.44 -42.72 -40.91
C THR F 406 39.56 -41.74 -40.66
N SER F 407 39.25 -40.44 -40.74
CA SER F 407 40.25 -39.44 -40.42
C SER F 407 40.83 -39.66 -39.04
N GLY F 408 40.05 -40.21 -38.13
CA GLY F 408 40.49 -40.36 -36.76
C GLY F 408 40.70 -39.02 -36.11
N ASP F 409 41.22 -39.07 -34.88
CA ASP F 409 41.41 -37.88 -34.06
C ASP F 409 40.12 -37.10 -33.97
N VAL F 410 39.02 -37.83 -34.12
CA VAL F 410 37.71 -37.21 -34.17
C VAL F 410 37.47 -36.41 -32.89
N TYR F 411 38.01 -36.88 -31.76
CA TYR F 411 37.82 -36.14 -30.53
C TYR F 411 38.47 -34.77 -30.62
N ASN F 412 39.72 -34.73 -31.04
CA ASN F 412 40.37 -33.45 -31.21
C ASN F 412 39.88 -32.76 -32.47
N ARG F 413 39.76 -33.51 -33.56
CA ARG F 413 39.32 -32.90 -34.81
C ARG F 413 38.00 -32.20 -34.61
N LEU F 414 37.01 -32.95 -34.17
CA LEU F 414 35.71 -32.39 -33.83
C LEU F 414 35.85 -31.34 -32.75
N ALA F 415 36.67 -31.62 -31.74
CA ALA F 415 36.90 -30.66 -30.67
C ALA F 415 37.16 -29.28 -31.26
N LYS F 416 38.21 -29.20 -32.07
CA LYS F 416 38.43 -28.02 -32.90
C LYS F 416 37.18 -27.61 -33.68
N SER F 417 36.53 -28.57 -34.31
CA SER F 417 35.43 -28.29 -35.23
C SER F 417 34.27 -27.58 -34.58
N ILE F 418 34.22 -27.57 -33.27
CA ILE F 418 33.19 -26.86 -32.54
C ILE F 418 33.57 -25.39 -32.51
N ALA F 419 32.66 -24.54 -32.98
CA ALA F 419 32.80 -23.09 -32.89
C ALA F 419 34.25 -22.69 -33.15
N PRO F 420 34.83 -23.15 -34.25
CA PRO F 420 36.17 -22.68 -34.58
C PRO F 420 36.24 -21.19 -34.60
N GLU F 421 35.09 -20.52 -34.68
CA GLU F 421 35.03 -19.08 -34.79
C GLU F 421 35.88 -18.36 -33.77
N ILE F 422 36.10 -18.95 -32.62
CA ILE F 422 36.83 -18.26 -31.57
C ILE F 422 38.22 -18.84 -31.49
N TYR F 423 39.17 -17.98 -31.14
CA TYR F 423 40.56 -18.39 -30.94
C TYR F 423 40.74 -18.84 -29.50
N GLY F 424 41.29 -20.03 -29.33
CA GLY F 424 41.75 -20.48 -28.02
C GLY F 424 40.84 -21.47 -27.33
N ASN F 425 41.33 -21.95 -26.18
CA ASN F 425 40.54 -22.70 -25.20
C ASN F 425 40.08 -24.05 -25.70
N LEU F 426 40.94 -24.72 -26.45
CA LEU F 426 40.59 -26.03 -26.97
C LEU F 426 40.11 -26.96 -25.88
N ASP F 427 40.59 -26.76 -24.66
CA ASP F 427 40.15 -27.60 -23.56
C ASP F 427 38.66 -27.50 -23.36
N VAL F 428 38.18 -26.29 -23.12
CA VAL F 428 36.76 -26.10 -22.91
C VAL F 428 35.97 -26.72 -24.05
N LYS F 429 36.36 -26.39 -25.27
CA LYS F 429 35.67 -26.94 -26.43
C LYS F 429 35.58 -28.43 -26.34
N LYS F 430 36.73 -29.08 -26.15
CA LYS F 430 36.75 -30.51 -25.94
C LYS F 430 35.70 -30.90 -24.93
N ALA F 431 35.56 -30.12 -23.86
CA ALA F 431 34.54 -30.41 -22.88
C ALA F 431 33.17 -30.33 -23.51
N LEU F 432 32.88 -29.19 -24.12
CA LEU F 432 31.61 -29.00 -24.79
C LEU F 432 31.25 -30.18 -25.64
N LEU F 433 32.23 -30.75 -26.31
CA LEU F 433 31.97 -31.97 -27.05
C LEU F 433 31.23 -32.95 -26.18
N LEU F 434 31.88 -33.44 -25.14
CA LEU F 434 31.24 -34.44 -24.30
C LEU F 434 29.92 -33.92 -23.78
N LEU F 435 29.88 -32.64 -23.42
CA LEU F 435 28.63 -32.04 -23.02
C LEU F 435 27.55 -32.39 -24.01
N LEU F 436 27.85 -32.20 -25.29
CA LEU F 436 26.88 -32.54 -26.31
C LEU F 436 26.62 -34.03 -26.33
N VAL F 437 27.64 -34.83 -26.09
CA VAL F 437 27.48 -36.28 -26.20
C VAL F 437 26.67 -36.82 -25.03
N GLY F 438 27.14 -36.58 -23.81
CA GLY F 438 26.43 -37.06 -22.63
C GLY F 438 26.66 -38.54 -22.33
N GLY F 439 25.62 -39.17 -21.78
CA GLY F 439 25.61 -40.60 -21.47
C GLY F 439 26.31 -40.98 -20.19
N VAL F 440 26.10 -42.21 -19.74
CA VAL F 440 25.09 -43.11 -20.30
C VAL F 440 23.83 -43.18 -19.43
N ASP F 441 23.79 -42.39 -18.39
CA ASP F 441 22.84 -42.46 -17.26
C ASP F 441 22.92 -43.84 -16.62
N LYS F 442 21.80 -44.30 -16.06
CA LYS F 442 21.66 -45.59 -15.40
C LYS F 442 20.31 -45.63 -14.71
N ARG F 443 19.90 -46.83 -14.34
CA ARG F 443 18.74 -47.01 -13.48
C ARG F 443 19.07 -48.10 -12.48
N VAL F 444 18.49 -48.00 -11.27
CA VAL F 444 19.08 -48.60 -10.08
C VAL F 444 18.58 -50.00 -9.71
N GLY F 445 17.53 -50.47 -10.33
CA GLY F 445 16.93 -51.75 -10.03
C GLY F 445 15.57 -51.69 -9.41
N ASP F 446 15.31 -50.68 -8.63
CA ASP F 446 13.99 -50.48 -8.10
C ASP F 446 12.98 -49.95 -9.14
N GLY F 447 13.29 -48.85 -9.83
CA GLY F 447 14.61 -48.30 -9.84
C GLY F 447 14.73 -46.83 -9.86
N MET F 448 15.88 -46.40 -9.39
CA MET F 448 16.24 -45.02 -9.33
C MET F 448 17.22 -44.79 -10.44
N LYS F 449 17.23 -43.59 -10.96
CA LYS F 449 18.10 -43.29 -12.07
C LYS F 449 19.16 -42.32 -11.61
N ILE F 450 20.26 -42.33 -12.34
CA ILE F 450 21.33 -41.38 -12.12
C ILE F 450 21.63 -40.74 -13.46
N ARG F 451 21.57 -39.42 -13.52
CA ARG F 451 22.01 -38.71 -14.69
C ARG F 451 23.49 -38.96 -14.86
N GLY F 452 23.91 -39.21 -16.09
CA GLY F 452 22.99 -39.17 -17.20
C GLY F 452 23.20 -37.99 -18.09
N ASP F 453 24.02 -37.04 -17.64
CA ASP F 453 24.22 -35.79 -18.36
C ASP F 453 25.28 -34.93 -17.72
N ILE F 454 25.62 -33.83 -18.36
CA ILE F 454 26.72 -32.98 -17.94
C ILE F 454 26.17 -31.63 -17.50
N ASN F 455 26.81 -31.06 -16.48
CA ASN F 455 26.45 -29.75 -15.95
C ASN F 455 27.71 -28.90 -15.92
N VAL F 456 27.77 -27.89 -16.76
CA VAL F 456 29.00 -27.18 -17.03
C VAL F 456 28.86 -25.75 -16.55
N CYS F 457 29.88 -25.29 -15.86
CA CYS F 457 29.95 -23.91 -15.44
C CYS F 457 31.10 -23.24 -16.16
N LEU F 458 30.85 -22.02 -16.58
CA LEU F 458 31.85 -21.22 -17.27
C LEU F 458 32.06 -19.97 -16.45
N MET F 459 33.23 -19.83 -15.87
CA MET F 459 33.49 -18.67 -15.06
C MET F 459 34.37 -17.69 -15.82
N GLY F 460 34.62 -16.54 -15.21
CA GLY F 460 35.50 -15.54 -15.77
C GLY F 460 34.74 -14.42 -16.46
N ASP F 461 35.45 -13.33 -16.68
CA ASP F 461 34.84 -12.15 -17.20
C ASP F 461 35.93 -11.19 -17.66
N PRO F 462 35.54 -10.08 -18.27
CA PRO F 462 34.26 -9.79 -18.92
C PRO F 462 34.14 -10.52 -20.24
N GLY F 463 35.29 -10.66 -20.83
CA GLY F 463 35.37 -10.99 -22.23
C GLY F 463 35.20 -12.46 -22.38
N VAL F 464 35.97 -12.98 -23.34
CA VAL F 464 35.87 -14.32 -23.85
C VAL F 464 34.76 -14.28 -24.86
N ALA F 465 33.98 -13.21 -24.81
CA ALA F 465 32.69 -13.29 -25.41
C ALA F 465 32.11 -14.61 -24.99
N LYS F 466 32.33 -14.94 -23.72
CA LYS F 466 32.10 -16.29 -23.27
C LYS F 466 30.77 -16.77 -23.80
N SER F 467 29.80 -15.87 -23.80
CA SER F 467 28.52 -16.13 -24.39
C SER F 467 28.63 -16.68 -25.79
N GLN F 468 29.54 -16.12 -26.58
CA GLN F 468 29.61 -16.52 -27.97
C GLN F 468 29.56 -18.02 -28.09
N LEU F 469 30.29 -18.69 -27.22
CA LEU F 469 30.17 -20.13 -27.14
C LEU F 469 28.73 -20.55 -27.00
N LEU F 470 28.03 -19.98 -26.04
CA LEU F 470 26.68 -20.46 -25.79
C LEU F 470 25.84 -20.31 -27.03
N LYS F 471 25.95 -19.15 -27.68
CA LYS F 471 25.29 -18.96 -28.95
C LYS F 471 25.60 -20.13 -29.87
N ALA F 472 26.88 -20.48 -29.95
CA ALA F 472 27.29 -21.56 -30.82
C ALA F 472 26.49 -22.80 -30.48
N ILE F 473 26.64 -23.28 -29.26
CA ILE F 473 26.04 -24.56 -28.90
C ILE F 473 24.55 -24.55 -29.19
N CYS F 474 23.85 -23.60 -28.59
CA CYS F 474 22.43 -23.51 -28.82
C CYS F 474 22.12 -23.53 -30.29
N LYS F 475 22.96 -22.90 -31.09
CA LYS F 475 22.80 -23.04 -32.52
C LYS F 475 22.93 -24.48 -32.93
N ILE F 476 24.05 -25.11 -32.65
CA ILE F 476 24.35 -26.42 -33.21
C ILE F 476 23.45 -27.47 -32.58
N SER F 477 23.34 -27.44 -31.28
CA SER F 477 22.63 -28.49 -30.59
C SER F 477 21.17 -28.45 -30.97
N PRO F 478 20.63 -29.52 -31.52
CA PRO F 478 19.18 -29.71 -31.47
C PRO F 478 18.75 -29.75 -30.01
N ARG F 479 17.56 -29.21 -29.76
CA ARG F 479 16.94 -29.14 -28.44
C ARG F 479 17.78 -28.35 -27.44
N GLY F 480 18.68 -27.49 -27.91
CA GLY F 480 19.34 -26.53 -27.06
C GLY F 480 18.55 -25.24 -26.97
N VAL F 481 18.61 -24.58 -25.81
CA VAL F 481 17.89 -23.32 -25.57
C VAL F 481 18.79 -22.34 -24.84
N TYR F 482 18.98 -21.17 -25.44
CA TYR F 482 19.81 -20.12 -24.88
C TYR F 482 18.95 -19.17 -24.08
N THR F 483 19.34 -18.95 -22.83
CA THR F 483 18.58 -18.07 -21.97
C THR F 483 19.55 -17.27 -21.12
N THR F 484 19.03 -16.21 -20.53
CA THR F 484 19.77 -15.38 -19.60
C THR F 484 18.88 -15.10 -18.40
N GLY F 485 19.49 -14.57 -17.34
CA GLY F 485 18.79 -14.48 -16.07
C GLY F 485 17.55 -13.60 -16.01
N LYS F 486 17.69 -12.31 -16.32
CA LYS F 486 16.60 -11.36 -16.11
C LYS F 486 15.67 -10.82 -17.23
N GLY F 487 15.75 -11.26 -18.49
CA GLY F 487 16.24 -12.55 -18.89
C GLY F 487 15.04 -13.46 -18.93
N SER F 488 15.27 -14.74 -18.67
CA SER F 488 14.18 -15.71 -18.59
C SER F 488 13.58 -15.67 -17.19
N SER F 489 12.28 -15.40 -17.12
CA SER F 489 11.62 -15.38 -15.85
C SER F 489 11.55 -16.79 -15.26
N GLY F 490 11.36 -16.85 -13.93
CA GLY F 490 11.09 -18.13 -13.31
C GLY F 490 9.93 -18.83 -13.99
N VAL F 491 8.82 -18.12 -14.19
CA VAL F 491 7.72 -18.66 -14.98
C VAL F 491 8.13 -18.86 -16.42
N GLY F 492 9.24 -18.27 -16.86
CA GLY F 492 9.81 -18.67 -18.14
C GLY F 492 10.25 -20.11 -18.11
N LEU F 493 10.95 -20.50 -17.05
CA LEU F 493 11.29 -21.90 -16.91
C LEU F 493 10.08 -22.73 -16.52
N THR F 494 9.32 -22.25 -15.53
CA THR F 494 8.13 -22.92 -15.07
C THR F 494 7.02 -22.83 -16.12
N ALA F 495 6.00 -23.67 -15.95
CA ALA F 495 4.88 -23.73 -16.88
C ALA F 495 3.63 -23.11 -16.25
N ALA F 496 2.92 -22.29 -17.02
CA ALA F 496 1.64 -21.78 -16.56
C ALA F 496 0.52 -22.66 -17.09
N VAL F 497 -0.51 -22.83 -16.27
CA VAL F 497 -1.72 -23.53 -16.69
C VAL F 497 -2.62 -22.46 -17.25
N MET F 498 -2.76 -22.49 -18.55
CA MET F 498 -3.48 -21.44 -19.24
C MET F 498 -4.24 -22.08 -20.37
N LYS F 499 -5.52 -21.76 -20.50
CA LYS F 499 -6.36 -22.42 -21.49
C LYS F 499 -5.77 -22.33 -22.89
N ASP F 500 -6.03 -23.33 -23.73
CA ASP F 500 -5.58 -23.28 -25.11
C ASP F 500 -6.77 -23.36 -26.08
N PRO F 501 -6.63 -22.98 -27.34
CA PRO F 501 -7.82 -22.71 -28.15
C PRO F 501 -8.30 -23.93 -28.90
N VAL F 502 -9.39 -23.75 -29.65
CA VAL F 502 -9.94 -24.87 -30.38
C VAL F 502 -10.30 -25.89 -29.30
N THR F 503 -9.40 -26.81 -28.99
CA THR F 503 -9.64 -27.76 -27.91
C THR F 503 -9.72 -27.07 -26.56
N ASP F 504 -9.97 -27.84 -25.48
CA ASP F 504 -10.09 -27.22 -24.11
C ASP F 504 -9.56 -27.98 -22.86
N GLU F 505 -8.71 -27.46 -21.98
CA GLU F 505 -8.78 -26.10 -21.45
C GLU F 505 -7.71 -25.98 -20.34
N MET F 506 -7.20 -24.83 -19.93
CA MET F 506 -6.20 -24.74 -18.83
C MET F 506 -4.93 -25.54 -19.12
N ILE F 507 -4.11 -24.98 -19.99
CA ILE F 507 -2.99 -25.68 -20.60
C ILE F 507 -1.70 -25.36 -19.88
N LEU F 508 -0.92 -26.40 -19.65
CA LEU F 508 0.34 -26.16 -18.97
C LEU F 508 1.36 -25.83 -20.03
N GLU F 509 1.70 -24.56 -20.15
CA GLU F 509 2.57 -24.09 -21.20
C GLU F 509 3.95 -23.93 -20.59
N GLY F 510 4.88 -24.81 -20.96
CA GLY F 510 6.20 -24.84 -20.38
C GLY F 510 7.21 -24.02 -21.18
N GLY F 511 8.36 -23.78 -20.56
CA GLY F 511 9.38 -22.99 -21.22
C GLY F 511 10.75 -23.35 -20.70
N ALA F 512 11.75 -22.94 -21.48
CA ALA F 512 13.14 -23.19 -21.12
C ALA F 512 13.35 -24.69 -20.94
N LEU F 513 13.59 -25.08 -19.70
CA LEU F 513 13.82 -26.47 -19.35
C LEU F 513 12.83 -27.40 -20.03
N VAL F 514 11.55 -27.26 -19.71
CA VAL F 514 10.55 -28.08 -20.39
C VAL F 514 10.70 -27.92 -21.88
N LEU F 515 10.83 -26.69 -22.35
CA LEU F 515 11.01 -26.46 -23.77
C LEU F 515 12.24 -27.19 -24.28
N ALA F 516 13.42 -26.90 -23.74
CA ALA F 516 14.59 -27.65 -24.12
C ALA F 516 14.86 -28.63 -23.01
N ASP F 517 14.43 -29.85 -23.21
CA ASP F 517 14.70 -30.96 -22.32
C ASP F 517 15.01 -32.09 -23.26
N ASN F 518 15.78 -33.06 -22.78
CA ASN F 518 16.44 -34.00 -23.66
C ASN F 518 17.45 -33.27 -24.52
N GLY F 519 17.55 -31.95 -24.35
CA GLY F 519 18.53 -31.18 -25.06
C GLY F 519 18.98 -30.09 -24.12
N ILE F 520 20.10 -29.50 -24.47
CA ILE F 520 20.81 -28.63 -23.55
C ILE F 520 19.98 -27.39 -23.29
N CYS F 521 20.26 -26.73 -22.18
CA CYS F 521 19.72 -25.42 -21.91
C CYS F 521 20.85 -24.49 -21.53
N CYS F 522 20.82 -23.29 -22.10
CA CYS F 522 21.93 -22.35 -21.98
C CYS F 522 21.50 -21.15 -21.16
N ILE F 523 22.33 -20.81 -20.18
CA ILE F 523 22.00 -19.78 -19.22
C ILE F 523 23.08 -18.70 -19.27
N ASP F 524 22.64 -17.47 -19.35
CA ASP F 524 23.55 -16.36 -19.41
C ASP F 524 23.27 -15.44 -18.24
N GLU F 525 24.23 -14.55 -17.98
CA GLU F 525 24.13 -13.66 -16.85
C GLU F 525 23.79 -14.47 -15.62
N PHE F 526 24.35 -15.66 -15.58
CA PHE F 526 23.89 -16.64 -14.63
C PHE F 526 23.88 -16.07 -13.22
N ASP F 527 24.74 -15.11 -12.94
CA ASP F 527 24.67 -14.43 -11.65
C ASP F 527 23.34 -13.70 -11.49
N LYS F 528 22.80 -13.14 -12.57
CA LYS F 528 21.67 -12.23 -12.48
C LYS F 528 20.33 -12.92 -12.35
N MET F 529 20.30 -14.25 -12.36
CA MET F 529 19.05 -14.99 -12.36
C MET F 529 18.31 -14.93 -11.04
N ASP F 530 18.88 -14.28 -10.03
CA ASP F 530 18.28 -14.17 -8.70
C ASP F 530 18.13 -15.52 -8.04
N GLU F 531 16.97 -15.76 -7.45
CA GLU F 531 16.87 -16.77 -6.40
C GLU F 531 15.89 -17.87 -6.77
N SER F 532 14.61 -17.52 -6.92
CA SER F 532 13.63 -18.53 -7.30
C SER F 532 14.16 -19.35 -8.44
N ASP F 533 14.70 -18.68 -9.45
CA ASP F 533 15.41 -19.39 -10.48
C ASP F 533 16.44 -20.34 -9.85
N ARG F 534 17.33 -19.79 -9.04
CA ARG F 534 18.37 -20.58 -8.42
C ARG F 534 17.80 -21.79 -7.71
N THR F 535 16.69 -21.61 -7.02
CA THR F 535 16.09 -22.77 -6.38
C THR F 535 15.76 -23.84 -7.39
N ALA F 536 14.93 -23.49 -8.35
CA ALA F 536 14.50 -24.48 -9.32
C ALA F 536 15.69 -25.22 -9.87
N ILE F 537 16.65 -24.48 -10.38
CA ILE F 537 17.81 -25.11 -10.98
C ILE F 537 18.46 -26.03 -10.00
N HIS F 538 18.70 -25.53 -8.79
CA HIS F 538 19.23 -26.39 -7.77
C HIS F 538 18.47 -27.69 -7.74
N GLU F 539 17.16 -27.60 -7.91
CA GLU F 539 16.36 -28.81 -7.91
C GLU F 539 16.57 -29.64 -9.15
N VAL F 540 16.41 -29.04 -10.32
CA VAL F 540 16.46 -29.77 -11.56
C VAL F 540 17.76 -30.50 -11.72
N MET F 541 18.73 -30.17 -10.89
CA MET F 541 19.88 -31.03 -10.73
C MET F 541 19.48 -32.41 -10.25
N GLU F 542 18.23 -32.60 -9.85
CA GLU F 542 17.66 -33.92 -9.63
C GLU F 542 17.32 -34.57 -10.95
N GLN F 543 17.71 -33.91 -12.03
CA GLN F 543 17.28 -34.08 -13.40
C GLN F 543 15.77 -34.04 -13.42
N GLN F 544 15.17 -34.55 -14.49
CA GLN F 544 13.85 -35.17 -14.57
C GLN F 544 12.85 -34.64 -13.55
N THR F 545 13.12 -33.47 -13.00
CA THR F 545 12.32 -33.05 -11.88
C THR F 545 12.09 -31.57 -12.02
N ILE F 546 10.84 -31.23 -12.19
CA ILE F 546 10.31 -29.93 -11.80
C ILE F 546 8.95 -30.23 -11.24
N SER F 547 8.58 -29.52 -10.20
CA SER F 547 7.30 -29.75 -9.55
C SER F 547 6.72 -28.40 -9.16
N ILE F 548 5.47 -28.17 -9.55
CA ILE F 548 4.76 -26.95 -9.23
C ILE F 548 3.52 -27.32 -8.44
N SER F 549 3.50 -26.96 -7.16
CA SER F 549 2.34 -27.18 -6.29
C SER F 549 1.43 -25.97 -6.27
N LYS F 550 1.86 -24.86 -6.84
CA LYS F 550 1.12 -23.63 -6.74
C LYS F 550 -0.27 -23.81 -7.32
N ALA F 551 -1.26 -23.38 -6.53
CA ALA F 551 -2.61 -23.14 -7.03
C ALA F 551 -3.10 -24.31 -7.88
N GLY F 552 -3.46 -24.00 -9.11
CA GLY F 552 -4.04 -24.97 -10.01
C GLY F 552 -3.05 -25.96 -10.56
N ILE F 553 -1.85 -26.04 -10.00
CA ILE F 553 -0.85 -26.97 -10.46
C ILE F 553 -0.49 -27.87 -9.29
N ASN F 554 -0.81 -29.15 -9.41
CA ASN F 554 -0.22 -30.18 -8.57
C ASN F 554 0.87 -30.97 -9.28
N THR F 555 1.13 -30.68 -10.56
CA THR F 555 1.91 -31.60 -11.38
C THR F 555 3.41 -31.49 -11.11
N THR F 556 4.14 -32.57 -11.41
CA THR F 556 5.59 -32.59 -11.37
C THR F 556 6.12 -32.98 -12.75
N LEU F 557 6.74 -32.04 -13.45
CA LEU F 557 7.24 -32.32 -14.78
C LEU F 557 8.62 -32.97 -14.74
N ASN F 558 8.92 -33.72 -15.78
CA ASN F 558 10.23 -34.34 -15.96
C ASN F 558 11.01 -33.51 -16.97
N ALA F 559 12.12 -32.98 -16.54
CA ALA F 559 12.98 -32.20 -17.41
C ALA F 559 14.23 -33.01 -17.68
N ARG F 560 14.46 -33.34 -18.94
CA ARG F 560 15.64 -34.07 -19.37
C ARG F 560 16.77 -33.16 -19.86
N THR F 561 16.64 -31.85 -19.70
CA THR F 561 17.60 -30.90 -20.27
C THR F 561 18.99 -31.08 -19.68
N SER F 562 19.96 -30.52 -20.38
CA SER F 562 21.30 -30.35 -19.86
C SER F 562 21.55 -28.86 -19.68
N ILE F 563 22.49 -28.54 -18.80
CA ILE F 563 22.61 -27.18 -18.29
C ILE F 563 23.99 -26.64 -18.56
N LEU F 564 24.05 -25.42 -19.08
CA LEU F 564 25.28 -24.70 -19.31
C LEU F 564 25.17 -23.33 -18.68
N ALA F 565 26.14 -22.99 -17.85
CA ALA F 565 26.03 -21.85 -16.97
C ALA F 565 27.16 -20.88 -17.21
N ALA F 566 26.83 -19.71 -17.72
CA ALA F 566 27.80 -18.65 -17.94
C ALA F 566 27.53 -17.52 -16.98
N ALA F 567 28.51 -17.22 -16.13
CA ALA F 567 28.37 -16.14 -15.17
C ALA F 567 29.69 -15.39 -15.06
N ASN F 568 29.59 -14.16 -14.64
CA ASN F 568 30.76 -13.34 -14.38
C ASN F 568 31.15 -13.42 -12.92
N PRO F 569 32.45 -13.45 -12.63
CA PRO F 569 32.88 -13.49 -11.23
C PRO F 569 32.38 -12.28 -10.47
N LEU F 570 32.42 -12.40 -9.15
CA LEU F 570 32.13 -11.27 -8.30
C LEU F 570 32.94 -10.07 -8.77
N TYR F 571 32.29 -8.92 -8.78
CA TYR F 571 32.86 -7.74 -9.37
C TYR F 571 34.23 -7.40 -8.81
N GLY F 572 35.08 -6.83 -9.65
CA GLY F 572 34.79 -6.83 -11.07
C GLY F 572 35.07 -8.18 -11.70
N ARG F 573 36.30 -8.62 -11.55
CA ARG F 573 36.73 -9.93 -12.06
C ARG F 573 37.69 -10.54 -11.06
N TYR F 574 37.33 -11.71 -10.53
CA TYR F 574 38.27 -12.66 -9.94
C TYR F 574 39.36 -11.97 -9.16
N ASN F 575 39.01 -11.34 -8.06
CA ASN F 575 40.11 -10.73 -7.33
C ASN F 575 40.99 -11.89 -6.92
N PRO F 576 42.21 -11.94 -7.45
CA PRO F 576 43.12 -12.98 -6.98
C PRO F 576 43.35 -12.87 -5.50
N ARG F 577 43.43 -11.65 -5.00
CA ARG F 577 43.39 -11.46 -3.57
C ARG F 577 42.14 -12.07 -2.96
N LEU F 578 41.06 -12.19 -3.72
CA LEU F 578 39.90 -12.93 -3.26
C LEU F 578 40.16 -14.39 -3.49
N SER F 579 39.88 -15.18 -2.46
CA SER F 579 40.02 -16.59 -2.62
C SER F 579 39.05 -17.07 -3.68
N PRO F 580 39.27 -18.26 -4.21
CA PRO F 580 38.16 -18.97 -4.84
C PRO F 580 36.98 -18.98 -3.89
N LEU F 581 35.79 -18.86 -4.48
CA LEU F 581 34.53 -18.88 -3.77
C LEU F 581 34.38 -17.56 -3.01
N ASP F 582 35.49 -16.87 -2.83
CA ASP F 582 35.41 -15.45 -2.53
C ASP F 582 35.12 -14.70 -3.80
N ASN F 583 36.05 -14.74 -4.74
CA ASN F 583 35.79 -14.17 -6.04
C ASN F 583 34.59 -14.81 -6.72
N ILE F 584 34.09 -15.91 -6.18
CA ILE F 584 32.95 -16.62 -6.75
C ILE F 584 31.74 -16.43 -5.85
N ASN F 585 30.68 -15.85 -6.41
CA ASN F 585 29.51 -15.52 -5.62
C ASN F 585 28.63 -16.72 -5.30
N LEU F 586 28.85 -17.85 -5.93
CA LEU F 586 27.76 -18.82 -5.90
C LEU F 586 27.90 -19.79 -4.73
N PRO F 587 26.79 -20.40 -4.31
CA PRO F 587 26.85 -21.43 -3.27
C PRO F 587 27.41 -22.73 -3.80
N ALA F 588 28.23 -23.35 -2.99
CA ALA F 588 28.76 -24.64 -3.33
C ALA F 588 27.67 -25.68 -3.55
N ALA F 589 26.56 -25.56 -2.83
CA ALA F 589 25.47 -26.49 -3.01
C ALA F 589 25.16 -26.67 -4.48
N LEU F 590 25.00 -25.56 -5.17
CA LEU F 590 24.87 -25.64 -6.60
C LEU F 590 26.18 -26.04 -7.24
N LEU F 591 27.27 -25.40 -6.84
CA LEU F 591 28.55 -25.77 -7.41
C LEU F 591 28.76 -27.26 -7.34
N SER F 592 28.39 -27.84 -6.20
CA SER F 592 28.37 -29.28 -6.11
C SER F 592 27.68 -29.90 -7.29
N ARG F 593 26.57 -29.33 -7.71
CA ARG F 593 25.90 -29.86 -8.88
C ARG F 593 26.75 -29.68 -10.12
N PHE F 594 27.32 -28.48 -10.29
CA PHE F 594 28.05 -28.22 -11.52
C PHE F 594 29.12 -29.27 -11.67
N ASP F 595 29.06 -30.00 -12.76
CA ASP F 595 30.10 -30.97 -13.00
C ASP F 595 31.39 -30.27 -13.44
N ILE F 596 31.32 -29.48 -14.50
CA ILE F 596 32.50 -28.87 -15.07
C ILE F 596 32.38 -27.39 -14.89
N LEU F 597 33.21 -26.84 -14.05
CA LEU F 597 33.32 -25.40 -13.95
C LEU F 597 34.58 -25.02 -14.70
N PHE F 598 34.41 -24.41 -15.84
CA PHE F 598 35.55 -23.86 -16.55
C PHE F 598 35.66 -22.42 -16.11
N LEU F 599 36.71 -22.12 -15.37
CA LEU F 599 36.98 -20.76 -14.94
C LEU F 599 37.96 -20.15 -15.91
N MET F 600 37.52 -19.12 -16.62
CA MET F 600 38.33 -18.49 -17.66
C MET F 600 38.81 -17.13 -17.16
N LEU F 601 40.10 -17.04 -16.86
CA LEU F 601 40.69 -15.80 -16.39
C LEU F 601 41.74 -15.29 -17.39
N ASP F 602 41.94 -13.99 -17.42
CA ASP F 602 42.77 -13.35 -18.43
C ASP F 602 43.93 -12.61 -17.78
N ILE F 603 45.14 -13.11 -17.98
CA ILE F 603 46.35 -12.36 -17.70
C ILE F 603 46.96 -12.03 -19.05
N PRO F 604 47.20 -10.76 -19.36
CA PRO F 604 47.69 -10.41 -20.70
C PRO F 604 49.04 -11.02 -20.99
N SER F 605 49.20 -11.53 -22.22
CA SER F 605 50.44 -12.17 -22.65
C SER F 605 50.77 -11.69 -24.05
N ARG F 606 51.93 -11.03 -24.18
CA ARG F 606 52.30 -10.45 -25.45
C ARG F 606 52.20 -11.47 -26.59
N ASP F 607 52.80 -12.63 -26.39
CA ASP F 607 52.96 -13.55 -27.51
C ASP F 607 51.62 -14.07 -28.01
N ASP F 608 50.87 -14.70 -27.13
CA ASP F 608 49.63 -15.32 -27.59
C ASP F 608 48.70 -14.26 -28.14
N ASP F 609 48.56 -13.17 -27.40
CA ASP F 609 47.73 -12.08 -27.87
C ASP F 609 48.05 -11.72 -29.30
N GLU F 610 49.31 -11.82 -29.68
CA GLU F 610 49.63 -11.73 -31.09
C GLU F 610 48.85 -12.78 -31.85
N LYS F 611 48.94 -14.03 -31.41
CA LYS F 611 48.31 -15.11 -32.15
C LYS F 611 46.82 -14.85 -32.32
N LEU F 612 46.11 -14.73 -31.21
CA LEU F 612 44.68 -14.46 -31.29
C LEU F 612 44.43 -13.27 -32.19
N ALA F 613 45.20 -12.20 -31.99
CA ALA F 613 45.05 -11.00 -32.81
C ALA F 613 45.09 -11.34 -34.28
N GLU F 614 46.02 -12.20 -34.65
CA GLU F 614 46.11 -12.64 -36.03
C GLU F 614 44.84 -13.34 -36.43
N HIS F 615 44.39 -14.30 -35.62
CA HIS F 615 43.18 -15.00 -35.96
C HIS F 615 42.08 -14.02 -36.28
N VAL F 616 41.85 -13.10 -35.37
CA VAL F 616 40.82 -12.12 -35.53
C VAL F 616 41.08 -11.23 -36.72
N THR F 617 42.33 -11.07 -37.13
CA THR F 617 42.53 -10.24 -38.31
C THR F 617 42.28 -11.03 -39.57
N TYR F 618 42.76 -12.26 -39.59
CA TYR F 618 42.59 -13.13 -40.73
C TYR F 618 41.14 -13.31 -41.01
N VAL F 619 40.39 -13.63 -40.00
CA VAL F 619 39.00 -13.48 -40.05
C VAL F 619 38.87 -12.45 -39.00
N HIS F 620 38.34 -11.26 -39.28
CA HIS F 620 37.44 -10.94 -40.36
C HIS F 620 38.02 -11.00 -41.73
N MET F 621 39.30 -10.68 -41.81
CA MET F 621 39.92 -10.43 -43.10
C MET F 621 39.50 -11.50 -44.09
N HIS F 622 39.41 -12.73 -43.62
CA HIS F 622 38.76 -13.79 -44.33
C HIS F 622 37.46 -14.11 -43.62
N ASN F 623 36.46 -14.53 -44.38
CA ASN F 623 35.36 -15.17 -43.68
C ASN F 623 35.84 -16.46 -43.04
N LYS F 624 36.77 -17.14 -43.69
CA LYS F 624 37.22 -18.44 -43.23
C LYS F 624 38.47 -18.27 -42.37
N GLN F 625 38.35 -18.59 -41.08
CA GLN F 625 39.52 -18.59 -40.20
C GLN F 625 40.45 -19.77 -40.42
N PRO F 626 40.00 -21.02 -40.28
CA PRO F 626 40.96 -22.14 -40.20
C PRO F 626 41.66 -22.36 -41.51
N ASP F 627 42.97 -22.40 -41.45
CA ASP F 627 43.74 -22.57 -42.66
C ASP F 627 45.06 -23.21 -42.28
N LEU F 628 45.57 -24.02 -43.20
CA LEU F 628 46.91 -24.59 -43.07
C LEU F 628 47.22 -25.10 -41.68
N ASP F 629 46.58 -26.19 -41.26
CA ASP F 629 45.44 -26.77 -41.95
C ASP F 629 44.49 -27.29 -40.93
N PHE F 630 43.23 -26.91 -41.04
CA PHE F 630 42.25 -27.55 -40.19
C PHE F 630 40.99 -27.70 -41.00
N THR F 631 40.45 -28.90 -40.99
CA THR F 631 39.13 -29.09 -41.55
C THR F 631 38.14 -29.04 -40.40
N PRO F 632 37.36 -27.98 -40.27
CA PRO F 632 36.30 -27.99 -39.26
C PRO F 632 35.11 -28.79 -39.77
N VAL F 633 34.35 -29.36 -38.84
CA VAL F 633 33.27 -30.29 -39.18
C VAL F 633 31.98 -29.53 -39.32
N GLU F 634 31.29 -29.75 -40.44
CA GLU F 634 29.97 -29.20 -40.61
C GLU F 634 29.11 -29.64 -39.44
N PRO F 635 28.54 -28.70 -38.69
CA PRO F 635 27.68 -29.10 -37.58
C PRO F 635 26.59 -30.03 -38.00
N SER F 636 26.20 -30.01 -39.28
CA SER F 636 25.26 -31.00 -39.76
C SER F 636 25.82 -32.40 -39.59
N LYS F 637 26.81 -32.74 -40.41
CA LYS F 637 27.40 -34.06 -40.31
C LYS F 637 27.92 -34.32 -38.92
N MET F 638 28.42 -33.26 -38.27
CA MET F 638 28.77 -33.39 -36.87
C MET F 638 27.60 -33.96 -36.08
N ARG F 639 26.46 -33.29 -36.16
CA ARG F 639 25.27 -33.75 -35.46
C ARG F 639 24.95 -35.18 -35.82
N GLU F 640 25.21 -35.55 -37.08
CA GLU F 640 24.98 -36.92 -37.50
C GLU F 640 25.84 -37.88 -36.70
N TYR F 641 27.15 -37.69 -36.77
CA TYR F 641 28.06 -38.56 -36.05
C TYR F 641 27.65 -38.63 -34.58
N ILE F 642 27.24 -37.49 -34.03
CA ILE F 642 26.78 -37.45 -32.65
C ILE F 642 25.63 -38.41 -32.45
N ALA F 643 24.61 -38.31 -33.30
CA ALA F 643 23.52 -39.26 -33.26
C ALA F 643 24.03 -40.69 -33.21
N TYR F 644 24.95 -41.02 -34.11
CA TYR F 644 25.46 -42.38 -34.17
C TYR F 644 26.18 -42.78 -32.90
N ALA F 645 26.92 -41.87 -32.29
CA ALA F 645 27.64 -42.21 -31.08
C ALA F 645 26.68 -42.41 -29.93
N LYS F 646 25.65 -41.57 -29.85
CA LYS F 646 24.69 -41.60 -28.76
C LYS F 646 24.07 -42.95 -28.56
N THR F 647 24.14 -43.80 -29.57
CA THR F 647 23.51 -45.11 -29.48
C THR F 647 24.31 -46.10 -28.63
N LYS F 648 25.55 -45.79 -28.26
CA LYS F 648 26.50 -46.83 -27.89
C LYS F 648 26.21 -47.50 -26.54
N ARG F 649 26.11 -46.73 -25.45
CA ARG F 649 25.95 -47.29 -24.11
C ARG F 649 27.11 -48.23 -23.75
N PRO F 650 28.30 -47.70 -23.48
CA PRO F 650 29.47 -48.54 -23.20
C PRO F 650 29.40 -49.18 -21.82
N VAL F 651 30.31 -50.14 -21.60
CA VAL F 651 30.42 -50.81 -20.30
C VAL F 651 31.84 -50.71 -19.78
N MET F 652 31.99 -50.76 -18.46
CA MET F 652 33.25 -50.40 -17.84
C MET F 652 34.07 -51.62 -17.48
N SER F 653 35.37 -51.48 -17.67
CA SER F 653 36.27 -52.49 -17.20
C SER F 653 36.40 -52.40 -15.69
N GLU F 654 36.51 -53.58 -15.08
CA GLU F 654 36.84 -53.64 -13.67
C GLU F 654 38.13 -52.91 -13.38
N ALA F 655 39.11 -53.01 -14.27
CA ALA F 655 40.38 -52.36 -14.02
C ALA F 655 40.19 -50.87 -13.96
N VAL F 656 39.67 -50.30 -15.04
CA VAL F 656 39.34 -48.90 -15.04
C VAL F 656 38.58 -48.58 -13.78
N ASN F 657 37.68 -49.46 -13.39
CA ASN F 657 37.00 -49.28 -12.12
C ASN F 657 38.01 -49.12 -11.00
N ASP F 658 39.01 -49.98 -10.95
CA ASP F 658 39.92 -49.99 -9.82
C ASP F 658 40.77 -48.73 -9.80
N TYR F 659 41.48 -48.49 -10.88
CA TYR F 659 42.25 -47.27 -10.98
C TYR F 659 41.41 -46.10 -10.58
N VAL F 660 40.20 -46.05 -11.13
CA VAL F 660 39.26 -45.01 -10.77
C VAL F 660 39.21 -44.89 -9.26
N VAL F 661 39.02 -46.01 -8.59
CA VAL F 661 38.88 -45.97 -7.14
C VAL F 661 40.13 -45.35 -6.54
N GLN F 662 41.27 -45.97 -6.81
CA GLN F 662 42.50 -45.53 -6.21
C GLN F 662 42.66 -44.05 -6.40
N ALA F 663 42.65 -43.63 -7.64
CA ALA F 663 42.73 -42.24 -7.96
C ALA F 663 41.74 -41.44 -7.16
N TYR F 664 40.54 -41.98 -7.00
CA TYR F 664 39.52 -41.20 -6.34
C TYR F 664 39.89 -40.97 -4.91
N ILE F 665 40.37 -42.02 -4.26
CA ILE F 665 40.93 -41.86 -2.93
C ILE F 665 42.01 -40.80 -2.96
N ARG F 666 42.92 -40.89 -3.92
CA ARG F 666 43.95 -39.88 -4.02
C ARG F 666 43.33 -38.50 -4.15
N LEU F 667 42.19 -38.45 -4.81
CA LEU F 667 41.56 -37.19 -5.16
C LEU F 667 40.94 -36.55 -3.94
N ARG F 668 40.03 -37.26 -3.29
CA ARG F 668 39.49 -36.80 -2.04
C ARG F 668 40.62 -36.48 -1.06
N GLN F 669 41.65 -37.33 -1.08
CA GLN F 669 42.71 -37.26 -0.08
C GLN F 669 43.51 -35.98 -0.23
N ASP F 670 44.05 -35.75 -1.41
CA ASP F 670 44.74 -34.51 -1.61
C ASP F 670 43.79 -33.33 -1.43
N SER F 671 42.56 -33.46 -1.92
CA SER F 671 41.59 -32.37 -1.87
C SER F 671 41.37 -31.90 -0.46
N LYS F 672 41.28 -32.84 0.48
CA LYS F 672 41.12 -32.49 1.88
C LYS F 672 42.44 -32.12 2.51
N ARG F 673 43.51 -32.81 2.12
CA ARG F 673 44.84 -32.44 2.57
C ARG F 673 45.10 -30.97 2.33
N GLU F 674 44.44 -30.40 1.33
CA GLU F 674 44.46 -28.96 1.15
C GLU F 674 43.92 -28.23 2.38
N MET F 675 42.90 -28.79 3.01
CA MET F 675 42.28 -28.18 4.19
C MET F 675 41.77 -26.77 3.92
N ASP F 676 42.34 -25.77 4.58
CA ASP F 676 41.70 -24.46 4.66
C ASP F 676 41.99 -23.61 3.43
N SER F 677 40.93 -23.31 2.70
CA SER F 677 40.75 -22.22 1.74
C SER F 677 41.80 -22.20 0.63
N LYS F 678 42.15 -20.98 0.23
CA LYS F 678 42.87 -20.68 -1.00
C LYS F 678 42.21 -21.41 -2.15
N PHE F 679 43.03 -21.82 -3.13
CA PHE F 679 42.96 -23.16 -3.71
C PHE F 679 41.54 -23.68 -3.83
N SER F 680 41.30 -24.83 -3.21
CA SER F 680 40.00 -25.43 -3.08
C SER F 680 39.41 -25.56 -4.51
N PHE F 681 38.10 -25.46 -4.74
CA PHE F 681 37.09 -25.95 -3.84
C PHE F 681 37.38 -27.40 -3.53
N GLY F 682 37.25 -27.77 -2.28
CA GLY F 682 37.18 -29.19 -1.97
C GLY F 682 35.77 -29.56 -2.39
N GLN F 683 35.29 -30.72 -1.96
CA GLN F 683 36.07 -31.77 -1.32
C GLN F 683 36.37 -32.92 -2.27
N ALA F 684 35.96 -32.78 -3.53
CA ALA F 684 35.91 -33.89 -4.47
C ALA F 684 34.88 -34.92 -4.03
N THR F 685 33.69 -34.44 -3.75
CA THR F 685 32.63 -35.26 -3.20
C THR F 685 32.33 -36.42 -4.14
N PRO F 686 31.68 -37.43 -3.67
CA PRO F 686 31.40 -38.58 -4.50
C PRO F 686 30.89 -38.17 -5.85
N ARG F 687 29.99 -37.19 -5.84
CA ARG F 687 29.54 -36.65 -7.10
C ARG F 687 30.70 -36.29 -8.00
N THR F 688 31.82 -35.86 -7.44
CA THR F 688 32.99 -35.75 -8.29
C THR F 688 33.24 -37.08 -8.94
N LEU F 689 33.31 -38.12 -8.13
CA LEU F 689 33.53 -39.44 -8.68
C LEU F 689 32.50 -39.76 -9.74
N LEU F 690 31.25 -39.86 -9.35
CA LEU F 690 30.19 -40.20 -10.26
C LEU F 690 30.30 -39.41 -11.53
N GLY F 691 30.52 -38.11 -11.40
CA GLY F 691 30.65 -37.29 -12.56
C GLY F 691 31.73 -37.80 -13.47
N ILE F 692 32.93 -37.94 -12.94
CA ILE F 692 34.02 -38.46 -13.77
C ILE F 692 33.61 -39.75 -14.42
N ILE F 693 32.91 -40.59 -13.68
CA ILE F 693 32.42 -41.84 -14.25
C ILE F 693 31.62 -41.55 -15.50
N ARG F 694 30.64 -40.67 -15.39
CA ARG F 694 29.87 -40.36 -16.57
C ARG F 694 30.77 -39.78 -17.65
N LEU F 695 31.82 -39.08 -17.22
CA LEU F 695 32.66 -38.37 -18.16
C LEU F 695 33.42 -39.34 -19.03
N SER F 696 34.22 -40.17 -18.40
CA SER F 696 34.86 -41.23 -19.15
C SER F 696 33.82 -42.00 -19.92
N GLN F 697 32.68 -42.26 -19.30
CA GLN F 697 31.59 -42.93 -19.98
C GLN F 697 31.26 -42.23 -21.29
N ALA F 698 31.42 -40.92 -21.32
CA ALA F 698 31.24 -40.21 -22.57
C ALA F 698 32.43 -40.39 -23.48
N LEU F 699 33.63 -40.15 -22.96
CA LEU F 699 34.84 -40.26 -23.77
C LEU F 699 34.86 -41.58 -24.51
N ALA F 700 34.61 -42.66 -23.78
CA ALA F 700 34.43 -43.96 -24.37
C ALA F 700 33.46 -43.91 -25.55
N LYS F 701 32.30 -43.29 -25.35
CA LYS F 701 31.32 -43.26 -26.43
C LYS F 701 31.86 -42.57 -27.68
N LEU F 702 32.77 -41.63 -27.50
CA LEU F 702 33.50 -41.10 -28.64
C LEU F 702 34.30 -42.18 -29.34
N ARG F 703 34.91 -43.05 -28.58
CA ARG F 703 35.42 -44.27 -29.17
C ARG F 703 34.30 -45.18 -29.63
N LEU F 704 33.08 -44.94 -29.15
CA LEU F 704 31.91 -45.80 -29.32
C LEU F 704 32.06 -47.03 -28.44
N ALA F 705 33.29 -47.31 -28.01
CA ALA F 705 33.61 -48.09 -26.82
C ALA F 705 32.81 -49.36 -26.59
N ASP F 706 32.12 -49.37 -25.44
CA ASP F 706 31.66 -50.53 -24.68
C ASP F 706 32.83 -51.08 -23.88
N MET F 707 34.04 -50.69 -24.27
CA MET F 707 35.23 -51.09 -23.54
C MET F 707 35.44 -50.20 -22.33
N VAL F 708 35.39 -48.90 -22.54
CA VAL F 708 35.76 -47.93 -21.52
C VAL F 708 37.20 -48.18 -21.10
N ASP F 709 38.15 -47.82 -21.97
CA ASP F 709 39.56 -48.02 -21.70
C ASP F 709 40.09 -46.99 -20.70
N ILE F 710 41.09 -47.40 -19.94
CA ILE F 710 41.61 -46.58 -18.84
C ILE F 710 42.14 -45.26 -19.35
N ASP F 711 42.56 -45.23 -20.60
CA ASP F 711 42.97 -43.95 -21.17
C ASP F 711 41.82 -42.96 -21.14
N ASP F 712 40.64 -43.38 -21.57
CA ASP F 712 39.48 -42.50 -21.50
C ASP F 712 39.35 -41.90 -20.12
N VAL F 713 39.52 -42.74 -19.12
CA VAL F 713 39.53 -42.28 -17.74
C VAL F 713 40.59 -41.22 -17.54
N GLU F 714 41.85 -41.62 -17.64
CA GLU F 714 42.96 -40.72 -17.36
C GLU F 714 42.76 -39.40 -18.05
N GLU F 715 42.24 -39.45 -19.27
CA GLU F 715 41.81 -38.26 -19.94
C GLU F 715 40.85 -37.48 -19.09
N ALA F 716 39.73 -38.11 -18.71
CA ALA F 716 38.75 -37.41 -17.91
C ALA F 716 39.44 -36.73 -16.73
N LEU F 717 40.43 -37.39 -16.16
CA LEU F 717 41.19 -36.79 -15.07
C LEU F 717 41.93 -35.56 -15.54
N ARG F 718 42.79 -35.72 -16.53
CA ARG F 718 43.54 -34.60 -17.03
C ARG F 718 42.64 -33.43 -17.23
N LEU F 719 41.52 -33.68 -17.88
CA LEU F 719 40.49 -32.67 -18.02
C LEU F 719 40.11 -32.09 -16.67
N VAL F 720 39.92 -32.96 -15.69
CA VAL F 720 39.43 -32.48 -14.42
C VAL F 720 40.45 -31.55 -13.79
N ARG F 721 41.65 -32.06 -13.56
CA ARG F 721 42.73 -31.24 -13.05
C ARG F 721 42.84 -29.96 -13.84
N VAL F 722 42.59 -30.07 -15.13
CA VAL F 722 42.70 -28.94 -16.02
C VAL F 722 41.66 -27.89 -15.72
N SER F 723 40.43 -28.29 -15.44
CA SER F 723 39.32 -27.35 -15.30
C SER F 723 39.68 -26.24 -14.34
N LYS F 724 39.90 -26.61 -13.09
CA LYS F 724 40.42 -25.69 -12.10
C LYS F 724 41.93 -25.72 -12.17
N GLU F 725 42.56 -25.18 -11.13
CA GLU F 725 44.00 -25.15 -10.95
C GLU F 725 44.57 -24.11 -11.89
N SER F 726 43.79 -23.67 -12.86
CA SER F 726 44.13 -22.49 -13.63
C SER F 726 44.34 -21.29 -12.74
N LEU F 727 43.84 -21.35 -11.52
CA LEU F 727 44.03 -20.32 -10.51
C LEU F 727 45.49 -20.10 -10.17
N TYR F 728 46.35 -21.05 -10.50
CA TYR F 728 47.74 -20.92 -10.15
C TYR F 728 48.52 -19.97 -11.05
N GLN F 729 48.07 -19.74 -12.28
CA GLN F 729 48.85 -18.96 -13.23
C GLN F 729 49.02 -17.52 -12.79
N LEU G 13 -6.75 52.48 15.49
CA LEU G 13 -5.87 52.86 16.59
C LEU G 13 -4.69 53.68 16.06
N ARG G 14 -4.97 54.51 15.06
CA ARG G 14 -3.95 55.39 14.50
C ARG G 14 -3.53 56.45 15.51
N VAL G 15 -2.24 56.76 15.55
CA VAL G 15 -1.71 57.74 16.49
C VAL G 15 -0.91 58.83 15.78
N PRO G 16 -1.61 59.84 15.24
CA PRO G 16 -1.00 60.94 14.48
C PRO G 16 -0.07 61.83 15.30
N VAL G 17 0.95 62.38 14.65
CA VAL G 17 1.89 63.27 15.31
C VAL G 17 2.09 64.57 14.50
N ILE G 18 1.94 65.71 15.17
CA ILE G 18 2.20 67.00 14.56
C ILE G 18 2.86 67.95 15.56
N ASP G 19 3.75 68.81 15.06
CA ASP G 19 4.39 69.84 15.87
C ASP G 19 3.42 71.00 16.08
N LEU G 20 3.43 71.61 17.26
CA LEU G 20 2.48 72.69 17.55
C LEU G 20 2.94 74.00 16.95
N ASN G 21 4.21 74.06 16.55
CA ASN G 21 4.73 75.22 15.84
C ASN G 21 4.06 75.32 14.47
N ARG G 22 3.73 74.16 13.91
CA ARG G 22 3.00 74.09 12.65
C ARG G 22 1.50 74.25 12.88
N VAL G 23 1.07 74.11 14.13
CA VAL G 23 -0.31 74.40 14.51
C VAL G 23 -0.42 75.89 14.83
N SER G 24 0.75 76.52 14.98
CA SER G 24 0.85 77.92 15.41
C SER G 24 0.18 78.92 14.50
N ASP G 25 0.31 78.73 13.19
CA ASP G 25 -0.34 79.62 12.24
C ASP G 25 -1.86 79.51 12.39
N GLU G 26 -2.32 78.27 12.55
CA GLU G 26 -3.72 77.81 12.75
C GLU G 26 -4.54 77.76 11.46
N GLU G 27 -3.89 78.04 10.34
CA GLU G 27 -4.53 78.01 9.04
C GLU G 27 -4.10 76.76 8.28
N GLN G 28 -3.30 75.91 8.91
CA GLN G 28 -2.88 74.72 8.15
C GLN G 28 -3.32 73.42 8.84
N LEU G 29 -3.14 73.33 10.16
CA LEU G 29 -3.53 72.13 10.91
C LEU G 29 -4.87 72.19 11.67
N LEU G 30 -5.60 73.29 11.58
CA LEU G 30 -6.85 73.43 12.33
C LEU G 30 -7.91 72.36 12.02
N PRO G 31 -8.20 72.10 10.72
CA PRO G 31 -9.21 71.05 10.46
C PRO G 31 -8.74 69.64 10.84
N VAL G 32 -7.42 69.41 10.80
CA VAL G 32 -6.86 68.09 11.04
C VAL G 32 -7.09 67.61 12.48
N VAL G 33 -6.85 68.49 13.45
CA VAL G 33 -7.03 68.14 14.86
C VAL G 33 -8.49 67.83 15.15
N ARG G 34 -9.41 68.55 14.50
CA ARG G 34 -10.82 68.25 14.65
C ARG G 34 -11.17 66.93 13.99
N ALA G 35 -10.48 66.62 12.90
CA ALA G 35 -10.69 65.36 12.20
C ALA G 35 -10.25 64.17 13.04
N ILE G 36 -9.14 64.33 13.76
CA ILE G 36 -8.63 63.24 14.59
C ILE G 36 -9.35 63.15 15.96
N LEU G 37 -9.84 64.27 16.49
CA LEU G 37 -10.60 64.21 17.75
C LEU G 37 -11.97 63.61 17.47
N LEU G 38 -12.40 63.72 16.21
CA LEU G 38 -13.61 63.05 15.75
C LEU G 38 -13.35 61.55 15.67
N GLN G 39 -12.07 61.19 15.64
CA GLN G 39 -11.67 59.79 15.57
C GLN G 39 -10.95 59.34 16.85
N HIS G 40 -9.71 59.78 17.01
CA HIS G 40 -8.89 59.33 18.13
C HIS G 40 -9.18 60.08 19.41
N ASP G 41 -10.01 61.13 19.34
CA ASP G 41 -10.33 61.93 20.53
C ASP G 41 -9.04 62.42 21.15
N THR G 42 -8.66 61.80 22.27
CA THR G 42 -7.40 62.09 22.95
C THR G 42 -6.29 62.17 21.92
N PHE G 43 -5.47 63.21 22.02
CA PHE G 43 -4.47 63.47 20.99
C PHE G 43 -3.07 63.43 21.56
N LEU G 44 -2.09 63.16 20.71
CA LEU G 44 -0.72 63.13 21.16
C LEU G 44 -0.07 64.44 20.77
N LEU G 45 0.07 65.32 21.76
CA LEU G 45 0.69 66.64 21.59
C LEU G 45 2.15 66.52 21.97
N LYS G 46 3.01 67.29 21.32
CA LYS G 46 4.43 67.23 21.62
C LYS G 46 5.11 68.60 21.60
N ASN G 47 6.33 68.62 22.14
CA ASN G 47 7.28 69.75 22.10
C ASN G 47 6.66 71.15 22.24
N TYR G 48 6.10 71.41 23.43
CA TYR G 48 5.65 72.75 23.78
C TYR G 48 6.84 73.51 24.35
N ALA G 49 6.64 74.77 24.70
CA ALA G 49 7.71 75.62 25.23
C ALA G 49 8.35 75.03 26.48
N ASN G 50 7.56 74.32 27.28
CA ASN G 50 8.11 73.64 28.45
C ASN G 50 8.83 72.35 28.04
N LYS G 51 10.07 72.19 28.46
CA LYS G 51 10.79 70.95 28.15
C LYS G 51 11.45 70.29 29.35
N ALA G 52 12.56 70.86 29.80
CA ALA G 52 13.31 70.30 30.92
C ALA G 52 12.73 70.77 32.24
N VAL G 53 12.01 71.89 32.18
CA VAL G 53 11.35 72.45 33.33
C VAL G 53 10.25 71.50 33.81
N LEU G 54 9.74 70.71 32.88
CA LEU G 54 8.72 69.70 33.17
C LEU G 54 9.30 68.61 34.06
N ASP G 55 10.58 68.28 33.84
CA ASP G 55 11.29 67.32 34.69
C ASP G 55 11.71 67.98 35.99
N ALA G 56 12.03 69.27 35.94
CA ALA G 56 12.44 70.02 37.12
C ALA G 56 11.28 70.25 38.08
N LEU G 57 10.06 70.13 37.56
CA LEU G 57 8.85 70.35 38.35
C LEU G 57 8.62 69.23 39.36
N LEU G 58 9.30 68.11 39.18
CA LEU G 58 9.13 66.93 40.02
C LEU G 58 9.52 67.19 41.49
N ALA G 59 10.31 68.23 41.73
CA ALA G 59 10.79 68.54 43.06
C ALA G 59 9.66 68.99 44.00
N GLY G 60 8.61 69.57 43.42
CA GLY G 60 7.49 70.06 44.20
C GLY G 60 6.40 69.03 44.42
N LEU G 61 6.62 67.83 43.88
CA LEU G 61 5.64 66.75 43.96
C LEU G 61 5.79 65.96 45.26
N THR G 62 6.88 66.21 45.98
CA THR G 62 7.18 65.45 47.19
C THR G 62 6.48 66.01 48.43
N THR G 63 5.71 67.07 48.26
CA THR G 63 5.03 67.73 49.39
C THR G 63 4.08 66.82 50.19
N LYS G 64 2.92 66.52 49.61
CA LYS G 64 1.93 65.60 50.18
C LYS G 64 1.51 65.91 51.64
N ASP G 65 1.57 67.17 52.05
CA ASP G 65 1.17 67.54 53.41
C ASP G 65 -0.19 68.23 53.63
N LEU G 66 -1.06 68.30 52.62
CA LEU G 66 -2.28 69.11 52.72
C LEU G 66 -3.62 68.33 52.79
N PRO G 67 -4.65 68.91 53.43
CA PRO G 67 -6.06 68.51 53.59
C PRO G 67 -6.82 68.63 52.28
N ASP G 68 -8.15 68.73 52.31
CA ASP G 68 -8.92 68.74 51.07
C ASP G 68 -9.33 70.11 50.50
N THR G 69 -10.49 70.64 50.90
CA THR G 69 -11.06 71.88 50.35
C THR G 69 -10.81 72.04 48.85
N SER G 70 -10.90 70.93 48.11
CA SER G 70 -10.51 70.86 46.69
C SER G 70 -9.05 71.26 46.47
N GLN G 71 -8.19 70.88 47.42
CA GLN G 71 -6.76 71.17 47.32
C GLN G 71 -5.94 70.11 48.07
N GLY G 72 -4.65 70.01 47.76
CA GLY G 72 -3.78 69.09 48.46
C GLY G 72 -3.97 67.65 48.02
N PHE G 73 -3.17 66.74 48.56
CA PHE G 73 -3.28 65.34 48.17
C PHE G 73 -4.62 64.80 48.60
N ASP G 74 -5.19 63.93 47.77
CA ASP G 74 -6.45 63.30 48.14
C ASP G 74 -6.12 61.89 48.60
N ALA G 75 -6.15 61.67 49.91
CA ALA G 75 -5.88 60.36 50.45
C ALA G 75 -7.20 59.63 50.42
N ASN G 76 -7.25 58.50 49.71
CA ASN G 76 -8.51 57.84 49.48
C ASN G 76 -8.45 56.34 49.69
N PHE G 77 -9.23 55.86 50.66
CA PHE G 77 -9.27 54.43 50.97
C PHE G 77 -10.56 53.79 50.46
N VAL G 87 -6.50 53.26 48.66
CA VAL G 87 -5.59 53.53 49.76
C VAL G 87 -4.30 54.16 49.26
N TRP G 88 -3.57 53.41 48.43
CA TRP G 88 -2.29 53.86 47.92
C TRP G 88 -2.42 55.06 47.00
N LEU G 89 -3.56 55.17 46.33
CA LEU G 89 -3.77 56.26 45.39
C LEU G 89 -3.95 57.59 46.10
N GLU G 90 -3.47 58.66 45.46
CA GLU G 90 -3.74 60.00 45.94
C GLU G 90 -3.72 61.00 44.80
N GLN G 91 -4.48 62.07 44.95
CA GLN G 91 -4.54 63.10 43.93
C GLN G 91 -4.25 64.44 44.57
N TYR G 92 -3.16 65.08 44.16
CA TYR G 92 -2.86 66.37 44.73
C TYR G 92 -3.55 67.38 43.84
N ILE G 93 -4.67 67.87 44.32
CA ILE G 93 -5.46 68.79 43.56
C ILE G 93 -5.06 70.14 44.09
N PHE G 94 -4.92 71.12 43.20
CA PHE G 94 -4.56 72.45 43.63
C PHE G 94 -5.56 73.42 43.05
N ASP G 95 -6.39 74.01 43.90
CA ASP G 95 -7.40 74.95 43.44
C ASP G 95 -6.68 76.22 43.00
N THR G 96 -7.20 76.86 41.96
CA THR G 96 -6.56 78.06 41.42
C THR G 96 -6.58 79.16 42.48
N ASP G 97 -5.52 79.96 42.49
CA ASP G 97 -5.35 81.01 43.50
C ASP G 97 -6.43 82.10 43.56
N PRO G 98 -6.88 82.65 42.41
CA PRO G 98 -7.77 83.81 42.46
C PRO G 98 -9.09 83.65 43.21
N GLN G 99 -9.70 82.47 43.18
CA GLN G 99 -11.00 82.27 43.83
C GLN G 99 -10.90 82.52 45.33
N LEU G 100 -11.85 83.30 45.86
CA LEU G 100 -11.80 83.77 47.24
C LEU G 100 -12.11 82.69 48.26
N ARG G 101 -11.29 82.66 49.31
CA ARG G 101 -11.49 81.80 50.49
C ARG G 101 -11.53 80.31 50.21
N PHE G 102 -11.01 79.88 49.07
CA PHE G 102 -10.58 78.48 48.98
C PHE G 102 -9.11 78.45 48.59
N ASP G 103 -8.24 78.24 49.57
CA ASP G 103 -6.82 78.07 49.29
C ASP G 103 -6.13 77.31 50.41
N ARG G 104 -5.24 76.39 50.05
CA ARG G 104 -4.20 75.96 50.97
C ARG G 104 -2.87 75.86 50.21
N LYS G 105 -1.93 76.76 50.48
CA LYS G 105 -0.72 76.83 49.66
C LYS G 105 0.39 76.06 50.34
N CYS G 106 1.20 75.34 49.57
CA CYS G 106 2.31 74.64 50.21
C CYS G 106 3.68 75.05 49.68
N ARG G 107 4.15 74.44 48.60
CA ARG G 107 5.33 74.97 47.91
C ARG G 107 5.14 75.04 46.40
N ASN G 108 5.42 73.92 45.74
CA ASN G 108 4.99 73.59 44.37
C ASN G 108 4.93 74.78 43.40
N GLU G 109 5.92 75.67 43.51
CA GLU G 109 5.93 76.91 42.73
C GLU G 109 6.09 76.63 41.24
N SER G 110 6.81 75.55 40.92
CA SER G 110 6.99 75.12 39.54
C SER G 110 5.63 74.76 38.93
N LEU G 111 4.74 74.22 39.76
CA LEU G 111 3.39 73.90 39.32
C LEU G 111 2.59 75.16 39.04
N CYS G 112 2.82 76.19 39.86
CA CYS G 112 2.17 77.48 39.67
C CYS G 112 2.67 78.15 38.40
N SER G 113 3.91 77.85 38.03
CA SER G 113 4.48 78.36 36.78
C SER G 113 3.91 77.63 35.57
N ILE G 114 3.91 76.29 35.64
CA ILE G 114 3.38 75.49 34.54
C ILE G 114 1.87 75.65 34.41
N TYR G 115 1.24 76.21 35.43
CA TYR G 115 -0.18 76.53 35.38
C TYR G 115 -0.45 77.59 34.31
N SER G 116 0.35 78.65 34.32
CA SER G 116 0.25 79.71 33.31
C SER G 116 0.81 79.22 31.98
N ARG G 117 1.98 78.59 32.05
CA ARG G 117 2.65 78.05 30.87
C ARG G 117 1.71 77.17 30.05
N LEU G 118 0.91 76.36 30.73
CA LEU G 118 -0.07 75.52 30.05
C LEU G 118 -1.44 76.21 29.93
N PHE G 119 -1.61 77.34 30.61
CA PHE G 119 -2.81 78.17 30.41
C PHE G 119 -2.80 78.66 28.97
N LYS G 120 -1.62 79.10 28.52
CA LYS G 120 -1.50 79.47 27.12
C LYS G 120 -1.71 78.27 26.19
N LEU G 121 -1.28 77.10 26.63
CA LEU G 121 -1.39 75.87 25.84
C LEU G 121 -2.85 75.47 25.65
N GLY G 122 -3.67 75.67 26.68
CA GLY G 122 -5.09 75.35 26.60
C GLY G 122 -5.87 76.43 25.87
N LEU G 123 -5.47 77.68 26.08
CA LEU G 123 -6.09 78.81 25.37
C LEU G 123 -5.85 78.68 23.87
N PHE G 124 -4.70 78.12 23.52
CA PHE G 124 -4.38 77.83 22.12
C PHE G 124 -5.01 76.51 21.64
N PHE G 125 -5.14 75.55 22.55
CA PHE G 125 -5.72 74.26 22.22
C PHE G 125 -7.18 74.42 21.82
N ALA G 126 -7.88 75.30 22.53
CA ALA G 126 -9.24 75.64 22.16
C ALA G 126 -9.25 76.30 20.78
N GLN G 127 -8.16 76.97 20.43
CA GLN G 127 -8.08 77.60 19.12
C GLN G 127 -7.79 76.59 18.01
N LEU G 128 -7.19 75.46 18.37
CA LEU G 128 -6.99 74.40 17.39
C LEU G 128 -8.13 73.38 17.42
N CYS G 129 -9.07 73.57 18.34
CA CYS G 129 -10.21 72.66 18.47
C CYS G 129 -11.57 73.33 18.24
N VAL G 130 -12.02 74.09 19.24
CA VAL G 130 -13.29 74.82 19.19
C VAL G 130 -13.37 75.83 18.03
N LYS G 131 -12.27 76.51 17.72
CA LYS G 131 -12.26 77.48 16.62
C LYS G 131 -12.55 76.81 15.27
N SER G 132 -12.27 75.52 15.17
CA SER G 132 -12.55 74.76 13.97
C SER G 132 -14.05 74.71 13.67
N VAL G 133 -14.85 74.93 14.72
CA VAL G 133 -16.31 74.98 14.60
C VAL G 133 -16.85 76.34 14.99
N VAL G 134 -17.67 76.94 14.13
CA VAL G 134 -18.21 78.28 14.37
C VAL G 134 -17.06 79.27 14.60
N SER G 135 -16.93 79.82 15.81
CA SER G 135 -15.89 80.81 16.09
C SER G 135 -15.12 80.57 17.38
N SER G 136 -13.97 81.22 17.50
CA SER G 136 -13.15 81.17 18.70
C SER G 136 -13.57 82.23 19.70
N ALA G 137 -14.53 83.06 19.32
CA ALA G 137 -15.02 84.13 20.18
C ALA G 137 -15.71 83.55 21.42
N GLU G 138 -16.24 82.34 21.28
CA GLU G 138 -16.93 81.66 22.36
C GLU G 138 -15.99 80.95 23.34
N LEU G 139 -14.88 80.42 22.84
CA LEU G 139 -13.97 79.62 23.68
C LEU G 139 -13.23 80.46 24.70
N GLN G 140 -13.01 81.73 24.37
CA GLN G 140 -12.28 82.63 25.27
C GLN G 140 -13.09 82.86 26.54
N ASP G 141 -14.41 82.76 26.43
CA ASP G 141 -15.30 82.90 27.58
C ASP G 141 -15.21 81.66 28.45
N CYS G 142 -14.81 80.54 27.85
CA CYS G 142 -14.64 79.28 28.58
C CYS G 142 -13.30 79.26 29.34
N ILE G 143 -12.31 79.97 28.81
CA ILE G 143 -11.00 80.05 29.45
C ILE G 143 -10.72 81.30 30.32
N SER G 144 -11.55 82.33 30.23
CA SER G 144 -11.16 83.65 30.75
C SER G 144 -11.08 83.75 32.27
N THR G 145 -11.95 83.02 32.96
CA THR G 145 -11.97 83.06 34.42
C THR G 145 -10.77 82.31 34.99
N SER G 146 -10.28 81.33 34.23
CA SER G 146 -9.15 80.49 34.63
C SER G 146 -9.35 79.90 36.03
N HIS G 147 -10.59 79.50 36.32
CA HIS G 147 -10.96 79.02 37.64
C HIS G 147 -10.56 77.56 37.84
N TYR G 148 -10.07 76.93 36.78
CA TYR G 148 -9.75 75.52 36.81
C TYR G 148 -8.62 75.18 37.76
N ALA G 149 -8.77 74.07 38.47
CA ALA G 149 -7.76 73.61 39.43
C ALA G 149 -6.75 72.70 38.75
N THR G 150 -5.47 72.99 38.94
CA THR G 150 -4.41 72.14 38.41
C THR G 150 -4.31 70.88 39.27
N LYS G 151 -3.94 69.75 38.65
CA LYS G 151 -3.89 68.50 39.42
C LYS G 151 -2.58 67.73 39.30
N LEU G 152 -1.82 67.70 40.39
CA LEU G 152 -0.71 66.76 40.50
C LEU G 152 -1.30 65.44 40.99
N THR G 153 -0.72 64.33 40.60
CA THR G 153 -1.26 63.04 41.01
C THR G 153 -0.15 62.07 41.43
N ARG G 154 -0.43 61.25 42.44
CA ARG G 154 0.56 60.32 42.96
C ARG G 154 -0.04 58.99 43.38
N TYR G 155 0.82 57.98 43.53
CA TYR G 155 0.45 56.71 44.12
C TYR G 155 1.45 56.35 45.23
N PHE G 156 0.97 55.80 46.34
CA PHE G 156 1.86 55.36 47.41
C PHE G 156 2.64 54.12 46.95
N ASN G 157 3.83 53.93 47.50
CA ASN G 157 4.65 52.78 47.14
C ASN G 157 4.00 51.45 47.52
N GLU G 184 -0.28 48.22 38.86
CA GLU G 184 -1.02 49.06 39.81
C GLU G 184 -2.51 49.07 39.49
N ARG G 185 -3.26 48.29 40.26
CA ARG G 185 -4.70 48.17 40.06
C ARG G 185 -5.44 49.32 40.73
N ASP G 186 -4.69 50.22 41.35
CA ASP G 186 -5.26 51.34 42.09
C ASP G 186 -6.16 52.22 41.24
N TYR G 187 -5.97 52.16 39.92
CA TYR G 187 -6.81 52.99 39.06
C TYR G 187 -8.05 52.20 38.69
N VAL G 188 -9.19 52.68 39.20
CA VAL G 188 -10.49 52.23 38.74
C VAL G 188 -10.80 53.07 37.51
N THR G 189 -11.52 52.49 36.55
CA THR G 189 -11.83 53.19 35.31
C THR G 189 -12.52 54.53 35.59
N PHE G 190 -12.05 55.58 34.94
CA PHE G 190 -12.43 56.94 35.31
C PHE G 190 -12.57 57.88 34.11
N LEU G 191 -13.45 58.87 34.24
CA LEU G 191 -13.72 59.85 33.20
C LEU G 191 -13.39 61.26 33.69
N PRO G 192 -12.90 62.13 32.78
CA PRO G 192 -12.39 63.46 33.13
C PRO G 192 -13.39 64.39 33.82
N THR G 193 -12.91 65.17 34.77
CA THR G 193 -13.74 66.11 35.51
C THR G 193 -14.04 67.38 34.73
N GLY G 194 -13.01 67.97 34.12
CA GLY G 194 -13.18 69.19 33.34
C GLY G 194 -13.52 68.86 31.90
N VAL G 195 -13.77 69.88 31.08
CA VAL G 195 -14.08 69.67 29.67
C VAL G 195 -12.82 69.46 28.84
N LEU G 196 -11.68 69.87 29.40
CA LEU G 196 -10.39 69.68 28.74
C LEU G 196 -9.34 69.27 29.77
N THR G 197 -8.60 68.19 29.50
CA THR G 197 -7.47 67.86 30.36
C THR G 197 -6.18 67.62 29.58
N ILE G 198 -5.24 68.56 29.65
CA ILE G 198 -3.89 68.32 29.14
C ILE G 198 -3.09 67.63 30.24
N PHE G 199 -2.05 66.90 29.86
CA PHE G 199 -1.24 66.18 30.84
C PHE G 199 0.00 65.53 30.23
N PRO G 200 1.14 65.69 30.91
CA PRO G 200 2.38 64.96 30.61
C PRO G 200 2.26 63.52 31.08
N CYS G 201 2.82 62.59 30.31
CA CYS G 201 2.62 61.18 30.61
C CYS G 201 3.72 60.29 30.05
N ALA G 202 3.85 59.10 30.64
CA ALA G 202 4.71 58.07 30.09
C ALA G 202 3.84 57.02 29.42
N LYS G 203 3.18 56.18 30.22
CA LYS G 203 2.20 55.29 29.64
C LYS G 203 0.83 55.45 30.31
N ALA G 204 0.66 54.75 31.43
CA ALA G 204 -0.48 54.88 32.33
C ALA G 204 -1.84 54.60 31.69
N ILE G 205 -1.93 54.73 30.37
CA ILE G 205 -3.23 54.75 29.72
C ILE G 205 -3.53 53.40 29.10
N ARG G 206 -4.79 53.00 29.18
CA ARG G 206 -5.28 51.81 28.52
C ARG G 206 -6.47 52.21 27.69
N TYR G 207 -7.17 51.21 27.17
CA TYR G 207 -8.42 51.48 26.49
C TYR G 207 -9.54 50.56 27.00
N LYS G 208 -10.54 51.14 27.67
CA LYS G 208 -11.64 50.35 28.24
C LYS G 208 -12.54 49.82 27.12
N PRO G 209 -13.23 48.69 27.38
CA PRO G 209 -14.12 48.17 26.34
C PRO G 209 -15.27 49.11 26.03
N SER G 210 -15.51 49.38 24.74
CA SER G 210 -16.47 50.37 24.32
C SER G 210 -16.62 50.42 22.81
N THR G 211 -17.57 51.21 22.33
CA THR G 211 -17.65 51.49 20.91
C THR G 211 -17.25 52.95 20.64
N MET G 212 -16.05 53.10 20.09
CA MET G 212 -15.30 54.35 20.05
C MET G 212 -14.22 54.15 19.00
N ALA G 213 -13.19 54.99 19.01
CA ALA G 213 -11.96 54.67 18.30
C ALA G 213 -11.49 53.27 18.73
N THR G 214 -10.85 52.54 17.82
CA THR G 214 -10.41 51.14 18.02
C THR G 214 -11.49 50.28 18.69
N THR G 215 -12.53 49.95 17.92
CA THR G 215 -13.68 49.21 18.41
C THR G 215 -13.41 47.77 18.86
N ASP G 216 -12.18 47.29 18.65
CA ASP G 216 -11.78 45.97 19.16
C ASP G 216 -11.88 45.92 20.68
N ASN G 217 -11.81 47.11 21.28
CA ASN G 217 -12.04 47.38 22.71
C ASN G 217 -11.23 46.52 23.70
N SER G 218 -10.06 46.06 23.27
CA SER G 218 -9.03 45.61 24.21
C SER G 218 -8.25 46.81 24.71
N TRP G 219 -7.65 46.69 25.89
CA TRP G 219 -6.86 47.78 26.46
C TRP G 219 -5.66 48.13 25.59
N VAL G 220 -5.41 49.44 25.42
CA VAL G 220 -4.29 49.91 24.60
C VAL G 220 -3.37 50.84 25.36
N SER G 221 -2.13 50.42 25.59
CA SER G 221 -1.20 51.29 26.29
C SER G 221 -0.11 51.82 25.37
N ILE G 222 -0.20 53.10 25.04
CA ILE G 222 0.78 53.75 24.17
C ILE G 222 1.83 54.45 25.02
N ASP G 223 3.08 54.38 24.59
CA ASP G 223 4.14 55.09 25.27
C ASP G 223 4.97 55.92 24.26
N GLU G 224 4.83 57.24 24.31
CA GLU G 224 5.54 58.12 23.38
C GLU G 224 6.46 59.13 24.07
N PRO G 225 7.78 58.95 23.91
CA PRO G 225 8.78 59.91 24.40
C PRO G 225 8.67 61.26 23.70
N ASP G 226 9.00 62.34 24.41
CA ASP G 226 8.89 63.71 23.93
C ASP G 226 7.49 64.00 23.39
N CYS G 227 6.49 63.59 24.16
CA CYS G 227 5.10 63.80 23.79
C CYS G 227 4.22 64.01 25.02
N LEU G 228 3.15 64.81 24.85
CA LEU G 228 2.21 65.05 25.93
C LEU G 228 0.78 64.76 25.46
N LEU G 229 0.16 63.71 25.99
CA LEU G 229 -1.18 63.33 25.57
C LEU G 229 -2.23 64.27 26.14
N PHE G 230 -3.27 64.52 25.36
CA PHE G 230 -4.40 65.29 25.83
C PHE G 230 -5.60 64.36 25.97
N HIS G 231 -6.49 64.69 26.91
CA HIS G 231 -7.71 63.93 27.11
C HIS G 231 -8.93 64.85 27.08
N THR G 232 -9.88 64.52 26.23
CA THR G 232 -11.10 65.32 26.09
C THR G 232 -12.04 65.10 27.28
N GLY G 233 -12.65 66.19 27.75
CA GLY G 233 -13.59 66.11 28.86
C GLY G 233 -14.90 65.46 28.49
N THR G 234 -15.66 65.05 29.49
CA THR G 234 -16.92 64.38 29.29
C THR G 234 -18.01 65.33 28.81
N LEU G 235 -18.13 66.47 29.48
CA LEU G 235 -19.14 67.46 29.14
C LEU G 235 -18.87 68.10 27.78
N LEU G 236 -17.60 68.12 27.38
CA LEU G 236 -17.23 68.67 26.08
C LEU G 236 -17.82 67.84 24.95
N ALA G 237 -18.03 66.55 25.22
CA ALA G 237 -18.68 65.67 24.26
C ALA G 237 -20.11 66.13 24.01
N ARG G 238 -20.78 66.58 25.07
CA ARG G 238 -22.10 67.17 24.95
C ARG G 238 -22.01 68.51 24.22
N TRP G 239 -20.93 69.24 24.50
CA TRP G 239 -20.70 70.53 23.86
C TRP G 239 -20.48 70.38 22.36
N SER G 240 -19.83 69.28 21.98
CA SER G 240 -19.62 68.94 20.58
C SER G 240 -20.77 68.08 20.09
N GLN G 241 -21.76 67.90 20.96
CA GLN G 241 -22.91 67.01 20.76
C GLN G 241 -22.50 65.65 20.18
N GLY G 242 -21.67 64.92 20.93
CA GLY G 242 -21.35 63.53 20.62
C GLY G 242 -20.11 63.25 19.79
N MET G 243 -19.30 64.27 19.52
CA MET G 243 -18.13 64.11 18.65
C MET G 243 -16.91 63.55 19.40
N HIS G 244 -16.99 63.50 20.72
CA HIS G 244 -15.84 63.12 21.55
C HIS G 244 -15.90 61.71 22.13
N THR G 245 -14.90 61.39 22.97
CA THR G 245 -14.70 60.05 23.53
C THR G 245 -13.90 60.13 24.84
N THR G 246 -13.94 59.10 25.68
CA THR G 246 -13.11 59.05 26.88
C THR G 246 -12.26 57.78 26.99
N SER G 247 -11.13 57.89 27.69
CA SER G 247 -10.21 56.77 27.89
C SER G 247 -9.66 56.72 29.31
N PRO G 248 -9.49 55.50 29.86
CA PRO G 248 -9.00 55.17 31.20
C PRO G 248 -7.48 55.00 31.34
N LEU G 249 -7.09 54.51 32.53
CA LEU G 249 -5.74 54.09 32.86
C LEU G 249 -5.73 52.61 33.28
N GLN G 250 -4.55 52.04 33.55
CA GLN G 250 -4.43 50.61 33.87
C GLN G 250 -3.22 50.29 34.74
N ILE G 251 -2.86 49.01 34.84
CA ILE G 251 -1.77 48.60 35.71
C ILE G 251 -0.42 48.80 35.03
N ASP G 252 0.36 49.74 35.56
CA ASP G 252 1.62 50.16 34.96
C ASP G 252 2.65 50.45 36.05
N PRO G 253 3.93 50.14 35.78
CA PRO G 253 5.03 50.32 36.73
C PRO G 253 5.26 51.77 37.19
N ARG G 254 4.94 52.75 36.35
CA ARG G 254 5.22 54.13 36.73
C ARG G 254 3.99 54.73 37.42
N ALA G 255 4.13 54.94 38.73
CA ALA G 255 3.04 55.45 39.53
C ALA G 255 2.92 56.95 39.35
N ASN G 256 4.07 57.57 39.09
CA ASN G 256 4.13 59.01 38.87
C ASN G 256 3.29 59.40 37.65
N ILE G 257 2.37 60.33 37.88
CA ILE G 257 1.51 60.85 36.84
C ILE G 257 1.21 62.32 37.15
N VAL G 258 0.78 63.07 36.14
CA VAL G 258 0.47 64.47 36.34
C VAL G 258 -0.59 64.91 35.34
N SER G 259 -1.44 65.84 35.73
CA SER G 259 -2.53 66.27 34.86
C SER G 259 -2.91 67.73 35.06
N LEU G 260 -3.52 68.31 34.04
CA LEU G 260 -4.15 69.61 34.20
C LEU G 260 -5.53 69.54 33.58
N THR G 261 -6.57 69.67 34.39
CA THR G 261 -7.91 69.65 33.83
C THR G 261 -8.36 71.09 33.72
N ILE G 262 -8.37 71.62 32.50
CA ILE G 262 -8.75 73.01 32.30
C ILE G 262 -10.24 73.02 32.03
N TRP G 263 -10.92 73.90 32.75
CA TRP G 263 -12.32 73.72 33.07
C TRP G 263 -13.09 75.00 32.81
N PRO G 264 -14.34 74.88 32.33
CA PRO G 264 -15.20 76.03 32.03
C PRO G 264 -15.58 76.79 33.29
N PRO G 265 -15.84 78.10 33.16
CA PRO G 265 -16.18 78.98 34.28
C PRO G 265 -17.44 78.56 35.01
N LEU G 266 -17.54 78.96 36.27
CA LEU G 266 -18.67 78.62 37.11
C LEU G 266 -20.00 79.14 36.56
N THR G 267 -19.93 80.23 35.80
CA THR G 267 -21.12 80.93 35.35
C THR G 267 -21.61 80.56 33.95
N THR G 268 -20.89 79.69 33.24
CA THR G 268 -21.23 79.42 31.85
C THR G 268 -22.21 78.26 31.67
N PRO G 269 -23.31 78.52 30.95
CA PRO G 269 -24.26 77.49 30.51
C PRO G 269 -23.67 76.66 29.38
N ILE G 270 -24.08 75.40 29.24
CA ILE G 270 -23.60 74.58 28.14
C ILE G 270 -24.69 74.34 27.11
N SER G 271 -24.59 75.06 26.00
CA SER G 271 -25.59 75.18 24.95
C SER G 271 -27.00 75.50 25.47
N SER G 272 -28.02 75.01 24.75
CA SER G 272 -29.41 75.23 25.13
C SER G 272 -29.87 74.15 26.10
N LYS G 273 -29.29 72.97 25.94
CA LYS G 273 -29.61 71.83 26.78
C LYS G 273 -29.09 72.03 28.19
N GLY G 274 -28.06 72.87 28.31
CA GLY G 274 -27.44 73.14 29.60
C GLY G 274 -27.80 74.49 30.19
N GLU G 275 -28.90 75.08 29.71
CA GLU G 275 -29.43 76.27 30.35
C GLU G 275 -29.97 75.86 31.71
N GLY G 276 -30.43 74.62 31.80
CA GLY G 276 -30.87 74.04 33.05
C GLY G 276 -29.73 73.37 33.79
N THR G 277 -28.66 73.05 33.07
CA THR G 277 -27.46 72.53 33.71
C THR G 277 -26.18 73.27 33.30
N ILE G 278 -25.61 74.02 34.23
CA ILE G 278 -24.36 74.72 33.94
C ILE G 278 -23.21 73.73 34.09
N ALA G 279 -22.10 74.01 33.42
CA ALA G 279 -20.93 73.13 33.45
C ALA G 279 -20.46 72.89 34.89
N ASN G 280 -20.51 73.93 35.70
CA ASN G 280 -20.10 73.82 37.10
C ASN G 280 -20.92 72.79 37.85
N HIS G 281 -22.24 72.80 37.65
CA HIS G 281 -23.14 71.84 38.29
C HIS G 281 -22.74 70.40 37.99
N LEU G 282 -22.90 70.01 36.73
CA LEU G 282 -22.63 68.65 36.28
C LEU G 282 -21.19 68.21 36.59
N LEU G 283 -20.23 69.06 36.29
CA LEU G 283 -18.82 68.68 36.45
C LEU G 283 -18.40 68.64 37.92
N GLU G 284 -19.11 69.38 38.78
CA GLU G 284 -18.88 69.28 40.22
C GLU G 284 -19.49 67.99 40.74
N GLN G 285 -20.56 67.54 40.08
CA GLN G 285 -21.24 66.32 40.49
C GLN G 285 -20.31 65.10 40.53
N GLN G 286 -19.61 64.81 39.43
CA GLN G 286 -18.77 63.61 39.39
C GLN G 286 -17.49 63.75 40.22
N ILE G 287 -16.96 64.97 40.33
CA ILE G 287 -15.76 65.17 41.12
C ILE G 287 -16.10 65.05 42.61
N LYS G 288 -17.36 65.31 42.95
CA LYS G 288 -17.80 65.11 44.33
C LYS G 288 -17.85 63.62 44.66
N ALA G 289 -18.24 62.80 43.68
CA ALA G 289 -18.31 61.36 43.92
C ALA G 289 -17.69 60.48 42.82
N PHE G 290 -16.62 59.72 43.08
CA PHE G 290 -15.63 59.85 44.18
C PHE G 290 -16.13 59.58 45.62
N PRO G 291 -15.20 59.23 46.53
CA PRO G 291 -15.62 59.11 47.94
C PRO G 291 -15.90 60.45 48.70
N LYS G 292 -15.10 61.53 48.61
CA LYS G 292 -13.67 61.49 48.35
C LYS G 292 -12.76 62.12 49.44
N VAL G 293 -12.36 61.36 50.47
CA VAL G 293 -13.17 60.25 50.94
C VAL G 293 -14.00 60.62 52.19
N ALA G 294 -13.38 60.67 53.37
CA ALA G 294 -14.12 60.81 54.64
C ALA G 294 -14.48 62.26 54.95
N GLN G 295 -13.59 63.18 54.60
CA GLN G 295 -13.81 64.59 54.87
C GLN G 295 -14.53 65.27 53.72
N GLN G 296 -14.74 64.52 52.64
CA GLN G 296 -15.44 65.04 51.47
C GLN G 296 -16.91 64.67 51.50
N TYR G 297 -17.42 64.04 52.56
CA TYR G 297 -18.83 63.74 52.44
C TYR G 297 -19.49 65.01 52.92
N TYR G 298 -19.60 65.96 52.00
CA TYR G 298 -20.19 67.27 52.21
C TYR G 298 -20.58 67.90 50.88
N PRO G 299 -21.72 67.50 50.30
CA PRO G 299 -22.78 66.60 50.73
C PRO G 299 -22.36 65.13 50.86
N ARG G 300 -22.90 64.48 51.90
CA ARG G 300 -22.69 63.06 52.13
C ARG G 300 -23.80 62.25 51.50
N SER G 303 -28.45 62.10 46.57
CA SER G 303 -29.91 62.08 46.68
C SER G 303 -30.58 62.15 45.31
N ILE G 304 -29.79 61.98 44.26
CA ILE G 304 -30.32 62.10 42.91
C ILE G 304 -31.33 60.98 42.65
N LEU G 305 -32.19 61.21 41.66
CA LEU G 305 -33.08 60.16 41.15
C LEU G 305 -32.24 59.06 40.53
N ARG G 306 -30.93 59.29 40.48
CA ARG G 306 -29.92 58.30 40.10
C ARG G 306 -29.61 57.43 41.30
N LEU G 307 -29.14 56.23 41.01
CA LEU G 307 -28.80 55.30 42.05
C LEU G 307 -27.88 55.94 43.07
N GLN G 308 -28.27 55.83 44.33
CA GLN G 308 -27.25 55.32 45.20
C GLN G 308 -26.84 54.05 44.49
N ASP G 309 -25.56 53.98 44.12
CA ASP G 309 -25.18 53.18 42.96
C ASP G 309 -25.73 51.76 43.02
N ALA G 310 -25.97 51.26 44.24
CA ALA G 310 -26.54 49.93 44.44
C ALA G 310 -27.72 49.72 43.50
N MET G 311 -28.55 50.74 43.38
CA MET G 311 -29.68 50.67 42.49
C MET G 311 -29.27 50.53 41.02
N LYS G 312 -28.31 51.32 40.57
CA LYS G 312 -27.97 51.27 39.15
C LYS G 312 -27.36 49.93 38.79
N PHE G 313 -26.46 49.44 39.62
CA PHE G 313 -25.92 48.11 39.40
C PHE G 313 -27.05 47.11 39.27
N VAL G 314 -27.93 47.07 40.26
CA VAL G 314 -29.06 46.13 40.19
C VAL G 314 -29.79 46.31 38.87
N LYS G 315 -29.86 47.53 38.37
CA LYS G 315 -30.49 47.76 37.07
C LYS G 315 -29.75 46.99 35.99
N GLU G 316 -28.46 47.24 35.87
CA GLU G 316 -27.67 46.49 34.92
C GLU G 316 -27.95 45.01 35.04
N LEU G 317 -27.88 44.51 36.25
CA LEU G 317 -28.15 43.10 36.48
C LEU G 317 -29.46 42.72 35.83
N PHE G 318 -30.53 43.38 36.24
CA PHE G 318 -31.84 43.08 35.71
C PHE G 318 -31.79 43.03 34.21
N THR G 319 -31.10 43.97 33.61
CA THR G 319 -30.90 43.90 32.18
C THR G 319 -30.34 42.55 31.80
N VAL G 320 -29.14 42.25 32.24
CA VAL G 320 -28.47 41.03 31.82
C VAL G 320 -29.35 39.83 32.10
N CYS G 321 -29.95 39.81 33.27
CA CYS G 321 -30.78 38.71 33.68
C CYS G 321 -31.90 38.50 32.68
N GLU G 322 -32.71 39.53 32.52
CA GLU G 322 -33.81 39.48 31.57
C GLU G 322 -33.31 38.91 30.28
N THR G 323 -32.15 39.38 29.88
CA THR G 323 -31.56 38.90 28.64
C THR G 323 -31.39 37.39 28.66
N VAL G 324 -30.66 36.87 29.63
CA VAL G 324 -30.21 35.49 29.51
C VAL G 324 -31.34 34.52 29.78
N LEU G 325 -32.11 34.78 30.82
CA LEU G 325 -33.28 33.95 31.06
C LEU G 325 -34.10 33.88 29.81
N SER G 326 -34.35 35.04 29.21
CA SER G 326 -34.91 35.06 27.88
C SER G 326 -34.15 34.07 27.01
N LEU G 327 -32.83 34.06 27.13
CA LEU G 327 -32.06 33.32 26.16
C LEU G 327 -32.21 31.83 26.33
N ASN G 328 -31.93 31.32 27.49
CA ASN G 328 -32.05 29.90 27.69
C ASN G 328 -33.48 29.47 27.55
N ALA G 329 -34.33 30.13 28.32
CA ALA G 329 -35.74 29.85 28.30
C ALA G 329 -36.27 29.76 26.89
N LEU G 330 -36.29 30.89 26.21
CA LEU G 330 -36.96 30.97 24.94
C LEU G 330 -36.11 30.44 23.82
N SER G 331 -34.86 30.09 24.09
CA SER G 331 -33.98 29.83 22.98
C SER G 331 -33.25 28.53 23.19
N ARG G 332 -32.40 28.54 24.21
CA ARG G 332 -31.35 27.55 24.27
C ARG G 332 -31.90 26.17 24.05
N SER G 333 -32.85 25.79 24.87
CA SER G 333 -33.80 24.85 24.35
C SER G 333 -35.12 25.57 24.48
N THR G 334 -36.10 25.04 23.77
CA THR G 334 -37.49 25.47 23.71
C THR G 334 -38.22 24.86 24.90
N GLY G 335 -37.57 24.79 26.08
CA GLY G 335 -37.50 23.63 26.96
C GLY G 335 -36.13 23.32 27.54
N VAL G 336 -35.28 24.35 27.61
CA VAL G 336 -34.20 24.38 28.60
C VAL G 336 -34.71 25.09 29.85
N PRO G 337 -35.02 24.36 30.94
CA PRO G 337 -35.65 25.00 32.13
C PRO G 337 -34.66 25.80 32.94
N PRO G 338 -35.04 26.99 33.43
CA PRO G 338 -34.05 27.93 33.97
C PRO G 338 -33.58 27.61 35.38
N GLU G 339 -32.59 26.72 35.47
CA GLU G 339 -31.99 26.35 36.75
C GLU G 339 -30.96 27.38 37.21
N LEU G 340 -30.95 27.63 38.52
CA LEU G 340 -30.14 28.72 39.07
C LEU G 340 -28.66 28.54 38.79
N HIS G 341 -28.20 27.32 38.64
CA HIS G 341 -26.80 27.10 38.41
C HIS G 341 -26.40 27.41 36.99
N VAL G 342 -27.22 27.02 36.02
CA VAL G 342 -27.06 27.49 34.68
C VAL G 342 -27.06 28.99 34.65
N LEU G 343 -28.07 29.55 35.33
CA LEU G 343 -28.20 30.98 35.46
C LEU G 343 -26.88 31.61 35.87
N LEU G 344 -26.44 31.27 37.06
CA LEU G 344 -25.24 31.86 37.63
C LEU G 344 -24.14 31.95 36.58
N PRO G 345 -23.93 30.94 35.76
CA PRO G 345 -22.92 31.07 34.71
C PRO G 345 -23.18 32.19 33.73
N GLN G 346 -24.38 32.26 33.16
CA GLN G 346 -24.57 33.14 32.01
C GLN G 346 -24.30 34.58 32.36
N ILE G 347 -24.92 35.08 33.42
CA ILE G 347 -24.74 36.48 33.77
C ILE G 347 -23.51 36.68 34.62
N SER G 348 -23.17 35.71 35.45
CA SER G 348 -21.88 35.86 36.09
C SER G 348 -20.85 36.17 35.04
N SER G 349 -20.92 35.44 33.95
CA SER G 349 -20.21 35.75 32.75
C SER G 349 -20.52 37.16 32.29
N MET G 350 -21.78 37.40 31.94
CA MET G 350 -22.12 38.64 31.26
C MET G 350 -21.67 39.82 32.08
N MET G 351 -22.18 39.92 33.27
CA MET G 351 -21.61 40.74 34.30
C MET G 351 -20.12 40.60 34.38
N LYS G 352 -19.61 39.39 34.20
CA LYS G 352 -18.21 39.08 34.48
C LYS G 352 -18.02 39.24 35.97
N ARG G 353 -18.97 39.91 36.60
CA ARG G 353 -19.13 39.95 38.03
C ARG G 353 -19.82 38.68 38.50
N LYS G 354 -19.65 38.41 39.79
CA LYS G 354 -20.27 37.25 40.41
C LYS G 354 -21.71 37.54 40.80
N ILE G 355 -22.61 36.75 40.28
CA ILE G 355 -24.01 36.81 40.64
C ILE G 355 -24.26 35.85 41.78
N VAL G 356 -24.96 36.33 42.82
CA VAL G 356 -25.35 35.47 43.92
C VAL G 356 -26.85 35.28 43.87
N GLN G 357 -27.28 34.09 44.29
CA GLN G 357 -28.70 33.84 44.47
C GLN G 357 -29.33 34.96 45.28
N ASP G 358 -28.60 35.43 46.30
CA ASP G 358 -29.07 36.53 47.12
C ASP G 358 -29.39 37.75 46.28
N ASP G 359 -28.56 38.05 45.28
CA ASP G 359 -28.86 39.14 44.39
C ASP G 359 -30.21 38.94 43.71
N ILE G 360 -30.48 37.72 43.26
CA ILE G 360 -31.77 37.44 42.66
C ILE G 360 -32.90 37.73 43.64
N LEU G 361 -32.73 37.33 44.90
CA LEU G 361 -33.78 37.58 45.89
C LEU G 361 -33.97 39.07 46.14
N LYS G 362 -32.93 39.86 45.93
CA LYS G 362 -33.12 41.30 45.94
C LYS G 362 -33.86 41.74 44.70
N LEU G 363 -33.74 40.98 43.61
CA LEU G 363 -34.41 41.35 42.37
C LEU G 363 -35.90 41.05 42.43
N LEU G 364 -36.24 39.82 42.77
CA LEU G 364 -37.62 39.53 43.07
C LEU G 364 -38.12 40.41 44.18
N THR G 365 -37.27 40.65 45.18
CA THR G 365 -37.57 41.69 46.14
C THR G 365 -37.90 42.98 45.42
N ILE G 366 -37.25 43.21 44.28
CA ILE G 366 -37.46 44.47 43.59
C ILE G 366 -38.66 44.38 42.66
N TRP G 367 -38.62 43.50 41.66
CA TRP G 367 -39.82 43.24 40.90
C TRP G 367 -40.25 41.84 41.29
N SER G 368 -41.27 41.78 42.12
CA SER G 368 -41.72 40.49 42.58
C SER G 368 -42.57 39.82 41.53
N ASP G 369 -43.35 40.59 40.79
CA ASP G 369 -44.07 40.00 39.68
C ASP G 369 -43.12 39.36 38.70
N ALA G 370 -41.85 39.77 38.74
CA ALA G 370 -40.95 39.53 37.62
C ALA G 370 -40.88 38.05 37.25
N TYR G 371 -40.23 37.23 38.05
CA TYR G 371 -39.93 35.86 37.63
C TYR G 371 -40.47 34.90 38.65
N VAL G 372 -41.04 33.79 38.18
CA VAL G 372 -41.32 32.68 39.07
C VAL G 372 -40.01 31.95 39.34
N VAL G 373 -39.89 31.38 40.53
CA VAL G 373 -38.72 30.59 40.92
C VAL G 373 -39.18 29.44 41.80
N GLU G 374 -38.75 28.23 41.48
CA GLU G 374 -39.16 27.05 42.23
C GLU G 374 -37.94 26.27 42.64
N LEU G 375 -37.69 26.20 43.95
CA LEU G 375 -36.70 25.26 44.45
C LEU G 375 -37.16 23.87 44.10
N ASN G 376 -36.36 23.15 43.34
CA ASN G 376 -36.72 21.80 42.97
C ASN G 376 -36.09 20.96 44.07
N SER G 377 -36.36 19.67 44.06
CA SER G 377 -35.53 18.80 44.89
C SER G 377 -34.15 18.89 44.26
N ARG G 378 -33.14 18.46 45.00
CA ARG G 378 -31.76 18.89 44.88
C ARG G 378 -31.67 20.28 45.49
N GLY G 379 -32.81 20.90 45.74
CA GLY G 379 -32.82 22.22 46.29
C GLY G 379 -32.51 23.32 45.31
N GLU G 380 -32.09 22.99 44.10
CA GLU G 380 -31.89 24.03 43.11
C GLU G 380 -33.22 24.68 42.77
N LEU G 381 -33.16 25.94 42.37
CA LEU G 381 -34.35 26.74 42.11
C LEU G 381 -34.40 27.05 40.63
N THR G 382 -35.38 26.47 39.94
CA THR G 382 -35.68 26.91 38.59
C THR G 382 -36.44 28.23 38.68
N MET G 383 -36.05 29.17 37.82
CA MET G 383 -36.78 30.42 37.71
C MET G 383 -37.70 30.32 36.50
N ASN G 384 -38.88 30.91 36.62
CA ASN G 384 -39.83 30.86 35.52
C ASN G 384 -40.23 32.27 35.18
N LEU G 385 -40.15 32.57 33.90
CA LEU G 385 -40.58 33.86 33.44
C LEU G 385 -42.08 33.97 33.61
N PRO G 386 -42.59 35.20 33.59
CA PRO G 386 -43.99 35.44 33.91
C PRO G 386 -44.98 35.05 32.80
N LYS G 387 -45.29 33.76 32.75
CA LYS G 387 -46.63 33.32 32.38
C LYS G 387 -47.06 33.55 30.95
N ARG G 388 -46.33 34.37 30.23
CA ARG G 388 -46.60 34.62 28.83
C ARG G 388 -45.43 34.06 28.05
N ASP G 389 -45.69 33.00 27.30
CA ASP G 389 -44.64 32.22 26.65
C ASP G 389 -43.62 33.11 25.95
N ASN G 390 -44.01 33.78 24.87
CA ASN G 390 -43.02 34.53 24.11
C ASN G 390 -42.74 35.82 24.84
N LEU G 391 -41.52 35.96 25.32
CA LEU G 391 -41.11 37.25 25.86
C LEU G 391 -40.46 38.00 24.72
N THR G 392 -41.20 38.98 24.22
CA THR G 392 -40.65 39.75 23.12
C THR G 392 -39.60 40.65 23.71
N THR G 393 -38.86 41.35 22.85
CA THR G 393 -37.95 42.36 23.37
C THR G 393 -38.72 43.57 23.88
N LEU G 394 -39.91 43.78 23.35
CA LEU G 394 -40.83 44.73 23.95
C LEU G 394 -41.09 44.33 25.38
N THR G 395 -41.53 43.09 25.55
CA THR G 395 -41.47 42.48 26.85
C THR G 395 -40.04 42.65 27.31
N ASN G 396 -39.85 42.88 28.60
CA ASN G 396 -38.55 43.06 29.22
C ASN G 396 -38.01 44.43 28.90
N LYS G 397 -38.45 45.05 27.82
CA LYS G 397 -38.28 46.48 27.76
C LYS G 397 -39.22 47.11 28.76
N SER G 398 -40.49 46.76 28.62
CA SER G 398 -41.47 47.15 29.60
C SER G 398 -41.06 46.70 30.98
N ARG G 399 -40.64 45.45 31.11
CA ARG G 399 -40.30 44.97 32.42
C ARG G 399 -39.18 45.80 33.01
N THR G 400 -38.11 45.98 32.25
CA THR G 400 -37.03 46.84 32.69
C THR G 400 -37.59 48.18 33.14
N LEU G 401 -38.50 48.74 32.35
CA LEU G 401 -39.13 49.98 32.74
C LEU G 401 -39.80 49.86 34.09
N ALA G 402 -40.66 48.87 34.24
CA ALA G 402 -41.44 48.71 35.46
C ALA G 402 -40.52 48.63 36.67
N PHE G 403 -39.53 47.76 36.60
CA PHE G 403 -38.56 47.70 37.67
C PHE G 403 -37.98 49.07 37.95
N VAL G 404 -37.59 49.79 36.90
CA VAL G 404 -37.02 51.13 37.09
C VAL G 404 -37.97 51.99 37.89
N GLU G 405 -39.23 51.98 37.48
CA GLU G 405 -40.24 52.72 38.20
C GLU G 405 -40.25 52.34 39.67
N ARG G 406 -40.31 51.05 39.96
CA ARG G 406 -40.40 50.63 41.34
C ARG G 406 -39.19 51.07 42.14
N ALA G 407 -38.02 51.02 41.53
CA ALA G 407 -36.83 51.46 42.23
C ALA G 407 -36.88 52.94 42.50
N GLU G 408 -37.01 53.74 41.44
CA GLU G 408 -37.12 55.17 41.62
C GLU G 408 -38.19 55.51 42.62
N SER G 409 -39.23 54.68 42.67
CA SER G 409 -40.21 54.78 43.74
C SER G 409 -39.54 54.58 45.09
N TRP G 410 -38.74 53.53 45.21
CA TRP G 410 -38.04 53.31 46.48
C TRP G 410 -37.14 54.49 46.82
N TYR G 411 -36.48 55.05 45.81
CA TYR G 411 -35.62 56.22 46.02
C TYR G 411 -36.42 57.40 46.51
N GLN G 412 -37.61 57.58 45.95
CA GLN G 412 -38.55 58.52 46.53
C GLN G 412 -38.76 58.23 48.00
N GLN G 413 -38.94 56.95 48.35
CA GLN G 413 -39.20 56.59 49.74
C GLN G 413 -38.03 56.94 50.66
N VAL G 414 -36.80 56.75 50.19
CA VAL G 414 -35.65 57.15 51.01
C VAL G 414 -35.60 58.66 51.14
N ILE G 415 -35.71 59.36 50.01
CA ILE G 415 -35.78 60.80 50.00
C ILE G 415 -36.84 61.33 50.94
N ALA G 416 -37.89 60.56 51.18
CA ALA G 416 -39.01 61.01 51.99
C ALA G 416 -38.93 60.55 53.43
N SER G 417 -37.91 59.80 53.81
CA SER G 417 -37.87 59.25 55.16
C SER G 417 -36.49 59.41 55.76
N SER G 499 -19.56 -25.73 59.19
CA SER G 499 -20.35 -24.60 58.73
C SER G 499 -21.78 -24.99 58.42
N GLN G 500 -22.69 -24.78 59.39
CA GLN G 500 -24.11 -25.04 59.17
C GLN G 500 -24.64 -24.20 58.02
N ARG G 501 -23.87 -23.20 57.62
CA ARG G 501 -24.09 -22.54 56.35
C ARG G 501 -24.34 -23.59 55.28
N GLN G 502 -23.60 -24.70 55.35
CA GLN G 502 -23.83 -25.80 54.40
C GLN G 502 -25.27 -26.28 54.43
N LYS G 503 -25.78 -26.65 55.61
CA LYS G 503 -27.15 -27.16 55.68
C LYS G 503 -28.13 -26.13 55.18
N ARG G 504 -27.88 -24.86 55.52
CA ARG G 504 -28.65 -23.78 54.93
C ARG G 504 -28.67 -23.90 53.43
N TYR G 505 -27.50 -24.09 52.83
CA TYR G 505 -27.44 -24.26 51.39
C TYR G 505 -28.22 -25.49 50.96
N GLN G 506 -28.26 -26.53 51.80
CA GLN G 506 -28.94 -27.77 51.42
C GLN G 506 -30.44 -27.55 51.31
N GLN G 507 -31.05 -27.02 52.37
CA GLN G 507 -32.46 -26.68 52.29
C GLN G 507 -32.73 -25.71 51.17
N PHE G 508 -31.89 -24.68 51.06
CA PHE G 508 -32.08 -23.67 50.02
C PHE G 508 -32.18 -24.30 48.65
N LEU G 509 -31.24 -25.18 48.32
CA LEU G 509 -31.28 -25.87 47.04
C LEU G 509 -32.55 -26.69 46.91
N ALA G 510 -32.91 -27.41 47.98
CA ALA G 510 -34.16 -28.14 47.99
C ALA G 510 -35.29 -27.24 47.51
N MET G 511 -35.30 -26.00 47.98
CA MET G 511 -36.26 -25.05 47.44
C MET G 511 -35.97 -24.71 45.98
N LYS G 512 -34.70 -24.61 45.61
CA LYS G 512 -34.34 -24.18 44.27
C LYS G 512 -34.77 -25.18 43.22
N MET G 513 -35.21 -26.37 43.62
CA MET G 513 -35.92 -27.22 42.68
C MET G 513 -36.96 -26.43 41.92
N THR G 514 -37.94 -25.92 42.66
CA THR G 514 -38.98 -25.11 42.04
C THR G 514 -38.38 -24.04 41.15
N GLN G 515 -37.40 -23.31 41.67
CA GLN G 515 -36.72 -22.31 40.87
C GLN G 515 -36.29 -22.89 39.54
N VAL G 516 -35.77 -24.10 39.57
CA VAL G 516 -35.29 -24.71 38.36
C VAL G 516 -36.45 -24.96 37.41
N PHE G 517 -37.55 -25.49 37.93
CA PHE G 517 -38.71 -25.67 37.07
C PHE G 517 -39.05 -24.38 36.37
N ASP G 518 -39.20 -23.32 37.14
CA ASP G 518 -39.56 -22.04 36.54
C ASP G 518 -38.52 -21.57 35.56
N ILE G 519 -37.26 -21.92 35.77
CA ILE G 519 -36.22 -21.44 34.90
C ILE G 519 -36.16 -22.26 33.64
N LEU G 520 -36.54 -23.52 33.73
CA LEU G 520 -36.48 -24.44 32.61
C LEU G 520 -37.69 -24.27 31.74
N PHE G 521 -38.84 -24.52 32.34
CA PHE G 521 -39.99 -23.85 31.84
C PHE G 521 -39.56 -22.45 31.58
N SER G 522 -39.87 -22.05 30.37
CA SER G 522 -39.55 -20.72 29.95
C SER G 522 -38.06 -20.57 29.68
N LEU G 523 -37.21 -21.44 30.19
CA LEU G 523 -35.92 -21.49 29.51
C LEU G 523 -36.18 -21.87 28.08
N THR G 524 -37.09 -22.83 27.90
CA THR G 524 -37.59 -23.16 26.58
C THR G 524 -38.31 -21.99 25.95
N ARG G 525 -39.07 -21.25 26.74
CA ARG G 525 -40.00 -20.31 26.15
C ARG G 525 -39.37 -18.97 25.75
N GLY G 526 -38.45 -18.44 26.54
CA GLY G 526 -37.67 -17.26 26.19
C GLY G 526 -36.59 -17.60 25.21
N GLN G 527 -36.49 -18.87 24.85
CA GLN G 527 -35.65 -19.35 23.76
C GLN G 527 -36.62 -19.91 22.74
N PRO G 528 -37.14 -19.07 21.82
CA PRO G 528 -38.36 -19.44 21.09
C PRO G 528 -38.14 -20.67 20.22
N TYR G 529 -37.91 -21.77 20.89
CA TYR G 529 -37.63 -23.05 20.28
C TYR G 529 -38.51 -24.16 20.83
N THR G 530 -38.48 -24.40 22.14
CA THR G 530 -39.34 -25.35 22.82
C THR G 530 -38.97 -26.78 22.45
N GLU G 531 -38.18 -26.96 21.39
CA GLU G 531 -37.30 -28.13 21.25
C GLU G 531 -35.86 -27.65 21.43
N THR G 532 -34.87 -28.58 21.47
CA THR G 532 -33.46 -28.26 21.78
C THR G 532 -32.42 -29.39 21.94
N TYR G 533 -31.16 -28.98 22.20
CA TYR G 533 -30.12 -29.87 22.68
C TYR G 533 -30.09 -29.85 24.20
N LEU G 534 -30.54 -30.95 24.78
CA LEU G 534 -30.75 -30.98 26.22
C LEU G 534 -29.54 -30.44 26.94
N SER G 535 -28.37 -30.88 26.51
CA SER G 535 -27.15 -30.34 27.03
C SER G 535 -27.14 -28.82 27.01
N SER G 536 -27.50 -28.22 25.90
CA SER G 536 -27.30 -26.79 25.75
C SER G 536 -28.01 -26.01 26.85
N LEU G 537 -29.33 -26.01 26.79
CA LEU G 537 -30.08 -25.27 27.79
C LEU G 537 -29.69 -25.71 29.18
N ILE G 538 -29.45 -27.02 29.34
CA ILE G 538 -28.93 -27.49 30.62
C ILE G 538 -27.76 -26.64 31.04
N VAL G 539 -26.93 -26.26 30.07
CA VAL G 539 -25.75 -25.49 30.39
C VAL G 539 -26.10 -24.04 30.67
N ASP G 540 -27.03 -23.45 29.91
CA ASP G 540 -27.34 -22.04 30.14
C ASP G 540 -27.93 -21.83 31.52
N SER G 541 -29.04 -22.53 31.79
CA SER G 541 -29.64 -22.46 33.11
C SER G 541 -28.61 -22.79 34.17
N LEU G 542 -27.79 -23.81 33.92
CA LEU G 542 -26.67 -24.10 34.81
C LEU G 542 -25.90 -22.82 35.09
N GLN G 543 -25.54 -22.11 34.04
CA GLN G 543 -24.77 -20.88 34.15
C GLN G 543 -25.54 -19.77 34.86
N ASP G 544 -26.82 -19.97 35.16
CA ASP G 544 -27.56 -18.92 35.86
C ASP G 544 -27.28 -18.89 37.37
N SER G 545 -27.22 -20.04 38.01
CA SER G 545 -27.36 -20.13 39.48
C SER G 545 -26.43 -19.25 40.29
N THR G 551 -23.51 -29.17 37.85
CA THR G 551 -23.91 -30.04 36.77
C THR G 551 -24.71 -31.16 37.36
N LYS G 552 -24.22 -31.62 38.50
CA LYS G 552 -24.96 -32.54 39.33
C LYS G 552 -26.38 -32.03 39.53
N GLU G 553 -26.50 -30.90 40.23
CA GLU G 553 -27.80 -30.27 40.39
C GLU G 553 -28.51 -30.16 39.05
N ALA G 554 -27.79 -29.79 38.01
CA ALA G 554 -28.40 -29.60 36.70
C ALA G 554 -29.03 -30.89 36.20
N SER G 555 -28.21 -31.93 36.04
CA SER G 555 -28.75 -33.19 35.57
C SER G 555 -29.88 -33.67 36.46
N GLU G 556 -29.73 -33.51 37.77
CA GLU G 556 -30.77 -33.92 38.70
C GLU G 556 -32.09 -33.25 38.35
N ILE G 557 -32.06 -31.95 38.12
CA ILE G 557 -33.28 -31.28 37.71
C ILE G 557 -33.79 -31.88 36.41
N LEU G 558 -32.88 -32.13 35.46
CA LEU G 558 -33.29 -32.76 34.20
C LEU G 558 -34.11 -34.00 34.50
N ALA G 559 -33.61 -34.81 35.39
CA ALA G 559 -34.32 -35.99 35.81
C ALA G 559 -35.68 -35.65 36.40
N GLY G 560 -35.70 -34.85 37.45
CA GLY G 560 -36.95 -34.64 38.18
C GLY G 560 -38.04 -34.14 37.28
N LEU G 561 -37.70 -33.18 36.42
CA LEU G 561 -38.66 -32.68 35.46
C LEU G 561 -39.14 -33.78 34.55
N GLN G 562 -38.22 -34.58 33.99
CA GLN G 562 -38.64 -35.71 33.19
C GLN G 562 -39.72 -36.49 33.92
N GLY G 563 -39.47 -36.82 35.19
CA GLY G 563 -40.42 -37.60 35.94
C GLY G 563 -41.75 -36.91 36.10
N ILE G 564 -41.73 -35.63 36.37
CA ILE G 564 -42.98 -34.91 36.59
C ILE G 564 -43.74 -34.84 35.29
N LEU G 565 -43.04 -34.63 34.19
CA LEU G 565 -43.67 -34.34 32.90
C LEU G 565 -43.21 -35.35 31.87
N PRO G 566 -43.50 -36.59 32.07
CA PRO G 566 -43.17 -37.57 31.03
C PRO G 566 -44.14 -37.45 29.88
N MET G 567 -44.33 -36.24 29.39
CA MET G 567 -45.22 -36.01 28.26
C MET G 567 -44.51 -35.11 27.27
N ASP G 568 -44.23 -33.89 27.71
CA ASP G 568 -43.34 -33.04 26.92
C ASP G 568 -42.01 -33.75 26.69
N ILE G 569 -41.47 -34.37 27.72
CA ILE G 569 -40.11 -34.90 27.69
C ILE G 569 -40.14 -36.39 27.46
N SER G 570 -39.26 -36.84 26.58
CA SER G 570 -38.89 -38.24 26.46
C SER G 570 -37.38 -38.34 26.32
N VAL G 571 -36.83 -39.41 26.85
CA VAL G 571 -35.42 -39.72 26.71
C VAL G 571 -35.32 -41.04 26.00
N HIS G 572 -34.70 -41.03 24.83
CA HIS G 572 -34.61 -42.23 24.01
C HIS G 572 -33.15 -42.62 23.90
N GLN G 573 -32.77 -43.71 24.56
CA GLN G 573 -31.47 -44.29 24.31
C GLN G 573 -31.46 -44.91 22.94
N VAL G 574 -30.52 -44.48 22.10
CA VAL G 574 -30.32 -45.08 20.79
C VAL G 574 -28.88 -45.57 20.74
N ASP G 575 -28.61 -46.43 19.77
CA ASP G 575 -27.21 -46.75 19.54
C ASP G 575 -26.59 -45.45 19.09
N GLY G 576 -25.51 -45.05 19.73
CA GLY G 576 -25.02 -43.70 19.62
C GLY G 576 -25.34 -42.86 20.82
N GLY G 577 -26.37 -43.21 21.59
CA GLY G 577 -26.61 -42.62 22.89
C GLY G 577 -28.07 -42.46 23.19
N LEU G 578 -28.34 -41.76 24.28
CA LEU G 578 -29.70 -41.43 24.64
C LEU G 578 -30.09 -40.09 24.04
N LYS G 579 -31.01 -40.11 23.10
CA LYS G 579 -31.50 -38.87 22.52
C LYS G 579 -32.58 -38.28 23.41
N VAL G 580 -32.58 -36.95 23.51
CA VAL G 580 -33.66 -36.26 24.20
C VAL G 580 -34.83 -36.14 23.25
N TYR G 581 -36.05 -36.22 23.78
CA TYR G 581 -37.23 -35.89 23.02
C TYR G 581 -38.05 -34.88 23.82
N ARG G 582 -38.46 -33.81 23.17
CA ARG G 582 -39.07 -32.69 23.86
C ARG G 582 -40.24 -32.19 23.05
N TRP G 583 -41.43 -32.12 23.66
CA TRP G 583 -42.60 -31.74 22.90
C TRP G 583 -42.68 -30.23 22.94
N ASN G 584 -42.27 -29.63 21.82
CA ASN G 584 -42.11 -28.18 21.74
C ASN G 584 -43.44 -27.49 21.80
N SER G 585 -44.53 -28.23 21.65
CA SER G 585 -45.85 -27.67 21.67
C SER G 585 -46.53 -27.81 23.03
N LEU G 586 -45.84 -28.35 24.02
CA LEU G 586 -46.48 -28.55 25.32
C LEU G 586 -46.77 -27.21 26.00
N ASP G 587 -47.80 -27.18 26.85
CA ASP G 587 -48.34 -25.92 27.39
C ASP G 587 -47.67 -25.60 28.72
N LYS G 588 -46.83 -24.57 28.70
CA LYS G 588 -45.99 -24.29 29.84
C LYS G 588 -46.73 -23.63 30.99
N ASN G 589 -47.95 -23.14 30.75
CA ASN G 589 -48.73 -22.66 31.88
C ASN G 589 -49.25 -23.83 32.69
N ARG G 590 -49.98 -24.73 32.03
CA ARG G 590 -50.40 -25.96 32.67
C ARG G 590 -49.20 -26.64 33.28
N PHE G 591 -48.12 -26.72 32.52
CA PHE G 591 -46.90 -27.26 33.04
C PHE G 591 -46.38 -26.46 34.22
N SER G 592 -46.69 -25.17 34.28
CA SER G 592 -46.25 -24.39 35.41
C SER G 592 -47.01 -24.78 36.65
N LYS G 593 -48.34 -24.84 36.54
CA LYS G 593 -49.13 -25.24 37.69
C LYS G 593 -48.85 -26.68 38.08
N LEU G 594 -48.64 -27.53 37.09
CA LEU G 594 -48.38 -28.94 37.36
C LEU G 594 -47.04 -29.10 38.06
N LEU G 595 -46.01 -28.45 37.54
CA LEU G 595 -44.74 -28.41 38.25
C LEU G 595 -44.92 -27.87 39.66
N GLN G 596 -45.81 -26.90 39.82
CA GLN G 596 -46.08 -26.35 41.14
C GLN G 596 -46.67 -27.40 42.06
N ILE G 597 -47.68 -28.10 41.59
CA ILE G 597 -48.38 -29.06 42.40
C ILE G 597 -47.57 -30.33 42.59
N HIS G 598 -47.05 -30.89 41.50
CA HIS G 598 -46.25 -32.11 41.65
C HIS G 598 -44.78 -31.73 41.66
N LYS G 599 -44.32 -31.55 42.88
CA LYS G 599 -42.93 -31.54 43.26
C LYS G 599 -42.69 -32.97 43.73
N SER G 600 -43.58 -33.86 43.29
CA SER G 600 -44.05 -35.00 44.05
C SER G 600 -44.89 -34.49 45.21
N LYS G 601 -45.63 -33.41 44.92
CA LYS G 601 -46.27 -32.60 45.94
C LYS G 601 -45.27 -32.16 46.99
N GLN G 602 -44.00 -32.07 46.59
CA GLN G 602 -42.88 -31.74 47.47
C GLN G 602 -42.73 -32.75 48.60
N GLN G 603 -43.26 -33.94 48.42
CA GLN G 603 -43.36 -34.96 49.47
C GLN G 603 -42.24 -35.98 49.35
N ASP G 604 -41.27 -35.73 48.47
CA ASP G 604 -40.24 -36.73 48.21
C ASP G 604 -38.81 -36.23 48.46
#